data_7BBB
#
_entry.id   7BBB
#
_cell.length_a   1.000
_cell.length_b   1.000
_cell.length_c   1.000
_cell.angle_alpha   90.00
_cell.angle_beta   90.00
_cell.angle_gamma   90.00
#
_symmetry.space_group_name_H-M   'P 1'
#
_entity_poly.entity_id   1
_entity_poly.type   'polypeptide(L)'
_entity_poly.pdbx_seq_one_letter_code
;GGSTDALPPIEQQFYETSSKGKIPLLQRLLSLHQPSSCVVFCNTKKDCQAVCDALNEVGQSALSLHGDLEQRDRDQTLVR
FANGSARVLVATDVAARGLDIKSLELVVNFELAWDPEVHVHRIGRTARAGNSGLAISFCAPEEAQRANIISDMLQIKLNW
QTPPANSSIATLEAEMATLCIDGGKKAKMRPGDVLGALTGDIGLDGADIGKIAVHPAHVYVAVRQAVAHKAWKQLQGGKI
KGKTCRVRLLK
;
_entity_poly.pdbx_strand_id   A
#
# COMPACT_ATOMS: atom_id res chain seq x y z
N GLY A 1 -23.90 -12.49 -15.44
CA GLY A 1 -23.53 -13.00 -16.74
C GLY A 1 -22.08 -13.45 -16.79
N GLY A 2 -21.22 -12.61 -17.37
CA GLY A 2 -19.82 -12.95 -17.47
C GLY A 2 -19.24 -13.47 -16.16
N SER A 3 -19.88 -13.11 -15.05
CA SER A 3 -19.42 -13.54 -13.74
C SER A 3 -18.95 -14.99 -13.77
N THR A 4 -19.89 -15.90 -13.92
CA THR A 4 -19.57 -17.33 -13.97
C THR A 4 -18.53 -17.62 -15.04
N ASP A 5 -18.48 -16.77 -16.05
CA ASP A 5 -17.52 -16.93 -17.15
C ASP A 5 -16.13 -16.50 -16.71
N ALA A 6 -15.64 -17.08 -15.61
CA ALA A 6 -14.32 -16.75 -15.09
C ALA A 6 -14.04 -15.26 -15.22
N LEU A 7 -14.79 -14.46 -14.49
CA LEU A 7 -14.62 -13.01 -14.52
C LEU A 7 -13.15 -12.63 -14.65
N PRO A 8 -12.88 -11.49 -15.29
CA PRO A 8 -11.51 -11.00 -15.50
C PRO A 8 -10.85 -10.54 -14.20
N PRO A 9 -9.57 -10.85 -14.04
CA PRO A 9 -8.79 -10.48 -12.85
C PRO A 9 -8.54 -8.98 -12.77
N ILE A 10 -8.45 -8.34 -13.92
CA ILE A 10 -8.21 -6.90 -13.98
C ILE A 10 -9.52 -6.14 -14.17
N GLU A 11 -10.06 -5.64 -13.07
CA GLU A 11 -11.32 -4.89 -13.11
C GLU A 11 -11.05 -3.42 -13.40
N GLN A 12 -11.94 -2.81 -14.18
CA GLN A 12 -11.80 -1.40 -14.54
C GLN A 12 -12.92 -0.57 -13.93
N GLN A 13 -12.59 0.20 -12.91
CA GLN A 13 -13.56 1.04 -12.22
C GLN A 13 -13.30 2.51 -12.50
N PHE A 14 -14.37 3.27 -12.72
CA PHE A 14 -14.26 4.69 -13.00
C PHE A 14 -15.25 5.50 -12.15
N TYR A 15 -14.77 6.61 -11.61
CA TYR A 15 -15.61 7.46 -10.77
C TYR A 15 -15.41 8.93 -11.13
N GLU A 16 -16.51 9.64 -11.34
CA GLU A 16 -16.46 11.06 -11.68
C GLU A 16 -16.34 11.92 -10.44
N THR A 17 -15.22 12.63 -10.32
CA THR A 17 -14.98 13.50 -9.17
C THR A 17 -13.93 14.56 -9.50
N SER A 18 -13.87 15.59 -8.66
CA SER A 18 -12.90 16.67 -8.85
C SER A 18 -11.60 16.39 -8.11
N SER A 19 -10.58 17.17 -8.42
CA SER A 19 -9.27 17.00 -7.78
C SER A 19 -9.41 16.99 -6.26
N LYS A 20 -10.43 17.65 -5.76
CA LYS A 20 -10.68 17.72 -4.32
C LYS A 20 -11.75 16.70 -3.91
N GLY A 21 -12.80 16.59 -4.71
CA GLY A 21 -13.87 15.65 -4.41
C GLY A 21 -13.38 14.23 -4.30
N LYS A 22 -12.18 13.97 -4.82
CA LYS A 22 -11.59 12.64 -4.78
C LYS A 22 -11.09 12.31 -3.39
N ILE A 23 -10.73 13.34 -2.63
CA ILE A 23 -10.23 13.16 -1.27
C ILE A 23 -11.23 12.39 -0.41
N PRO A 24 -12.45 12.93 -0.29
CA PRO A 24 -13.52 12.32 0.50
C PRO A 24 -14.05 11.04 -0.15
N LEU A 25 -13.95 10.97 -1.48
CA LEU A 25 -14.43 9.81 -2.21
C LEU A 25 -13.50 8.62 -2.01
N LEU A 26 -12.21 8.85 -2.17
CA LEU A 26 -11.21 7.79 -2.00
C LEU A 26 -11.34 7.14 -0.62
N GLN A 27 -11.24 7.96 0.42
CA GLN A 27 -11.34 7.47 1.79
C GLN A 27 -12.60 6.63 1.97
N ARG A 28 -13.72 7.15 1.48
CA ARG A 28 -15.00 6.45 1.59
C ARG A 28 -14.89 5.05 0.98
N LEU A 29 -14.30 4.96 -0.20
CA LEU A 29 -14.15 3.68 -0.88
C LEU A 29 -13.29 2.72 -0.07
N LEU A 30 -12.43 3.28 0.78
CA LEU A 30 -11.56 2.47 1.63
C LEU A 30 -12.27 2.08 2.92
N SER A 31 -13.23 2.91 3.34
CA SER A 31 -13.97 2.66 4.56
C SER A 31 -15.08 1.62 4.33
N LEU A 32 -15.64 1.65 3.13
CA LEU A 32 -16.71 0.72 2.76
C LEU A 32 -16.13 -0.59 2.25
N HIS A 33 -14.96 -0.52 1.64
CA HIS A 33 -14.30 -1.71 1.11
C HIS A 33 -13.34 -2.31 2.14
N GLN A 34 -12.66 -1.43 2.89
CA GLN A 34 -11.71 -1.87 3.90
C GLN A 34 -10.66 -2.80 3.30
N PRO A 35 -9.95 -2.31 2.28
CA PRO A 35 -8.90 -3.08 1.60
C PRO A 35 -7.68 -3.31 2.48
N SER A 36 -7.12 -4.50 2.41
CA SER A 36 -5.94 -4.85 3.19
C SER A 36 -4.71 -4.10 2.71
N SER A 37 -4.72 -3.73 1.42
CA SER A 37 -3.61 -3.00 0.83
C SER A 37 -4.07 -2.21 -0.39
N CYS A 38 -4.08 -0.88 -0.26
CA CYS A 38 -4.50 -0.01 -1.36
C CYS A 38 -3.38 0.94 -1.75
N VAL A 39 -3.07 0.96 -3.06
CA VAL A 39 -2.01 1.82 -3.56
C VAL A 39 -2.59 2.95 -4.40
N VAL A 40 -2.56 4.16 -3.85
CA VAL A 40 -3.07 5.33 -4.54
C VAL A 40 -2.02 5.94 -5.46
N PHE A 41 -2.41 6.26 -6.69
CA PHE A 41 -1.49 6.85 -7.65
C PHE A 41 -1.49 8.37 -7.54
N CYS A 42 -0.32 8.98 -7.71
CA CYS A 42 -0.18 10.42 -7.63
C CYS A 42 0.73 10.94 -8.73
N ASN A 43 0.36 12.07 -9.33
CA ASN A 43 1.15 12.67 -10.39
C ASN A 43 2.34 13.44 -9.82
N THR A 44 2.11 14.11 -8.68
CA THR A 44 3.16 14.88 -8.03
C THR A 44 3.10 14.72 -6.51
N LYS A 45 4.05 15.33 -5.82
CA LYS A 45 4.11 15.25 -4.37
C LYS A 45 2.88 15.87 -3.74
N LYS A 46 2.30 16.86 -4.41
CA LYS A 46 1.11 17.54 -3.93
C LYS A 46 -0.02 16.54 -3.68
N ASP A 47 -0.48 15.88 -4.73
CA ASP A 47 -1.55 14.90 -4.63
C ASP A 47 -1.24 13.87 -3.55
N CYS A 48 -0.02 13.35 -3.58
CA CYS A 48 0.40 12.34 -2.60
C CYS A 48 0.24 12.88 -1.18
N GLN A 49 0.49 14.17 -1.00
CA GLN A 49 0.38 14.80 0.31
C GLN A 49 -1.09 15.03 0.68
N ALA A 50 -1.83 15.65 -0.24
CA ALA A 50 -3.24 15.92 -0.01
C ALA A 50 -3.99 14.66 0.43
N VAL A 51 -3.74 13.56 -0.26
CA VAL A 51 -4.37 12.29 0.05
C VAL A 51 -4.02 11.83 1.47
N CYS A 52 -2.73 11.69 1.72
CA CYS A 52 -2.26 11.25 3.03
C CYS A 52 -2.75 12.19 4.12
N ASP A 53 -2.86 13.47 3.79
CA ASP A 53 -3.31 14.47 4.75
C ASP A 53 -4.74 14.17 5.22
N ALA A 54 -5.65 14.04 4.26
CA ALA A 54 -7.04 13.74 4.58
C ALA A 54 -7.17 12.42 5.34
N LEU A 55 -6.46 11.40 4.86
CA LEU A 55 -6.49 10.08 5.49
C LEU A 55 -6.05 10.17 6.95
N ASN A 56 -4.87 10.72 7.17
CA ASN A 56 -4.33 10.86 8.52
C ASN A 56 -5.25 11.74 9.38
N GLU A 57 -5.94 12.67 8.73
CA GLU A 57 -6.85 13.57 9.43
C GLU A 57 -7.97 12.78 10.12
N VAL A 58 -8.50 11.79 9.43
CA VAL A 58 -9.58 10.97 9.96
C VAL A 58 -9.02 9.83 10.81
N GLY A 59 -7.76 9.47 10.57
CA GLY A 59 -7.14 8.41 11.33
C GLY A 59 -6.84 7.19 10.47
N GLN A 60 -6.80 7.38 9.15
CA GLN A 60 -6.54 6.29 8.23
C GLN A 60 -5.03 6.11 8.03
N SER A 61 -4.55 4.89 8.30
CA SER A 61 -3.13 4.59 8.16
C SER A 61 -2.72 4.65 6.69
N ALA A 62 -1.94 5.67 6.35
CA ALA A 62 -1.48 5.86 4.99
C ALA A 62 0.02 6.15 4.96
N LEU A 63 0.61 6.11 3.76
CA LEU A 63 2.03 6.37 3.60
C LEU A 63 2.34 6.82 2.17
N SER A 64 3.32 7.72 2.04
CA SER A 64 3.70 8.23 0.73
C SER A 64 4.97 7.55 0.24
N LEU A 65 5.03 7.29 -1.07
CA LEU A 65 6.19 6.65 -1.66
C LEU A 65 6.62 7.36 -2.95
N HIS A 66 7.75 8.04 -2.89
CA HIS A 66 8.27 8.76 -4.05
C HIS A 66 9.54 8.11 -4.57
N GLY A 67 10.02 8.58 -5.72
CA GLY A 67 11.23 8.03 -6.32
C GLY A 67 12.46 8.82 -5.95
N ASP A 68 12.28 10.11 -5.67
CA ASP A 68 13.39 10.97 -5.31
C ASP A 68 13.62 10.97 -3.80
N LEU A 69 12.86 10.14 -3.10
CA LEU A 69 12.97 10.04 -1.65
C LEU A 69 14.24 9.28 -1.25
N GLU A 70 14.58 9.34 0.03
CA GLU A 70 15.77 8.66 0.54
C GLU A 70 15.54 7.16 0.64
N GLN A 71 16.60 6.39 0.46
CA GLN A 71 16.51 4.94 0.52
C GLN A 71 15.76 4.49 1.79
N ARG A 72 16.14 5.07 2.92
CA ARG A 72 15.51 4.73 4.19
C ARG A 72 14.00 4.85 4.09
N ASP A 73 13.53 6.04 3.71
CA ASP A 73 12.09 6.29 3.58
C ASP A 73 11.46 5.30 2.59
N ARG A 74 12.16 5.03 1.50
CA ARG A 74 11.67 4.11 0.49
C ARG A 74 11.46 2.71 1.07
N ASP A 75 12.50 2.17 1.69
CA ASP A 75 12.43 0.84 2.29
C ASP A 75 11.42 0.83 3.44
N GLN A 76 11.42 1.88 4.24
CA GLN A 76 10.52 1.99 5.38
C GLN A 76 9.07 2.11 4.90
N THR A 77 8.88 2.71 3.73
CA THR A 77 7.55 2.89 3.17
C THR A 77 7.09 1.64 2.43
N LEU A 78 8.02 0.98 1.75
CA LEU A 78 7.71 -0.23 1.00
C LEU A 78 7.39 -1.38 1.94
N VAL A 79 8.13 -1.45 3.04
CA VAL A 79 7.94 -2.51 4.03
C VAL A 79 6.65 -2.29 4.83
N ARG A 80 6.34 -1.03 5.10
CA ARG A 80 5.14 -0.68 5.85
C ARG A 80 3.89 -1.14 5.11
N PHE A 81 3.93 -1.06 3.78
CA PHE A 81 2.80 -1.47 2.96
C PHE A 81 2.83 -2.97 2.68
N ALA A 82 4.02 -3.48 2.35
CA ALA A 82 4.20 -4.90 2.07
C ALA A 82 3.91 -5.75 3.31
N ASN A 83 4.32 -5.24 4.47
CA ASN A 83 4.11 -5.95 5.72
C ASN A 83 2.66 -5.82 6.19
N GLY A 84 1.96 -4.84 5.63
CA GLY A 84 0.57 -4.61 6.00
C GLY A 84 0.43 -3.70 7.21
N SER A 85 1.48 -2.93 7.47
CA SER A 85 1.46 -2.01 8.61
C SER A 85 0.62 -0.77 8.30
N ALA A 86 0.32 -0.57 7.02
CA ALA A 86 -0.48 0.56 6.58
C ALA A 86 -1.75 0.10 5.88
N ARG A 87 -2.50 1.06 5.35
CA ARG A 87 -3.74 0.75 4.65
C ARG A 87 -3.74 1.33 3.24
N VAL A 88 -3.29 2.58 3.12
CA VAL A 88 -3.23 3.25 1.83
C VAL A 88 -1.84 3.80 1.57
N LEU A 89 -1.22 3.37 0.48
CA LEU A 89 0.12 3.82 0.11
C LEU A 89 0.08 4.65 -1.17
N VAL A 90 0.23 5.97 -1.02
CA VAL A 90 0.21 6.86 -2.17
C VAL A 90 1.60 6.96 -2.81
N ALA A 91 1.77 6.30 -3.95
CA ALA A 91 3.04 6.32 -4.66
C ALA A 91 2.86 6.80 -6.09
N THR A 92 3.97 7.13 -6.75
CA THR A 92 3.94 7.60 -8.13
C THR A 92 4.34 6.50 -9.10
N ASP A 93 4.15 6.75 -10.38
CA ASP A 93 4.49 5.78 -11.42
C ASP A 93 5.97 5.43 -11.37
N VAL A 94 6.79 6.41 -10.99
CA VAL A 94 8.23 6.20 -10.91
C VAL A 94 8.62 5.58 -9.57
N ALA A 95 7.80 5.80 -8.56
CA ALA A 95 8.04 5.26 -7.23
C ALA A 95 7.63 3.79 -7.15
N ALA A 96 6.40 3.51 -7.60
CA ALA A 96 5.88 2.14 -7.58
C ALA A 96 6.17 1.43 -8.90
N ARG A 97 7.35 1.69 -9.47
CA ARG A 97 7.74 1.07 -10.73
C ARG A 97 8.23 -0.35 -10.50
N GLY A 98 7.40 -1.32 -10.88
CA GLY A 98 7.77 -2.71 -10.71
C GLY A 98 8.28 -3.02 -9.31
N LEU A 99 7.76 -2.29 -8.32
CA LEU A 99 8.18 -2.49 -6.94
C LEU A 99 7.83 -3.90 -6.46
N ASP A 100 7.98 -4.13 -5.17
CA ASP A 100 7.69 -5.43 -4.59
C ASP A 100 6.22 -5.56 -4.23
N ILE A 101 5.38 -5.74 -5.25
CA ILE A 101 3.95 -5.88 -5.03
C ILE A 101 3.33 -6.81 -6.06
N LYS A 102 2.70 -7.88 -5.59
CA LYS A 102 2.06 -8.86 -6.46
C LYS A 102 0.80 -9.42 -5.83
N SER A 103 0.11 -8.59 -5.05
CA SER A 103 -1.12 -9.00 -4.38
C SER A 103 -1.91 -7.79 -3.90
N LEU A 104 -1.79 -6.69 -4.62
CA LEU A 104 -2.50 -5.46 -4.27
C LEU A 104 -4.00 -5.71 -4.15
N GLU A 105 -4.61 -5.16 -3.12
CA GLU A 105 -6.05 -5.31 -2.89
C GLU A 105 -6.84 -4.36 -3.77
N LEU A 106 -6.27 -3.18 -4.02
CA LEU A 106 -6.92 -2.17 -4.85
C LEU A 106 -5.93 -1.10 -5.29
N VAL A 107 -6.07 -0.65 -6.52
CA VAL A 107 -5.19 0.39 -7.06
C VAL A 107 -5.98 1.64 -7.46
N VAL A 108 -5.93 2.65 -6.60
CA VAL A 108 -6.64 3.90 -6.87
C VAL A 108 -5.77 4.86 -7.68
N ASN A 109 -6.34 5.37 -8.78
CA ASN A 109 -5.62 6.29 -9.64
C ASN A 109 -6.15 7.72 -9.48
N PHE A 110 -5.36 8.58 -8.85
CA PHE A 110 -5.75 9.96 -8.63
C PHE A 110 -6.18 10.62 -9.93
N GLU A 111 -5.56 10.21 -11.03
CA GLU A 111 -5.88 10.76 -12.35
C GLU A 111 -5.40 9.83 -13.46
N LEU A 112 -6.05 9.92 -14.61
CA LEU A 112 -5.69 9.09 -15.76
C LEU A 112 -4.19 9.12 -16.01
N ALA A 113 -3.60 7.94 -16.17
CA ALA A 113 -2.16 7.83 -16.42
C ALA A 113 -1.77 8.60 -17.68
N TRP A 114 -0.50 8.48 -18.07
CA TRP A 114 0.00 9.17 -19.24
C TRP A 114 -0.39 8.42 -20.52
N ASP A 115 -0.35 7.10 -20.46
CA ASP A 115 -0.71 6.27 -21.61
C ASP A 115 -1.70 5.18 -21.21
N PRO A 116 -2.39 4.61 -22.22
CA PRO A 116 -3.37 3.55 -21.99
C PRO A 116 -2.73 2.24 -21.54
N GLU A 117 -1.45 2.08 -21.84
CA GLU A 117 -0.72 0.87 -21.46
C GLU A 117 -0.37 0.89 -19.97
N VAL A 118 0.37 1.91 -19.55
CA VAL A 118 0.77 2.05 -18.16
C VAL A 118 -0.42 1.87 -17.22
N HIS A 119 -1.54 2.51 -17.57
CA HIS A 119 -2.75 2.43 -16.76
C HIS A 119 -3.06 0.98 -16.41
N VAL A 120 -3.23 0.15 -17.43
CA VAL A 120 -3.54 -1.27 -17.23
C VAL A 120 -2.32 -2.03 -16.72
N HIS A 121 -1.13 -1.53 -17.06
CA HIS A 121 0.11 -2.16 -16.63
C HIS A 121 0.26 -2.10 -15.12
N ARG A 122 -0.09 -0.96 -14.54
CA ARG A 122 0.01 -0.77 -13.09
C ARG A 122 -0.78 -1.85 -12.35
N ILE A 123 -2.08 -1.93 -12.63
CA ILE A 123 -2.93 -2.92 -12.00
C ILE A 123 -2.61 -4.33 -12.48
N GLY A 124 -2.25 -4.43 -13.75
CA GLY A 124 -1.91 -5.72 -14.32
C GLY A 124 -0.69 -6.34 -13.69
N ARG A 125 0.28 -5.50 -13.32
CA ARG A 125 1.51 -5.96 -12.70
C ARG A 125 1.32 -6.20 -11.21
N THR A 126 0.64 -5.25 -10.55
CA THR A 126 0.39 -5.34 -9.12
C THR A 126 -0.40 -6.60 -8.79
N ALA A 127 -1.27 -7.01 -9.71
CA ALA A 127 -2.09 -8.20 -9.51
C ALA A 127 -2.62 -8.73 -10.84
N ARG A 128 -3.13 -9.96 -10.83
CA ARG A 128 -3.65 -10.58 -12.03
C ARG A 128 -4.67 -11.67 -11.68
N ALA A 129 -5.49 -11.40 -10.66
CA ALA A 129 -6.51 -12.35 -10.23
C ALA A 129 -7.85 -11.66 -10.04
N GLY A 130 -8.87 -12.46 -9.72
CA GLY A 130 -10.21 -11.90 -9.52
C GLY A 130 -10.28 -11.01 -8.31
N ASN A 131 -9.90 -11.55 -7.15
CA ASN A 131 -9.94 -10.79 -5.91
C ASN A 131 -9.11 -9.50 -6.03
N SER A 132 -8.00 -9.59 -6.75
CA SER A 132 -7.12 -8.45 -6.95
C SER A 132 -7.30 -7.86 -8.34
N GLY A 133 -6.38 -6.97 -8.72
CA GLY A 133 -6.45 -6.34 -10.03
C GLY A 133 -7.57 -5.33 -10.13
N LEU A 134 -7.71 -4.51 -9.09
CA LEU A 134 -8.76 -3.49 -9.07
C LEU A 134 -8.17 -2.11 -9.36
N ALA A 135 -8.72 -1.43 -10.36
CA ALA A 135 -8.26 -0.10 -10.73
C ALA A 135 -9.41 0.90 -10.70
N ILE A 136 -9.26 1.95 -9.88
CA ILE A 136 -10.28 2.98 -9.76
C ILE A 136 -9.70 4.36 -10.08
N SER A 137 -10.04 4.89 -11.24
CA SER A 137 -9.55 6.20 -11.65
C SER A 137 -10.50 7.30 -11.20
N PHE A 138 -9.97 8.25 -10.43
CA PHE A 138 -10.78 9.36 -9.93
C PHE A 138 -10.56 10.62 -10.76
N CYS A 139 -11.61 11.05 -11.46
CA CYS A 139 -11.53 12.23 -12.30
C CYS A 139 -12.86 12.49 -13.00
N ALA A 140 -13.19 13.77 -13.20
CA ALA A 140 -14.43 14.14 -13.86
C ALA A 140 -14.63 13.37 -15.15
N PRO A 141 -15.86 13.40 -15.69
CA PRO A 141 -16.20 12.70 -16.93
C PRO A 141 -15.54 13.35 -18.16
N GLU A 142 -14.87 14.47 -17.94
CA GLU A 142 -14.20 15.18 -19.02
C GLU A 142 -13.09 14.32 -19.62
N GLU A 143 -12.46 13.51 -18.80
CA GLU A 143 -11.38 12.64 -19.25
C GLU A 143 -11.93 11.27 -19.68
N ALA A 144 -13.25 11.18 -19.82
CA ALA A 144 -13.89 9.95 -20.22
C ALA A 144 -13.26 9.39 -21.50
N GLN A 145 -12.84 10.29 -22.38
CA GLN A 145 -12.23 9.90 -23.64
C GLN A 145 -11.06 8.94 -23.41
N ARG A 146 -10.28 9.22 -22.37
CA ARG A 146 -9.13 8.39 -22.03
C ARG A 146 -9.58 6.99 -21.61
N ALA A 147 -10.66 6.92 -20.85
CA ALA A 147 -11.19 5.65 -20.39
C ALA A 147 -11.92 4.92 -21.51
N ASN A 148 -12.44 5.67 -22.47
CA ASN A 148 -13.16 5.10 -23.60
C ASN A 148 -12.24 4.22 -24.44
N ILE A 149 -11.08 4.75 -24.78
CA ILE A 149 -10.11 4.01 -25.59
C ILE A 149 -9.41 2.94 -24.76
N ILE A 150 -9.16 3.25 -23.50
CA ILE A 150 -8.49 2.32 -22.60
C ILE A 150 -9.33 1.06 -22.40
N SER A 151 -10.65 1.25 -22.31
CA SER A 151 -11.57 0.12 -22.11
C SER A 151 -11.76 -0.65 -23.42
N ASP A 152 -11.71 0.07 -24.54
CA ASP A 152 -11.89 -0.56 -25.84
C ASP A 152 -10.70 -1.46 -26.18
N MET A 153 -9.49 -0.90 -26.07
CA MET A 153 -8.28 -1.67 -26.36
C MET A 153 -8.18 -2.89 -25.46
N LEU A 154 -8.82 -2.82 -24.29
CA LEU A 154 -8.80 -3.93 -23.35
C LEU A 154 -9.93 -4.90 -23.62
N GLN A 155 -10.81 -4.55 -24.56
CA GLN A 155 -11.93 -5.39 -24.91
C GLN A 155 -12.88 -5.55 -23.74
N ILE A 156 -12.97 -4.53 -22.90
CA ILE A 156 -13.85 -4.57 -21.73
C ILE A 156 -14.62 -3.27 -21.59
N LYS A 157 -15.48 -3.20 -20.57
CA LYS A 157 -16.29 -2.01 -20.33
C LYS A 157 -15.97 -1.41 -18.97
N LEU A 158 -16.25 -0.13 -18.81
CA LEU A 158 -15.99 0.56 -17.54
C LEU A 158 -17.30 0.84 -16.80
N ASN A 159 -17.24 0.76 -15.47
CA ASN A 159 -18.42 1.00 -14.64
C ASN A 159 -18.38 2.39 -14.04
N TRP A 160 -18.70 3.40 -14.85
CA TRP A 160 -18.69 4.78 -14.39
C TRP A 160 -19.68 4.97 -13.23
N GLN A 161 -19.16 4.90 -12.01
CA GLN A 161 -19.98 5.07 -10.82
C GLN A 161 -19.96 6.52 -10.33
N THR A 162 -21.13 7.04 -9.97
CA THR A 162 -21.25 8.40 -9.49
C THR A 162 -21.10 8.47 -7.97
N PRO A 163 -20.56 9.60 -7.48
CA PRO A 163 -20.35 9.81 -6.05
C PRO A 163 -21.67 9.99 -5.29
N PRO A 164 -21.72 9.47 -4.06
CA PRO A 164 -22.91 9.57 -3.21
C PRO A 164 -23.16 10.99 -2.73
N ALA A 165 -24.32 11.20 -2.10
CA ALA A 165 -24.68 12.52 -1.59
C ALA A 165 -23.90 12.84 -0.32
N ASN A 166 -24.15 12.05 0.73
CA ASN A 166 -23.47 12.26 2.01
C ASN A 166 -22.12 11.55 2.03
N SER A 167 -21.57 11.38 3.22
CA SER A 167 -20.28 10.71 3.39
C SER A 167 -20.13 10.15 4.80
N SER A 168 -19.83 8.86 4.88
CA SER A 168 -19.66 8.20 6.18
C SER A 168 -18.24 7.66 6.33
N ILE A 169 -17.26 8.46 5.93
CA ILE A 169 -15.86 8.06 6.02
C ILE A 169 -15.57 7.39 7.35
N ALA A 170 -14.70 6.38 7.33
CA ALA A 170 -14.33 5.65 8.53
C ALA A 170 -12.83 5.70 8.78
N THR A 171 -12.38 5.01 9.81
CA THR A 171 -10.95 4.98 10.15
C THR A 171 -10.39 3.57 9.99
N LEU A 172 -9.47 3.40 9.05
CA LEU A 172 -8.84 2.11 8.80
C LEU A 172 -7.66 1.89 9.73
N GLU A 173 -7.71 0.84 10.53
CA GLU A 173 -6.63 0.52 11.46
C GLU A 173 -5.72 -0.56 10.89
N ALA A 174 -4.42 -0.36 11.05
CA ALA A 174 -3.44 -1.32 10.55
C ALA A 174 -3.56 -2.66 11.27
N GLU A 175 -3.08 -3.72 10.63
CA GLU A 175 -3.14 -5.05 11.21
C GLU A 175 -1.76 -5.51 11.67
N MET A 176 -0.73 -4.93 11.06
CA MET A 176 0.65 -5.27 11.41
C MET A 176 1.49 -4.02 11.64
N ALA A 177 2.78 -4.21 11.86
CA ALA A 177 3.69 -3.09 12.08
C ALA A 177 5.14 -3.50 11.84
N THR A 178 5.77 -2.85 10.87
CA THR A 178 7.16 -3.15 10.53
C THR A 178 8.11 -2.58 11.57
N LEU A 179 9.29 -3.18 11.70
CA LEU A 179 10.29 -2.73 12.64
C LEU A 179 11.60 -2.40 11.94
N CYS A 180 11.88 -1.10 11.83
CA CYS A 180 13.10 -0.64 11.18
C CYS A 180 14.31 -0.86 12.09
N ILE A 181 14.95 -2.02 11.94
CA ILE A 181 16.12 -2.35 12.75
C ILE A 181 17.40 -1.83 12.09
N ASP A 182 18.35 -1.41 12.92
CA ASP A 182 19.62 -0.90 12.42
C ASP A 182 20.68 -2.00 12.39
N GLY A 183 20.26 -3.21 12.05
CA GLY A 183 21.17 -4.33 11.99
C GLY A 183 21.65 -4.62 10.58
N GLY A 184 20.72 -4.85 9.67
CA GLY A 184 21.08 -5.13 8.30
C GLY A 184 22.11 -6.23 8.18
N LYS A 185 22.61 -6.45 6.97
CA LYS A 185 23.61 -7.49 6.72
C LYS A 185 24.78 -7.35 7.68
N LYS A 186 25.09 -6.11 8.05
CA LYS A 186 26.20 -5.84 8.96
C LYS A 186 26.03 -6.62 10.26
N ALA A 187 24.78 -6.78 10.69
CA ALA A 187 24.49 -7.51 11.92
C ALA A 187 24.21 -8.98 11.63
N LYS A 188 24.60 -9.43 10.45
CA LYS A 188 24.39 -10.81 10.04
C LYS A 188 22.90 -11.15 9.99
N MET A 189 22.15 -10.32 9.30
CA MET A 189 20.70 -10.53 9.18
C MET A 189 20.39 -11.44 8.00
N ARG A 190 19.88 -12.63 8.31
CA ARG A 190 19.54 -13.60 7.27
C ARG A 190 18.02 -13.81 7.20
N PRO A 191 17.56 -14.34 6.07
CA PRO A 191 16.13 -14.61 5.85
C PRO A 191 15.61 -15.75 6.71
N GLY A 192 15.55 -15.51 8.02
CA GLY A 192 15.06 -16.52 8.93
C GLY A 192 15.63 -16.36 10.33
N ASP A 193 16.81 -15.77 10.42
CA ASP A 193 17.48 -15.56 11.70
C ASP A 193 16.71 -14.55 12.55
N VAL A 194 16.33 -13.43 11.93
CA VAL A 194 15.59 -12.39 12.62
C VAL A 194 14.38 -12.96 13.36
N LEU A 195 13.77 -13.99 12.77
CA LEU A 195 12.60 -14.63 13.36
C LEU A 195 12.92 -15.12 14.77
N GLY A 196 14.08 -15.72 14.94
CA GLY A 196 14.48 -16.23 16.24
C GLY A 196 14.69 -15.12 17.25
N ALA A 197 15.11 -13.95 16.78
CA ALA A 197 15.36 -12.81 17.64
C ALA A 197 14.06 -12.33 18.29
N LEU A 198 12.98 -12.31 17.52
CA LEU A 198 11.68 -11.88 18.03
C LEU A 198 10.95 -13.05 18.72
N THR A 199 11.08 -14.23 18.14
CA THR A 199 10.43 -15.42 18.70
C THR A 199 11.37 -16.13 19.68
N GLY A 200 12.36 -15.41 20.18
CA GLY A 200 13.29 -15.99 21.13
C GLY A 200 13.78 -14.99 22.15
N ASP A 201 14.12 -13.79 21.69
CA ASP A 201 14.61 -12.74 22.57
C ASP A 201 13.46 -11.89 23.10
N ILE A 202 12.45 -11.68 22.25
CA ILE A 202 11.29 -10.88 22.63
C ILE A 202 10.18 -11.78 23.18
N GLY A 203 9.85 -12.82 22.44
CA GLY A 203 8.80 -13.73 22.87
C GLY A 203 7.56 -13.65 22.00
N LEU A 204 7.77 -13.49 20.70
CA LEU A 204 6.66 -13.39 19.75
C LEU A 204 6.41 -14.73 19.07
N ASP A 205 5.22 -14.89 18.51
CA ASP A 205 4.85 -16.12 17.82
C ASP A 205 4.83 -15.92 16.31
N GLY A 206 4.94 -17.02 15.56
CA GLY A 206 4.94 -16.93 14.12
C GLY A 206 3.66 -16.31 13.58
N ALA A 207 2.57 -16.48 14.30
CA ALA A 207 1.28 -15.95 13.89
C ALA A 207 1.30 -14.42 13.89
N ASP A 208 2.04 -13.85 14.83
CA ASP A 208 2.14 -12.39 14.94
C ASP A 208 3.25 -11.85 14.03
N ILE A 209 4.32 -12.63 13.89
CA ILE A 209 5.44 -12.23 13.05
C ILE A 209 5.04 -12.21 11.58
N GLY A 210 5.47 -11.17 10.87
CA GLY A 210 5.14 -11.06 9.46
C GLY A 210 6.36 -11.23 8.58
N LYS A 211 6.40 -10.47 7.48
CA LYS A 211 7.52 -10.55 6.54
C LYS A 211 8.75 -9.83 7.11
N ILE A 212 9.88 -10.01 6.44
CA ILE A 212 11.12 -9.39 6.88
C ILE A 212 11.98 -8.97 5.69
N ALA A 213 12.21 -7.67 5.55
CA ALA A 213 13.02 -7.15 4.46
C ALA A 213 14.44 -6.84 4.91
N VAL A 214 15.38 -7.70 4.52
CA VAL A 214 16.77 -7.52 4.89
C VAL A 214 17.53 -6.72 3.83
N HIS A 215 18.47 -5.90 4.27
CA HIS A 215 19.27 -5.09 3.36
C HIS A 215 20.71 -4.98 3.84
N PRO A 216 21.61 -4.55 2.95
CA PRO A 216 23.03 -4.39 3.25
C PRO A 216 23.30 -3.24 4.21
N ALA A 217 22.25 -2.49 4.52
CA ALA A 217 22.36 -1.35 5.43
C ALA A 217 21.56 -1.59 6.71
N HIS A 218 20.32 -2.01 6.56
CA HIS A 218 19.44 -2.28 7.70
C HIS A 218 18.49 -3.43 7.40
N VAL A 219 17.72 -3.82 8.41
CA VAL A 219 16.76 -4.91 8.26
C VAL A 219 15.41 -4.54 8.84
N TYR A 220 14.35 -4.95 8.17
CA TYR A 220 12.99 -4.65 8.62
C TYR A 220 12.22 -5.95 8.91
N VAL A 221 11.55 -5.98 10.06
CA VAL A 221 10.78 -7.14 10.46
C VAL A 221 9.36 -6.75 10.87
N ALA A 222 8.37 -7.35 10.22
CA ALA A 222 6.97 -7.06 10.53
C ALA A 222 6.52 -7.77 11.80
N VAL A 223 5.55 -7.18 12.49
CA VAL A 223 5.04 -7.77 13.72
C VAL A 223 3.61 -7.31 14.00
N ARG A 224 2.73 -8.26 14.28
CA ARG A 224 1.33 -7.95 14.55
C ARG A 224 1.21 -6.96 15.71
N GLN A 225 0.19 -6.11 15.65
CA GLN A 225 -0.04 -5.11 16.68
C GLN A 225 -0.04 -5.76 18.06
N ALA A 226 -0.43 -7.03 18.13
CA ALA A 226 -0.48 -7.76 19.38
C ALA A 226 0.89 -7.78 20.06
N VAL A 227 1.94 -7.70 19.25
CA VAL A 227 3.30 -7.71 19.76
C VAL A 227 4.16 -6.65 19.09
N ALA A 228 3.50 -5.74 18.39
CA ALA A 228 4.20 -4.67 17.68
C ALA A 228 4.78 -3.65 18.67
N HIS A 229 3.90 -3.06 19.48
CA HIS A 229 4.33 -2.07 20.47
C HIS A 229 5.26 -2.69 21.49
N LYS A 230 5.21 -4.02 21.61
CA LYS A 230 6.06 -4.74 22.55
C LYS A 230 7.41 -5.06 21.93
N ALA A 231 7.39 -5.56 20.69
CA ALA A 231 8.61 -5.91 19.98
C ALA A 231 9.63 -4.77 20.06
N TRP A 232 9.19 -3.57 19.70
CA TRP A 232 10.07 -2.41 19.72
C TRP A 232 10.49 -2.07 21.15
N LYS A 233 9.55 -2.18 22.08
CA LYS A 233 9.83 -1.89 23.48
C LYS A 233 10.88 -2.85 24.04
N GLN A 234 10.76 -4.13 23.70
CA GLN A 234 11.71 -5.13 24.16
C GLN A 234 13.08 -4.92 23.51
N LEU A 235 13.11 -4.90 22.19
CA LEU A 235 14.36 -4.71 21.45
C LEU A 235 15.11 -3.50 21.97
N GLN A 236 14.37 -2.46 22.37
CA GLN A 236 14.97 -1.25 22.88
C GLN A 236 16.08 -1.56 23.87
N GLY A 237 15.84 -2.54 24.74
CA GLY A 237 16.84 -2.92 25.73
C GLY A 237 17.40 -4.31 25.48
N GLY A 238 17.14 -4.85 24.29
CA GLY A 238 17.63 -6.17 23.94
C GLY A 238 18.62 -6.14 22.80
N LYS A 239 18.49 -7.10 21.89
CA LYS A 239 19.38 -7.18 20.74
C LYS A 239 19.04 -8.39 19.87
N ILE A 240 19.41 -8.32 18.60
CA ILE A 240 19.15 -9.41 17.66
C ILE A 240 20.42 -10.19 17.35
N LYS A 241 20.42 -11.48 17.66
CA LYS A 241 21.57 -12.33 17.40
C LYS A 241 22.79 -11.86 18.20
N GLY A 242 22.53 -11.33 19.39
CA GLY A 242 23.62 -10.86 20.24
C GLY A 242 24.23 -9.57 19.73
N LYS A 243 23.45 -8.82 18.97
CA LYS A 243 23.92 -7.55 18.40
C LYS A 243 22.96 -6.42 18.77
N THR A 244 23.48 -5.44 19.51
CA THR A 244 22.69 -4.29 19.93
C THR A 244 22.38 -3.37 18.75
N CYS A 245 21.12 -3.38 18.31
CA CYS A 245 20.71 -2.55 17.19
C CYS A 245 19.55 -1.63 17.59
N ARG A 246 19.14 -0.76 16.67
CA ARG A 246 18.06 0.17 16.94
C ARG A 246 16.82 -0.18 16.11
N VAL A 247 15.71 -0.41 16.79
CA VAL A 247 14.46 -0.75 16.12
C VAL A 247 13.51 0.44 16.07
N ARG A 248 12.60 0.43 15.10
CA ARG A 248 11.64 1.52 14.94
C ARG A 248 10.33 0.99 14.36
N LEU A 249 9.29 0.94 15.18
CA LEU A 249 7.99 0.47 14.76
C LEU A 249 7.33 1.45 13.79
N LEU A 250 7.11 1.03 12.56
CA LEU A 250 6.49 1.88 11.55
C LEU A 250 5.00 2.05 11.83
N LYS A 251 4.63 3.27 12.23
CA LYS A 251 3.23 3.57 12.53
C LYS A 251 2.38 3.54 11.25
N GLY A 1 -18.60 -5.75 -25.63
CA GLY A 1 -19.17 -6.69 -24.67
C GLY A 1 -18.27 -7.90 -24.46
N GLY A 2 -18.58 -8.68 -23.42
CA GLY A 2 -17.79 -9.85 -23.12
C GLY A 2 -18.29 -10.59 -21.90
N SER A 3 -17.68 -11.75 -21.61
CA SER A 3 -18.08 -12.55 -20.46
C SER A 3 -17.11 -13.71 -20.26
N THR A 4 -17.06 -14.22 -19.03
CA THR A 4 -16.19 -15.34 -18.70
C THR A 4 -16.71 -16.12 -17.50
N ASP A 5 -16.11 -17.28 -17.26
CA ASP A 5 -16.53 -18.13 -16.14
C ASP A 5 -15.34 -18.43 -15.22
N ALA A 6 -15.01 -17.46 -14.37
CA ALA A 6 -13.89 -17.63 -13.44
C ALA A 6 -13.75 -16.40 -12.54
N LEU A 7 -12.69 -16.38 -11.75
CA LEU A 7 -12.44 -15.27 -10.84
C LEU A 7 -12.51 -13.93 -11.57
N PRO A 8 -12.73 -12.85 -10.80
CA PRO A 8 -12.84 -11.49 -11.36
C PRO A 8 -11.50 -10.98 -11.87
N PRO A 9 -11.39 -10.83 -13.20
CA PRO A 9 -10.17 -10.34 -13.84
C PRO A 9 -9.90 -8.87 -13.55
N ILE A 10 -8.96 -8.28 -14.27
CA ILE A 10 -8.62 -6.88 -14.09
C ILE A 10 -9.84 -5.98 -14.26
N GLU A 11 -10.36 -5.48 -13.14
CA GLU A 11 -11.52 -4.61 -13.17
C GLU A 11 -11.12 -3.14 -13.07
N GLN A 12 -11.46 -2.36 -14.09
CA GLN A 12 -11.14 -0.94 -14.12
C GLN A 12 -12.38 -0.09 -13.95
N GLN A 13 -12.47 0.61 -12.84
CA GLN A 13 -13.62 1.47 -12.55
C GLN A 13 -13.18 2.91 -12.33
N PHE A 14 -14.10 3.85 -12.54
CA PHE A 14 -13.80 5.27 -12.36
C PHE A 14 -15.01 5.99 -11.78
N TYR A 15 -14.75 6.97 -10.92
CA TYR A 15 -15.81 7.75 -10.30
C TYR A 15 -15.70 9.23 -10.67
N GLU A 16 -16.84 9.87 -10.86
CA GLU A 16 -16.86 11.29 -11.22
C GLU A 16 -16.76 12.16 -9.98
N THR A 17 -15.59 12.76 -9.78
CA THR A 17 -15.36 13.62 -8.63
C THR A 17 -14.39 14.75 -8.97
N SER A 18 -14.24 15.69 -8.05
CA SER A 18 -13.34 16.83 -8.26
C SER A 18 -12.00 16.58 -7.59
N SER A 19 -11.11 17.56 -7.68
CA SER A 19 -9.77 17.46 -7.09
C SER A 19 -9.87 17.28 -5.58
N LYS A 20 -10.90 17.88 -4.98
CA LYS A 20 -11.10 17.80 -3.54
C LYS A 20 -12.05 16.66 -3.20
N GLY A 21 -13.00 16.39 -4.09
CA GLY A 21 -13.97 15.34 -3.85
C GLY A 21 -13.31 13.97 -3.81
N LYS A 22 -12.06 13.89 -4.25
CA LYS A 22 -11.33 12.63 -4.25
C LYS A 22 -10.97 12.20 -2.84
N ILE A 23 -10.74 13.18 -1.97
CA ILE A 23 -10.38 12.90 -0.59
C ILE A 23 -11.47 12.10 0.11
N PRO A 24 -12.69 12.65 0.12
CA PRO A 24 -13.86 12.00 0.74
C PRO A 24 -14.31 10.76 -0.03
N LEU A 25 -14.18 10.82 -1.35
CA LEU A 25 -14.57 9.70 -2.20
C LEU A 25 -13.65 8.50 -1.99
N LEU A 26 -12.35 8.76 -2.00
CA LEU A 26 -11.36 7.70 -1.81
C LEU A 26 -11.49 7.08 -0.41
N GLN A 27 -11.51 7.93 0.61
CA GLN A 27 -11.63 7.46 1.98
C GLN A 27 -12.90 6.64 2.17
N ARG A 28 -14.03 7.20 1.73
CA ARG A 28 -15.32 6.52 1.85
C ARG A 28 -15.28 5.16 1.16
N LEU A 29 -14.71 5.12 -0.03
CA LEU A 29 -14.60 3.88 -0.79
C LEU A 29 -13.70 2.88 -0.08
N LEU A 30 -12.69 3.39 0.61
CA LEU A 30 -11.76 2.54 1.33
C LEU A 30 -12.37 2.02 2.63
N SER A 31 -13.30 2.79 3.18
CA SER A 31 -13.97 2.41 4.42
C SER A 31 -15.01 1.32 4.17
N LEU A 32 -15.77 1.48 3.08
CA LEU A 32 -16.79 0.51 2.72
C LEU A 32 -16.18 -0.78 2.21
N HIS A 33 -14.98 -0.67 1.63
CA HIS A 33 -14.29 -1.84 1.10
C HIS A 33 -13.36 -2.44 2.16
N GLN A 34 -12.76 -1.57 2.97
CA GLN A 34 -11.86 -2.01 4.03
C GLN A 34 -10.81 -2.98 3.47
N PRO A 35 -10.08 -2.53 2.44
CA PRO A 35 -9.04 -3.33 1.80
C PRO A 35 -7.82 -3.53 2.70
N SER A 36 -7.06 -4.58 2.43
CA SER A 36 -5.87 -4.88 3.23
C SER A 36 -4.69 -4.04 2.76
N SER A 37 -4.69 -3.67 1.49
CA SER A 37 -3.62 -2.86 0.92
C SER A 37 -4.10 -2.11 -0.31
N CYS A 38 -4.11 -0.78 -0.23
CA CYS A 38 -4.54 0.05 -1.35
C CYS A 38 -3.44 1.03 -1.75
N VAL A 39 -3.10 1.01 -3.04
CA VAL A 39 -2.06 1.90 -3.56
C VAL A 39 -2.67 3.03 -4.38
N VAL A 40 -2.44 4.27 -3.94
CA VAL A 40 -2.97 5.43 -4.64
C VAL A 40 -1.88 6.08 -5.50
N PHE A 41 -2.16 6.20 -6.79
CA PHE A 41 -1.21 6.80 -7.73
C PHE A 41 -1.37 8.32 -7.76
N CYS A 42 -0.29 9.03 -7.46
CA CYS A 42 -0.30 10.49 -7.46
C CYS A 42 0.58 11.05 -8.56
N ASN A 43 0.39 12.32 -8.88
CA ASN A 43 1.17 12.98 -9.93
C ASN A 43 2.29 13.81 -9.31
N THR A 44 1.98 14.54 -8.25
CA THR A 44 2.96 15.38 -7.58
C THR A 44 2.80 15.31 -6.07
N LYS A 45 3.74 15.90 -5.34
CA LYS A 45 3.70 15.91 -3.88
C LYS A 45 2.40 16.55 -3.38
N LYS A 46 1.88 17.49 -4.14
CA LYS A 46 0.65 18.18 -3.78
C LYS A 46 -0.48 17.18 -3.57
N ASP A 47 -0.69 16.31 -4.55
CA ASP A 47 -1.74 15.30 -4.47
C ASP A 47 -1.41 14.27 -3.39
N CYS A 48 -0.19 13.76 -3.41
CA CYS A 48 0.24 12.76 -2.44
C CYS A 48 0.02 13.27 -1.01
N GLN A 49 0.50 14.48 -0.74
CA GLN A 49 0.36 15.08 0.58
C GLN A 49 -1.10 15.26 0.95
N ALA A 50 -1.89 15.79 0.01
CA ALA A 50 -3.30 16.01 0.24
C ALA A 50 -4.01 14.73 0.67
N VAL A 51 -3.72 13.64 -0.03
CA VAL A 51 -4.32 12.35 0.28
C VAL A 51 -3.94 11.89 1.69
N CYS A 52 -2.64 11.84 1.96
CA CYS A 52 -2.15 11.42 3.26
C CYS A 52 -2.67 12.34 4.36
N ASP A 53 -2.78 13.62 4.05
CA ASP A 53 -3.27 14.60 5.01
C ASP A 53 -4.69 14.28 5.44
N ALA A 54 -5.58 14.09 4.46
CA ALA A 54 -6.98 13.78 4.74
C ALA A 54 -7.09 12.51 5.59
N LEU A 55 -6.37 11.47 5.19
CA LEU A 55 -6.39 10.21 5.91
C LEU A 55 -6.05 10.41 7.39
N ASN A 56 -4.89 11.01 7.64
CA ASN A 56 -4.45 11.28 9.00
C ASN A 56 -5.47 12.12 9.76
N GLU A 57 -6.24 12.91 9.01
CA GLU A 57 -7.25 13.78 9.62
C GLU A 57 -8.36 12.94 10.25
N VAL A 58 -8.71 11.83 9.59
CA VAL A 58 -9.75 10.95 10.09
C VAL A 58 -9.18 9.83 10.95
N GLY A 59 -7.85 9.72 10.95
CA GLY A 59 -7.18 8.69 11.72
C GLY A 59 -6.79 7.49 10.89
N GLN A 60 -6.86 7.64 9.56
CA GLN A 60 -6.51 6.56 8.65
C GLN A 60 -5.01 6.53 8.39
N SER A 61 -4.44 5.34 8.37
CA SER A 61 -3.00 5.18 8.13
C SER A 61 -2.68 5.33 6.65
N ALA A 62 -1.56 5.97 6.36
CA ALA A 62 -1.13 6.18 4.99
C ALA A 62 0.38 6.44 4.90
N LEU A 63 0.96 6.17 3.74
CA LEU A 63 2.38 6.37 3.54
C LEU A 63 2.67 6.87 2.12
N SER A 64 3.67 7.73 2.00
CA SER A 64 4.05 8.28 0.70
C SER A 64 5.26 7.55 0.13
N LEU A 65 5.28 7.38 -1.19
CA LEU A 65 6.38 6.70 -1.87
C LEU A 65 6.67 7.34 -3.21
N HIS A 66 7.87 7.90 -3.36
CA HIS A 66 8.27 8.54 -4.60
C HIS A 66 9.52 7.88 -5.17
N GLY A 67 9.90 8.28 -6.39
CA GLY A 67 11.07 7.72 -7.03
C GLY A 67 12.35 8.41 -6.60
N ASP A 68 12.26 9.71 -6.33
CA ASP A 68 13.43 10.47 -5.90
C ASP A 68 13.54 10.50 -4.38
N LEU A 69 12.95 9.51 -3.74
CA LEU A 69 12.98 9.42 -2.28
C LEU A 69 14.27 8.74 -1.80
N GLU A 70 14.53 8.83 -0.50
CA GLU A 70 15.72 8.23 0.08
C GLU A 70 15.57 6.72 0.18
N GLN A 71 16.67 6.00 -0.02
CA GLN A 71 16.66 4.55 0.06
C GLN A 71 16.04 4.07 1.37
N ARG A 72 16.50 4.65 2.47
CA ARG A 72 16.00 4.29 3.79
C ARG A 72 14.48 4.48 3.87
N ASP A 73 14.01 5.63 3.39
CA ASP A 73 12.58 5.93 3.41
C ASP A 73 11.82 4.95 2.53
N ARG A 74 12.29 4.74 1.32
CA ARG A 74 11.65 3.83 0.38
C ARG A 74 11.56 2.42 0.97
N ASP A 75 12.54 2.08 1.80
CA ASP A 75 12.58 0.76 2.43
C ASP A 75 11.49 0.64 3.49
N GLN A 76 11.45 1.59 4.41
CA GLN A 76 10.46 1.58 5.48
C GLN A 76 9.06 1.73 4.92
N THR A 77 8.94 2.45 3.80
CA THR A 77 7.65 2.67 3.17
C THR A 77 7.13 1.39 2.52
N LEU A 78 7.96 0.76 1.70
CA LEU A 78 7.59 -0.47 1.03
C LEU A 78 7.23 -1.56 2.03
N VAL A 79 8.06 -1.70 3.06
CA VAL A 79 7.84 -2.70 4.10
C VAL A 79 6.57 -2.39 4.90
N ARG A 80 6.30 -1.11 5.08
CA ARG A 80 5.12 -0.68 5.82
C ARG A 80 3.84 -1.12 5.12
N PHE A 81 3.79 -0.91 3.81
CA PHE A 81 2.62 -1.29 3.02
C PHE A 81 2.64 -2.78 2.70
N ALA A 82 3.83 -3.32 2.49
CA ALA A 82 3.98 -4.73 2.18
C ALA A 82 3.66 -5.60 3.39
N ASN A 83 4.10 -5.17 4.57
CA ASN A 83 3.86 -5.91 5.80
C ASN A 83 2.45 -5.64 6.32
N GLY A 84 1.69 -4.86 5.57
CA GLY A 84 0.33 -4.54 5.97
C GLY A 84 0.28 -3.55 7.12
N SER A 85 1.43 -2.97 7.45
CA SER A 85 1.52 -2.02 8.55
C SER A 85 0.66 -0.79 8.26
N ALA A 86 0.29 -0.61 7.00
CA ALA A 86 -0.54 0.53 6.60
C ALA A 86 -1.81 0.06 5.90
N ARG A 87 -2.60 1.01 5.42
CA ARG A 87 -3.84 0.69 4.73
C ARG A 87 -3.86 1.29 3.31
N VAL A 88 -3.25 2.46 3.17
CA VAL A 88 -3.19 3.14 1.89
C VAL A 88 -1.80 3.71 1.63
N LEU A 89 -1.21 3.33 0.50
CA LEU A 89 0.13 3.79 0.14
C LEU A 89 0.06 4.71 -1.09
N VAL A 90 0.21 6.01 -0.85
CA VAL A 90 0.18 6.98 -1.93
C VAL A 90 1.54 7.14 -2.58
N ALA A 91 1.71 6.53 -3.75
CA ALA A 91 2.98 6.60 -4.47
C ALA A 91 2.77 7.09 -5.91
N THR A 92 3.86 7.35 -6.60
CA THR A 92 3.80 7.82 -7.98
C THR A 92 4.15 6.71 -8.96
N ASP A 93 3.70 6.87 -10.21
CA ASP A 93 3.97 5.87 -11.24
C ASP A 93 5.45 5.49 -11.27
N VAL A 94 6.31 6.48 -11.04
CA VAL A 94 7.74 6.26 -11.04
C VAL A 94 8.20 5.56 -9.77
N ALA A 95 7.48 5.80 -8.68
CA ALA A 95 7.81 5.18 -7.40
C ALA A 95 7.39 3.72 -7.37
N ALA A 96 6.18 3.45 -7.87
CA ALA A 96 5.66 2.08 -7.90
C ALA A 96 6.05 1.38 -9.19
N ARG A 97 7.05 1.92 -9.88
CA ARG A 97 7.52 1.34 -11.13
C ARG A 97 8.34 0.08 -10.88
N GLY A 98 7.77 -1.07 -11.26
CA GLY A 98 8.47 -2.33 -11.06
C GLY A 98 8.93 -2.53 -9.63
N LEU A 99 8.23 -1.89 -8.70
CA LEU A 99 8.57 -2.00 -7.28
C LEU A 99 8.28 -3.41 -6.77
N ASP A 100 8.68 -3.66 -5.52
CA ASP A 100 8.47 -4.96 -4.90
C ASP A 100 6.99 -5.15 -4.52
N ILE A 101 6.15 -5.40 -5.51
CA ILE A 101 4.73 -5.61 -5.27
C ILE A 101 4.17 -6.70 -6.16
N LYS A 102 3.23 -7.47 -5.62
CA LYS A 102 2.60 -8.56 -6.37
C LYS A 102 1.48 -9.20 -5.57
N SER A 103 0.79 -8.39 -4.78
CA SER A 103 -0.32 -8.87 -3.95
C SER A 103 -1.21 -7.72 -3.50
N LEU A 104 -1.27 -6.68 -4.31
CA LEU A 104 -2.09 -5.51 -4.00
C LEU A 104 -3.57 -5.88 -3.92
N GLU A 105 -4.29 -5.23 -3.01
CA GLU A 105 -5.72 -5.49 -2.84
C GLU A 105 -6.55 -4.56 -3.71
N LEU A 106 -6.11 -3.31 -3.82
CA LEU A 106 -6.83 -2.32 -4.62
C LEU A 106 -5.87 -1.23 -5.10
N VAL A 107 -6.12 -0.70 -6.29
CA VAL A 107 -5.30 0.35 -6.86
C VAL A 107 -6.13 1.57 -7.24
N VAL A 108 -5.87 2.69 -6.57
CA VAL A 108 -6.60 3.92 -6.85
C VAL A 108 -5.74 4.91 -7.64
N ASN A 109 -6.30 5.42 -8.74
CA ASN A 109 -5.59 6.36 -9.58
C ASN A 109 -6.16 7.77 -9.42
N PHE A 110 -5.35 8.67 -8.86
CA PHE A 110 -5.79 10.05 -8.65
C PHE A 110 -6.33 10.66 -9.95
N GLU A 111 -5.83 10.16 -11.07
CA GLU A 111 -6.27 10.65 -12.38
C GLU A 111 -5.78 9.73 -13.50
N LEU A 112 -6.51 9.73 -14.61
CA LEU A 112 -6.16 8.89 -15.75
C LEU A 112 -4.66 8.98 -16.06
N ALA A 113 -4.00 7.84 -16.02
CA ALA A 113 -2.56 7.78 -16.29
C ALA A 113 -2.22 8.53 -17.57
N TRP A 114 -0.93 8.77 -17.78
CA TRP A 114 -0.47 9.49 -18.97
C TRP A 114 -0.76 8.67 -20.23
N ASP A 115 -0.60 7.35 -20.13
CA ASP A 115 -0.85 6.48 -21.27
C ASP A 115 -1.79 5.33 -20.88
N PRO A 116 -2.44 4.73 -21.88
CA PRO A 116 -3.38 3.62 -21.66
C PRO A 116 -2.66 2.34 -21.24
N GLU A 117 -1.36 2.27 -21.53
CA GLU A 117 -0.57 1.10 -21.17
C GLU A 117 -0.22 1.11 -19.68
N VAL A 118 0.30 2.24 -19.21
CA VAL A 118 0.69 2.37 -17.81
C VAL A 118 -0.52 2.17 -16.90
N HIS A 119 -1.67 2.67 -17.33
CA HIS A 119 -2.89 2.55 -16.55
C HIS A 119 -3.19 1.08 -16.21
N VAL A 120 -3.25 0.24 -17.25
CA VAL A 120 -3.52 -1.17 -17.07
C VAL A 120 -2.29 -1.90 -16.55
N HIS A 121 -1.11 -1.39 -16.90
CA HIS A 121 0.15 -1.99 -16.47
C HIS A 121 0.32 -1.86 -14.96
N ARG A 122 -0.09 -0.73 -14.42
CA ARG A 122 0.02 -0.49 -12.99
C ARG A 122 -0.72 -1.56 -12.19
N ILE A 123 -1.96 -1.82 -12.56
CA ILE A 123 -2.76 -2.82 -11.88
C ILE A 123 -2.40 -4.23 -12.35
N GLY A 124 -2.08 -4.36 -13.63
CA GLY A 124 -1.71 -5.65 -14.18
C GLY A 124 -0.46 -6.22 -13.55
N ARG A 125 0.43 -5.33 -13.13
CA ARG A 125 1.69 -5.74 -12.51
C ARG A 125 1.51 -5.93 -11.00
N THR A 126 0.57 -5.19 -10.43
CA THR A 126 0.30 -5.27 -9.00
C THR A 126 -0.43 -6.55 -8.65
N ALA A 127 -1.27 -7.03 -9.56
CA ALA A 127 -2.03 -8.25 -9.34
C ALA A 127 -1.99 -9.14 -10.58
N ARG A 128 -2.76 -10.24 -10.55
CA ARG A 128 -2.80 -11.17 -11.66
C ARG A 128 -4.25 -11.45 -12.07
N ALA A 129 -5.12 -10.49 -11.83
CA ALA A 129 -6.53 -10.63 -12.18
C ALA A 129 -7.15 -11.85 -11.50
N GLY A 130 -6.50 -12.31 -10.43
CA GLY A 130 -7.00 -13.47 -9.71
C GLY A 130 -7.17 -13.19 -8.23
N ASN A 131 -6.38 -12.26 -7.70
CA ASN A 131 -6.45 -11.91 -6.29
C ASN A 131 -7.15 -10.57 -6.10
N SER A 132 -6.93 -9.66 -7.04
CA SER A 132 -7.55 -8.33 -6.97
C SER A 132 -7.68 -7.72 -8.37
N GLY A 133 -6.62 -7.04 -8.81
CA GLY A 133 -6.65 -6.43 -10.12
C GLY A 133 -7.71 -5.36 -10.25
N LEU A 134 -7.96 -4.65 -9.15
CA LEU A 134 -8.96 -3.59 -9.14
C LEU A 134 -8.31 -2.22 -9.29
N ALA A 135 -8.78 -1.46 -10.29
CA ALA A 135 -8.24 -0.13 -10.54
C ALA A 135 -9.35 0.92 -10.52
N ILE A 136 -9.34 1.77 -9.51
CA ILE A 136 -10.35 2.82 -9.39
C ILE A 136 -9.74 4.20 -9.65
N SER A 137 -10.17 4.83 -10.74
CA SER A 137 -9.68 6.16 -11.11
C SER A 137 -10.68 7.24 -10.72
N PHE A 138 -10.20 8.24 -9.99
CA PHE A 138 -11.05 9.34 -9.55
C PHE A 138 -10.75 10.61 -10.34
N CYS A 139 -11.77 11.15 -10.99
CA CYS A 139 -11.61 12.36 -11.79
C CYS A 139 -12.94 12.75 -12.45
N ALA A 140 -12.92 13.86 -13.18
CA ALA A 140 -14.11 14.34 -13.87
C ALA A 140 -14.35 13.57 -15.16
N PRO A 141 -15.57 13.69 -15.70
CA PRO A 141 -15.95 13.02 -16.94
C PRO A 141 -15.25 13.60 -18.17
N GLU A 142 -14.50 14.68 -17.95
CA GLU A 142 -13.78 15.33 -19.03
C GLU A 142 -12.71 14.40 -19.62
N GLU A 143 -12.18 13.52 -18.78
CA GLU A 143 -11.15 12.58 -19.21
C GLU A 143 -11.80 11.28 -19.70
N ALA A 144 -13.08 11.33 -19.99
CA ALA A 144 -13.81 10.16 -20.46
C ALA A 144 -13.17 9.58 -21.72
N GLN A 145 -12.59 10.46 -22.53
CA GLN A 145 -11.93 10.03 -23.77
C GLN A 145 -10.92 8.94 -23.50
N ARG A 146 -10.00 9.21 -22.58
CA ARG A 146 -8.96 8.24 -22.23
C ARG A 146 -9.57 6.89 -21.85
N ALA A 147 -10.78 6.94 -21.29
CA ALA A 147 -11.49 5.73 -20.89
C ALA A 147 -11.96 4.94 -22.10
N ASN A 148 -12.38 5.65 -23.14
CA ASN A 148 -12.86 5.01 -24.35
C ASN A 148 -11.73 4.28 -25.07
N ILE A 149 -10.62 4.99 -25.28
CA ILE A 149 -9.47 4.41 -25.96
C ILE A 149 -8.85 3.30 -25.12
N ILE A 150 -8.84 3.49 -23.80
CA ILE A 150 -8.28 2.50 -22.90
C ILE A 150 -9.11 1.21 -22.89
N SER A 151 -10.42 1.36 -23.06
CA SER A 151 -11.32 0.22 -23.06
C SER A 151 -11.26 -0.50 -24.41
N ASP A 152 -11.12 0.26 -25.49
CA ASP A 152 -11.04 -0.31 -26.82
C ASP A 152 -9.79 -1.17 -26.98
N MET A 153 -8.64 -0.60 -26.63
CA MET A 153 -7.37 -1.31 -26.73
C MET A 153 -7.42 -2.61 -25.94
N LEU A 154 -8.22 -2.64 -24.88
CA LEU A 154 -8.35 -3.83 -24.05
C LEU A 154 -9.50 -4.71 -24.54
N GLN A 155 -10.32 -4.16 -25.44
CA GLN A 155 -11.45 -4.90 -25.98
C GLN A 155 -12.42 -5.29 -24.87
N ILE A 156 -12.66 -4.37 -23.95
CA ILE A 156 -13.57 -4.62 -22.84
C ILE A 156 -14.54 -3.45 -22.64
N LYS A 157 -15.51 -3.64 -21.75
CA LYS A 157 -16.49 -2.61 -21.46
C LYS A 157 -16.24 -1.98 -20.10
N LEU A 158 -16.22 -0.65 -20.06
CA LEU A 158 -15.99 0.08 -18.82
C LEU A 158 -17.26 0.16 -17.99
N ASN A 159 -17.12 0.12 -16.67
CA ASN A 159 -18.25 0.19 -15.76
C ASN A 159 -18.19 1.45 -14.91
N TRP A 160 -18.26 2.61 -15.56
CA TRP A 160 -18.21 3.89 -14.86
C TRP A 160 -19.44 4.07 -13.98
N GLN A 161 -19.24 4.72 -12.83
CA GLN A 161 -20.33 4.95 -11.90
C GLN A 161 -20.07 6.20 -11.07
N THR A 162 -21.13 6.77 -10.51
CA THR A 162 -21.03 7.98 -9.70
C THR A 162 -21.37 7.69 -8.24
N PRO A 163 -20.73 8.43 -7.32
CA PRO A 163 -20.96 8.27 -5.88
C PRO A 163 -22.34 8.75 -5.45
N PRO A 164 -22.74 8.41 -4.23
CA PRO A 164 -24.04 8.81 -3.67
C PRO A 164 -24.10 10.30 -3.37
N ALA A 165 -25.17 10.71 -2.68
CA ALA A 165 -25.35 12.12 -2.33
C ALA A 165 -24.80 12.40 -0.94
N ASN A 166 -24.95 11.44 -0.03
CA ASN A 166 -24.48 11.60 1.33
C ASN A 166 -23.00 11.20 1.45
N SER A 167 -22.52 11.09 2.68
CA SER A 167 -21.13 10.72 2.93
C SER A 167 -20.98 10.00 4.26
N SER A 168 -20.21 8.92 4.27
CA SER A 168 -19.99 8.14 5.48
C SER A 168 -18.59 7.54 5.50
N ILE A 169 -17.63 8.35 5.93
CA ILE A 169 -16.23 7.91 6.00
C ILE A 169 -15.96 7.16 7.30
N ALA A 170 -15.07 6.18 7.23
CA ALA A 170 -14.72 5.38 8.40
C ALA A 170 -13.22 5.46 8.68
N THR A 171 -12.79 4.77 9.74
CA THR A 171 -11.38 4.77 10.11
C THR A 171 -10.77 3.38 9.91
N LEU A 172 -9.59 3.35 9.29
CA LEU A 172 -8.89 2.10 9.04
C LEU A 172 -7.62 2.01 9.87
N GLU A 173 -7.58 1.05 10.79
CA GLU A 173 -6.42 0.85 11.65
C GLU A 173 -5.51 -0.24 11.09
N ALA A 174 -4.21 -0.07 11.30
CA ALA A 174 -3.23 -1.05 10.82
C ALA A 174 -3.34 -2.36 11.60
N GLU A 175 -3.09 -3.47 10.91
CA GLU A 175 -3.16 -4.79 11.54
C GLU A 175 -1.79 -5.24 12.00
N MET A 176 -0.75 -4.68 11.38
CA MET A 176 0.63 -5.04 11.73
C MET A 176 1.50 -3.78 11.82
N ALA A 177 2.77 -3.99 12.13
CA ALA A 177 3.71 -2.87 12.24
C ALA A 177 5.13 -3.33 11.93
N THR A 178 5.79 -2.61 11.02
CA THR A 178 7.16 -2.94 10.63
C THR A 178 8.17 -2.36 11.63
N LEU A 179 9.31 -3.02 11.75
CA LEU A 179 10.35 -2.57 12.66
C LEU A 179 11.66 -2.32 11.92
N CYS A 180 12.09 -1.06 11.90
CA CYS A 180 13.33 -0.69 11.22
C CYS A 180 14.54 -1.02 12.07
N ILE A 181 15.15 -2.17 11.79
CA ILE A 181 16.33 -2.60 12.53
C ILE A 181 17.62 -2.18 11.83
N ASP A 182 18.62 -1.82 12.62
CA ASP A 182 19.91 -1.40 12.08
C ASP A 182 20.88 -2.56 12.01
N GLY A 183 20.35 -3.76 11.82
CA GLY A 183 21.19 -4.94 11.74
C GLY A 183 21.77 -5.15 10.35
N GLY A 184 20.90 -5.29 9.36
CA GLY A 184 21.35 -5.50 8.00
C GLY A 184 22.22 -6.73 7.85
N LYS A 185 22.70 -6.97 6.65
CA LYS A 185 23.55 -8.12 6.38
C LYS A 185 24.77 -8.13 7.30
N LYS A 186 25.24 -6.94 7.65
CA LYS A 186 26.41 -6.80 8.52
C LYS A 186 26.17 -7.51 9.85
N ALA A 187 24.91 -7.52 10.30
CA ALA A 187 24.56 -8.17 11.55
C ALA A 187 24.25 -9.65 11.34
N LYS A 188 24.51 -10.14 10.14
CA LYS A 188 24.26 -11.53 9.79
C LYS A 188 22.76 -11.83 9.80
N MET A 189 22.02 -11.12 8.94
CA MET A 189 20.58 -11.32 8.84
C MET A 189 20.25 -12.41 7.84
N ARG A 190 19.85 -13.58 8.35
CA ARG A 190 19.51 -14.71 7.51
C ARG A 190 18.00 -14.95 7.51
N PRO A 191 17.52 -15.73 6.53
CA PRO A 191 16.10 -16.05 6.40
C PRO A 191 15.62 -16.99 7.50
N GLY A 192 15.45 -16.45 8.70
CA GLY A 192 15.00 -17.25 9.81
C GLY A 192 15.61 -16.82 11.14
N ASP A 193 16.78 -16.21 11.06
CA ASP A 193 17.48 -15.73 12.26
C ASP A 193 16.67 -14.65 12.96
N VAL A 194 16.23 -13.66 12.19
CA VAL A 194 15.44 -12.56 12.74
C VAL A 194 14.22 -13.07 13.49
N LEU A 195 13.61 -14.13 12.97
CA LEU A 195 12.43 -14.71 13.59
C LEU A 195 12.74 -15.19 15.00
N GLY A 196 13.94 -15.74 15.19
CA GLY A 196 14.34 -16.22 16.51
C GLY A 196 14.56 -15.09 17.49
N ALA A 197 15.03 -13.95 17.00
CA ALA A 197 15.28 -12.79 17.84
C ALA A 197 13.98 -12.26 18.45
N LEU A 198 12.92 -12.29 17.67
CA LEU A 198 11.62 -11.82 18.14
C LEU A 198 10.88 -12.91 18.89
N THR A 199 10.99 -14.15 18.40
CA THR A 199 10.33 -15.29 19.02
C THR A 199 11.23 -15.94 20.07
N GLY A 200 12.25 -15.21 20.49
CA GLY A 200 13.18 -15.73 21.49
C GLY A 200 13.59 -14.68 22.50
N ASP A 201 14.09 -13.55 22.00
CA ASP A 201 14.52 -12.46 22.87
C ASP A 201 13.33 -11.63 23.35
N ILE A 202 12.39 -11.37 22.45
CA ILE A 202 11.22 -10.58 22.77
C ILE A 202 10.11 -11.48 23.32
N GLY A 203 9.90 -12.62 22.68
CA GLY A 203 8.87 -13.55 23.12
C GLY A 203 7.60 -13.43 22.30
N LEU A 204 7.76 -13.26 20.99
CA LEU A 204 6.62 -13.15 20.09
C LEU A 204 6.32 -14.47 19.40
N ASP A 205 5.09 -14.62 18.92
CA ASP A 205 4.68 -15.84 18.23
C ASP A 205 4.71 -15.66 16.72
N GLY A 206 4.98 -16.74 16.00
CA GLY A 206 5.03 -16.68 14.55
C GLY A 206 3.79 -16.05 13.96
N ALA A 207 2.66 -16.24 14.61
CA ALA A 207 1.40 -15.68 14.15
C ALA A 207 1.44 -14.15 14.11
N ASP A 208 2.21 -13.58 15.03
CA ASP A 208 2.36 -12.13 15.11
C ASP A 208 3.50 -11.64 14.23
N ILE A 209 4.46 -12.52 13.97
CA ILE A 209 5.60 -12.18 13.14
C ILE A 209 5.23 -12.19 11.67
N GLY A 210 5.38 -11.04 11.02
CA GLY A 210 5.06 -10.95 9.60
C GLY A 210 6.28 -11.07 8.72
N LYS A 211 6.20 -10.54 7.51
CA LYS A 211 7.30 -10.59 6.57
C LYS A 211 8.51 -9.83 7.10
N ILE A 212 9.68 -10.12 6.55
CA ILE A 212 10.91 -9.46 6.97
C ILE A 212 11.78 -9.09 5.77
N ALA A 213 11.98 -7.79 5.57
CA ALA A 213 12.79 -7.30 4.47
C ALA A 213 14.25 -7.12 4.89
N VAL A 214 15.10 -8.05 4.49
CA VAL A 214 16.51 -8.00 4.83
C VAL A 214 17.31 -7.32 3.72
N HIS A 215 18.19 -6.41 4.12
CA HIS A 215 19.02 -5.68 3.17
C HIS A 215 20.49 -5.69 3.59
N PRO A 216 21.39 -5.38 2.66
CA PRO A 216 22.83 -5.34 2.91
C PRO A 216 23.23 -4.19 3.83
N ALA A 217 22.27 -3.33 4.15
CA ALA A 217 22.51 -2.18 5.01
C ALA A 217 21.69 -2.28 6.30
N HIS A 218 20.44 -2.70 6.17
CA HIS A 218 19.56 -2.83 7.32
C HIS A 218 18.52 -3.92 7.09
N VAL A 219 17.74 -4.24 8.13
CA VAL A 219 16.71 -5.25 8.03
C VAL A 219 15.42 -4.81 8.71
N TYR A 220 14.29 -5.11 8.10
CA TYR A 220 13.00 -4.74 8.64
C TYR A 220 12.15 -5.97 8.96
N VAL A 221 11.56 -6.00 10.14
CA VAL A 221 10.73 -7.11 10.56
C VAL A 221 9.33 -6.64 10.97
N ALA A 222 8.31 -7.30 10.42
CA ALA A 222 6.93 -6.94 10.72
C ALA A 222 6.44 -7.66 11.99
N VAL A 223 5.51 -7.03 12.69
CA VAL A 223 4.97 -7.61 13.91
C VAL A 223 3.55 -7.11 14.18
N ARG A 224 2.68 -8.01 14.60
CA ARG A 224 1.30 -7.64 14.89
C ARG A 224 1.22 -6.63 16.03
N GLN A 225 0.25 -5.73 15.95
CA GLN A 225 0.07 -4.69 16.97
C GLN A 225 0.05 -5.32 18.36
N ALA A 226 -0.41 -6.56 18.45
CA ALA A 226 -0.48 -7.26 19.72
C ALA A 226 0.87 -7.30 20.40
N VAL A 227 1.93 -7.37 19.60
CA VAL A 227 3.29 -7.41 20.13
C VAL A 227 4.18 -6.37 19.47
N ALA A 228 3.54 -5.40 18.81
CA ALA A 228 4.28 -4.34 18.13
C ALA A 228 4.94 -3.41 19.13
N HIS A 229 4.15 -2.84 20.03
CA HIS A 229 4.65 -1.93 21.05
C HIS A 229 5.66 -2.64 21.96
N LYS A 230 5.44 -3.92 22.19
CA LYS A 230 6.32 -4.71 23.04
C LYS A 230 7.61 -5.06 22.30
N ALA A 231 7.48 -5.44 21.03
CA ALA A 231 8.64 -5.79 20.22
C ALA A 231 9.64 -4.66 20.16
N TRP A 232 9.15 -3.47 19.81
CA TRP A 232 10.01 -2.30 19.72
C TRP A 232 10.53 -1.88 21.09
N LYS A 233 9.60 -1.67 22.02
CA LYS A 233 9.96 -1.27 23.38
C LYS A 233 11.01 -2.22 23.97
N GLN A 234 10.85 -3.51 23.69
CA GLN A 234 11.77 -4.52 24.20
C GLN A 234 13.06 -4.54 23.37
N LEU A 235 12.93 -4.23 22.08
CA LEU A 235 14.08 -4.21 21.18
C LEU A 235 14.96 -2.99 21.45
N GLN A 236 14.37 -1.97 22.05
CA GLN A 236 15.10 -0.74 22.35
C GLN A 236 16.31 -1.03 23.24
N GLY A 237 16.15 -2.00 24.15
CA GLY A 237 17.24 -2.35 25.03
C GLY A 237 17.74 -3.77 24.81
N GLY A 238 17.46 -4.30 23.62
CA GLY A 238 17.88 -5.66 23.30
C GLY A 238 18.88 -5.69 22.16
N LYS A 239 18.82 -6.75 21.35
CA LYS A 239 19.73 -6.91 20.23
C LYS A 239 19.27 -8.05 19.32
N ILE A 240 19.92 -8.17 18.16
CA ILE A 240 19.59 -9.22 17.21
C ILE A 240 20.62 -10.35 17.26
N LYS A 241 20.23 -11.47 17.85
CA LYS A 241 21.11 -12.63 17.96
C LYS A 241 22.46 -12.23 18.57
N GLY A 242 22.43 -11.24 19.45
CA GLY A 242 23.65 -10.78 20.09
C GLY A 242 24.30 -9.64 19.35
N LYS A 243 23.50 -8.90 18.59
CA LYS A 243 24.00 -7.76 17.82
C LYS A 243 23.21 -6.49 18.16
N THR A 244 23.90 -5.51 18.72
CA THR A 244 23.26 -4.25 19.08
C THR A 244 22.76 -3.51 17.85
N CYS A 245 21.44 -3.39 17.73
CA CYS A 245 20.83 -2.70 16.59
C CYS A 245 19.74 -1.75 17.06
N ARG A 246 19.36 -0.83 16.17
CA ARG A 246 18.32 0.15 16.49
C ARG A 246 17.01 -0.21 15.82
N VAL A 247 15.98 -0.46 16.62
CA VAL A 247 14.67 -0.83 16.09
C VAL A 247 13.71 0.36 16.16
N ARG A 248 12.84 0.47 15.16
CA ARG A 248 11.87 1.57 15.11
C ARG A 248 10.56 1.09 14.48
N LEU A 249 9.49 1.11 15.26
CA LEU A 249 8.18 0.69 14.77
C LEU A 249 7.60 1.72 13.82
N LEU A 250 7.16 1.27 12.65
CA LEU A 250 6.58 2.17 11.65
C LEU A 250 5.10 2.43 11.96
N LYS A 251 4.82 3.62 12.46
CA LYS A 251 3.45 3.99 12.79
C LYS A 251 2.52 3.77 11.60
N GLY A 1 -33.85 -6.00 -22.04
CA GLY A 1 -32.44 -6.13 -22.38
C GLY A 1 -31.82 -7.37 -21.77
N GLY A 2 -30.49 -7.41 -21.73
CA GLY A 2 -29.80 -8.55 -21.17
C GLY A 2 -28.37 -8.66 -21.66
N SER A 3 -27.55 -9.43 -20.94
CA SER A 3 -26.15 -9.60 -21.31
C SER A 3 -25.59 -10.90 -20.73
N THR A 4 -24.67 -11.52 -21.45
CA THR A 4 -24.06 -12.77 -21.02
C THR A 4 -22.73 -13.02 -21.72
N ASP A 5 -21.63 -12.83 -20.99
CA ASP A 5 -20.30 -13.03 -21.56
C ASP A 5 -19.27 -13.19 -20.44
N ALA A 6 -18.17 -13.87 -20.75
CA ALA A 6 -17.10 -14.09 -19.78
C ALA A 6 -16.10 -12.94 -19.81
N LEU A 7 -16.00 -12.23 -18.70
CA LEU A 7 -15.07 -11.10 -18.59
C LEU A 7 -13.78 -11.53 -17.91
N PRO A 8 -12.71 -10.74 -18.13
CA PRO A 8 -11.39 -11.01 -17.54
C PRO A 8 -11.37 -10.80 -16.02
N PRO A 9 -10.30 -11.25 -15.37
CA PRO A 9 -10.13 -11.11 -13.93
C PRO A 9 -9.88 -9.66 -13.51
N ILE A 10 -8.96 -9.00 -14.19
CA ILE A 10 -8.64 -7.62 -13.89
C ILE A 10 -9.87 -6.73 -13.98
N GLU A 11 -10.17 -6.03 -12.89
CA GLU A 11 -11.32 -5.14 -12.84
C GLU A 11 -10.90 -3.69 -13.00
N GLN A 12 -11.74 -2.90 -13.67
CA GLN A 12 -11.45 -1.49 -13.89
C GLN A 12 -12.69 -0.64 -13.65
N GLN A 13 -12.59 0.29 -12.71
CA GLN A 13 -13.70 1.18 -12.38
C GLN A 13 -13.32 2.64 -12.58
N PHE A 14 -14.31 3.48 -12.86
CA PHE A 14 -14.08 4.90 -13.06
C PHE A 14 -15.17 5.73 -12.40
N TYR A 15 -14.74 6.71 -11.59
CA TYR A 15 -15.69 7.58 -10.89
C TYR A 15 -15.48 9.04 -11.29
N GLU A 16 -16.56 9.81 -11.24
CA GLU A 16 -16.50 11.22 -11.60
C GLU A 16 -16.34 12.10 -10.35
N THR A 17 -15.16 12.71 -10.21
CA THR A 17 -14.88 13.56 -9.07
C THR A 17 -13.82 14.61 -9.41
N SER A 18 -13.67 15.60 -8.54
CA SER A 18 -12.69 16.66 -8.75
C SER A 18 -11.40 16.38 -7.97
N SER A 19 -10.45 17.29 -8.08
CA SER A 19 -9.17 17.14 -7.39
C SER A 19 -9.37 17.03 -5.89
N LYS A 20 -10.40 17.71 -5.38
CA LYS A 20 -10.71 17.68 -3.96
C LYS A 20 -11.73 16.60 -3.64
N GLY A 21 -12.64 16.34 -4.57
CA GLY A 21 -13.66 15.33 -4.37
C GLY A 21 -13.06 13.94 -4.24
N LYS A 22 -11.85 13.76 -4.74
CA LYS A 22 -11.17 12.47 -4.67
C LYS A 22 -10.81 12.11 -3.24
N ILE A 23 -10.58 13.14 -2.42
CA ILE A 23 -10.23 12.94 -1.02
C ILE A 23 -11.31 12.15 -0.29
N PRO A 24 -12.53 12.68 -0.28
CA PRO A 24 -13.67 12.05 0.38
C PRO A 24 -14.13 10.78 -0.35
N LEU A 25 -14.05 10.82 -1.68
CA LEU A 25 -14.46 9.67 -2.49
C LEU A 25 -13.55 8.47 -2.24
N LEU A 26 -12.25 8.70 -2.32
CA LEU A 26 -11.27 7.64 -2.09
C LEU A 26 -11.41 7.05 -0.69
N GLN A 27 -11.43 7.92 0.31
CA GLN A 27 -11.56 7.49 1.70
C GLN A 27 -12.81 6.64 1.89
N ARG A 28 -13.94 7.14 1.40
CA ARG A 28 -15.20 6.42 1.51
C ARG A 28 -15.11 5.05 0.86
N LEU A 29 -14.41 4.97 -0.26
CA LEU A 29 -14.23 3.70 -0.97
C LEU A 29 -13.37 2.73 -0.16
N LEU A 30 -12.43 3.28 0.60
CA LEU A 30 -11.54 2.47 1.41
C LEU A 30 -12.25 1.98 2.68
N SER A 31 -13.23 2.76 3.13
CA SER A 31 -13.98 2.41 4.33
C SER A 31 -15.03 1.33 4.01
N LEU A 32 -15.78 1.54 2.94
CA LEU A 32 -16.81 0.59 2.53
C LEU A 32 -16.18 -0.71 2.04
N HIS A 33 -15.06 -0.60 1.34
CA HIS A 33 -14.37 -1.77 0.81
C HIS A 33 -13.45 -2.38 1.88
N GLN A 34 -12.82 -1.52 2.67
CA GLN A 34 -11.92 -1.97 3.73
C GLN A 34 -10.93 -3.00 3.19
N PRO A 35 -10.17 -2.60 2.15
CA PRO A 35 -9.17 -3.46 1.53
C PRO A 35 -7.96 -3.70 2.43
N SER A 36 -7.20 -4.75 2.12
CA SER A 36 -6.02 -5.09 2.92
C SER A 36 -4.84 -4.21 2.53
N SER A 37 -4.78 -3.82 1.26
CA SER A 37 -3.70 -2.98 0.76
C SER A 37 -4.13 -2.23 -0.49
N CYS A 38 -4.16 -0.90 -0.39
CA CYS A 38 -4.55 -0.05 -1.50
C CYS A 38 -3.44 0.93 -1.87
N VAL A 39 -3.05 0.92 -3.14
CA VAL A 39 -2.00 1.81 -3.62
C VAL A 39 -2.57 2.94 -4.45
N VAL A 40 -2.37 4.17 -4.00
CA VAL A 40 -2.87 5.35 -4.70
C VAL A 40 -1.78 5.97 -5.56
N PHE A 41 -2.05 6.10 -6.85
CA PHE A 41 -1.08 6.70 -7.78
C PHE A 41 -1.26 8.20 -7.86
N CYS A 42 -0.18 8.93 -7.60
CA CYS A 42 -0.22 10.39 -7.65
C CYS A 42 0.67 10.92 -8.77
N ASN A 43 0.41 12.16 -9.19
CA ASN A 43 1.18 12.78 -10.26
C ASN A 43 2.22 13.74 -9.69
N THR A 44 1.89 14.37 -8.57
CA THR A 44 2.79 15.31 -7.92
C THR A 44 2.69 15.21 -6.40
N LYS A 45 3.68 15.77 -5.72
CA LYS A 45 3.70 15.75 -4.26
C LYS A 45 2.44 16.40 -3.68
N LYS A 46 1.94 17.42 -4.38
CA LYS A 46 0.73 18.12 -3.93
C LYS A 46 -0.42 17.14 -3.72
N ASP A 47 -0.67 16.31 -4.73
CA ASP A 47 -1.74 15.33 -4.65
C ASP A 47 -1.44 14.27 -3.58
N CYS A 48 -0.21 13.77 -3.60
CA CYS A 48 0.20 12.76 -2.62
C CYS A 48 0.00 13.25 -1.19
N GLN A 49 0.47 14.45 -0.91
CA GLN A 49 0.34 15.04 0.42
C GLN A 49 -1.13 15.21 0.79
N ALA A 50 -1.90 15.74 -0.15
CA ALA A 50 -3.33 15.95 0.09
C ALA A 50 -4.02 14.66 0.51
N VAL A 51 -3.73 13.58 -0.19
CA VAL A 51 -4.31 12.28 0.13
C VAL A 51 -3.94 11.82 1.52
N CYS A 52 -2.63 11.78 1.79
CA CYS A 52 -2.13 11.37 3.10
C CYS A 52 -2.65 12.28 4.21
N ASP A 53 -2.83 13.55 3.88
CA ASP A 53 -3.31 14.53 4.84
C ASP A 53 -4.75 14.19 5.27
N ALA A 54 -5.63 14.02 4.27
CA ALA A 54 -7.01 13.70 4.54
C ALA A 54 -7.15 12.42 5.36
N LEU A 55 -6.47 11.36 4.91
CA LEU A 55 -6.51 10.08 5.59
C LEU A 55 -6.07 10.22 7.04
N ASN A 56 -4.90 10.81 7.25
CA ASN A 56 -4.37 11.01 8.59
C ASN A 56 -5.31 11.88 9.42
N GLU A 57 -6.07 12.74 8.74
CA GLU A 57 -7.01 13.62 9.42
C GLU A 57 -8.12 12.83 10.10
N VAL A 58 -8.54 11.74 9.46
CA VAL A 58 -9.59 10.88 10.00
C VAL A 58 -9.01 9.72 10.80
N GLY A 59 -7.69 9.54 10.69
CA GLY A 59 -7.03 8.47 11.40
C GLY A 59 -6.80 7.25 10.54
N GLN A 60 -6.86 7.44 9.23
CA GLN A 60 -6.65 6.34 8.28
C GLN A 60 -5.16 6.11 8.04
N SER A 61 -4.72 4.88 8.29
CA SER A 61 -3.32 4.53 8.09
C SER A 61 -2.92 4.65 6.63
N ALA A 62 -1.96 5.52 6.35
CA ALA A 62 -1.49 5.74 4.99
C ALA A 62 -0.02 6.15 4.98
N LEU A 63 0.60 6.09 3.80
CA LEU A 63 2.00 6.46 3.64
C LEU A 63 2.29 6.93 2.23
N SER A 64 3.29 7.79 2.08
CA SER A 64 3.67 8.31 0.78
C SER A 64 4.97 7.68 0.29
N LEU A 65 5.02 7.36 -1.00
CA LEU A 65 6.21 6.76 -1.58
C LEU A 65 6.56 7.41 -2.92
N HIS A 66 7.74 8.05 -2.97
CA HIS A 66 8.18 8.72 -4.18
C HIS A 66 9.43 8.03 -4.75
N GLY A 67 9.80 8.41 -5.97
CA GLY A 67 10.96 7.82 -6.60
C GLY A 67 12.26 8.38 -6.07
N ASP A 68 12.21 9.60 -5.54
CA ASP A 68 13.38 10.26 -4.99
C ASP A 68 13.45 10.07 -3.48
N LEU A 69 12.80 9.02 -2.99
CA LEU A 69 12.78 8.73 -1.56
C LEU A 69 14.11 8.13 -1.12
N GLU A 70 14.59 8.56 0.06
CA GLU A 70 15.85 8.06 0.59
C GLU A 70 15.81 6.55 0.77
N GLN A 71 16.97 5.95 1.03
CA GLN A 71 17.07 4.51 1.22
C GLN A 71 16.22 4.06 2.39
N ARG A 72 16.38 4.73 3.53
CA ARG A 72 15.62 4.39 4.73
C ARG A 72 14.15 4.78 4.57
N ASP A 73 13.91 5.94 3.98
CA ASP A 73 12.55 6.43 3.77
C ASP A 73 11.78 5.50 2.84
N ARG A 74 12.37 5.19 1.69
CA ARG A 74 11.74 4.32 0.72
C ARG A 74 11.56 2.92 1.28
N ASP A 75 12.52 2.49 2.10
CA ASP A 75 12.46 1.16 2.71
C ASP A 75 11.35 1.07 3.73
N GLN A 76 11.32 2.05 4.65
CA GLN A 76 10.29 2.08 5.69
C GLN A 76 8.90 2.14 5.08
N THR A 77 8.77 2.88 3.98
CA THR A 77 7.48 3.02 3.31
C THR A 77 7.06 1.71 2.65
N LEU A 78 7.95 1.15 1.84
CA LEU A 78 7.66 -0.10 1.14
C LEU A 78 7.30 -1.20 2.14
N VAL A 79 8.10 -1.33 3.19
CA VAL A 79 7.86 -2.34 4.20
C VAL A 79 6.56 -2.05 4.97
N ARG A 80 6.24 -0.77 5.11
CA ARG A 80 5.03 -0.37 5.82
C ARG A 80 3.79 -0.89 5.11
N PHE A 81 3.73 -0.70 3.79
CA PHE A 81 2.60 -1.14 2.99
C PHE A 81 2.72 -2.63 2.67
N ALA A 82 3.95 -3.10 2.48
CA ALA A 82 4.20 -4.50 2.16
C ALA A 82 3.88 -5.39 3.35
N ASN A 83 4.24 -4.93 4.55
CA ASN A 83 3.99 -5.68 5.77
C ASN A 83 2.57 -5.44 6.29
N GLY A 84 1.78 -4.76 5.48
CA GLY A 84 0.40 -4.47 5.87
C GLY A 84 0.33 -3.51 7.04
N SER A 85 1.46 -2.89 7.37
CA SER A 85 1.52 -1.95 8.48
C SER A 85 0.63 -0.74 8.22
N ALA A 86 0.22 -0.58 6.96
CA ALA A 86 -0.65 0.53 6.57
C ALA A 86 -1.89 0.03 5.84
N ARG A 87 -2.72 0.97 5.38
CA ARG A 87 -3.94 0.62 4.66
C ARG A 87 -3.93 1.20 3.25
N VAL A 88 -3.43 2.43 3.13
CA VAL A 88 -3.35 3.09 1.82
C VAL A 88 -1.97 3.67 1.59
N LEU A 89 -1.32 3.22 0.52
CA LEU A 89 0.02 3.70 0.17
C LEU A 89 -0.02 4.56 -1.08
N VAL A 90 0.08 5.87 -0.89
CA VAL A 90 0.06 6.82 -2.01
C VAL A 90 1.46 7.03 -2.58
N ALA A 91 1.73 6.37 -3.70
CA ALA A 91 3.04 6.49 -4.34
C ALA A 91 2.89 6.98 -5.79
N THR A 92 4.02 7.28 -6.43
CA THR A 92 4.02 7.76 -7.80
C THR A 92 4.35 6.63 -8.77
N ASP A 93 3.90 6.78 -10.01
CA ASP A 93 4.15 5.77 -11.03
C ASP A 93 5.63 5.43 -11.12
N VAL A 94 6.48 6.43 -10.93
CA VAL A 94 7.92 6.24 -10.98
C VAL A 94 8.42 5.58 -9.70
N ALA A 95 7.73 5.83 -8.59
CA ALA A 95 8.11 5.26 -7.31
C ALA A 95 7.68 3.80 -7.21
N ALA A 96 6.49 3.50 -7.70
CA ALA A 96 5.97 2.13 -7.67
C ALA A 96 6.31 1.39 -8.95
N ARG A 97 7.37 1.81 -9.62
CA ARG A 97 7.80 1.19 -10.86
C ARG A 97 8.38 -0.21 -10.60
N GLY A 98 7.65 -1.23 -11.01
CA GLY A 98 8.10 -2.59 -10.82
C GLY A 98 8.52 -2.86 -9.39
N LEU A 99 7.89 -2.17 -8.44
CA LEU A 99 8.20 -2.33 -7.03
C LEU A 99 7.85 -3.74 -6.55
N ASP A 100 8.05 -3.98 -5.26
CA ASP A 100 7.76 -5.30 -4.67
C ASP A 100 6.27 -5.43 -4.38
N ILE A 101 5.47 -5.67 -5.41
CA ILE A 101 4.03 -5.82 -5.25
C ILE A 101 3.45 -6.75 -6.31
N LYS A 102 3.12 -7.98 -5.91
CA LYS A 102 2.56 -8.96 -6.83
C LYS A 102 1.30 -9.57 -6.25
N SER A 103 0.53 -8.77 -5.51
CA SER A 103 -0.71 -9.24 -4.90
C SER A 103 -1.47 -8.08 -4.28
N LEU A 104 -1.41 -6.92 -4.92
CA LEU A 104 -2.11 -5.73 -4.44
C LEU A 104 -3.60 -6.00 -4.28
N GLU A 105 -4.21 -5.37 -3.28
CA GLU A 105 -5.64 -5.54 -3.04
C GLU A 105 -6.46 -4.61 -3.92
N LEU A 106 -6.05 -3.36 -4.00
CA LEU A 106 -6.74 -2.37 -4.83
C LEU A 106 -5.79 -1.28 -5.30
N VAL A 107 -6.01 -0.81 -6.53
CA VAL A 107 -5.17 0.24 -7.10
C VAL A 107 -6.00 1.47 -7.46
N VAL A 108 -5.75 2.58 -6.77
CA VAL A 108 -6.47 3.81 -7.02
C VAL A 108 -5.61 4.80 -7.79
N ASN A 109 -6.14 5.30 -8.91
CA ASN A 109 -5.42 6.26 -9.74
C ASN A 109 -6.03 7.65 -9.62
N PHE A 110 -5.32 8.54 -8.92
CA PHE A 110 -5.79 9.91 -8.74
C PHE A 110 -6.12 10.56 -10.09
N GLU A 111 -5.38 10.15 -11.12
CA GLU A 111 -5.60 10.69 -12.46
C GLU A 111 -5.08 9.73 -13.52
N LEU A 112 -5.88 9.53 -14.57
CA LEU A 112 -5.51 8.63 -15.66
C LEU A 112 -4.07 8.87 -16.09
N ALA A 113 -3.32 7.78 -16.25
CA ALA A 113 -1.92 7.87 -16.66
C ALA A 113 -1.79 8.61 -17.99
N TRP A 114 -0.57 8.68 -18.50
CA TRP A 114 -0.31 9.37 -19.77
C TRP A 114 -0.66 8.46 -20.96
N ASP A 115 -0.38 7.18 -20.81
CA ASP A 115 -0.66 6.22 -21.87
C ASP A 115 -1.61 5.14 -21.38
N PRO A 116 -2.38 4.55 -22.32
CA PRO A 116 -3.35 3.50 -22.00
C PRO A 116 -2.67 2.19 -21.60
N GLU A 117 -1.41 2.04 -21.98
CA GLU A 117 -0.65 0.83 -21.67
C GLU A 117 -0.18 0.85 -20.21
N VAL A 118 0.38 1.99 -19.80
CA VAL A 118 0.88 2.14 -18.44
C VAL A 118 -0.26 2.05 -17.43
N HIS A 119 -1.43 2.57 -17.81
CA HIS A 119 -2.59 2.54 -16.93
C HIS A 119 -2.95 1.12 -16.55
N VAL A 120 -3.13 0.26 -17.55
CA VAL A 120 -3.47 -1.13 -17.30
C VAL A 120 -2.26 -1.93 -16.83
N HIS A 121 -1.08 -1.50 -17.26
CA HIS A 121 0.16 -2.17 -16.88
C HIS A 121 0.38 -2.08 -15.36
N ARG A 122 -0.03 -0.96 -14.78
CA ARG A 122 0.13 -0.74 -13.35
C ARG A 122 -0.61 -1.83 -12.55
N ILE A 123 -1.89 -1.99 -12.83
CA ILE A 123 -2.70 -2.98 -12.14
C ILE A 123 -2.43 -4.39 -12.68
N GLY A 124 -2.10 -4.46 -13.97
CA GLY A 124 -1.82 -5.74 -14.59
C GLY A 124 -0.61 -6.43 -13.96
N ARG A 125 0.38 -5.63 -13.57
CA ARG A 125 1.59 -6.16 -12.96
C ARG A 125 1.41 -6.35 -11.47
N THR A 126 0.57 -5.52 -10.86
CA THR A 126 0.30 -5.60 -9.44
C THR A 126 -0.53 -6.83 -9.09
N ALA A 127 -1.36 -7.26 -10.03
CA ALA A 127 -2.21 -8.43 -9.84
C ALA A 127 -2.83 -8.89 -11.14
N ARG A 128 -3.68 -9.90 -11.07
CA ARG A 128 -4.35 -10.44 -12.25
C ARG A 128 -5.37 -11.50 -11.87
N ALA A 129 -6.28 -11.15 -10.97
CA ALA A 129 -7.31 -12.08 -10.51
C ALA A 129 -8.61 -11.34 -10.20
N GLY A 130 -9.61 -12.09 -9.75
CA GLY A 130 -10.89 -11.49 -9.42
C GLY A 130 -10.77 -10.43 -8.34
N ASN A 131 -10.46 -10.86 -7.13
CA ASN A 131 -10.32 -9.95 -6.00
C ASN A 131 -9.34 -8.82 -6.33
N SER A 132 -8.10 -9.20 -6.64
CA SER A 132 -7.07 -8.23 -6.97
C SER A 132 -7.26 -7.69 -8.38
N GLY A 133 -6.27 -6.96 -8.88
CA GLY A 133 -6.36 -6.39 -10.21
C GLY A 133 -7.44 -5.34 -10.33
N LEU A 134 -7.71 -4.64 -9.24
CA LEU A 134 -8.73 -3.59 -9.22
C LEU A 134 -8.12 -2.21 -9.46
N ALA A 135 -8.59 -1.54 -10.50
CA ALA A 135 -8.08 -0.21 -10.84
C ALA A 135 -9.22 0.80 -10.87
N ILE A 136 -9.19 1.74 -9.92
CA ILE A 136 -10.21 2.78 -9.83
C ILE A 136 -9.62 4.14 -10.15
N SER A 137 -10.09 4.74 -11.25
CA SER A 137 -9.62 6.05 -11.67
C SER A 137 -10.59 7.14 -11.24
N PHE A 138 -10.09 8.11 -10.48
CA PHE A 138 -10.91 9.20 -9.99
C PHE A 138 -10.65 10.48 -10.79
N CYS A 139 -11.68 10.95 -11.50
CA CYS A 139 -11.57 12.15 -12.31
C CYS A 139 -12.88 12.45 -13.02
N ALA A 140 -13.12 13.72 -13.30
CA ALA A 140 -14.34 14.15 -13.97
C ALA A 140 -14.57 13.33 -15.25
N PRO A 141 -15.80 13.39 -15.77
CA PRO A 141 -16.19 12.66 -16.99
C PRO A 141 -15.51 13.22 -18.24
N GLU A 142 -14.83 14.36 -18.07
CA GLU A 142 -14.14 15.00 -19.19
C GLU A 142 -13.08 14.08 -19.77
N GLU A 143 -12.51 13.23 -18.93
CA GLU A 143 -11.48 12.29 -19.36
C GLU A 143 -12.09 10.96 -19.79
N ALA A 144 -13.39 10.98 -20.08
CA ALA A 144 -14.10 9.78 -20.49
C ALA A 144 -13.58 9.28 -21.85
N GLN A 145 -13.18 10.21 -22.69
CA GLN A 145 -12.67 9.87 -24.02
C GLN A 145 -11.53 8.85 -23.91
N ARG A 146 -10.51 9.19 -23.12
CA ARG A 146 -9.37 8.31 -22.94
C ARG A 146 -9.77 7.02 -22.24
N ALA A 147 -10.80 7.11 -21.39
CA ALA A 147 -11.29 5.96 -20.67
C ALA A 147 -12.04 5.00 -21.59
N ASN A 148 -12.73 5.55 -22.57
CA ASN A 148 -13.49 4.75 -23.52
C ASN A 148 -12.56 3.88 -24.37
N ILE A 149 -11.56 4.50 -24.96
CA ILE A 149 -10.60 3.79 -25.79
C ILE A 149 -9.77 2.81 -24.95
N ILE A 150 -9.39 3.23 -23.75
CA ILE A 150 -8.61 2.40 -22.86
C ILE A 150 -9.33 1.09 -22.54
N SER A 151 -10.65 1.19 -22.39
CA SER A 151 -11.46 0.01 -22.08
C SER A 151 -11.69 -0.84 -23.33
N ASP A 152 -11.88 -0.17 -24.46
CA ASP A 152 -12.10 -0.87 -25.72
C ASP A 152 -10.93 -1.80 -26.05
N MET A 153 -9.72 -1.26 -25.99
CA MET A 153 -8.52 -2.05 -26.28
C MET A 153 -8.43 -3.25 -25.36
N LEU A 154 -8.98 -3.12 -24.15
CA LEU A 154 -8.96 -4.20 -23.17
C LEU A 154 -10.16 -5.11 -23.35
N GLN A 155 -10.89 -4.91 -24.44
CA GLN A 155 -12.07 -5.73 -24.73
C GLN A 155 -13.01 -5.77 -23.53
N ILE A 156 -13.09 -4.65 -22.81
CA ILE A 156 -13.96 -4.56 -21.63
C ILE A 156 -14.55 -3.15 -21.50
N LYS A 157 -15.67 -3.07 -20.80
CA LYS A 157 -16.34 -1.78 -20.59
C LYS A 157 -16.12 -1.29 -19.17
N LEU A 158 -16.16 0.03 -18.99
CA LEU A 158 -15.97 0.63 -17.67
C LEU A 158 -17.31 0.81 -16.97
N ASN A 159 -17.27 0.79 -15.63
CA ASN A 159 -18.48 0.96 -14.84
C ASN A 159 -18.53 2.33 -14.20
N TRP A 160 -18.90 3.34 -14.99
CA TRP A 160 -18.98 4.71 -14.49
C TRP A 160 -20.03 4.83 -13.39
N GLN A 161 -19.56 5.03 -12.16
CA GLN A 161 -20.45 5.15 -11.01
C GLN A 161 -20.53 6.61 -10.54
N THR A 162 -21.39 6.85 -9.56
CA THR A 162 -21.56 8.20 -9.02
C THR A 162 -21.00 8.29 -7.60
N PRO A 163 -20.45 9.47 -7.26
CA PRO A 163 -19.88 9.72 -5.93
C PRO A 163 -20.95 9.80 -4.85
N PRO A 164 -20.51 9.77 -3.58
CA PRO A 164 -21.41 9.85 -2.43
C PRO A 164 -22.06 11.23 -2.28
N ALA A 165 -22.77 11.42 -1.18
CA ALA A 165 -23.44 12.69 -0.92
C ALA A 165 -22.88 13.35 0.33
N ASN A 166 -21.58 13.20 0.55
CA ASN A 166 -20.93 13.78 1.72
C ASN A 166 -21.63 13.34 3.00
N SER A 167 -21.50 12.06 3.33
CA SER A 167 -22.13 11.52 4.53
C SER A 167 -21.10 11.37 5.65
N SER A 168 -20.25 10.36 5.54
CA SER A 168 -19.23 10.10 6.54
C SER A 168 -18.31 8.96 6.10
N ILE A 169 -17.03 9.09 6.43
CA ILE A 169 -16.05 8.06 6.07
C ILE A 169 -15.55 7.33 7.31
N ALA A 170 -15.23 6.05 7.15
CA ALA A 170 -14.73 5.24 8.24
C ALA A 170 -13.21 5.32 8.36
N THR A 171 -12.66 4.73 9.40
CA THR A 171 -11.22 4.73 9.62
C THR A 171 -10.63 3.33 9.49
N LEU A 172 -9.47 3.25 8.85
CA LEU A 172 -8.80 1.97 8.65
C LEU A 172 -7.56 1.86 9.53
N GLU A 173 -7.57 0.89 10.44
CA GLU A 173 -6.44 0.68 11.33
C GLU A 173 -5.50 -0.38 10.78
N ALA A 174 -4.23 -0.27 11.14
CA ALA A 174 -3.21 -1.21 10.67
C ALA A 174 -3.32 -2.54 11.41
N GLU A 175 -3.06 -3.63 10.71
CA GLU A 175 -3.14 -4.96 11.29
C GLU A 175 -1.76 -5.42 11.77
N MET A 176 -0.71 -4.84 11.20
CA MET A 176 0.66 -5.19 11.57
C MET A 176 1.52 -3.93 11.74
N ALA A 177 2.78 -4.13 12.09
CA ALA A 177 3.70 -3.02 12.27
C ALA A 177 5.14 -3.45 12.03
N THR A 178 5.83 -2.71 11.16
CA THR A 178 7.22 -3.02 10.84
C THR A 178 8.18 -2.39 11.85
N LEU A 179 9.34 -3.02 12.02
CA LEU A 179 10.34 -2.51 12.96
C LEU A 179 11.66 -2.25 12.24
N CYS A 180 12.02 -0.98 12.14
CA CYS A 180 13.27 -0.58 11.48
C CYS A 180 14.47 -0.85 12.39
N ILE A 181 15.15 -1.97 12.15
CA ILE A 181 16.32 -2.33 12.95
C ILE A 181 17.60 -1.87 12.28
N ASP A 182 18.58 -1.50 13.09
CA ASP A 182 19.88 -1.04 12.57
C ASP A 182 20.86 -2.20 12.47
N GLY A 183 20.33 -3.40 12.22
CA GLY A 183 21.18 -4.56 12.10
C GLY A 183 21.80 -4.70 10.71
N GLY A 184 20.94 -4.78 9.69
CA GLY A 184 21.42 -4.91 8.33
C GLY A 184 22.34 -6.10 8.16
N LYS A 185 22.86 -6.28 6.95
CA LYS A 185 23.75 -7.39 6.64
C LYS A 185 24.95 -7.38 7.59
N LYS A 186 25.38 -6.20 8.00
CA LYS A 186 26.51 -6.06 8.91
C LYS A 186 26.26 -6.81 10.21
N ALA A 187 25.01 -6.86 10.63
CA ALA A 187 24.63 -7.56 11.85
C ALA A 187 24.34 -9.03 11.58
N LYS A 188 24.65 -9.47 10.37
CA LYS A 188 24.41 -10.86 9.98
C LYS A 188 22.92 -11.18 9.96
N MET A 189 22.19 -10.45 9.14
CA MET A 189 20.75 -10.66 9.03
C MET A 189 20.43 -11.58 7.86
N ARG A 190 20.11 -12.84 8.19
CA ARG A 190 19.78 -13.83 7.16
C ARG A 190 18.28 -14.08 7.11
N PRO A 191 17.82 -14.66 5.99
CA PRO A 191 16.40 -14.97 5.79
C PRO A 191 15.91 -16.08 6.70
N GLY A 192 15.72 -15.76 7.97
CA GLY A 192 15.24 -16.75 8.93
C GLY A 192 15.81 -16.52 10.32
N ASP A 193 16.98 -15.90 10.39
CA ASP A 193 17.62 -15.62 11.67
C ASP A 193 16.84 -14.57 12.46
N VAL A 194 16.45 -13.51 11.78
CA VAL A 194 15.70 -12.43 12.41
C VAL A 194 14.45 -12.96 13.10
N LEU A 195 13.84 -13.99 12.50
CA LEU A 195 12.63 -14.59 13.05
C LEU A 195 12.90 -15.17 14.43
N GLY A 196 14.08 -15.75 14.60
CA GLY A 196 14.44 -16.35 15.88
C GLY A 196 14.61 -15.30 16.97
N ALA A 197 15.11 -14.13 16.59
CA ALA A 197 15.33 -13.05 17.54
C ALA A 197 14.00 -12.56 18.14
N LEU A 198 12.99 -12.44 17.28
CA LEU A 198 11.68 -11.99 17.72
C LEU A 198 10.91 -13.11 18.41
N THR A 199 11.03 -14.33 17.86
CA THR A 199 10.35 -15.49 18.41
C THR A 199 11.22 -16.19 19.45
N GLY A 200 12.24 -15.48 19.94
CA GLY A 200 13.13 -16.05 20.93
C GLY A 200 13.51 -15.05 22.00
N ASP A 201 14.04 -13.91 21.58
CA ASP A 201 14.45 -12.87 22.51
C ASP A 201 13.26 -12.05 22.99
N ILE A 202 12.34 -11.78 22.07
CA ILE A 202 11.14 -11.00 22.39
C ILE A 202 10.01 -11.91 22.88
N GLY A 203 9.82 -13.03 22.19
CA GLY A 203 8.78 -13.97 22.56
C GLY A 203 7.54 -13.83 21.70
N LEU A 204 7.75 -13.52 20.43
CA LEU A 204 6.63 -13.36 19.49
C LEU A 204 6.33 -14.67 18.78
N ASP A 205 5.09 -14.82 18.34
CA ASP A 205 4.66 -16.03 17.64
C ASP A 205 4.59 -15.78 16.14
N GLY A 206 4.86 -16.83 15.36
CA GLY A 206 4.82 -16.71 13.91
C GLY A 206 3.48 -16.21 13.41
N ALA A 207 2.45 -16.39 14.22
CA ALA A 207 1.11 -15.95 13.85
C ALA A 207 1.03 -14.43 13.77
N ASP A 208 1.81 -13.76 14.60
CA ASP A 208 1.84 -12.30 14.62
C ASP A 208 2.99 -11.76 13.78
N ILE A 209 4.04 -12.56 13.64
CA ILE A 209 5.21 -12.17 12.86
C ILE A 209 4.86 -12.05 11.38
N GLY A 210 5.38 -11.01 10.74
CA GLY A 210 5.11 -10.81 9.33
C GLY A 210 6.37 -10.89 8.48
N LYS A 211 6.33 -10.31 7.29
CA LYS A 211 7.48 -10.32 6.39
C LYS A 211 8.65 -9.54 6.99
N ILE A 212 9.84 -9.80 6.47
CA ILE A 212 11.05 -9.12 6.95
C ILE A 212 11.92 -8.67 5.79
N ALA A 213 12.09 -7.35 5.66
CA ALA A 213 12.90 -6.79 4.59
C ALA A 213 14.34 -6.56 5.05
N VAL A 214 15.24 -7.45 4.64
CA VAL A 214 16.65 -7.34 5.01
C VAL A 214 17.44 -6.56 3.97
N HIS A 215 18.33 -5.70 4.43
CA HIS A 215 19.16 -4.90 3.53
C HIS A 215 20.60 -4.87 4.01
N PRO A 216 21.52 -4.48 3.11
CA PRO A 216 22.96 -4.40 3.41
C PRO A 216 23.28 -3.26 4.37
N ALA A 217 22.27 -2.44 4.67
CA ALA A 217 22.44 -1.31 5.57
C ALA A 217 21.60 -1.48 6.84
N HIS A 218 20.37 -1.96 6.66
CA HIS A 218 19.46 -2.15 7.78
C HIS A 218 18.48 -3.28 7.49
N VAL A 219 17.68 -3.65 8.49
CA VAL A 219 16.70 -4.71 8.33
C VAL A 219 15.37 -4.33 8.99
N TYR A 220 14.27 -4.71 8.36
CA TYR A 220 12.95 -4.42 8.88
C TYR A 220 12.15 -5.70 9.12
N VAL A 221 11.54 -5.79 10.30
CA VAL A 221 10.75 -6.96 10.66
C VAL A 221 9.32 -6.57 11.01
N ALA A 222 8.35 -7.25 10.39
CA ALA A 222 6.94 -6.98 10.64
C ALA A 222 6.44 -7.75 11.86
N VAL A 223 5.49 -7.16 12.58
CA VAL A 223 4.93 -7.79 13.76
C VAL A 223 3.51 -7.28 14.03
N ARG A 224 2.62 -8.20 14.38
CA ARG A 224 1.24 -7.83 14.67
C ARG A 224 1.15 -6.88 15.85
N GLN A 225 0.18 -5.96 15.80
CA GLN A 225 0.01 -4.99 16.88
C GLN A 225 -0.05 -5.67 18.24
N ALA A 226 -0.51 -6.92 18.25
CA ALA A 226 -0.61 -7.67 19.49
C ALA A 226 0.74 -7.76 20.19
N VAL A 227 1.81 -7.79 19.40
CA VAL A 227 3.16 -7.87 19.95
C VAL A 227 4.06 -6.80 19.34
N ALA A 228 3.45 -5.81 18.71
CA ALA A 228 4.19 -4.71 18.10
C ALA A 228 4.79 -3.80 19.16
N HIS A 229 3.95 -3.31 20.05
CA HIS A 229 4.40 -2.42 21.12
C HIS A 229 5.46 -3.09 21.98
N LYS A 230 5.28 -4.38 22.23
CA LYS A 230 6.21 -5.15 23.05
C LYS A 230 7.48 -5.47 22.26
N ALA A 231 7.31 -5.68 20.95
CA ALA A 231 8.44 -6.00 20.09
C ALA A 231 9.46 -4.87 20.08
N TRP A 232 9.01 -3.65 19.82
CA TRP A 232 9.88 -2.49 19.79
C TRP A 232 10.46 -2.21 21.16
N LYS A 233 9.59 -2.16 22.17
CA LYS A 233 10.03 -1.90 23.53
C LYS A 233 11.07 -2.92 23.99
N GLN A 234 10.78 -4.20 23.75
CA GLN A 234 11.68 -5.27 24.13
C GLN A 234 13.04 -5.11 23.44
N LEU A 235 13.01 -4.92 22.13
CA LEU A 235 14.23 -4.76 21.35
C LEU A 235 14.95 -3.47 21.74
N GLN A 236 14.20 -2.52 22.28
CA GLN A 236 14.76 -1.24 22.70
C GLN A 236 15.88 -1.45 23.72
N GLY A 237 15.70 -2.44 24.59
CA GLY A 237 16.69 -2.72 25.61
C GLY A 237 17.33 -4.09 25.43
N GLY A 238 17.23 -4.63 24.22
CA GLY A 238 17.81 -5.94 23.94
C GLY A 238 18.76 -5.91 22.75
N LYS A 239 18.78 -7.00 22.00
CA LYS A 239 19.64 -7.11 20.83
C LYS A 239 19.27 -8.32 19.98
N ILE A 240 19.85 -8.40 18.79
CA ILE A 240 19.58 -9.52 17.89
C ILE A 240 20.86 -10.27 17.54
N LYS A 241 20.92 -11.54 17.94
CA LYS A 241 22.09 -12.36 17.68
C LYS A 241 23.32 -11.81 18.38
N GLY A 242 23.12 -11.26 19.58
CA GLY A 242 24.23 -10.71 20.33
C GLY A 242 24.73 -9.40 19.75
N LYS A 243 23.87 -8.72 19.00
CA LYS A 243 24.23 -7.44 18.39
C LYS A 243 23.20 -6.37 18.72
N THR A 244 23.64 -5.33 19.41
CA THR A 244 22.75 -4.23 19.78
C THR A 244 22.46 -3.33 18.60
N CYS A 245 21.17 -3.12 18.31
CA CYS A 245 20.75 -2.29 17.21
C CYS A 245 19.61 -1.36 17.62
N ARG A 246 19.24 -0.45 16.73
CA ARG A 246 18.16 0.49 17.00
C ARG A 246 16.88 0.08 16.27
N VAL A 247 15.85 -0.25 17.04
CA VAL A 247 14.57 -0.65 16.47
C VAL A 247 13.53 0.46 16.57
N ARG A 248 12.72 0.60 15.53
CA ARG A 248 11.68 1.63 15.51
C ARG A 248 10.42 1.11 14.84
N LEU A 249 9.34 1.03 15.62
CA LEU A 249 8.06 0.54 15.10
C LEU A 249 7.40 1.60 14.22
N LEU A 250 7.07 1.21 13.00
CA LEU A 250 6.41 2.12 12.05
C LEU A 250 4.94 2.30 12.39
N LYS A 251 4.61 3.46 12.96
CA LYS A 251 3.24 3.77 13.33
C LYS A 251 2.29 3.57 12.15
N GLY A 1 -24.23 -3.09 -30.47
CA GLY A 1 -23.20 -3.56 -29.57
C GLY A 1 -23.01 -5.07 -29.66
N GLY A 2 -23.43 -5.77 -28.61
CA GLY A 2 -23.29 -7.22 -28.58
C GLY A 2 -23.33 -7.78 -27.18
N SER A 3 -23.35 -9.10 -27.07
CA SER A 3 -23.39 -9.77 -25.78
C SER A 3 -22.06 -9.64 -25.06
N THR A 4 -21.97 -10.25 -23.87
CA THR A 4 -20.75 -10.21 -23.08
C THR A 4 -20.73 -11.34 -22.06
N ASP A 5 -19.56 -11.98 -21.91
CA ASP A 5 -19.41 -13.07 -20.95
C ASP A 5 -17.94 -13.49 -20.85
N ALA A 6 -17.63 -14.22 -19.79
CA ALA A 6 -16.26 -14.69 -19.57
C ALA A 6 -15.29 -13.51 -19.48
N LEU A 7 -15.71 -12.44 -18.82
CA LEU A 7 -14.88 -11.26 -18.67
C LEU A 7 -13.53 -11.61 -18.05
N PRO A 8 -12.55 -10.73 -18.24
CA PRO A 8 -11.19 -10.93 -17.71
C PRO A 8 -11.14 -10.79 -16.19
N PRO A 9 -10.02 -11.21 -15.59
CA PRO A 9 -9.82 -11.14 -14.15
C PRO A 9 -9.68 -9.71 -13.64
N ILE A 10 -8.82 -8.93 -14.30
CA ILE A 10 -8.59 -7.55 -13.93
C ILE A 10 -9.90 -6.76 -13.93
N GLU A 11 -10.16 -6.05 -12.84
CA GLU A 11 -11.38 -5.24 -12.73
C GLU A 11 -11.08 -3.77 -12.95
N GLN A 12 -11.89 -3.13 -13.78
CA GLN A 12 -11.72 -1.70 -14.07
C GLN A 12 -12.86 -0.89 -13.51
N GLN A 13 -12.53 0.23 -12.86
CA GLN A 13 -13.53 1.11 -12.28
C GLN A 13 -13.24 2.57 -12.60
N PHE A 14 -14.29 3.35 -12.81
CA PHE A 14 -14.15 4.76 -13.13
C PHE A 14 -15.20 5.60 -12.38
N TYR A 15 -14.73 6.59 -11.63
CA TYR A 15 -15.63 7.45 -10.88
C TYR A 15 -15.47 8.91 -11.31
N GLU A 16 -16.57 9.66 -11.23
CA GLU A 16 -16.54 11.07 -11.60
C GLU A 16 -16.47 11.97 -10.38
N THR A 17 -15.30 12.55 -10.15
CA THR A 17 -15.10 13.43 -9.01
C THR A 17 -14.22 14.62 -9.38
N SER A 18 -14.12 15.58 -8.46
CA SER A 18 -13.31 16.78 -8.69
C SER A 18 -11.92 16.63 -8.07
N SER A 19 -11.11 17.66 -8.21
CA SER A 19 -9.75 17.65 -7.66
C SER A 19 -9.79 17.50 -6.15
N LYS A 20 -10.78 18.11 -5.52
CA LYS A 20 -10.92 18.04 -4.06
C LYS A 20 -11.85 16.91 -3.66
N GLY A 21 -12.79 16.58 -4.54
CA GLY A 21 -13.73 15.51 -4.26
C GLY A 21 -13.06 14.16 -4.17
N LYS A 22 -11.81 14.09 -4.61
CA LYS A 22 -11.05 12.85 -4.59
C LYS A 22 -10.70 12.45 -3.15
N ILE A 23 -10.45 13.45 -2.32
CA ILE A 23 -10.10 13.21 -0.92
C ILE A 23 -11.20 12.43 -0.21
N PRO A 24 -12.43 12.99 -0.22
CA PRO A 24 -13.58 12.36 0.42
C PRO A 24 -14.04 11.11 -0.31
N LEU A 25 -13.92 11.12 -1.64
CA LEU A 25 -14.33 9.99 -2.45
C LEU A 25 -13.45 8.77 -2.17
N LEU A 26 -12.13 8.98 -2.21
CA LEU A 26 -11.19 7.90 -1.95
C LEU A 26 -11.36 7.34 -0.54
N GLN A 27 -11.40 8.24 0.45
CA GLN A 27 -11.56 7.85 1.83
C GLN A 27 -12.84 7.04 2.02
N ARG A 28 -13.93 7.51 1.43
CA ARG A 28 -15.22 6.83 1.53
C ARG A 28 -15.15 5.43 0.93
N LEU A 29 -14.45 5.31 -0.20
CA LEU A 29 -14.30 4.02 -0.87
C LEU A 29 -13.51 3.04 -0.01
N LEU A 30 -12.54 3.57 0.73
CA LEU A 30 -11.71 2.75 1.59
C LEU A 30 -12.44 2.40 2.88
N SER A 31 -13.36 3.27 3.28
CA SER A 31 -14.14 3.06 4.50
C SER A 31 -15.23 2.03 4.27
N LEU A 32 -15.80 2.03 3.07
CA LEU A 32 -16.87 1.10 2.72
C LEU A 32 -16.29 -0.23 2.26
N HIS A 33 -15.18 -0.18 1.54
CA HIS A 33 -14.53 -1.38 1.03
C HIS A 33 -13.62 -1.99 2.10
N GLN A 34 -12.92 -1.12 2.83
CA GLN A 34 -12.01 -1.58 3.87
C GLN A 34 -11.04 -2.63 3.35
N PRO A 35 -10.30 -2.26 2.30
CA PRO A 35 -9.32 -3.16 1.67
C PRO A 35 -8.12 -3.42 2.57
N SER A 36 -7.40 -4.51 2.30
CA SER A 36 -6.22 -4.86 3.08
C SER A 36 -5.02 -4.05 2.66
N SER A 37 -4.97 -3.68 1.38
CA SER A 37 -3.87 -2.89 0.84
C SER A 37 -4.30 -2.11 -0.38
N CYS A 38 -4.27 -0.79 -0.27
CA CYS A 38 -4.67 0.09 -1.38
C CYS A 38 -3.53 1.03 -1.76
N VAL A 39 -3.15 0.99 -3.04
CA VAL A 39 -2.07 1.84 -3.54
C VAL A 39 -2.62 2.98 -4.38
N VAL A 40 -2.38 4.21 -3.95
CA VAL A 40 -2.85 5.38 -4.66
C VAL A 40 -1.75 5.97 -5.55
N PHE A 41 -2.01 6.03 -6.84
CA PHE A 41 -1.05 6.56 -7.80
C PHE A 41 -1.18 8.08 -7.92
N CYS A 42 -0.09 8.79 -7.60
CA CYS A 42 -0.09 10.24 -7.67
C CYS A 42 0.87 10.73 -8.76
N ASN A 43 0.86 12.04 -9.00
CA ASN A 43 1.72 12.62 -10.01
C ASN A 43 2.96 13.25 -9.38
N THR A 44 2.78 13.81 -8.19
CA THR A 44 3.90 14.44 -7.47
C THR A 44 3.63 14.45 -5.97
N LYS A 45 4.64 14.87 -5.21
CA LYS A 45 4.53 14.94 -3.76
C LYS A 45 3.27 15.68 -3.34
N LYS A 46 2.90 16.68 -4.12
CA LYS A 46 1.71 17.48 -3.83
C LYS A 46 0.47 16.58 -3.71
N ASP A 47 0.27 15.73 -4.70
CA ASP A 47 -0.88 14.82 -4.69
C ASP A 47 -0.80 13.86 -3.52
N CYS A 48 0.35 13.22 -3.35
CA CYS A 48 0.56 12.27 -2.26
C CYS A 48 0.39 12.95 -0.91
N GLN A 49 0.71 14.24 -0.86
CA GLN A 49 0.60 15.00 0.38
C GLN A 49 -0.86 15.23 0.74
N ALA A 50 -1.66 15.61 -0.25
CA ALA A 50 -3.08 15.86 -0.02
C ALA A 50 -3.80 14.59 0.42
N VAL A 51 -3.50 13.49 -0.25
CA VAL A 51 -4.12 12.20 0.08
C VAL A 51 -3.78 11.78 1.51
N CYS A 52 -2.49 11.72 1.80
CA CYS A 52 -2.02 11.33 3.12
C CYS A 52 -2.48 12.32 4.18
N ASP A 53 -2.66 13.58 3.77
CA ASP A 53 -3.09 14.63 4.68
C ASP A 53 -4.52 14.37 5.16
N ALA A 54 -5.42 14.10 4.22
CA ALA A 54 -6.82 13.84 4.55
C ALA A 54 -6.95 12.57 5.39
N LEU A 55 -6.29 11.51 4.95
CA LEU A 55 -6.32 10.23 5.67
C LEU A 55 -5.88 10.41 7.11
N ASN A 56 -4.71 11.00 7.31
CA ASN A 56 -4.18 11.22 8.64
C ASN A 56 -5.12 12.09 9.47
N GLU A 57 -5.91 12.93 8.78
CA GLU A 57 -6.85 13.81 9.45
C GLU A 57 -8.01 13.01 10.05
N VAL A 58 -8.43 11.96 9.34
CA VAL A 58 -9.53 11.13 9.80
C VAL A 58 -9.02 9.99 10.67
N GLY A 59 -7.70 9.81 10.70
CA GLY A 59 -7.11 8.75 11.49
C GLY A 59 -6.84 7.51 10.68
N GLN A 60 -6.76 7.66 9.37
CA GLN A 60 -6.50 6.53 8.48
C GLN A 60 -5.00 6.35 8.26
N SER A 61 -4.54 5.10 8.42
CA SER A 61 -3.13 4.80 8.24
C SER A 61 -2.74 4.82 6.76
N ALA A 62 -1.81 5.71 6.43
CA ALA A 62 -1.35 5.85 5.05
C ALA A 62 0.14 6.19 5.00
N LEU A 63 0.74 6.07 3.82
CA LEU A 63 2.15 6.36 3.64
C LEU A 63 2.43 6.82 2.21
N SER A 64 3.45 7.66 2.04
CA SER A 64 3.82 8.17 0.73
C SER A 64 5.10 7.51 0.24
N LEU A 65 5.16 7.25 -1.07
CA LEU A 65 6.34 6.61 -1.67
C LEU A 65 6.69 7.28 -3.00
N HIS A 66 7.87 7.88 -3.06
CA HIS A 66 8.33 8.55 -4.27
C HIS A 66 9.56 7.86 -4.84
N GLY A 67 9.92 8.22 -6.07
CA GLY A 67 11.09 7.62 -6.70
C GLY A 67 12.39 8.32 -6.32
N ASP A 68 12.31 9.63 -6.14
CA ASP A 68 13.48 10.42 -5.78
C ASP A 68 13.56 10.61 -4.26
N LEU A 69 12.92 9.71 -3.53
CA LEU A 69 12.91 9.78 -2.07
C LEU A 69 14.14 9.11 -1.48
N GLU A 70 14.38 9.34 -0.19
CA GLU A 70 15.54 8.77 0.48
C GLU A 70 15.41 7.25 0.57
N GLN A 71 16.53 6.56 0.39
CA GLN A 71 16.56 5.11 0.44
C GLN A 71 15.92 4.60 1.74
N ARG A 72 16.32 5.20 2.85
CA ARG A 72 15.79 4.80 4.16
C ARG A 72 14.27 4.84 4.16
N ASP A 73 13.71 5.93 3.65
CA ASP A 73 12.25 6.09 3.59
C ASP A 73 11.65 5.13 2.58
N ARG A 74 12.34 4.91 1.47
CA ARG A 74 11.86 4.01 0.43
C ARG A 74 11.59 2.62 1.01
N ASP A 75 12.53 2.10 1.79
CA ASP A 75 12.39 0.79 2.40
C ASP A 75 11.34 0.81 3.50
N GLN A 76 11.46 1.76 4.41
CA GLN A 76 10.51 1.88 5.52
C GLN A 76 9.09 1.98 5.00
N THR A 77 8.90 2.69 3.89
CA THR A 77 7.59 2.87 3.30
C THR A 77 7.11 1.58 2.65
N LEU A 78 7.95 1.03 1.77
CA LEU A 78 7.61 -0.22 1.07
C LEU A 78 7.24 -1.32 2.05
N VAL A 79 8.06 -1.47 3.09
CA VAL A 79 7.82 -2.49 4.11
C VAL A 79 6.56 -2.19 4.91
N ARG A 80 6.28 -0.90 5.09
CA ARG A 80 5.10 -0.48 5.84
C ARG A 80 3.83 -0.97 5.16
N PHE A 81 3.73 -0.76 3.85
CA PHE A 81 2.57 -1.18 3.08
C PHE A 81 2.64 -2.65 2.76
N ALA A 82 3.85 -3.13 2.43
CA ALA A 82 4.05 -4.53 2.10
C ALA A 82 3.74 -5.43 3.28
N ASN A 83 4.15 -5.01 4.47
CA ASN A 83 3.91 -5.78 5.69
C ASN A 83 2.49 -5.54 6.21
N GLY A 84 1.70 -4.80 5.45
CA GLY A 84 0.34 -4.51 5.85
C GLY A 84 0.27 -3.57 7.04
N SER A 85 1.41 -2.99 7.39
CA SER A 85 1.48 -2.07 8.53
C SER A 85 0.62 -0.84 8.28
N ALA A 86 0.26 -0.62 7.02
CA ALA A 86 -0.57 0.52 6.66
C ALA A 86 -1.84 0.07 5.95
N ARG A 87 -2.64 1.04 5.50
CA ARG A 87 -3.89 0.74 4.81
C ARG A 87 -3.87 1.29 3.38
N VAL A 88 -3.36 2.52 3.22
CA VAL A 88 -3.29 3.15 1.92
C VAL A 88 -1.89 3.69 1.66
N LEU A 89 -1.29 3.25 0.55
CA LEU A 89 0.06 3.70 0.19
C LEU A 89 0.02 4.56 -1.07
N VAL A 90 0.17 5.87 -0.89
CA VAL A 90 0.16 6.80 -2.01
C VAL A 90 1.55 6.98 -2.60
N ALA A 91 1.80 6.31 -3.72
CA ALA A 91 3.10 6.39 -4.39
C ALA A 91 2.94 6.84 -5.83
N THR A 92 4.06 7.15 -6.48
CA THR A 92 4.05 7.59 -7.86
C THR A 92 4.34 6.45 -8.81
N ASP A 93 3.85 6.56 -10.05
CA ASP A 93 4.06 5.54 -11.05
C ASP A 93 5.53 5.17 -11.16
N VAL A 94 6.40 6.16 -10.99
CA VAL A 94 7.83 5.95 -11.07
C VAL A 94 8.37 5.27 -9.81
N ALA A 95 7.71 5.53 -8.68
CA ALA A 95 8.10 4.95 -7.41
C ALA A 95 7.62 3.50 -7.29
N ALA A 96 6.39 3.26 -7.73
CA ALA A 96 5.82 1.92 -7.67
C ALA A 96 6.06 1.17 -8.97
N ARG A 97 7.11 1.56 -9.69
CA ARG A 97 7.45 0.92 -10.95
C ARG A 97 7.99 -0.49 -10.72
N GLY A 98 7.21 -1.49 -11.10
CA GLY A 98 7.64 -2.87 -10.93
C GLY A 98 8.12 -3.16 -9.51
N LEU A 99 7.56 -2.44 -8.56
CA LEU A 99 7.92 -2.62 -7.15
C LEU A 99 7.56 -4.01 -6.66
N ASP A 100 7.79 -4.26 -5.38
CA ASP A 100 7.48 -5.56 -4.79
C ASP A 100 6.00 -5.65 -4.43
N ILE A 101 5.17 -5.87 -5.45
CA ILE A 101 3.72 -5.98 -5.24
C ILE A 101 3.10 -6.91 -6.27
N LYS A 102 2.79 -8.13 -5.85
CA LYS A 102 2.18 -9.11 -6.73
C LYS A 102 0.91 -9.69 -6.10
N SER A 103 0.19 -8.86 -5.35
CA SER A 103 -1.04 -9.29 -4.70
C SER A 103 -1.78 -8.10 -4.10
N LEU A 104 -1.70 -6.96 -4.78
CA LEU A 104 -2.36 -5.74 -4.31
C LEU A 104 -3.85 -5.97 -4.14
N GLU A 105 -4.44 -5.30 -3.15
CA GLU A 105 -5.86 -5.44 -2.88
C GLU A 105 -6.68 -4.52 -3.79
N LEU A 106 -6.24 -3.27 -3.90
CA LEU A 106 -6.93 -2.29 -4.73
C LEU A 106 -5.96 -1.21 -5.21
N VAL A 107 -6.12 -0.78 -6.45
CA VAL A 107 -5.27 0.27 -7.02
C VAL A 107 -6.08 1.51 -7.36
N VAL A 108 -5.80 2.60 -6.67
CA VAL A 108 -6.51 3.85 -6.91
C VAL A 108 -5.65 4.83 -7.71
N ASN A 109 -6.21 5.37 -8.78
CA ASN A 109 -5.49 6.32 -9.64
C ASN A 109 -6.02 7.73 -9.46
N PHE A 110 -5.22 8.60 -8.86
CA PHE A 110 -5.60 9.98 -8.63
C PHE A 110 -6.07 10.64 -9.93
N GLU A 111 -5.49 10.21 -11.05
CA GLU A 111 -5.84 10.76 -12.35
C GLU A 111 -5.37 9.84 -13.47
N LEU A 112 -6.01 9.96 -14.63
CA LEU A 112 -5.65 9.14 -15.79
C LEU A 112 -4.15 9.18 -16.04
N ALA A 113 -3.54 8.00 -16.11
CA ALA A 113 -2.10 7.90 -16.36
C ALA A 113 -1.71 8.64 -17.64
N TRP A 114 -0.42 8.63 -17.94
CA TRP A 114 0.09 9.30 -19.13
C TRP A 114 -0.31 8.54 -20.39
N ASP A 115 -0.36 7.22 -20.30
CA ASP A 115 -0.74 6.37 -21.42
C ASP A 115 -1.63 5.22 -20.98
N PRO A 116 -2.35 4.63 -21.94
CA PRO A 116 -3.25 3.50 -21.67
C PRO A 116 -2.50 2.23 -21.29
N GLU A 117 -1.22 2.18 -21.64
CA GLU A 117 -0.38 1.02 -21.33
C GLU A 117 0.01 1.00 -19.86
N VAL A 118 0.52 2.12 -19.38
CA VAL A 118 0.94 2.25 -17.98
C VAL A 118 -0.23 2.03 -17.04
N HIS A 119 -1.41 2.49 -17.45
CA HIS A 119 -2.61 2.36 -16.64
C HIS A 119 -2.94 0.88 -16.39
N VAL A 120 -3.04 0.12 -17.47
CA VAL A 120 -3.35 -1.30 -17.37
C VAL A 120 -2.15 -2.08 -16.84
N HIS A 121 -0.95 -1.59 -17.11
CA HIS A 121 0.28 -2.23 -16.66
C HIS A 121 0.43 -2.11 -15.16
N ARG A 122 -0.04 -1.01 -14.60
CA ARG A 122 0.04 -0.77 -13.16
C ARG A 122 -0.74 -1.83 -12.39
N ILE A 123 -2.02 -1.96 -12.73
CA ILE A 123 -2.88 -2.95 -12.07
C ILE A 123 -2.63 -4.35 -12.60
N GLY A 124 -2.31 -4.44 -13.89
CA GLY A 124 -2.04 -5.72 -14.50
C GLY A 124 -0.88 -6.45 -13.85
N ARG A 125 0.15 -5.70 -13.46
CA ARG A 125 1.32 -6.27 -12.83
C ARG A 125 1.09 -6.47 -11.33
N THR A 126 0.25 -5.62 -10.75
CA THR A 126 -0.05 -5.71 -9.32
C THR A 126 -0.92 -6.92 -9.02
N ALA A 127 -1.76 -7.29 -9.97
CA ALA A 127 -2.65 -8.44 -9.81
C ALA A 127 -3.40 -8.74 -11.10
N ARG A 128 -3.88 -9.97 -11.23
CA ARG A 128 -4.61 -10.39 -12.41
C ARG A 128 -5.70 -11.41 -12.05
N ALA A 129 -6.49 -11.10 -11.04
CA ALA A 129 -7.56 -11.99 -10.60
C ALA A 129 -8.85 -11.22 -10.35
N GLY A 130 -9.87 -11.93 -9.89
CA GLY A 130 -11.15 -11.29 -9.62
C GLY A 130 -11.08 -10.29 -8.48
N ASN A 131 -10.87 -10.79 -7.27
CA ASN A 131 -10.78 -9.94 -6.09
C ASN A 131 -9.78 -8.82 -6.30
N SER A 132 -8.56 -9.19 -6.68
CA SER A 132 -7.50 -8.21 -6.92
C SER A 132 -7.61 -7.62 -8.33
N GLY A 133 -6.58 -6.88 -8.73
CA GLY A 133 -6.58 -6.27 -10.05
C GLY A 133 -7.64 -5.20 -10.20
N LEU A 134 -7.96 -4.53 -9.10
CA LEU A 134 -8.96 -3.47 -9.11
C LEU A 134 -8.32 -2.11 -9.37
N ALA A 135 -8.78 -1.44 -10.41
CA ALA A 135 -8.25 -0.12 -10.76
C ALA A 135 -9.36 0.92 -10.79
N ILE A 136 -9.31 1.86 -9.84
CA ILE A 136 -10.31 2.91 -9.76
C ILE A 136 -9.71 4.27 -10.13
N SER A 137 -10.18 4.83 -11.24
CA SER A 137 -9.69 6.12 -11.70
C SER A 137 -10.64 7.25 -11.28
N PHE A 138 -10.12 8.18 -10.49
CA PHE A 138 -10.92 9.30 -10.01
C PHE A 138 -10.71 10.53 -10.90
N CYS A 139 -11.78 10.95 -11.57
CA CYS A 139 -11.71 12.10 -12.46
C CYS A 139 -13.05 12.34 -13.14
N ALA A 140 -13.39 13.61 -13.38
CA ALA A 140 -14.64 13.97 -14.02
C ALA A 140 -14.84 13.19 -15.32
N PRO A 141 -16.07 13.16 -15.82
CA PRO A 141 -16.42 12.46 -17.06
C PRO A 141 -15.83 13.14 -18.29
N GLU A 142 -15.26 14.32 -18.10
CA GLU A 142 -14.65 15.06 -19.19
C GLU A 142 -13.49 14.29 -19.81
N GLU A 143 -12.77 13.54 -18.97
CA GLU A 143 -11.64 12.76 -19.44
C GLU A 143 -12.06 11.33 -19.79
N ALA A 144 -13.37 11.15 -19.98
CA ALA A 144 -13.91 9.84 -20.33
C ALA A 144 -13.23 9.28 -21.58
N GLN A 145 -12.86 10.17 -22.49
CA GLN A 145 -12.22 9.77 -23.73
C GLN A 145 -11.02 8.86 -23.45
N ARG A 146 -10.34 9.12 -22.34
CA ARG A 146 -9.18 8.32 -21.96
C ARG A 146 -9.59 6.91 -21.58
N ALA A 147 -10.68 6.79 -20.83
CA ALA A 147 -11.19 5.50 -20.41
C ALA A 147 -11.82 4.74 -21.56
N ASN A 148 -12.42 5.48 -22.50
CA ASN A 148 -13.06 4.88 -23.66
C ASN A 148 -12.07 4.05 -24.46
N ILE A 149 -10.94 4.66 -24.81
CA ILE A 149 -9.90 3.97 -25.58
C ILE A 149 -9.17 2.95 -24.72
N ILE A 150 -8.92 3.29 -23.47
CA ILE A 150 -8.24 2.40 -22.54
C ILE A 150 -9.02 1.10 -22.35
N SER A 151 -10.34 1.23 -22.27
CA SER A 151 -11.21 0.06 -22.09
C SER A 151 -11.36 -0.71 -23.39
N ASP A 152 -11.42 0.01 -24.50
CA ASP A 152 -11.56 -0.61 -25.82
C ASP A 152 -10.42 -1.60 -26.08
N MET A 153 -9.19 -1.11 -25.92
CA MET A 153 -8.02 -1.95 -26.14
C MET A 153 -8.01 -3.14 -25.17
N LEU A 154 -8.60 -2.94 -24.00
CA LEU A 154 -8.65 -4.00 -22.98
C LEU A 154 -9.75 -4.99 -23.30
N GLN A 155 -10.63 -4.62 -24.22
CA GLN A 155 -11.75 -5.49 -24.61
C GLN A 155 -12.73 -5.65 -23.46
N ILE A 156 -12.91 -4.59 -22.68
CA ILE A 156 -13.82 -4.63 -21.55
C ILE A 156 -14.61 -3.34 -21.44
N LYS A 157 -15.74 -3.39 -20.74
CA LYS A 157 -16.59 -2.22 -20.55
C LYS A 157 -16.42 -1.64 -19.15
N LEU A 158 -16.46 -0.32 -19.06
CA LEU A 158 -16.31 0.37 -17.77
C LEU A 158 -17.66 0.51 -17.08
N ASN A 159 -17.64 0.44 -15.75
CA ASN A 159 -18.87 0.58 -14.98
C ASN A 159 -18.88 1.90 -14.20
N TRP A 160 -19.02 3.00 -14.93
CA TRP A 160 -19.05 4.32 -14.32
C TRP A 160 -20.04 4.37 -13.17
N GLN A 161 -19.55 4.70 -11.98
CA GLN A 161 -20.40 4.78 -10.79
C GLN A 161 -20.89 6.21 -10.56
N THR A 162 -21.67 6.40 -9.51
CA THR A 162 -22.20 7.71 -9.17
C THR A 162 -21.16 8.58 -8.48
N PRO A 163 -21.29 9.90 -8.64
CA PRO A 163 -20.36 10.86 -8.03
C PRO A 163 -20.50 10.91 -6.51
N PRO A 164 -19.52 11.57 -5.86
CA PRO A 164 -19.51 11.71 -4.40
C PRO A 164 -20.61 12.65 -3.90
N ALA A 165 -21.46 12.14 -3.03
CA ALA A 165 -22.55 12.93 -2.47
C ALA A 165 -22.68 12.71 -0.96
N ASN A 166 -22.68 11.45 -0.55
CA ASN A 166 -22.80 11.11 0.86
C ASN A 166 -21.52 11.48 1.62
N SER A 167 -21.46 11.11 2.90
CA SER A 167 -20.31 11.41 3.73
C SER A 167 -19.98 10.23 4.64
N SER A 168 -19.46 9.16 4.05
CA SER A 168 -19.11 7.96 4.80
C SER A 168 -17.61 7.90 5.05
N ILE A 169 -17.14 8.72 5.99
CA ILE A 169 -15.71 8.77 6.32
C ILE A 169 -15.42 7.94 7.57
N ALA A 170 -14.58 6.92 7.43
CA ALA A 170 -14.22 6.07 8.54
C ALA A 170 -12.71 6.02 8.73
N THR A 171 -12.25 5.23 9.70
CA THR A 171 -10.84 5.10 9.99
C THR A 171 -10.37 3.66 9.83
N LEU A 172 -9.25 3.47 9.15
CA LEU A 172 -8.70 2.13 8.93
C LEU A 172 -7.50 1.88 9.83
N GLU A 173 -7.60 0.89 10.70
CA GLU A 173 -6.52 0.55 11.62
C GLU A 173 -5.62 -0.53 11.02
N ALA A 174 -4.32 -0.38 11.24
CA ALA A 174 -3.34 -1.33 10.72
C ALA A 174 -3.44 -2.66 11.45
N GLU A 175 -3.18 -3.75 10.73
CA GLU A 175 -3.24 -5.08 11.31
C GLU A 175 -1.85 -5.55 11.76
N MET A 176 -0.83 -4.95 11.17
CA MET A 176 0.55 -5.30 11.51
C MET A 176 1.41 -4.05 11.66
N ALA A 177 2.69 -4.25 11.94
CA ALA A 177 3.62 -3.13 12.12
C ALA A 177 5.06 -3.56 11.85
N THR A 178 5.76 -2.79 11.03
CA THR A 178 7.14 -3.10 10.68
C THR A 178 8.11 -2.48 11.70
N LEU A 179 9.28 -3.10 11.84
CA LEU A 179 10.28 -2.61 12.77
C LEU A 179 11.62 -2.39 12.06
N CYS A 180 12.03 -1.13 11.95
CA CYS A 180 13.28 -0.78 11.30
C CYS A 180 14.45 -0.99 12.25
N ILE A 181 15.21 -2.06 12.03
CA ILE A 181 16.37 -2.37 12.86
C ILE A 181 17.65 -1.84 12.24
N ASP A 182 18.59 -1.42 13.09
CA ASP A 182 19.86 -0.90 12.62
C ASP A 182 20.91 -2.00 12.53
N GLY A 183 20.44 -3.23 12.29
CA GLY A 183 21.36 -4.36 12.19
C GLY A 183 21.96 -4.49 10.81
N GLY A 184 21.11 -4.62 9.80
CA GLY A 184 21.59 -4.75 8.44
C GLY A 184 22.52 -5.93 8.26
N LYS A 185 23.05 -6.09 7.05
CA LYS A 185 23.96 -7.20 6.76
C LYS A 185 25.14 -7.19 7.72
N LYS A 186 25.55 -6.01 8.15
CA LYS A 186 26.68 -5.87 9.07
C LYS A 186 26.40 -6.61 10.38
N ALA A 187 25.13 -6.66 10.76
CA ALA A 187 24.73 -7.35 11.99
C ALA A 187 24.55 -8.85 11.75
N LYS A 188 24.88 -9.29 10.53
CA LYS A 188 24.77 -10.70 10.18
C LYS A 188 23.29 -11.12 10.09
N MET A 189 22.49 -10.29 9.44
CA MET A 189 21.07 -10.57 9.28
C MET A 189 20.83 -11.45 8.05
N ARG A 190 20.40 -12.69 8.29
CA ARG A 190 20.14 -13.62 7.20
C ARG A 190 18.64 -13.75 6.96
N PRO A 191 18.27 -14.29 5.78
CA PRO A 191 16.88 -14.48 5.40
C PRO A 191 16.19 -15.57 6.21
N GLY A 192 15.88 -15.26 7.47
CA GLY A 192 15.23 -16.22 8.34
C GLY A 192 15.75 -16.17 9.76
N ASP A 193 16.98 -15.71 9.92
CA ASP A 193 17.60 -15.60 11.23
C ASP A 193 16.89 -14.57 12.09
N VAL A 194 16.48 -13.46 11.46
CA VAL A 194 15.79 -12.40 12.17
C VAL A 194 14.57 -12.93 12.92
N LEU A 195 13.96 -13.98 12.38
CA LEU A 195 12.78 -14.58 13.00
C LEU A 195 13.11 -15.06 14.42
N GLY A 196 14.31 -15.59 14.60
CA GLY A 196 14.72 -16.07 15.91
C GLY A 196 14.86 -14.95 16.92
N ALA A 197 15.25 -13.78 16.45
CA ALA A 197 15.42 -12.63 17.31
C ALA A 197 14.10 -12.20 17.94
N LEU A 198 13.03 -12.30 17.16
CA LEU A 198 11.70 -11.92 17.64
C LEU A 198 11.02 -13.10 18.31
N THR A 199 11.21 -14.30 17.76
CA THR A 199 10.61 -15.51 18.31
C THR A 199 11.53 -16.15 19.33
N GLY A 200 12.50 -15.40 19.82
CA GLY A 200 13.44 -15.92 20.80
C GLY A 200 13.78 -14.90 21.88
N ASP A 201 14.23 -13.73 21.45
CA ASP A 201 14.58 -12.67 22.39
C ASP A 201 13.35 -11.93 22.88
N ILE A 202 12.41 -11.68 21.97
CA ILE A 202 11.17 -10.99 22.32
C ILE A 202 10.11 -11.97 22.81
N GLY A 203 9.99 -13.10 22.12
CA GLY A 203 9.01 -14.10 22.51
C GLY A 203 7.74 -14.02 21.68
N LEU A 204 7.90 -13.73 20.40
CA LEU A 204 6.76 -13.63 19.49
C LEU A 204 6.55 -14.94 18.72
N ASP A 205 5.33 -15.13 18.23
CA ASP A 205 5.00 -16.34 17.47
C ASP A 205 4.97 -16.05 15.97
N GLY A 206 5.27 -17.06 15.17
CA GLY A 206 5.28 -16.90 13.74
C GLY A 206 3.98 -16.29 13.22
N ALA A 207 2.88 -16.61 13.88
CA ALA A 207 1.58 -16.09 13.49
C ALA A 207 1.57 -14.56 13.49
N ASP A 208 2.37 -13.97 14.37
CA ASP A 208 2.44 -12.52 14.47
C ASP A 208 3.59 -11.98 13.61
N ILE A 209 4.59 -12.82 13.37
CA ILE A 209 5.74 -12.43 12.57
C ILE A 209 5.39 -12.38 11.09
N GLY A 210 5.51 -11.20 10.50
CA GLY A 210 5.21 -11.04 9.09
C GLY A 210 6.45 -11.06 8.22
N LYS A 211 6.35 -10.45 7.04
CA LYS A 211 7.47 -10.40 6.11
C LYS A 211 8.63 -9.62 6.70
N ILE A 212 9.82 -9.82 6.15
CA ILE A 212 11.02 -9.13 6.63
C ILE A 212 11.89 -8.68 5.46
N ALA A 213 12.24 -7.39 5.46
CA ALA A 213 13.08 -6.82 4.41
C ALA A 213 14.48 -6.53 4.92
N VAL A 214 15.43 -7.40 4.58
CA VAL A 214 16.81 -7.23 4.99
C VAL A 214 17.59 -6.40 3.99
N HIS A 215 18.53 -5.60 4.50
CA HIS A 215 19.35 -4.75 3.64
C HIS A 215 20.77 -4.64 4.18
N PRO A 216 21.71 -4.26 3.31
CA PRO A 216 23.12 -4.11 3.68
C PRO A 216 23.36 -2.92 4.60
N ALA A 217 22.29 -2.17 4.88
CA ALA A 217 22.38 -1.01 5.75
C ALA A 217 21.48 -1.16 6.97
N HIS A 218 20.27 -1.67 6.74
CA HIS A 218 19.31 -1.87 7.83
C HIS A 218 18.36 -3.02 7.50
N VAL A 219 17.53 -3.40 8.48
CA VAL A 219 16.58 -4.47 8.29
C VAL A 219 15.19 -4.06 8.77
N TYR A 220 14.16 -4.71 8.23
CA TYR A 220 12.78 -4.41 8.60
C TYR A 220 12.00 -5.70 8.85
N VAL A 221 11.52 -5.86 10.08
CA VAL A 221 10.75 -7.04 10.45
C VAL A 221 9.32 -6.67 10.82
N ALA A 222 8.35 -7.34 10.21
CA ALA A 222 6.95 -7.09 10.48
C ALA A 222 6.47 -7.87 11.71
N VAL A 223 5.48 -7.33 12.40
CA VAL A 223 4.94 -7.97 13.59
C VAL A 223 3.49 -7.54 13.84
N ARG A 224 2.67 -8.48 14.29
CA ARG A 224 1.27 -8.20 14.56
C ARG A 224 1.13 -7.21 15.72
N GLN A 225 0.12 -6.34 15.63
CA GLN A 225 -0.13 -5.35 16.65
C GLN A 225 -0.15 -5.98 18.04
N ALA A 226 -0.54 -7.26 18.10
CA ALA A 226 -0.60 -7.98 19.35
C ALA A 226 0.74 -7.96 20.07
N VAL A 227 1.82 -7.98 19.29
CA VAL A 227 3.17 -7.96 19.85
C VAL A 227 4.02 -6.87 19.21
N ALA A 228 3.36 -5.93 18.55
CA ALA A 228 4.05 -4.82 17.89
C ALA A 228 4.65 -3.87 18.92
N HIS A 229 3.81 -3.35 19.80
CA HIS A 229 4.24 -2.42 20.83
C HIS A 229 5.24 -3.09 21.78
N LYS A 230 5.06 -4.39 22.00
CA LYS A 230 5.94 -5.15 22.88
C LYS A 230 7.28 -5.43 22.20
N ALA A 231 7.22 -5.79 20.91
CA ALA A 231 8.42 -6.08 20.15
C ALA A 231 9.36 -4.89 20.13
N TRP A 232 8.80 -3.71 19.84
CA TRP A 232 9.60 -2.49 19.79
C TRP A 232 10.05 -2.06 21.17
N LYS A 233 9.11 -1.98 22.10
CA LYS A 233 9.41 -1.60 23.48
C LYS A 233 10.46 -2.52 24.08
N GLN A 234 10.38 -3.80 23.76
CA GLN A 234 11.34 -4.78 24.27
C GLN A 234 12.66 -4.69 23.52
N LEU A 235 12.58 -4.71 22.19
CA LEU A 235 13.78 -4.64 21.36
C LEU A 235 14.62 -3.42 21.71
N GLN A 236 13.95 -2.38 22.21
CA GLN A 236 14.64 -1.15 22.58
C GLN A 236 15.70 -1.41 23.63
N GLY A 237 15.44 -2.37 24.52
CA GLY A 237 16.39 -2.72 25.55
C GLY A 237 16.95 -4.12 25.40
N GLY A 238 16.85 -4.66 24.18
CA GLY A 238 17.36 -6.00 23.93
C GLY A 238 18.45 -6.01 22.88
N LYS A 239 18.52 -7.11 22.12
CA LYS A 239 19.52 -7.25 21.07
C LYS A 239 19.21 -8.44 20.18
N ILE A 240 19.78 -8.45 18.98
CA ILE A 240 19.57 -9.54 18.04
C ILE A 240 20.87 -10.30 17.76
N LYS A 241 20.88 -11.58 18.10
CA LYS A 241 22.06 -12.41 17.89
C LYS A 241 23.25 -11.91 18.70
N GLY A 242 22.96 -11.38 19.89
CA GLY A 242 24.01 -10.87 20.74
C GLY A 242 24.57 -9.55 20.25
N LYS A 243 23.77 -8.83 19.46
CA LYS A 243 24.19 -7.54 18.92
C LYS A 243 23.15 -6.46 19.21
N THR A 244 23.56 -5.43 19.94
CA THR A 244 22.66 -4.34 20.28
C THR A 244 22.32 -3.51 19.05
N CYS A 245 21.03 -3.45 18.72
CA CYS A 245 20.57 -2.70 17.57
C CYS A 245 19.42 -1.76 17.95
N ARG A 246 19.10 -0.83 17.06
CA ARG A 246 18.02 0.13 17.31
C ARG A 246 16.78 -0.24 16.51
N VAL A 247 15.70 -0.56 17.22
CA VAL A 247 14.44 -0.94 16.57
C VAL A 247 13.39 0.16 16.75
N ARG A 248 12.60 0.38 15.71
CA ARG A 248 11.56 1.40 15.75
C ARG A 248 10.33 0.95 14.95
N LEU A 249 9.21 0.78 15.64
CA LEU A 249 7.97 0.34 15.00
C LEU A 249 7.43 1.44 14.09
N LEU A 250 7.04 1.07 12.88
CA LEU A 250 6.50 2.01 11.91
C LEU A 250 5.03 2.32 12.21
N LYS A 251 4.80 3.50 12.78
CA LYS A 251 3.44 3.92 13.11
C LYS A 251 2.51 3.78 11.92
N GLY A 1 -28.98 -14.19 -28.76
CA GLY A 1 -28.86 -15.63 -28.94
C GLY A 1 -28.10 -16.29 -27.80
N GLY A 2 -28.46 -15.94 -26.57
CA GLY A 2 -27.80 -16.51 -25.41
C GLY A 2 -26.44 -15.90 -25.15
N SER A 3 -26.37 -14.99 -24.19
CA SER A 3 -25.12 -14.32 -23.85
C SER A 3 -24.68 -14.67 -22.43
N THR A 4 -23.39 -14.93 -22.26
CA THR A 4 -22.85 -15.28 -20.96
C THR A 4 -21.67 -14.38 -20.60
N ASP A 5 -21.48 -14.15 -19.30
CA ASP A 5 -20.38 -13.32 -18.82
C ASP A 5 -19.03 -13.95 -19.18
N ALA A 6 -18.33 -13.33 -20.12
CA ALA A 6 -17.02 -13.82 -20.54
C ALA A 6 -15.97 -12.73 -20.46
N LEU A 7 -16.09 -11.86 -19.47
CA LEU A 7 -15.15 -10.76 -19.28
C LEU A 7 -13.91 -11.22 -18.53
N PRO A 8 -12.81 -10.47 -18.67
CA PRO A 8 -11.56 -10.78 -18.00
C PRO A 8 -11.62 -10.58 -16.49
N PRO A 9 -10.60 -11.09 -15.78
CA PRO A 9 -10.53 -10.97 -14.32
C PRO A 9 -10.26 -9.53 -13.87
N ILE A 10 -9.25 -8.91 -14.47
CA ILE A 10 -8.89 -7.53 -14.14
C ILE A 10 -10.08 -6.60 -14.30
N GLU A 11 -10.52 -6.00 -13.20
CA GLU A 11 -11.65 -5.08 -13.21
C GLU A 11 -11.17 -3.63 -13.15
N GLN A 12 -12.02 -2.72 -13.61
CA GLN A 12 -11.68 -1.31 -13.61
C GLN A 12 -12.94 -0.45 -13.53
N GLN A 13 -12.82 0.70 -12.86
CA GLN A 13 -13.96 1.61 -12.71
C GLN A 13 -13.50 3.06 -12.74
N PHE A 14 -14.45 3.98 -12.90
CA PHE A 14 -14.14 5.40 -12.95
C PHE A 14 -15.16 6.21 -12.15
N TYR A 15 -14.67 7.17 -11.39
CA TYR A 15 -15.54 8.02 -10.56
C TYR A 15 -15.40 9.48 -10.96
N GLU A 16 -16.49 10.23 -10.84
CA GLU A 16 -16.49 11.64 -11.18
C GLU A 16 -16.22 12.50 -9.95
N THR A 17 -15.06 13.13 -9.92
CA THR A 17 -14.68 13.99 -8.80
C THR A 17 -13.59 14.97 -9.19
N SER A 18 -13.35 15.96 -8.33
CA SER A 18 -12.33 16.97 -8.60
C SER A 18 -11.03 16.63 -7.88
N SER A 19 -10.04 17.51 -8.02
CA SER A 19 -8.75 17.29 -7.38
C SER A 19 -8.88 17.23 -5.86
N LYS A 20 -9.88 17.92 -5.34
CA LYS A 20 -10.13 17.93 -3.90
C LYS A 20 -11.18 16.91 -3.52
N GLY A 21 -12.11 16.64 -4.44
CA GLY A 21 -13.16 15.68 -4.18
C GLY A 21 -12.63 14.25 -4.07
N LYS A 22 -11.43 14.03 -4.61
CA LYS A 22 -10.82 12.72 -4.57
C LYS A 22 -10.45 12.33 -3.14
N ILE A 23 -10.12 13.31 -2.33
CA ILE A 23 -9.76 13.08 -0.94
C ILE A 23 -10.86 12.34 -0.20
N PRO A 24 -12.05 12.95 -0.15
CA PRO A 24 -13.22 12.37 0.53
C PRO A 24 -13.76 11.14 -0.21
N LEU A 25 -13.72 11.20 -1.54
CA LEU A 25 -14.20 10.09 -2.36
C LEU A 25 -13.38 8.83 -2.13
N LEU A 26 -12.06 8.97 -2.26
CA LEU A 26 -11.15 7.84 -2.07
C LEU A 26 -11.31 7.25 -0.68
N GLN A 27 -11.23 8.09 0.34
CA GLN A 27 -11.37 7.66 1.72
C GLN A 27 -12.67 6.88 1.92
N ARG A 28 -13.76 7.45 1.42
CA ARG A 28 -15.07 6.82 1.55
C ARG A 28 -15.08 5.44 0.91
N LEU A 29 -14.40 5.32 -0.23
CA LEU A 29 -14.32 4.06 -0.96
C LEU A 29 -13.51 3.04 -0.17
N LEU A 30 -12.52 3.51 0.57
CA LEU A 30 -11.67 2.64 1.37
C LEU A 30 -12.40 2.19 2.64
N SER A 31 -13.32 3.03 3.12
CA SER A 31 -14.07 2.70 4.32
C SER A 31 -15.18 1.70 4.02
N LEU A 32 -15.90 1.94 2.93
CA LEU A 32 -16.98 1.06 2.51
C LEU A 32 -16.44 -0.27 1.98
N HIS A 33 -15.33 -0.20 1.26
CA HIS A 33 -14.70 -1.39 0.70
C HIS A 33 -13.82 -2.09 1.73
N GLN A 34 -13.07 -1.29 2.49
CA GLN A 34 -12.18 -1.82 3.51
C GLN A 34 -11.29 -2.93 2.94
N PRO A 35 -10.50 -2.58 1.91
CA PRO A 35 -9.59 -3.53 1.25
C PRO A 35 -8.43 -3.94 2.15
N SER A 36 -7.77 -5.04 1.81
CA SER A 36 -6.64 -5.54 2.58
C SER A 36 -5.36 -4.79 2.22
N SER A 37 -5.28 -4.35 0.97
CA SER A 37 -4.10 -3.63 0.50
C SER A 37 -4.41 -2.91 -0.82
N CYS A 38 -4.36 -1.58 -0.78
CA CYS A 38 -4.63 -0.76 -1.96
C CYS A 38 -3.50 0.23 -2.22
N VAL A 39 -3.15 0.41 -3.48
CA VAL A 39 -2.09 1.33 -3.85
C VAL A 39 -2.63 2.52 -4.65
N VAL A 40 -2.42 3.72 -4.13
CA VAL A 40 -2.89 4.94 -4.80
C VAL A 40 -1.78 5.56 -5.65
N PHE A 41 -2.08 5.78 -6.92
CA PHE A 41 -1.12 6.39 -7.83
C PHE A 41 -1.23 7.90 -7.84
N CYS A 42 -0.13 8.58 -7.56
CA CYS A 42 -0.11 10.04 -7.54
C CYS A 42 0.77 10.59 -8.65
N ASN A 43 0.45 11.79 -9.11
CA ASN A 43 1.21 12.44 -10.17
C ASN A 43 2.40 13.21 -9.62
N THR A 44 2.18 13.88 -8.49
CA THR A 44 3.24 14.66 -7.85
C THR A 44 3.09 14.64 -6.33
N LYS A 45 4.09 15.17 -5.64
CA LYS A 45 4.07 15.20 -4.18
C LYS A 45 2.80 15.87 -3.66
N LYS A 46 2.28 16.82 -4.44
CA LYS A 46 1.06 17.54 -4.06
C LYS A 46 -0.07 16.56 -3.79
N ASP A 47 -0.32 15.66 -4.73
CA ASP A 47 -1.38 14.67 -4.58
C ASP A 47 -1.03 13.66 -3.49
N CYS A 48 0.20 13.16 -3.54
CA CYS A 48 0.66 12.18 -2.56
C CYS A 48 0.48 12.69 -1.14
N GLN A 49 0.93 13.92 -0.91
CA GLN A 49 0.82 14.54 0.42
C GLN A 49 -0.64 14.75 0.80
N ALA A 50 -1.42 15.29 -0.14
CA ALA A 50 -2.84 15.54 0.11
C ALA A 50 -3.55 14.27 0.56
N VAL A 51 -3.31 13.16 -0.14
CA VAL A 51 -3.93 11.89 0.19
C VAL A 51 -3.49 11.42 1.56
N CYS A 52 -2.18 11.33 1.76
CA CYS A 52 -1.62 10.89 3.04
C CYS A 52 -2.12 11.77 4.19
N ASP A 53 -2.27 13.06 3.90
CA ASP A 53 -2.72 14.02 4.91
C ASP A 53 -4.16 13.71 5.32
N ALA A 54 -5.04 13.59 4.34
CA ALA A 54 -6.45 13.30 4.60
C ALA A 54 -6.60 12.05 5.46
N LEU A 55 -5.97 10.97 5.03
CA LEU A 55 -6.03 9.71 5.76
C LEU A 55 -5.53 9.88 7.18
N ASN A 56 -4.31 10.39 7.32
CA ASN A 56 -3.71 10.61 8.63
C ASN A 56 -4.61 11.49 9.50
N GLU A 57 -5.38 12.35 8.86
CA GLU A 57 -6.28 13.24 9.57
C GLU A 57 -7.37 12.46 10.29
N VAL A 58 -7.83 11.38 9.66
CA VAL A 58 -8.88 10.54 10.24
C VAL A 58 -8.28 9.34 10.97
N GLY A 59 -6.98 9.16 10.82
CA GLY A 59 -6.30 8.05 11.48
C GLY A 59 -6.09 6.87 10.55
N GLN A 60 -6.22 7.11 9.25
CA GLN A 60 -6.05 6.05 8.26
C GLN A 60 -4.57 5.85 7.93
N SER A 61 -4.10 4.62 8.05
CA SER A 61 -2.71 4.30 7.77
C SER A 61 -2.46 4.27 6.26
N ALA A 62 -1.55 5.12 5.80
CA ALA A 62 -1.21 5.19 4.39
C ALA A 62 0.30 5.23 4.18
N LEU A 63 0.74 4.95 2.96
CA LEU A 63 2.16 4.95 2.64
C LEU A 63 2.49 6.09 1.68
N SER A 64 3.78 6.38 1.54
CA SER A 64 4.24 7.45 0.66
C SER A 64 5.48 7.03 -0.11
N LEU A 65 5.39 7.06 -1.44
CA LEU A 65 6.51 6.67 -2.29
C LEU A 65 6.67 7.66 -3.45
N HIS A 66 7.79 8.34 -3.49
CA HIS A 66 8.08 9.31 -4.54
C HIS A 66 9.40 9.00 -5.24
N GLY A 67 9.53 9.45 -6.48
CA GLY A 67 10.75 9.20 -7.23
C GLY A 67 11.96 9.87 -6.61
N ASP A 68 11.74 11.00 -5.95
CA ASP A 68 12.82 11.73 -5.30
C ASP A 68 12.77 11.53 -3.79
N LEU A 69 12.16 10.45 -3.35
CA LEU A 69 12.04 10.15 -1.92
C LEU A 69 13.33 9.55 -1.39
N GLU A 70 13.56 9.73 -0.08
CA GLU A 70 14.77 9.21 0.56
C GLU A 70 14.74 7.68 0.60
N GLN A 71 15.90 7.07 0.41
CA GLN A 71 16.02 5.61 0.42
C GLN A 71 15.40 5.04 1.70
N ARG A 72 15.74 5.63 2.84
CA ARG A 72 15.22 5.18 4.12
C ARG A 72 13.70 5.12 4.11
N ASP A 73 13.08 6.17 3.57
CA ASP A 73 11.62 6.23 3.50
C ASP A 73 11.09 5.22 2.50
N ARG A 74 11.81 5.02 1.40
CA ARG A 74 11.39 4.08 0.38
C ARG A 74 11.31 2.67 0.94
N ASP A 75 12.34 2.26 1.68
CA ASP A 75 12.39 0.94 2.27
C ASP A 75 11.36 0.81 3.40
N GLN A 76 11.33 1.80 4.28
CA GLN A 76 10.41 1.80 5.40
C GLN A 76 8.96 1.82 4.91
N THR A 77 8.74 2.45 3.76
CA THR A 77 7.41 2.54 3.18
C THR A 77 6.98 1.21 2.58
N LEU A 78 7.81 0.67 1.70
CA LEU A 78 7.52 -0.60 1.05
C LEU A 78 7.25 -1.70 2.08
N VAL A 79 8.08 -1.72 3.13
CA VAL A 79 7.93 -2.71 4.19
C VAL A 79 6.66 -2.47 5.00
N ARG A 80 6.33 -1.21 5.23
CA ARG A 80 5.14 -0.84 5.98
C ARG A 80 3.90 -1.43 5.34
N PHE A 81 3.79 -1.28 4.03
CA PHE A 81 2.64 -1.79 3.29
C PHE A 81 2.79 -3.28 3.01
N ALA A 82 3.98 -3.67 2.55
CA ALA A 82 4.26 -5.07 2.24
C ALA A 82 4.03 -5.96 3.46
N ASN A 83 4.41 -5.47 4.64
CA ASN A 83 4.25 -6.22 5.88
C ASN A 83 2.80 -6.17 6.35
N GLY A 84 1.97 -5.40 5.64
CA GLY A 84 0.57 -5.29 6.00
C GLY A 84 0.35 -4.35 7.17
N SER A 85 1.31 -3.46 7.41
CA SER A 85 1.21 -2.51 8.51
C SER A 85 0.37 -1.30 8.12
N ALA A 86 -0.22 -1.36 6.93
CA ALA A 86 -1.05 -0.28 6.43
C ALA A 86 -2.16 -0.80 5.51
N ARG A 87 -2.93 0.12 4.94
CA ARG A 87 -4.02 -0.26 4.06
C ARG A 87 -3.85 0.39 2.68
N VAL A 88 -3.67 1.70 2.67
CA VAL A 88 -3.49 2.45 1.43
C VAL A 88 -2.06 2.92 1.27
N LEU A 89 -1.52 2.75 0.06
CA LEU A 89 -0.14 3.15 -0.22
C LEU A 89 -0.10 4.14 -1.38
N VAL A 90 0.13 5.41 -1.07
CA VAL A 90 0.19 6.45 -2.09
C VAL A 90 1.60 6.55 -2.68
N ALA A 91 1.78 5.95 -3.85
CA ALA A 91 3.08 5.98 -4.54
C ALA A 91 2.93 6.46 -5.98
N THR A 92 4.06 6.78 -6.60
CA THR A 92 4.06 7.26 -7.98
C THR A 92 4.42 6.13 -8.95
N ASP A 93 4.28 6.40 -10.24
CA ASP A 93 4.59 5.42 -11.27
C ASP A 93 6.04 4.94 -11.13
N VAL A 94 6.93 5.87 -10.87
CA VAL A 94 8.36 5.55 -10.73
C VAL A 94 8.64 4.94 -9.36
N ALA A 95 7.90 5.38 -8.35
CA ALA A 95 8.07 4.88 -6.99
C ALA A 95 7.63 3.43 -6.89
N ALA A 96 6.47 3.13 -7.47
CA ALA A 96 5.93 1.77 -7.44
C ALA A 96 6.21 1.05 -8.76
N ARG A 97 7.25 1.47 -9.45
CA ARG A 97 7.63 0.86 -10.72
C ARG A 97 8.29 -0.50 -10.49
N GLY A 98 7.59 -1.56 -10.91
CA GLY A 98 8.13 -2.91 -10.74
C GLY A 98 8.51 -3.20 -9.30
N LEU A 99 7.83 -2.55 -8.37
CA LEU A 99 8.11 -2.76 -6.95
C LEU A 99 7.75 -4.17 -6.52
N ASP A 100 7.83 -4.43 -5.22
CA ASP A 100 7.51 -5.74 -4.67
C ASP A 100 6.01 -5.86 -4.41
N ILE A 101 5.23 -6.06 -5.47
CA ILE A 101 3.79 -6.20 -5.36
C ILE A 101 3.22 -7.05 -6.48
N LYS A 102 2.83 -8.27 -6.15
CA LYS A 102 2.26 -9.19 -7.13
C LYS A 102 1.00 -9.85 -6.60
N SER A 103 0.23 -9.10 -5.81
CA SER A 103 -1.00 -9.63 -5.23
C SER A 103 -1.82 -8.49 -4.61
N LEU A 104 -1.74 -7.31 -5.20
CA LEU A 104 -2.47 -6.15 -4.70
C LEU A 104 -3.97 -6.45 -4.61
N GLU A 105 -4.65 -5.77 -3.71
CA GLU A 105 -6.08 -5.96 -3.52
C GLU A 105 -6.87 -4.93 -4.32
N LEU A 106 -6.34 -3.71 -4.41
CA LEU A 106 -7.00 -2.63 -5.14
C LEU A 106 -5.98 -1.59 -5.59
N VAL A 107 -6.28 -0.93 -6.70
CA VAL A 107 -5.40 0.10 -7.23
C VAL A 107 -6.17 1.37 -7.59
N VAL A 108 -5.91 2.44 -6.84
CA VAL A 108 -6.58 3.71 -7.07
C VAL A 108 -5.68 4.68 -7.84
N ASN A 109 -6.21 5.23 -8.93
CA ASN A 109 -5.46 6.17 -9.75
C ASN A 109 -6.02 7.58 -9.60
N PHE A 110 -5.26 8.44 -8.92
CA PHE A 110 -5.67 9.82 -8.72
C PHE A 110 -6.00 10.50 -10.03
N GLU A 111 -5.35 10.06 -11.11
CA GLU A 111 -5.57 10.62 -12.42
C GLU A 111 -5.06 9.68 -13.51
N LEU A 112 -5.83 9.58 -14.60
CA LEU A 112 -5.45 8.71 -15.72
C LEU A 112 -3.99 8.88 -16.08
N ALA A 113 -3.28 7.77 -16.19
CA ALA A 113 -1.86 7.79 -16.53
C ALA A 113 -1.63 8.53 -17.85
N TRP A 114 -0.37 8.57 -18.28
CA TRP A 114 -0.01 9.24 -19.53
C TRP A 114 -0.51 8.45 -20.74
N ASP A 115 -0.32 7.13 -20.69
CA ASP A 115 -0.75 6.26 -21.78
C ASP A 115 -1.72 5.20 -21.29
N PRO A 116 -2.54 4.67 -22.20
CA PRO A 116 -3.53 3.64 -21.87
C PRO A 116 -2.88 2.29 -21.54
N GLU A 117 -1.62 2.13 -21.96
CA GLU A 117 -0.90 0.89 -21.70
C GLU A 117 -0.40 0.85 -20.26
N VAL A 118 0.26 1.92 -19.84
CA VAL A 118 0.78 2.00 -18.47
C VAL A 118 -0.33 1.91 -17.45
N HIS A 119 -1.48 2.48 -17.77
CA HIS A 119 -2.63 2.46 -16.88
C HIS A 119 -3.05 1.02 -16.56
N VAL A 120 -3.29 0.24 -17.60
CA VAL A 120 -3.69 -1.15 -17.44
C VAL A 120 -2.51 -2.02 -17.04
N HIS A 121 -1.31 -1.62 -17.44
CA HIS A 121 -0.10 -2.36 -17.11
C HIS A 121 0.19 -2.29 -15.61
N ARG A 122 -0.17 -1.18 -14.99
CA ARG A 122 0.05 -1.00 -13.56
C ARG A 122 -0.78 -1.99 -12.75
N ILE A 123 -2.08 -2.05 -13.05
CA ILE A 123 -2.97 -2.96 -12.35
C ILE A 123 -2.83 -4.38 -12.88
N GLY A 124 -2.52 -4.50 -14.17
CA GLY A 124 -2.36 -5.82 -14.77
C GLY A 124 -1.19 -6.58 -14.20
N ARG A 125 -0.14 -5.87 -13.81
CA ARG A 125 1.05 -6.50 -13.24
C ARG A 125 0.88 -6.70 -11.74
N THR A 126 0.12 -5.81 -11.09
CA THR A 126 -0.11 -5.90 -9.66
C THR A 126 -0.99 -7.10 -9.32
N ALA A 127 -1.87 -7.46 -10.25
CA ALA A 127 -2.77 -8.59 -10.04
C ALA A 127 -3.54 -8.91 -11.32
N ARG A 128 -4.19 -10.08 -11.34
CA ARG A 128 -4.96 -10.51 -12.50
C ARG A 128 -5.99 -11.55 -12.10
N ALA A 129 -6.90 -11.18 -11.21
CA ALA A 129 -7.95 -12.09 -10.75
C ALA A 129 -9.25 -11.34 -10.49
N GLY A 130 -10.27 -12.08 -10.04
CA GLY A 130 -11.55 -11.46 -9.76
C GLY A 130 -11.45 -10.36 -8.72
N ASN A 131 -11.17 -10.74 -7.48
CA ASN A 131 -11.05 -9.78 -6.39
C ASN A 131 -9.97 -8.74 -6.69
N SER A 132 -8.78 -9.23 -7.02
CA SER A 132 -7.65 -8.35 -7.33
C SER A 132 -7.80 -7.74 -8.73
N GLY A 133 -6.79 -7.01 -9.15
CA GLY A 133 -6.82 -6.39 -10.47
C GLY A 133 -7.88 -5.32 -10.57
N LEU A 134 -8.15 -4.64 -9.46
CA LEU A 134 -9.15 -3.58 -9.43
C LEU A 134 -8.50 -2.21 -9.63
N ALA A 135 -8.86 -1.54 -10.71
CA ALA A 135 -8.32 -0.22 -11.02
C ALA A 135 -9.43 0.82 -11.08
N ILE A 136 -9.42 1.73 -10.11
CA ILE A 136 -10.43 2.79 -10.05
C ILE A 136 -9.78 4.16 -10.10
N SER A 137 -10.05 4.90 -11.17
CA SER A 137 -9.49 6.23 -11.35
C SER A 137 -10.51 7.31 -10.97
N PHE A 138 -10.09 8.26 -10.14
CA PHE A 138 -10.96 9.34 -9.71
C PHE A 138 -10.60 10.65 -10.41
N CYS A 139 -11.58 11.21 -11.13
CA CYS A 139 -11.36 12.46 -11.84
C CYS A 139 -12.63 12.87 -12.59
N ALA A 140 -12.64 14.10 -13.09
CA ALA A 140 -13.79 14.62 -13.82
C ALA A 140 -13.98 13.88 -15.15
N PRO A 141 -15.18 14.00 -15.73
CA PRO A 141 -15.52 13.35 -16.99
C PRO A 141 -14.78 13.95 -18.17
N GLU A 142 -14.07 15.05 -17.92
CA GLU A 142 -13.32 15.73 -18.97
C GLU A 142 -12.28 14.80 -19.58
N GLU A 143 -11.74 13.89 -18.76
CA GLU A 143 -10.74 12.95 -19.22
C GLU A 143 -11.39 11.64 -19.67
N ALA A 144 -12.69 11.69 -19.94
CA ALA A 144 -13.43 10.51 -20.38
C ALA A 144 -12.90 10.01 -21.72
N GLN A 145 -12.45 10.93 -22.56
CA GLN A 145 -11.93 10.57 -23.88
C GLN A 145 -10.84 9.50 -23.75
N ARG A 146 -10.05 9.60 -22.69
CA ARG A 146 -8.97 8.65 -22.44
C ARG A 146 -9.51 7.33 -21.91
N ALA A 147 -10.61 7.41 -21.17
CA ALA A 147 -11.23 6.21 -20.59
C ALA A 147 -11.93 5.39 -21.66
N ASN A 148 -12.49 6.08 -22.66
CA ASN A 148 -13.19 5.41 -23.74
C ASN A 148 -12.24 4.52 -24.55
N ILE A 149 -11.11 5.08 -24.97
CA ILE A 149 -10.12 4.34 -25.74
C ILE A 149 -9.46 3.26 -24.89
N ILE A 150 -9.19 3.60 -23.63
CA ILE A 150 -8.57 2.65 -22.71
C ILE A 150 -9.41 1.39 -22.55
N SER A 151 -10.72 1.56 -22.54
CA SER A 151 -11.64 0.44 -22.40
C SER A 151 -11.78 -0.33 -23.71
N ASP A 152 -11.79 0.42 -24.81
CA ASP A 152 -11.92 -0.19 -26.13
C ASP A 152 -10.79 -1.19 -26.38
N MET A 153 -9.55 -0.75 -26.18
CA MET A 153 -8.40 -1.61 -26.38
C MET A 153 -8.51 -2.87 -25.53
N LEU A 154 -9.16 -2.75 -24.38
CA LEU A 154 -9.32 -3.88 -23.47
C LEU A 154 -10.58 -4.68 -23.83
N GLN A 155 -11.43 -4.10 -24.67
CA GLN A 155 -12.65 -4.77 -25.09
C GLN A 155 -13.61 -4.95 -23.91
N ILE A 156 -13.62 -3.97 -23.01
CA ILE A 156 -14.49 -4.03 -21.84
C ILE A 156 -15.30 -2.75 -21.70
N LYS A 157 -16.34 -2.79 -20.86
CA LYS A 157 -17.19 -1.64 -20.63
C LYS A 157 -16.92 -1.02 -19.27
N LEU A 158 -16.93 0.30 -19.21
CA LEU A 158 -16.69 1.02 -17.96
C LEU A 158 -17.98 1.16 -17.15
N ASN A 159 -17.85 1.15 -15.84
CA ASN A 159 -19.00 1.27 -14.94
C ASN A 159 -18.97 2.61 -14.21
N TRP A 160 -19.11 3.69 -14.95
CA TRP A 160 -19.10 5.03 -14.37
C TRP A 160 -20.16 5.15 -13.27
N GLN A 161 -19.71 5.47 -12.05
CA GLN A 161 -20.62 5.61 -10.92
C GLN A 161 -20.27 6.86 -10.12
N THR A 162 -21.28 7.39 -9.41
CA THR A 162 -21.07 8.58 -8.60
C THR A 162 -21.18 8.25 -7.11
N PRO A 163 -20.39 8.96 -6.30
CA PRO A 163 -20.37 8.76 -4.84
C PRO A 163 -21.65 9.24 -4.17
N PRO A 164 -21.92 8.72 -2.97
CA PRO A 164 -23.12 9.09 -2.19
C PRO A 164 -23.06 10.52 -1.67
N ALA A 165 -21.94 10.88 -1.07
CA ALA A 165 -21.76 12.22 -0.53
C ALA A 165 -20.29 12.61 -0.52
N ASN A 166 -19.98 13.72 0.16
CA ASN A 166 -18.61 14.20 0.24
C ASN A 166 -18.17 14.37 1.70
N SER A 167 -18.43 13.34 2.50
CA SER A 167 -18.07 13.37 3.91
C SER A 167 -18.47 12.07 4.60
N SER A 168 -18.24 12.01 5.91
CA SER A 168 -18.57 10.83 6.69
C SER A 168 -17.76 9.63 6.23
N ILE A 169 -16.47 9.62 6.57
CA ILE A 169 -15.58 8.53 6.19
C ILE A 169 -15.11 7.75 7.41
N ALA A 170 -14.90 6.45 7.22
CA ALA A 170 -14.45 5.59 8.31
C ALA A 170 -12.93 5.59 8.42
N THR A 171 -12.41 4.82 9.38
CA THR A 171 -10.97 4.73 9.58
C THR A 171 -10.48 3.29 9.42
N LEU A 172 -9.32 3.14 8.78
CA LEU A 172 -8.74 1.83 8.56
C LEU A 172 -7.49 1.63 9.42
N GLU A 173 -7.55 0.68 10.35
CA GLU A 173 -6.42 0.40 11.23
C GLU A 173 -5.57 -0.73 10.67
N ALA A 174 -4.28 -0.69 10.96
CA ALA A 174 -3.35 -1.73 10.49
C ALA A 174 -3.44 -2.98 11.36
N GLU A 175 -3.20 -4.13 10.75
CA GLU A 175 -3.25 -5.40 11.47
C GLU A 175 -1.87 -5.82 11.95
N MET A 176 -0.84 -5.25 11.33
CA MET A 176 0.54 -5.56 11.70
C MET A 176 1.38 -4.29 11.79
N ALA A 177 2.65 -4.45 12.15
CA ALA A 177 3.56 -3.31 12.26
C ALA A 177 5.00 -3.73 11.99
N THR A 178 5.69 -2.98 11.14
CA THR A 178 7.07 -3.27 10.81
C THR A 178 8.03 -2.55 11.75
N LEU A 179 9.22 -3.12 11.92
CA LEU A 179 10.23 -2.54 12.80
C LEU A 179 11.54 -2.31 12.04
N CYS A 180 11.93 -1.05 11.90
CA CYS A 180 13.16 -0.69 11.21
C CYS A 180 14.36 -0.82 12.13
N ILE A 181 15.15 -1.87 11.93
CA ILE A 181 16.34 -2.11 12.75
C ILE A 181 17.59 -1.57 12.06
N ASP A 182 18.53 -1.09 12.86
CA ASP A 182 19.78 -0.55 12.34
C ASP A 182 20.86 -1.64 12.29
N GLY A 183 20.43 -2.88 12.15
CA GLY A 183 21.37 -3.99 12.09
C GLY A 183 21.97 -4.18 10.71
N GLY A 184 21.09 -4.38 9.72
CA GLY A 184 21.55 -4.58 8.36
C GLY A 184 22.50 -5.74 8.23
N LYS A 185 22.99 -5.98 7.02
CA LYS A 185 23.91 -7.09 6.76
C LYS A 185 25.13 -6.99 7.68
N LYS A 186 25.51 -5.77 8.03
CA LYS A 186 26.65 -5.54 8.91
C LYS A 186 26.45 -6.21 10.26
N ALA A 187 25.20 -6.23 10.72
CA ALA A 187 24.87 -6.84 12.00
C ALA A 187 24.70 -8.35 11.87
N LYS A 188 24.90 -8.85 10.65
CA LYS A 188 24.78 -10.28 10.38
C LYS A 188 23.32 -10.73 10.49
N MET A 189 22.44 -10.04 9.77
CA MET A 189 21.03 -10.36 9.78
C MET A 189 20.70 -11.40 8.71
N ARG A 190 20.38 -12.62 9.15
CA ARG A 190 20.05 -13.70 8.23
C ARG A 190 18.54 -13.77 8.00
N PRO A 191 18.15 -14.48 6.93
CA PRO A 191 16.73 -14.64 6.56
C PRO A 191 15.99 -15.52 7.55
N GLY A 192 16.72 -16.13 8.48
CA GLY A 192 16.10 -16.99 9.47
C GLY A 192 16.56 -16.67 10.88
N ASP A 193 17.53 -15.78 11.01
CA ASP A 193 18.05 -15.38 12.31
C ASP A 193 17.18 -14.29 12.93
N VAL A 194 16.81 -13.30 12.12
CA VAL A 194 15.99 -12.20 12.59
C VAL A 194 14.73 -12.71 13.28
N LEU A 195 14.24 -13.85 12.82
CA LEU A 195 13.04 -14.45 13.39
C LEU A 195 13.27 -14.89 14.83
N GLY A 196 14.48 -15.39 15.10
CA GLY A 196 14.82 -15.84 16.44
C GLY A 196 14.97 -14.68 17.41
N ALA A 197 15.37 -13.52 16.90
CA ALA A 197 15.55 -12.34 17.72
C ALA A 197 14.24 -11.91 18.38
N LEU A 198 13.15 -12.01 17.62
CA LEU A 198 11.84 -11.63 18.13
C LEU A 198 11.16 -12.81 18.82
N THR A 199 11.35 -14.01 18.26
CA THR A 199 10.76 -15.22 18.82
C THR A 199 11.67 -15.82 19.88
N GLY A 200 12.65 -15.05 20.34
CA GLY A 200 13.57 -15.53 21.34
C GLY A 200 13.90 -14.49 22.39
N ASP A 201 14.33 -13.31 21.93
CA ASP A 201 14.67 -12.22 22.83
C ASP A 201 13.42 -11.49 23.30
N ILE A 202 12.50 -11.26 22.38
CA ILE A 202 11.25 -10.57 22.71
C ILE A 202 10.21 -11.54 23.24
N GLY A 203 10.09 -12.69 22.60
CA GLY A 203 9.13 -13.69 23.03
C GLY A 203 7.88 -13.70 22.17
N LEU A 204 8.04 -13.38 20.90
CA LEU A 204 6.91 -13.35 19.96
C LEU A 204 6.71 -14.72 19.31
N ASP A 205 5.51 -14.94 18.80
CA ASP A 205 5.18 -16.20 18.13
C ASP A 205 5.22 -16.05 16.61
N GLY A 206 5.54 -17.14 15.92
CA GLY A 206 5.60 -17.10 14.47
C GLY A 206 4.34 -16.52 13.85
N ALA A 207 3.20 -16.76 14.51
CA ALA A 207 1.93 -16.27 14.02
C ALA A 207 1.90 -14.74 13.98
N ASP A 208 2.62 -14.13 14.91
CA ASP A 208 2.68 -12.67 14.99
C ASP A 208 3.80 -12.13 14.10
N ILE A 209 4.81 -12.96 13.86
CA ILE A 209 5.94 -12.56 13.04
C ILE A 209 5.56 -12.54 11.55
N GLY A 210 5.62 -11.35 10.95
CA GLY A 210 5.29 -11.22 9.54
C GLY A 210 6.50 -11.23 8.65
N LYS A 211 6.38 -10.66 7.47
CA LYS A 211 7.48 -10.61 6.51
C LYS A 211 8.67 -9.84 7.09
N ILE A 212 9.84 -10.05 6.50
CA ILE A 212 11.05 -9.37 6.96
C ILE A 212 11.91 -8.93 5.78
N ALA A 213 12.16 -7.62 5.69
CA ALA A 213 12.97 -7.07 4.62
C ALA A 213 14.36 -6.70 5.12
N VAL A 214 15.34 -7.55 4.81
CA VAL A 214 16.71 -7.30 5.24
C VAL A 214 17.49 -6.55 4.16
N HIS A 215 18.38 -5.66 4.59
CA HIS A 215 19.19 -4.89 3.66
C HIS A 215 20.61 -4.70 4.19
N PRO A 216 21.54 -4.34 3.30
CA PRO A 216 22.95 -4.13 3.65
C PRO A 216 23.15 -2.89 4.52
N ALA A 217 22.08 -2.12 4.69
CA ALA A 217 22.14 -0.90 5.49
C ALA A 217 21.27 -1.03 6.74
N HIS A 218 20.08 -1.60 6.56
CA HIS A 218 19.15 -1.77 7.68
C HIS A 218 18.25 -2.98 7.44
N VAL A 219 17.44 -3.31 8.44
CA VAL A 219 16.52 -4.44 8.35
C VAL A 219 15.12 -4.04 8.79
N TYR A 220 14.13 -4.78 8.31
CA TYR A 220 12.73 -4.51 8.66
C TYR A 220 12.00 -5.80 9.00
N VAL A 221 11.52 -5.90 10.23
CA VAL A 221 10.79 -7.08 10.69
C VAL A 221 9.36 -6.73 11.06
N ALA A 222 8.40 -7.46 10.47
CA ALA A 222 6.99 -7.23 10.74
C ALA A 222 6.55 -7.96 12.00
N VAL A 223 5.53 -7.42 12.67
CA VAL A 223 5.01 -8.02 13.89
C VAL A 223 3.56 -7.61 14.14
N ARG A 224 2.75 -8.58 14.55
CA ARG A 224 1.33 -8.32 14.82
C ARG A 224 1.18 -7.27 15.91
N GLN A 225 0.15 -6.44 15.78
CA GLN A 225 -0.13 -5.39 16.76
C GLN A 225 -0.13 -5.96 18.17
N ALA A 226 -0.52 -7.22 18.29
CA ALA A 226 -0.58 -7.89 19.58
C ALA A 226 0.77 -7.84 20.29
N VAL A 227 1.84 -7.86 19.51
CA VAL A 227 3.20 -7.82 20.06
C VAL A 227 4.03 -6.74 19.38
N ALA A 228 3.35 -5.83 18.69
CA ALA A 228 4.04 -4.74 17.99
C ALA A 228 4.63 -3.74 18.98
N HIS A 229 3.78 -3.22 19.87
CA HIS A 229 4.23 -2.25 20.86
C HIS A 229 5.24 -2.88 21.82
N LYS A 230 5.07 -4.18 22.07
CA LYS A 230 5.98 -4.90 22.97
C LYS A 230 7.30 -5.21 22.28
N ALA A 231 7.22 -5.57 21.00
CA ALA A 231 8.42 -5.88 20.24
C ALA A 231 9.38 -4.70 20.18
N TRP A 232 8.85 -3.54 19.80
CA TRP A 232 9.66 -2.33 19.72
C TRP A 232 10.20 -1.94 21.09
N LYS A 233 9.30 -1.83 22.07
CA LYS A 233 9.68 -1.45 23.42
C LYS A 233 10.71 -2.44 23.98
N GLN A 234 10.59 -3.70 23.57
CA GLN A 234 11.51 -4.73 24.04
C GLN A 234 12.86 -4.60 23.35
N LEU A 235 12.84 -4.53 22.02
CA LEU A 235 14.06 -4.41 21.24
C LEU A 235 14.76 -3.08 21.53
N GLN A 236 14.00 -2.10 22.02
CA GLN A 236 14.55 -0.80 22.34
C GLN A 236 15.70 -0.91 23.34
N GLY A 237 15.59 -1.87 24.25
CA GLY A 237 16.62 -2.07 25.25
C GLY A 237 17.34 -3.39 25.07
N GLY A 238 16.76 -4.30 24.30
CA GLY A 238 17.37 -5.59 24.06
C GLY A 238 18.41 -5.56 22.96
N LYS A 239 18.54 -6.67 22.24
CA LYS A 239 19.51 -6.76 21.16
C LYS A 239 19.27 -8.02 20.32
N ILE A 240 19.67 -7.97 19.06
CA ILE A 240 19.50 -9.10 18.16
C ILE A 240 20.83 -9.81 17.91
N LYS A 241 20.84 -11.11 18.15
CA LYS A 241 22.05 -11.91 17.96
C LYS A 241 23.19 -11.39 18.81
N GLY A 242 22.86 -10.92 20.02
CA GLY A 242 23.88 -10.41 20.92
C GLY A 242 24.45 -9.09 20.46
N LYS A 243 23.72 -8.40 19.58
CA LYS A 243 24.15 -7.11 19.05
C LYS A 243 23.06 -6.07 19.18
N THR A 244 23.32 -5.03 19.97
CA THR A 244 22.36 -3.96 20.19
C THR A 244 22.02 -3.25 18.88
N CYS A 245 20.73 -3.12 18.59
CA CYS A 245 20.28 -2.47 17.37
C CYS A 245 19.07 -1.58 17.65
N ARG A 246 19.07 -0.38 17.08
CA ARG A 246 17.98 0.56 17.26
C ARG A 246 16.74 0.13 16.47
N VAL A 247 15.67 -0.18 17.18
CA VAL A 247 14.42 -0.60 16.54
C VAL A 247 13.34 0.47 16.68
N ARG A 248 12.55 0.63 15.63
CA ARG A 248 11.48 1.63 15.63
C ARG A 248 10.25 1.10 14.87
N LEU A 249 9.15 0.93 15.58
CA LEU A 249 7.92 0.44 14.97
C LEU A 249 7.31 1.50 14.05
N LEU A 250 6.97 1.08 12.84
CA LEU A 250 6.37 1.99 11.86
C LEU A 250 4.88 2.17 12.12
N LYS A 251 4.51 3.31 12.68
CA LYS A 251 3.11 3.61 12.98
C LYS A 251 2.42 4.24 11.78
N GLY A 1 -32.76 -9.57 -24.50
CA GLY A 1 -32.31 -8.66 -23.46
C GLY A 1 -31.52 -9.37 -22.38
N GLY A 2 -30.19 -9.29 -22.48
CA GLY A 2 -29.34 -9.93 -21.50
C GLY A 2 -27.94 -10.21 -22.03
N SER A 3 -26.93 -9.67 -21.34
CA SER A 3 -25.55 -9.85 -21.75
C SER A 3 -24.92 -11.04 -21.04
N THR A 4 -24.17 -11.85 -21.80
CA THR A 4 -23.52 -13.03 -21.25
C THR A 4 -22.22 -13.33 -21.98
N ASP A 5 -21.10 -13.08 -21.31
CA ASP A 5 -19.79 -13.34 -21.89
C ASP A 5 -18.70 -13.37 -20.81
N ALA A 6 -17.83 -14.37 -20.89
CA ALA A 6 -16.75 -14.52 -19.92
C ALA A 6 -15.88 -13.27 -19.88
N LEU A 7 -15.83 -12.63 -18.72
CA LEU A 7 -15.02 -11.42 -18.55
C LEU A 7 -13.68 -11.74 -17.90
N PRO A 8 -12.68 -10.89 -18.15
CA PRO A 8 -11.33 -11.06 -17.60
C PRO A 8 -11.29 -10.82 -16.10
N PRO A 9 -10.18 -11.23 -15.46
CA PRO A 9 -9.98 -11.07 -14.02
C PRO A 9 -9.80 -9.61 -13.61
N ILE A 10 -8.90 -8.91 -14.31
CA ILE A 10 -8.63 -7.52 -14.03
C ILE A 10 -9.91 -6.68 -14.12
N GLU A 11 -10.20 -5.93 -13.06
CA GLU A 11 -11.39 -5.10 -13.01
C GLU A 11 -11.03 -3.62 -13.24
N GLN A 12 -11.84 -2.94 -14.04
CA GLN A 12 -11.60 -1.53 -14.34
C GLN A 12 -12.79 -0.68 -13.94
N GLN A 13 -12.58 0.22 -12.98
CA GLN A 13 -13.65 1.09 -12.50
C GLN A 13 -13.27 2.57 -12.69
N PHE A 14 -14.27 3.39 -12.94
CA PHE A 14 -14.05 4.83 -13.14
C PHE A 14 -15.14 5.65 -12.46
N TYR A 15 -14.72 6.63 -11.67
CA TYR A 15 -15.67 7.49 -10.96
C TYR A 15 -15.49 8.94 -11.37
N GLU A 16 -16.57 9.71 -11.31
CA GLU A 16 -16.54 11.12 -11.67
C GLU A 16 -16.40 12.00 -10.44
N THR A 17 -15.22 12.62 -10.29
CA THR A 17 -14.96 13.48 -9.16
C THR A 17 -13.90 14.52 -9.49
N SER A 18 -13.76 15.52 -8.63
CA SER A 18 -12.78 16.59 -8.84
C SER A 18 -11.51 16.33 -8.05
N SER A 19 -10.56 17.24 -8.15
CA SER A 19 -9.29 17.11 -7.45
C SER A 19 -9.50 17.06 -5.93
N LYS A 20 -10.51 17.78 -5.47
CA LYS A 20 -10.82 17.81 -4.04
C LYS A 20 -11.80 16.69 -3.67
N GLY A 21 -12.70 16.37 -4.59
CA GLY A 21 -13.67 15.32 -4.35
C GLY A 21 -13.03 13.95 -4.24
N LYS A 22 -11.78 13.85 -4.68
CA LYS A 22 -11.05 12.59 -4.63
C LYS A 22 -10.72 12.21 -3.19
N ILE A 23 -10.47 13.22 -2.36
CA ILE A 23 -10.14 12.99 -0.96
C ILE A 23 -11.23 12.21 -0.26
N PRO A 24 -12.45 12.77 -0.26
CA PRO A 24 -13.62 12.13 0.38
C PRO A 24 -14.08 10.88 -0.37
N LEU A 25 -14.00 10.92 -1.69
CA LEU A 25 -14.41 9.80 -2.53
C LEU A 25 -13.52 8.59 -2.26
N LEU A 26 -12.21 8.78 -2.36
CA LEU A 26 -11.26 7.70 -2.13
C LEU A 26 -11.42 7.11 -0.74
N GLN A 27 -11.45 7.99 0.25
CA GLN A 27 -11.60 7.56 1.64
C GLN A 27 -12.85 6.70 1.81
N ARG A 28 -13.98 7.20 1.31
CA ARG A 28 -15.24 6.48 1.41
C ARG A 28 -15.13 5.09 0.78
N LEU A 29 -14.43 5.02 -0.35
CA LEU A 29 -14.25 3.75 -1.05
C LEU A 29 -13.37 2.81 -0.25
N LEU A 30 -12.43 3.38 0.50
CA LEU A 30 -11.52 2.57 1.31
C LEU A 30 -12.21 2.08 2.58
N SER A 31 -13.20 2.85 3.04
CA SER A 31 -13.95 2.49 4.24
C SER A 31 -14.97 1.40 3.94
N LEU A 32 -15.70 1.56 2.84
CA LEU A 32 -16.71 0.58 2.44
C LEU A 32 -16.06 -0.70 1.94
N HIS A 33 -14.94 -0.56 1.22
CA HIS A 33 -14.22 -1.71 0.70
C HIS A 33 -13.28 -2.30 1.74
N GLN A 34 -12.60 -1.42 2.48
CA GLN A 34 -11.67 -1.86 3.52
C GLN A 34 -10.70 -2.91 2.98
N PRO A 35 -9.98 -2.56 1.91
CA PRO A 35 -9.02 -3.47 1.28
C PRO A 35 -7.79 -3.71 2.15
N SER A 36 -7.19 -4.89 2.01
CA SER A 36 -6.01 -5.24 2.78
C SER A 36 -4.81 -4.40 2.38
N SER A 37 -4.78 -4.00 1.11
CA SER A 37 -3.69 -3.18 0.59
C SER A 37 -4.13 -2.39 -0.64
N CYS A 38 -4.14 -1.07 -0.50
CA CYS A 38 -4.54 -0.19 -1.60
C CYS A 38 -3.43 0.79 -1.95
N VAL A 39 -3.05 0.82 -3.22
CA VAL A 39 -2.00 1.72 -3.68
C VAL A 39 -2.58 2.88 -4.49
N VAL A 40 -2.37 4.09 -3.99
CA VAL A 40 -2.88 5.29 -4.67
C VAL A 40 -1.80 5.92 -5.53
N PHE A 41 -2.07 6.04 -6.82
CA PHE A 41 -1.12 6.63 -7.76
C PHE A 41 -1.26 8.15 -7.79
N CYS A 42 -0.16 8.84 -7.51
CA CYS A 42 -0.16 10.30 -7.51
C CYS A 42 0.72 10.85 -8.63
N ASN A 43 0.44 12.09 -9.04
CA ASN A 43 1.21 12.73 -10.10
C ASN A 43 2.25 13.67 -9.52
N THR A 44 1.91 14.34 -8.42
CA THR A 44 2.82 15.27 -7.78
C THR A 44 2.71 15.19 -6.26
N LYS A 45 3.71 15.73 -5.56
CA LYS A 45 3.73 15.71 -4.11
C LYS A 45 2.47 16.34 -3.54
N LYS A 46 1.92 17.32 -4.26
CA LYS A 46 0.71 18.00 -3.82
C LYS A 46 -0.44 17.02 -3.64
N ASP A 47 -0.68 16.20 -4.67
CA ASP A 47 -1.75 15.21 -4.62
C ASP A 47 -1.48 14.17 -3.55
N CYS A 48 -0.24 13.67 -3.51
CA CYS A 48 0.15 12.66 -2.53
C CYS A 48 -0.04 13.18 -1.12
N GLN A 49 0.49 14.37 -0.86
CA GLN A 49 0.38 14.97 0.47
C GLN A 49 -1.07 15.16 0.87
N ALA A 50 -1.90 15.58 -0.09
CA ALA A 50 -3.32 15.80 0.16
C ALA A 50 -4.00 14.51 0.58
N VAL A 51 -3.72 13.43 -0.15
CA VAL A 51 -4.31 12.13 0.14
C VAL A 51 -3.96 11.67 1.56
N CYS A 52 -2.67 11.63 1.85
CA CYS A 52 -2.20 11.20 3.17
C CYS A 52 -2.66 12.18 4.24
N ASP A 53 -2.83 13.45 3.86
CA ASP A 53 -3.28 14.48 4.78
C ASP A 53 -4.71 14.20 5.26
N ALA A 54 -5.58 13.90 4.32
CA ALA A 54 -6.98 13.62 4.64
C ALA A 54 -7.12 12.35 5.45
N LEU A 55 -6.46 11.28 5.00
CA LEU A 55 -6.50 9.99 5.68
C LEU A 55 -6.04 10.14 7.13
N ASN A 56 -4.85 10.71 7.32
CA ASN A 56 -4.32 10.91 8.66
C ASN A 56 -5.23 11.78 9.50
N GLU A 57 -6.00 12.64 8.84
CA GLU A 57 -6.92 13.54 9.52
C GLU A 57 -8.05 12.75 10.19
N VAL A 58 -8.49 11.69 9.52
CA VAL A 58 -9.56 10.86 10.04
C VAL A 58 -9.00 9.68 10.85
N GLY A 59 -7.69 9.49 10.78
CA GLY A 59 -7.06 8.41 11.51
C GLY A 59 -6.81 7.19 10.63
N GLN A 60 -6.88 7.38 9.33
CA GLN A 60 -6.66 6.29 8.38
C GLN A 60 -5.18 6.04 8.16
N SER A 61 -4.76 4.78 8.31
CA SER A 61 -3.37 4.41 8.13
C SER A 61 -2.96 4.51 6.66
N ALA A 62 -1.99 5.36 6.37
CA ALA A 62 -1.51 5.55 5.01
C ALA A 62 -0.04 5.98 4.99
N LEU A 63 0.58 5.90 3.83
CA LEU A 63 1.99 6.30 3.68
C LEU A 63 2.26 6.79 2.26
N SER A 64 3.26 7.66 2.14
CA SER A 64 3.63 8.21 0.84
C SER A 64 4.94 7.61 0.35
N LEU A 65 5.02 7.36 -0.97
CA LEU A 65 6.23 6.79 -1.56
C LEU A 65 6.56 7.48 -2.87
N HIS A 66 7.72 8.13 -2.92
CA HIS A 66 8.15 8.84 -4.13
C HIS A 66 9.37 8.16 -4.74
N GLY A 67 9.68 8.50 -5.98
CA GLY A 67 10.82 7.92 -6.67
C GLY A 67 12.12 8.62 -6.33
N ASP A 68 12.04 9.92 -6.07
CA ASP A 68 13.22 10.72 -5.74
C ASP A 68 13.41 10.78 -4.22
N LEU A 69 12.85 9.81 -3.51
CA LEU A 69 12.96 9.76 -2.06
C LEU A 69 14.23 9.04 -1.63
N GLU A 70 14.58 9.15 -0.35
CA GLU A 70 15.76 8.50 0.18
C GLU A 70 15.58 6.99 0.23
N GLN A 71 16.64 6.26 -0.06
CA GLN A 71 16.60 4.81 -0.05
C GLN A 71 15.98 4.29 1.25
N ARG A 72 16.46 4.80 2.37
CA ARG A 72 15.95 4.39 3.68
C ARG A 72 14.44 4.59 3.76
N ASP A 73 13.97 5.72 3.25
CA ASP A 73 12.54 6.03 3.27
C ASP A 73 11.77 5.07 2.37
N ARG A 74 12.28 4.87 1.16
CA ARG A 74 11.63 3.97 0.22
C ARG A 74 11.47 2.57 0.80
N ASP A 75 12.45 2.15 1.59
CA ASP A 75 12.41 0.83 2.22
C ASP A 75 11.36 0.78 3.32
N GLN A 76 11.40 1.74 4.23
CA GLN A 76 10.45 1.82 5.33
C GLN A 76 9.03 1.89 4.81
N THR A 77 8.84 2.61 3.71
CA THR A 77 7.52 2.76 3.11
C THR A 77 7.05 1.45 2.47
N LEU A 78 7.94 0.84 1.69
CA LEU A 78 7.62 -0.42 1.02
C LEU A 78 7.30 -1.51 2.03
N VAL A 79 8.13 -1.61 3.07
CA VAL A 79 7.94 -2.62 4.11
C VAL A 79 6.67 -2.33 4.91
N ARG A 80 6.34 -1.06 5.06
CA ARG A 80 5.15 -0.66 5.81
C ARG A 80 3.89 -1.15 5.11
N PHE A 81 3.83 -0.94 3.80
CA PHE A 81 2.68 -1.35 3.01
C PHE A 81 2.73 -2.85 2.69
N ALA A 82 3.94 -3.34 2.46
CA ALA A 82 4.14 -4.75 2.14
C ALA A 82 3.83 -5.63 3.35
N ASN A 83 4.26 -5.18 4.52
CA ASN A 83 4.03 -5.93 5.75
C ASN A 83 2.60 -5.75 6.25
N GLY A 84 1.82 -4.97 5.51
CA GLY A 84 0.44 -4.73 5.87
C GLY A 84 0.32 -3.73 7.02
N SER A 85 1.41 -3.07 7.34
CA SER A 85 1.42 -2.09 8.43
C SER A 85 0.53 -0.91 8.10
N ALA A 86 0.13 -0.80 6.84
CA ALA A 86 -0.74 0.29 6.39
C ALA A 86 -1.92 -0.24 5.58
N ARG A 87 -2.83 0.66 5.22
CA ARG A 87 -4.00 0.28 4.44
C ARG A 87 -3.98 0.94 3.07
N VAL A 88 -3.47 2.17 3.02
CA VAL A 88 -3.39 2.91 1.77
C VAL A 88 -1.99 3.49 1.56
N LEU A 89 -1.35 3.10 0.47
CA LEU A 89 -0.01 3.59 0.15
C LEU A 89 -0.03 4.48 -1.08
N VAL A 90 0.08 5.79 -0.87
CA VAL A 90 0.08 6.75 -1.97
C VAL A 90 1.48 6.92 -2.55
N ALA A 91 1.72 6.27 -3.69
CA ALA A 91 3.02 6.36 -4.35
C ALA A 91 2.88 6.86 -5.78
N THR A 92 4.00 7.23 -6.39
CA THR A 92 4.00 7.72 -7.76
C THR A 92 4.26 6.60 -8.75
N ASP A 93 3.91 6.82 -10.00
CA ASP A 93 4.10 5.83 -11.05
C ASP A 93 5.58 5.44 -11.14
N VAL A 94 6.45 6.42 -10.99
CA VAL A 94 7.90 6.18 -11.06
C VAL A 94 8.40 5.53 -9.77
N ALA A 95 7.75 5.84 -8.67
CA ALA A 95 8.13 5.29 -7.36
C ALA A 95 7.71 3.84 -7.25
N ALA A 96 6.48 3.54 -7.67
CA ALA A 96 5.96 2.18 -7.60
C ALA A 96 6.21 1.43 -8.91
N ARG A 97 7.23 1.86 -9.64
CA ARG A 97 7.57 1.24 -10.92
C ARG A 97 8.16 -0.16 -10.70
N GLY A 98 7.40 -1.18 -11.08
CA GLY A 98 7.85 -2.54 -10.92
C GLY A 98 8.32 -2.83 -9.51
N LEU A 99 7.74 -2.15 -8.53
CA LEU A 99 8.10 -2.33 -7.14
C LEU A 99 7.76 -3.74 -6.67
N ASP A 100 7.99 -4.00 -5.38
CA ASP A 100 7.70 -5.30 -4.81
C ASP A 100 6.22 -5.44 -4.49
N ILE A 101 5.41 -5.68 -5.51
CA ILE A 101 3.97 -5.82 -5.35
C ILE A 101 3.38 -6.73 -6.43
N LYS A 102 3.08 -7.96 -6.06
CA LYS A 102 2.51 -8.93 -6.99
C LYS A 102 1.25 -9.56 -6.41
N SER A 103 0.48 -8.78 -5.67
CA SER A 103 -0.75 -9.26 -5.06
C SER A 103 -1.54 -8.12 -4.43
N LEU A 104 -1.47 -6.95 -5.05
CA LEU A 104 -2.17 -5.77 -4.55
C LEU A 104 -3.67 -6.05 -4.41
N GLU A 105 -4.29 -5.42 -3.42
CA GLU A 105 -5.72 -5.59 -3.18
C GLU A 105 -6.54 -4.66 -4.06
N LEU A 106 -6.10 -3.41 -4.17
CA LEU A 106 -6.79 -2.41 -4.98
C LEU A 106 -5.83 -1.31 -5.42
N VAL A 107 -6.04 -0.81 -6.64
CA VAL A 107 -5.20 0.25 -7.18
C VAL A 107 -6.02 1.48 -7.53
N VAL A 108 -5.79 2.57 -6.80
CA VAL A 108 -6.51 3.82 -7.03
C VAL A 108 -5.64 4.81 -7.79
N ASN A 109 -6.16 5.31 -8.91
CA ASN A 109 -5.44 6.28 -9.72
C ASN A 109 -6.01 7.69 -9.53
N PHE A 110 -5.25 8.54 -8.83
CA PHE A 110 -5.68 9.90 -8.58
C PHE A 110 -5.97 10.63 -9.88
N GLU A 111 -5.28 10.22 -10.95
CA GLU A 111 -5.47 10.85 -12.26
C GLU A 111 -5.01 9.91 -13.37
N LEU A 112 -5.79 9.84 -14.44
CA LEU A 112 -5.46 8.98 -15.57
C LEU A 112 -4.01 9.17 -15.99
N ALA A 113 -3.29 8.06 -16.15
CA ALA A 113 -1.89 8.09 -16.55
C ALA A 113 -1.71 8.82 -17.87
N TRP A 114 -0.49 8.82 -18.38
CA TRP A 114 -0.20 9.48 -19.65
C TRP A 114 -0.72 8.66 -20.83
N ASP A 115 -0.32 7.40 -20.89
CA ASP A 115 -0.75 6.52 -21.97
C ASP A 115 -1.66 5.42 -21.43
N PRO A 116 -2.47 4.84 -22.32
CA PRO A 116 -3.41 3.75 -21.95
C PRO A 116 -2.68 2.45 -21.62
N GLU A 117 -1.41 2.38 -21.98
CA GLU A 117 -0.61 1.19 -21.72
C GLU A 117 -0.19 1.13 -20.24
N VAL A 118 0.37 2.23 -19.76
CA VAL A 118 0.81 2.31 -18.37
C VAL A 118 -0.36 2.15 -17.41
N HIS A 119 -1.50 2.71 -17.78
CA HIS A 119 -2.70 2.63 -16.96
C HIS A 119 -3.02 1.18 -16.61
N VAL A 120 -3.15 0.35 -17.64
CA VAL A 120 -3.47 -1.07 -17.44
C VAL A 120 -2.24 -1.84 -16.97
N HIS A 121 -1.06 -1.36 -17.37
CA HIS A 121 0.20 -2.01 -17.00
C HIS A 121 0.43 -1.90 -15.49
N ARG A 122 -0.01 -0.78 -14.91
CA ARG A 122 0.16 -0.55 -13.48
C ARG A 122 -0.57 -1.63 -12.67
N ILE A 123 -1.85 -1.82 -12.96
CA ILE A 123 -2.66 -2.81 -12.26
C ILE A 123 -2.38 -4.22 -12.78
N GLY A 124 -2.07 -4.31 -14.07
CA GLY A 124 -1.78 -5.60 -14.68
C GLY A 124 -0.58 -6.29 -14.05
N ARG A 125 0.42 -5.49 -13.67
CA ARG A 125 1.62 -6.03 -13.05
C ARG A 125 1.42 -6.26 -11.56
N THR A 126 0.55 -5.44 -10.95
CA THR A 126 0.26 -5.56 -9.53
C THR A 126 -0.59 -6.79 -9.24
N ALA A 127 -1.42 -7.17 -10.21
CA ALA A 127 -2.28 -8.33 -10.07
C ALA A 127 -3.03 -8.63 -11.36
N ARG A 128 -3.74 -9.76 -11.38
CA ARG A 128 -4.50 -10.15 -12.56
C ARG A 128 -5.52 -11.24 -12.21
N ALA A 129 -6.20 -11.06 -11.08
CA ALA A 129 -7.21 -12.02 -10.64
C ALA A 129 -8.52 -11.32 -10.32
N GLY A 130 -9.48 -12.09 -9.81
CA GLY A 130 -10.78 -11.53 -9.47
C GLY A 130 -10.70 -10.49 -8.38
N ASN A 131 -10.42 -10.93 -7.16
CA ASN A 131 -10.32 -10.03 -6.03
C ASN A 131 -9.34 -8.89 -6.31
N SER A 132 -8.15 -9.25 -6.77
CA SER A 132 -7.12 -8.26 -7.08
C SER A 132 -7.31 -7.71 -8.50
N GLY A 133 -6.31 -6.98 -8.98
CA GLY A 133 -6.39 -6.40 -10.31
C GLY A 133 -7.47 -5.35 -10.43
N LEU A 134 -7.74 -4.64 -9.34
CA LEU A 134 -8.76 -3.61 -9.32
C LEU A 134 -8.14 -2.23 -9.57
N ALA A 135 -8.62 -1.55 -10.60
CA ALA A 135 -8.12 -0.22 -10.94
C ALA A 135 -9.25 0.81 -10.96
N ILE A 136 -9.19 1.76 -10.03
CA ILE A 136 -10.21 2.80 -9.95
C ILE A 136 -9.63 4.17 -10.28
N SER A 137 -10.09 4.73 -11.39
CA SER A 137 -9.61 6.04 -11.84
C SER A 137 -10.58 7.14 -11.41
N PHE A 138 -10.08 8.08 -10.62
CA PHE A 138 -10.89 9.19 -10.14
C PHE A 138 -10.65 10.44 -10.98
N CYS A 139 -11.71 10.90 -11.65
CA CYS A 139 -11.62 12.09 -12.50
C CYS A 139 -12.96 12.37 -13.16
N ALA A 140 -13.25 13.66 -13.36
CA ALA A 140 -14.50 14.07 -14.00
C ALA A 140 -14.71 13.33 -15.33
N PRO A 141 -15.96 13.36 -15.81
CA PRO A 141 -16.32 12.70 -17.08
C PRO A 141 -15.72 13.40 -18.28
N GLU A 142 -15.13 14.57 -18.06
CA GLU A 142 -14.51 15.34 -19.13
C GLU A 142 -13.40 14.53 -19.82
N GLU A 143 -12.70 13.72 -19.03
CA GLU A 143 -11.62 12.90 -19.55
C GLU A 143 -12.12 11.49 -19.89
N ALA A 144 -13.43 11.35 -20.02
CA ALA A 144 -14.02 10.06 -20.34
C ALA A 144 -13.48 9.51 -21.66
N GLN A 145 -13.18 10.41 -22.59
CA GLN A 145 -12.65 10.02 -23.89
C GLN A 145 -11.44 9.10 -23.73
N ARG A 146 -10.66 9.34 -22.69
CA ARG A 146 -9.47 8.54 -22.43
C ARG A 146 -9.85 7.18 -21.84
N ALA A 147 -10.88 7.16 -21.00
CA ALA A 147 -11.35 5.93 -20.37
C ALA A 147 -12.08 5.05 -21.38
N ASN A 148 -12.75 5.68 -22.34
CA ASN A 148 -13.49 4.95 -23.35
C ASN A 148 -12.56 4.12 -24.22
N ILE A 149 -11.51 4.75 -24.73
CA ILE A 149 -10.54 4.06 -25.57
C ILE A 149 -9.71 3.07 -24.76
N ILE A 150 -9.37 3.46 -23.53
CA ILE A 150 -8.59 2.60 -22.65
C ILE A 150 -9.30 1.28 -22.39
N SER A 151 -10.61 1.35 -22.23
CA SER A 151 -11.41 0.15 -21.97
C SER A 151 -11.63 -0.64 -23.25
N ASP A 152 -11.82 0.08 -24.36
CA ASP A 152 -12.04 -0.56 -25.66
C ASP A 152 -10.87 -1.47 -26.02
N MET A 153 -9.66 -0.93 -25.94
CA MET A 153 -8.47 -1.70 -26.26
C MET A 153 -8.37 -2.95 -25.38
N LEU A 154 -8.92 -2.86 -24.18
CA LEU A 154 -8.89 -3.99 -23.24
C LEU A 154 -10.10 -4.90 -23.46
N GLN A 155 -10.84 -4.66 -24.55
CA GLN A 155 -12.02 -5.45 -24.86
C GLN A 155 -12.95 -5.55 -23.66
N ILE A 156 -13.02 -4.48 -22.88
CA ILE A 156 -13.88 -4.44 -21.71
C ILE A 156 -14.49 -3.06 -21.51
N LYS A 157 -15.64 -3.01 -20.84
CA LYS A 157 -16.33 -1.75 -20.58
C LYS A 157 -16.13 -1.31 -19.14
N LEU A 158 -16.16 0.00 -18.90
CA LEU A 158 -15.99 0.54 -17.57
C LEU A 158 -17.34 0.68 -16.86
N ASN A 159 -17.31 0.61 -15.53
CA ASN A 159 -18.53 0.73 -14.74
C ASN A 159 -18.63 2.11 -14.09
N TRP A 160 -18.89 3.13 -14.92
CA TRP A 160 -18.99 4.49 -14.42
C TRP A 160 -20.01 4.59 -13.29
N GLN A 161 -19.52 4.81 -12.07
CA GLN A 161 -20.39 4.92 -10.91
C GLN A 161 -20.49 6.37 -10.44
N THR A 162 -21.28 6.59 -9.39
CA THR A 162 -21.46 7.92 -8.84
C THR A 162 -20.82 8.04 -7.46
N PRO A 163 -20.30 9.25 -7.15
CA PRO A 163 -19.65 9.52 -5.86
C PRO A 163 -20.65 9.53 -4.70
N PRO A 164 -20.11 9.50 -3.47
CA PRO A 164 -20.94 9.51 -2.25
C PRO A 164 -21.63 10.85 -2.03
N ALA A 165 -22.45 10.92 -1.00
CA ALA A 165 -23.17 12.15 -0.67
C ALA A 165 -23.73 12.10 0.74
N ASN A 166 -22.99 11.47 1.65
CA ASN A 166 -23.42 11.35 3.04
C ASN A 166 -22.45 12.10 3.97
N SER A 167 -21.20 12.19 3.55
CA SER A 167 -20.18 12.87 4.34
C SER A 167 -19.92 12.13 5.65
N SER A 168 -19.51 10.87 5.54
CA SER A 168 -19.23 10.04 6.70
C SER A 168 -18.31 8.88 6.34
N ILE A 169 -17.02 9.16 6.27
CA ILE A 169 -16.03 8.15 5.94
C ILE A 169 -15.55 7.42 7.19
N ALA A 170 -15.22 6.13 7.02
CA ALA A 170 -14.75 5.32 8.14
C ALA A 170 -13.24 5.41 8.28
N THR A 171 -12.70 4.74 9.30
CA THR A 171 -11.26 4.75 9.54
C THR A 171 -10.67 3.34 9.40
N LEU A 172 -9.52 3.26 8.76
CA LEU A 172 -8.85 1.98 8.55
C LEU A 172 -7.61 1.87 9.42
N GLU A 173 -7.61 0.89 10.34
CA GLU A 173 -6.48 0.69 11.23
C GLU A 173 -5.53 -0.36 10.66
N ALA A 174 -4.29 -0.35 11.15
CA ALA A 174 -3.27 -1.30 10.69
C ALA A 174 -3.34 -2.59 11.49
N GLU A 175 -3.08 -3.71 10.81
CA GLU A 175 -3.12 -5.02 11.45
C GLU A 175 -1.73 -5.44 11.93
N MET A 176 -0.70 -4.86 11.31
CA MET A 176 0.67 -5.18 11.66
C MET A 176 1.52 -3.90 11.72
N ALA A 177 2.80 -4.06 12.04
CA ALA A 177 3.71 -2.93 12.13
C ALA A 177 5.15 -3.36 11.86
N THR A 178 5.82 -2.64 10.97
CA THR A 178 7.20 -2.95 10.63
C THR A 178 8.17 -2.31 11.61
N LEU A 179 9.34 -2.95 11.79
CA LEU A 179 10.35 -2.45 12.71
C LEU A 179 11.66 -2.21 11.99
N CYS A 180 12.07 -0.95 11.90
CA CYS A 180 13.31 -0.59 11.23
C CYS A 180 14.51 -0.81 12.16
N ILE A 181 15.18 -1.94 11.96
CA ILE A 181 16.35 -2.28 12.78
C ILE A 181 17.64 -1.81 12.12
N ASP A 182 18.61 -1.41 12.94
CA ASP A 182 19.89 -0.94 12.43
C ASP A 182 20.90 -2.08 12.35
N GLY A 183 20.39 -3.30 12.17
CA GLY A 183 21.25 -4.46 12.07
C GLY A 183 21.84 -4.64 10.68
N GLY A 184 20.98 -4.76 9.69
CA GLY A 184 21.43 -4.93 8.32
C GLY A 184 22.32 -6.15 8.17
N LYS A 185 22.81 -6.36 6.95
CA LYS A 185 23.68 -7.50 6.67
C LYS A 185 24.90 -7.49 7.58
N LYS A 186 25.37 -6.30 7.92
CA LYS A 186 26.53 -6.15 8.80
C LYS A 186 26.29 -6.85 10.13
N ALA A 187 25.05 -6.86 10.58
CA ALA A 187 24.69 -7.49 11.84
C ALA A 187 24.43 -8.97 11.65
N LYS A 188 24.68 -9.48 10.45
CA LYS A 188 24.46 -10.88 10.13
C LYS A 188 22.99 -11.25 10.25
N MET A 189 22.16 -10.59 9.45
CA MET A 189 20.73 -10.84 9.45
C MET A 189 20.37 -11.92 8.44
N ARG A 190 20.18 -13.14 8.92
CA ARG A 190 19.83 -14.27 8.06
C ARG A 190 18.34 -14.28 7.76
N PRO A 191 17.94 -15.08 6.75
CA PRO A 191 16.54 -15.20 6.35
C PRO A 191 15.70 -15.93 7.39
N GLY A 192 16.35 -16.47 8.40
CA GLY A 192 15.65 -17.19 9.45
C GLY A 192 16.18 -16.85 10.84
N ASP A 193 17.13 -15.94 10.90
CA ASP A 193 17.72 -15.53 12.17
C ASP A 193 16.86 -14.47 12.85
N VAL A 194 16.44 -13.47 12.07
CA VAL A 194 15.62 -12.39 12.60
C VAL A 194 14.38 -12.94 13.30
N LEU A 195 13.84 -14.02 12.77
CA LEU A 195 12.64 -14.65 13.34
C LEU A 195 12.93 -15.18 14.74
N GLY A 196 14.16 -15.65 14.95
CA GLY A 196 14.54 -16.17 16.26
C GLY A 196 14.70 -15.08 17.29
N ALA A 197 15.14 -13.91 16.86
CA ALA A 197 15.34 -12.78 17.76
C ALA A 197 14.01 -12.31 18.35
N LEU A 198 12.98 -12.26 17.51
CA LEU A 198 11.66 -11.83 17.95
C LEU A 198 10.93 -12.96 18.68
N THR A 199 11.04 -14.16 18.14
CA THR A 199 10.39 -15.33 18.74
C THR A 199 11.31 -15.99 19.77
N GLY A 200 12.32 -15.27 20.21
CA GLY A 200 13.25 -15.81 21.19
C GLY A 200 13.68 -14.77 22.20
N ASP A 201 14.17 -13.64 21.73
CA ASP A 201 14.63 -12.56 22.61
C ASP A 201 13.44 -11.74 23.12
N ILE A 202 12.50 -11.46 22.22
CA ILE A 202 11.32 -10.68 22.59
C ILE A 202 10.22 -11.58 23.15
N GLY A 203 10.01 -12.72 22.50
CA GLY A 203 8.99 -13.65 22.94
C GLY A 203 7.71 -13.55 22.14
N LEU A 204 7.85 -13.31 20.84
CA LEU A 204 6.70 -13.17 19.95
C LEU A 204 6.38 -14.51 19.27
N ASP A 205 5.15 -14.64 18.81
CA ASP A 205 4.72 -15.87 18.14
C ASP A 205 4.73 -15.68 16.62
N GLY A 206 4.98 -16.77 15.90
CA GLY A 206 5.00 -16.71 14.45
C GLY A 206 3.77 -16.07 13.87
N ALA A 207 2.63 -16.24 14.55
CA ALA A 207 1.37 -15.68 14.09
C ALA A 207 1.44 -14.16 14.06
N ASP A 208 2.22 -13.58 14.95
CA ASP A 208 2.38 -12.13 15.02
C ASP A 208 3.52 -11.66 14.12
N ILE A 209 4.47 -12.54 13.88
CA ILE A 209 5.62 -12.22 13.03
C ILE A 209 5.21 -12.17 11.56
N GLY A 210 5.46 -11.02 10.93
CA GLY A 210 5.11 -10.85 9.53
C GLY A 210 6.33 -10.93 8.62
N LYS A 211 6.21 -10.33 7.44
CA LYS A 211 7.31 -10.32 6.47
C LYS A 211 8.55 -9.63 7.06
N ILE A 212 9.70 -9.90 6.46
CA ILE A 212 10.95 -9.29 6.91
C ILE A 212 11.83 -8.89 5.73
N ALA A 213 12.11 -7.59 5.62
CA ALA A 213 12.95 -7.09 4.55
C ALA A 213 14.37 -6.81 5.02
N VAL A 214 15.29 -7.71 4.68
CA VAL A 214 16.68 -7.57 5.09
C VAL A 214 17.48 -6.80 4.03
N HIS A 215 18.41 -5.97 4.50
CA HIS A 215 19.24 -5.18 3.60
C HIS A 215 20.62 -4.96 4.20
N PRO A 216 21.59 -4.59 3.34
CA PRO A 216 22.97 -4.34 3.76
C PRO A 216 23.10 -3.06 4.58
N ALA A 217 22.02 -2.30 4.66
CA ALA A 217 22.01 -1.05 5.42
C ALA A 217 21.19 -1.20 6.70
N HIS A 218 20.07 -1.90 6.61
CA HIS A 218 19.20 -2.12 7.76
C HIS A 218 18.14 -3.18 7.46
N VAL A 219 17.75 -3.94 8.48
CA VAL A 219 16.75 -4.98 8.32
C VAL A 219 15.41 -4.54 8.90
N TYR A 220 14.33 -4.97 8.26
CA TYR A 220 12.99 -4.62 8.70
C TYR A 220 12.18 -5.87 9.04
N VAL A 221 11.56 -5.86 10.21
CA VAL A 221 10.75 -7.00 10.65
C VAL A 221 9.34 -6.56 11.03
N ALA A 222 8.34 -7.24 10.46
CA ALA A 222 6.95 -6.92 10.74
C ALA A 222 6.47 -7.63 12.00
N VAL A 223 5.49 -7.04 12.67
CA VAL A 223 4.94 -7.61 13.89
C VAL A 223 3.51 -7.13 14.13
N ARG A 224 2.64 -8.05 14.54
CA ARG A 224 1.25 -7.72 14.80
C ARG A 224 1.13 -6.71 15.95
N GLN A 225 0.09 -5.90 15.92
CA GLN A 225 -0.12 -4.89 16.95
C GLN A 225 0.01 -5.50 18.34
N ALA A 226 -0.38 -6.76 18.46
CA ALA A 226 -0.30 -7.47 19.74
C ALA A 226 1.10 -7.37 20.33
N VAL A 227 2.11 -7.42 19.46
CA VAL A 227 3.49 -7.34 19.90
C VAL A 227 4.27 -6.32 19.08
N ALA A 228 3.54 -5.37 18.49
CA ALA A 228 4.16 -4.32 17.68
C ALA A 228 4.95 -3.35 18.55
N HIS A 229 4.28 -2.77 19.54
CA HIS A 229 4.92 -1.82 20.44
C HIS A 229 5.83 -2.54 21.42
N LYS A 230 5.44 -3.74 21.81
CA LYS A 230 6.22 -4.54 22.75
C LYS A 230 7.54 -5.00 22.12
N ALA A 231 7.47 -5.38 20.85
CA ALA A 231 8.65 -5.83 20.12
C ALA A 231 9.76 -4.78 20.18
N TRP A 232 9.42 -3.55 19.81
CA TRP A 232 10.39 -2.46 19.82
C TRP A 232 10.71 -2.02 21.24
N LYS A 233 9.66 -1.66 21.98
CA LYS A 233 9.83 -1.23 23.37
C LYS A 233 10.73 -2.18 24.14
N GLN A 234 10.61 -3.47 23.83
CA GLN A 234 11.42 -4.49 24.50
C GLN A 234 12.74 -4.70 23.78
N LEU A 235 12.72 -4.54 22.46
CA LEU A 235 13.93 -4.71 21.65
C LEU A 235 15.07 -3.86 22.19
N GLN A 236 14.76 -2.60 22.50
CA GLN A 236 15.76 -1.68 23.02
C GLN A 236 16.43 -2.24 24.27
N GLY A 237 15.72 -3.15 24.94
CA GLY A 237 16.26 -3.76 26.15
C GLY A 237 16.88 -5.11 25.89
N GLY A 238 16.87 -5.54 24.63
CA GLY A 238 17.45 -6.83 24.28
C GLY A 238 18.47 -6.71 23.17
N LYS A 239 18.52 -7.73 22.31
CA LYS A 239 19.47 -7.75 21.20
C LYS A 239 19.14 -8.87 20.21
N ILE A 240 19.54 -8.70 18.97
CA ILE A 240 19.28 -9.69 17.94
C ILE A 240 20.55 -10.46 17.58
N LYS A 241 20.55 -11.76 17.87
CA LYS A 241 21.70 -12.60 17.59
C LYS A 241 22.91 -12.17 18.40
N GLY A 242 22.67 -11.70 19.63
CA GLY A 242 23.76 -11.27 20.48
C GLY A 242 24.33 -9.93 20.05
N LYS A 243 23.54 -9.17 19.29
CA LYS A 243 23.97 -7.86 18.81
C LYS A 243 22.93 -6.79 19.13
N THR A 244 23.32 -5.82 19.95
CA THR A 244 22.41 -4.74 20.33
C THR A 244 22.28 -3.71 19.21
N CYS A 245 21.06 -3.50 18.73
CA CYS A 245 20.81 -2.55 17.66
C CYS A 245 19.60 -1.67 17.99
N ARG A 246 19.37 -0.67 17.15
CA ARG A 246 18.25 0.24 17.36
C ARG A 246 17.07 -0.14 16.46
N VAL A 247 15.86 -0.06 17.01
CA VAL A 247 14.66 -0.40 16.27
C VAL A 247 13.65 0.76 16.29
N ARG A 248 12.77 0.78 15.30
CA ARG A 248 11.75 1.83 15.21
C ARG A 248 10.47 1.30 14.57
N LEU A 249 9.41 1.23 15.36
CA LEU A 249 8.13 0.74 14.87
C LEU A 249 7.47 1.76 13.94
N LEU A 250 7.16 1.32 12.73
CA LEU A 250 6.53 2.19 11.73
C LEU A 250 5.06 2.44 12.08
N LYS A 251 4.78 3.64 12.59
CA LYS A 251 3.41 4.00 12.95
C LYS A 251 2.60 4.39 11.73
N GLY A 1 -25.03 -3.60 -24.06
CA GLY A 1 -25.90 -4.69 -23.66
C GLY A 1 -25.14 -5.82 -22.99
N GLY A 2 -25.31 -7.03 -23.51
CA GLY A 2 -24.62 -8.18 -22.96
C GLY A 2 -25.59 -9.15 -22.28
N SER A 3 -25.30 -10.45 -22.43
CA SER A 3 -26.14 -11.48 -21.83
C SER A 3 -25.36 -12.30 -20.82
N THR A 4 -24.49 -13.17 -21.32
CA THR A 4 -23.68 -14.02 -20.46
C THR A 4 -22.27 -14.21 -21.03
N ASP A 5 -21.26 -13.94 -20.21
CA ASP A 5 -19.88 -14.09 -20.64
C ASP A 5 -18.92 -13.79 -19.48
N ALA A 6 -18.16 -14.79 -19.08
CA ALA A 6 -17.20 -14.64 -17.98
C ALA A 6 -16.29 -13.44 -18.23
N LEU A 7 -16.16 -12.59 -17.21
CA LEU A 7 -15.31 -11.41 -17.32
C LEU A 7 -13.95 -11.66 -16.69
N PRO A 8 -12.94 -10.91 -17.14
CA PRO A 8 -11.57 -11.03 -16.64
C PRO A 8 -11.43 -10.49 -15.21
N PRO A 9 -10.29 -10.79 -14.58
CA PRO A 9 -10.00 -10.35 -13.21
C PRO A 9 -9.79 -8.85 -13.10
N ILE A 10 -8.94 -8.33 -13.98
CA ILE A 10 -8.65 -6.90 -13.99
C ILE A 10 -9.91 -6.07 -14.18
N GLU A 11 -10.39 -5.45 -13.11
CA GLU A 11 -11.59 -4.64 -13.17
C GLU A 11 -11.24 -3.15 -13.30
N GLN A 12 -11.87 -2.48 -14.25
CA GLN A 12 -11.63 -1.06 -14.48
C GLN A 12 -12.79 -0.23 -13.95
N GLN A 13 -12.50 0.63 -12.98
CA GLN A 13 -13.53 1.50 -12.40
C GLN A 13 -13.15 2.97 -12.55
N PHE A 14 -14.15 3.81 -12.79
CA PHE A 14 -13.92 5.24 -12.95
C PHE A 14 -15.01 6.05 -12.27
N TYR A 15 -14.62 7.02 -11.45
CA TYR A 15 -15.57 7.87 -10.74
C TYR A 15 -15.37 9.34 -11.11
N GLU A 16 -16.48 10.08 -11.10
CA GLU A 16 -16.43 11.50 -11.43
C GLU A 16 -16.19 12.35 -10.19
N THR A 17 -15.03 13.00 -10.15
CA THR A 17 -14.68 13.85 -9.02
C THR A 17 -13.57 14.83 -9.38
N SER A 18 -13.36 15.83 -8.54
CA SER A 18 -12.34 16.84 -8.78
C SER A 18 -11.06 16.51 -8.01
N SER A 19 -10.06 17.38 -8.14
CA SER A 19 -8.79 17.18 -7.46
C SER A 19 -8.98 17.09 -5.94
N LYS A 20 -9.98 17.81 -5.45
CA LYS A 20 -10.28 17.82 -4.02
C LYS A 20 -11.34 16.78 -3.68
N GLY A 21 -12.27 16.56 -4.61
CA GLY A 21 -13.32 15.59 -4.39
C GLY A 21 -12.79 14.18 -4.22
N LYS A 22 -11.57 13.95 -4.69
CA LYS A 22 -10.95 12.64 -4.60
C LYS A 22 -10.61 12.30 -3.14
N ILE A 23 -10.33 13.33 -2.36
CA ILE A 23 -9.99 13.15 -0.95
C ILE A 23 -11.10 12.40 -0.22
N PRO A 24 -12.31 12.98 -0.23
CA PRO A 24 -13.47 12.39 0.44
C PRO A 24 -13.96 11.13 -0.27
N LEU A 25 -13.91 11.13 -1.60
CA LEU A 25 -14.34 9.99 -2.39
C LEU A 25 -13.48 8.77 -2.11
N LEU A 26 -12.16 8.95 -2.19
CA LEU A 26 -11.21 7.87 -1.94
C LEU A 26 -11.39 7.31 -0.53
N GLN A 27 -11.39 8.20 0.45
CA GLN A 27 -11.55 7.80 1.84
C GLN A 27 -12.82 6.98 2.03
N ARG A 28 -13.93 7.47 1.48
CA ARG A 28 -15.21 6.78 1.59
C ARG A 28 -15.11 5.38 1.00
N LEU A 29 -14.45 5.26 -0.13
CA LEU A 29 -14.29 3.96 -0.80
C LEU A 29 -13.45 3.01 0.05
N LEU A 30 -12.50 3.58 0.79
CA LEU A 30 -11.62 2.78 1.65
C LEU A 30 -12.35 2.36 2.92
N SER A 31 -13.31 3.17 3.35
CA SER A 31 -14.08 2.87 4.55
C SER A 31 -15.15 1.83 4.27
N LEU A 32 -15.73 1.89 3.07
CA LEU A 32 -16.77 0.95 2.68
C LEU A 32 -16.16 -0.36 2.17
N HIS A 33 -14.99 -0.26 1.55
CA HIS A 33 -14.30 -1.43 1.02
C HIS A 33 -13.38 -2.03 2.07
N GLN A 34 -12.66 -1.18 2.80
CA GLN A 34 -11.74 -1.63 3.83
C GLN A 34 -10.79 -2.68 3.29
N PRO A 35 -10.06 -2.33 2.21
CA PRO A 35 -9.10 -3.23 1.57
C PRO A 35 -7.86 -3.47 2.45
N SER A 36 -7.27 -4.66 2.30
CA SER A 36 -6.10 -5.02 3.08
C SER A 36 -4.87 -4.24 2.61
N SER A 37 -4.85 -3.91 1.32
CA SER A 37 -3.75 -3.16 0.73
C SER A 37 -4.20 -2.34 -0.46
N CYS A 38 -4.14 -1.02 -0.34
CA CYS A 38 -4.55 -0.13 -1.41
C CYS A 38 -3.43 0.84 -1.76
N VAL A 39 -3.05 0.85 -3.04
CA VAL A 39 -1.99 1.73 -3.51
C VAL A 39 -2.55 2.89 -4.33
N VAL A 40 -2.34 4.10 -3.85
CA VAL A 40 -2.83 5.29 -4.54
C VAL A 40 -1.76 5.88 -5.44
N PHE A 41 -2.03 5.91 -6.75
CA PHE A 41 -1.10 6.45 -7.72
C PHE A 41 -1.19 7.97 -7.79
N CYS A 42 -0.09 8.64 -7.48
CA CYS A 42 -0.05 10.11 -7.52
C CYS A 42 0.89 10.60 -8.60
N ASN A 43 0.75 11.86 -8.98
CA ASN A 43 1.58 12.46 -10.00
C ASN A 43 2.69 13.31 -9.39
N THR A 44 2.39 13.90 -8.23
CA THR A 44 3.37 14.73 -7.54
C THR A 44 3.23 14.59 -6.02
N LYS A 45 4.27 14.98 -5.31
CA LYS A 45 4.27 14.90 -3.85
C LYS A 45 3.05 15.61 -3.26
N LYS A 46 2.69 16.75 -3.85
CA LYS A 46 1.54 17.51 -3.39
C LYS A 46 0.29 16.65 -3.32
N ASP A 47 0.04 15.90 -4.39
CA ASP A 47 -1.12 15.02 -4.45
C ASP A 47 -1.05 13.96 -3.36
N CYS A 48 0.09 13.29 -3.26
CA CYS A 48 0.27 12.24 -2.26
C CYS A 48 0.15 12.82 -0.85
N GLN A 49 0.57 14.06 -0.69
CA GLN A 49 0.52 14.72 0.61
C GLN A 49 -0.92 14.97 1.03
N ALA A 50 -1.75 15.41 0.08
CA ALA A 50 -3.15 15.69 0.36
C ALA A 50 -3.91 14.41 0.70
N VAL A 51 -3.63 13.34 -0.06
CA VAL A 51 -4.28 12.06 0.17
C VAL A 51 -4.00 11.55 1.57
N CYS A 52 -2.72 11.42 1.92
CA CYS A 52 -2.32 10.94 3.24
C CYS A 52 -2.76 11.91 4.33
N ASP A 53 -2.81 13.19 3.98
CA ASP A 53 -3.22 14.22 4.94
C ASP A 53 -4.65 14.01 5.40
N ALA A 54 -5.55 13.79 4.44
CA ALA A 54 -6.96 13.58 4.75
C ALA A 54 -7.15 12.25 5.47
N LEU A 55 -6.50 11.20 4.97
CA LEU A 55 -6.61 9.87 5.57
C LEU A 55 -6.28 9.92 7.05
N ASN A 56 -5.18 10.59 7.38
CA ASN A 56 -4.74 10.70 8.77
C ASN A 56 -5.76 11.48 9.60
N GLU A 57 -6.54 12.32 8.92
CA GLU A 57 -7.56 13.13 9.59
C GLU A 57 -8.75 12.28 10.00
N VAL A 58 -9.08 11.29 9.16
CA VAL A 58 -10.20 10.41 9.43
C VAL A 58 -9.78 9.25 10.32
N GLY A 59 -8.47 9.13 10.57
CA GLY A 59 -7.97 8.07 11.40
C GLY A 59 -7.39 6.92 10.58
N GLN A 60 -7.32 7.11 9.26
CA GLN A 60 -6.79 6.08 8.37
C GLN A 60 -5.30 6.30 8.13
N SER A 61 -4.50 5.30 8.47
CA SER A 61 -3.06 5.38 8.29
C SER A 61 -2.69 5.25 6.82
N ALA A 62 -1.62 5.93 6.42
CA ALA A 62 -1.15 5.89 5.03
C ALA A 62 0.33 6.26 4.95
N LEU A 63 0.93 5.97 3.79
CA LEU A 63 2.35 6.26 3.58
C LEU A 63 2.58 6.76 2.16
N SER A 64 3.60 7.59 1.99
CA SER A 64 3.94 8.14 0.67
C SER A 64 5.23 7.53 0.15
N LEU A 65 5.25 7.20 -1.14
CA LEU A 65 6.43 6.61 -1.77
C LEU A 65 6.73 7.29 -3.10
N HIS A 66 7.90 7.92 -3.18
CA HIS A 66 8.32 8.60 -4.40
C HIS A 66 9.52 7.92 -5.03
N GLY A 67 9.82 8.28 -6.27
CA GLY A 67 10.95 7.69 -6.96
C GLY A 67 12.26 8.38 -6.63
N ASP A 68 12.20 9.69 -6.42
CA ASP A 68 13.39 10.47 -6.09
C ASP A 68 13.52 10.64 -4.59
N LEU A 69 12.92 9.74 -3.84
CA LEU A 69 12.97 9.80 -2.37
C LEU A 69 14.21 9.10 -1.85
N GLU A 70 14.58 9.41 -0.61
CA GLU A 70 15.75 8.80 0.02
C GLU A 70 15.58 7.29 0.15
N GLN A 71 16.67 6.56 -0.07
CA GLN A 71 16.65 5.11 0.02
C GLN A 71 16.03 4.66 1.33
N ARG A 72 16.46 5.26 2.44
CA ARG A 72 15.95 4.93 3.75
C ARG A 72 14.41 4.98 3.78
N ASP A 73 13.87 6.10 3.31
CA ASP A 73 12.42 6.27 3.26
C ASP A 73 11.77 5.24 2.36
N ARG A 74 12.37 5.02 1.20
CA ARG A 74 11.85 4.05 0.23
C ARG A 74 11.62 2.69 0.90
N ASP A 75 12.60 2.25 1.68
CA ASP A 75 12.51 0.97 2.37
C ASP A 75 11.44 1.02 3.46
N GLN A 76 11.50 2.04 4.30
CA GLN A 76 10.53 2.20 5.39
C GLN A 76 9.11 2.22 4.85
N THR A 77 8.93 2.80 3.67
CA THR A 77 7.62 2.89 3.04
C THR A 77 7.20 1.54 2.46
N LEU A 78 8.05 0.97 1.63
CA LEU A 78 7.77 -0.32 1.00
C LEU A 78 7.47 -1.38 2.06
N VAL A 79 8.28 -1.40 3.11
CA VAL A 79 8.10 -2.37 4.18
C VAL A 79 6.84 -2.08 4.97
N ARG A 80 6.54 -0.81 5.16
CA ARG A 80 5.35 -0.39 5.90
C ARG A 80 4.08 -0.95 5.25
N PHE A 81 3.99 -0.84 3.94
CA PHE A 81 2.85 -1.34 3.20
C PHE A 81 2.96 -2.84 2.96
N ALA A 82 4.13 -3.28 2.53
CA ALA A 82 4.36 -4.69 2.27
C ALA A 82 4.10 -5.53 3.51
N ASN A 83 4.53 -5.03 4.66
CA ASN A 83 4.34 -5.74 5.93
C ASN A 83 2.90 -5.60 6.42
N GLY A 84 2.14 -4.73 5.75
CA GLY A 84 0.76 -4.51 6.13
C GLY A 84 0.60 -3.49 7.23
N SER A 85 1.69 -2.80 7.56
CA SER A 85 1.68 -1.79 8.60
C SER A 85 0.70 -0.66 8.26
N ALA A 86 0.35 -0.58 6.98
CA ALA A 86 -0.59 0.45 6.53
C ALA A 86 -1.66 -0.15 5.63
N ARG A 87 -2.67 0.66 5.31
CA ARG A 87 -3.77 0.21 4.45
C ARG A 87 -3.74 0.94 3.11
N VAL A 88 -3.32 2.20 3.13
CA VAL A 88 -3.25 3.00 1.91
C VAL A 88 -1.84 3.54 1.69
N LEU A 89 -1.27 3.20 0.54
CA LEU A 89 0.08 3.64 0.20
C LEU A 89 0.07 4.52 -1.05
N VAL A 90 0.20 5.83 -0.85
CA VAL A 90 0.20 6.78 -1.96
C VAL A 90 1.59 6.91 -2.57
N ALA A 91 1.80 6.23 -3.70
CA ALA A 91 3.09 6.27 -4.38
C ALA A 91 2.93 6.71 -5.83
N THR A 92 4.04 7.11 -6.45
CA THR A 92 4.02 7.56 -7.84
C THR A 92 4.31 6.42 -8.80
N ASP A 93 3.79 6.52 -10.01
CA ASP A 93 4.00 5.49 -11.03
C ASP A 93 5.48 5.17 -11.18
N VAL A 94 6.32 6.20 -11.03
CA VAL A 94 7.77 6.03 -11.16
C VAL A 94 8.35 5.37 -9.91
N ALA A 95 7.70 5.59 -8.77
CA ALA A 95 8.16 5.02 -7.51
C ALA A 95 7.70 3.58 -7.37
N ALA A 96 6.49 3.29 -7.82
CA ALA A 96 5.93 1.95 -7.75
C ALA A 96 6.22 1.18 -9.03
N ARG A 97 7.26 1.57 -9.75
CA ARG A 97 7.63 0.90 -10.99
C ARG A 97 8.20 -0.48 -10.71
N GLY A 98 7.45 -1.51 -11.09
CA GLY A 98 7.90 -2.87 -10.89
C GLY A 98 8.34 -3.13 -9.46
N LEU A 99 7.73 -2.41 -8.52
CA LEU A 99 8.07 -2.56 -7.11
C LEU A 99 7.69 -3.95 -6.59
N ASP A 100 7.92 -4.18 -5.31
CA ASP A 100 7.60 -5.46 -4.69
C ASP A 100 6.12 -5.54 -4.34
N ILE A 101 5.29 -5.76 -5.36
CA ILE A 101 3.85 -5.86 -5.14
C ILE A 101 3.20 -6.76 -6.20
N LYS A 102 2.88 -7.98 -5.82
CA LYS A 102 2.26 -8.94 -6.73
C LYS A 102 1.01 -9.55 -6.11
N SER A 103 0.32 -8.77 -5.28
CA SER A 103 -0.89 -9.23 -4.62
C SER A 103 -1.68 -8.07 -4.04
N LEU A 104 -1.60 -6.93 -4.70
CA LEU A 104 -2.31 -5.73 -4.26
C LEU A 104 -3.81 -6.00 -4.12
N GLU A 105 -4.44 -5.33 -3.17
CA GLU A 105 -5.87 -5.49 -2.94
C GLU A 105 -6.68 -4.55 -3.81
N LEU A 106 -6.18 -3.33 -3.99
CA LEU A 106 -6.86 -2.34 -4.81
C LEU A 106 -5.90 -1.23 -5.23
N VAL A 107 -6.09 -0.71 -6.44
CA VAL A 107 -5.24 0.35 -6.96
C VAL A 107 -6.06 1.58 -7.32
N VAL A 108 -5.83 2.67 -6.60
CA VAL A 108 -6.55 3.92 -6.84
C VAL A 108 -5.68 4.91 -7.59
N ASN A 109 -6.08 5.24 -8.81
CA ASN A 109 -5.34 6.19 -9.64
C ASN A 109 -5.91 7.60 -9.49
N PHE A 110 -5.17 8.47 -8.80
CA PHE A 110 -5.60 9.84 -8.59
C PHE A 110 -5.93 10.51 -9.91
N GLU A 111 -5.28 10.07 -10.99
CA GLU A 111 -5.51 10.63 -12.31
C GLU A 111 -5.07 9.66 -13.40
N LEU A 112 -5.88 9.55 -14.45
CA LEU A 112 -5.58 8.65 -15.56
C LEU A 112 -4.13 8.80 -16.00
N ALA A 113 -3.43 7.68 -16.12
CA ALA A 113 -2.03 7.68 -16.53
C ALA A 113 -1.86 8.41 -17.86
N TRP A 114 -0.62 8.52 -18.32
CA TRP A 114 -0.32 9.21 -19.57
C TRP A 114 -0.77 8.37 -20.77
N ASP A 115 -0.40 7.09 -20.76
CA ASP A 115 -0.77 6.19 -21.84
C ASP A 115 -1.73 5.10 -21.34
N PRO A 116 -2.51 4.52 -22.27
CA PRO A 116 -3.48 3.48 -21.96
C PRO A 116 -2.80 2.17 -21.56
N GLU A 117 -1.55 2.00 -21.97
CA GLU A 117 -0.79 0.80 -21.67
C GLU A 117 -0.35 0.79 -20.21
N VAL A 118 0.26 1.88 -19.77
CA VAL A 118 0.73 2.00 -18.39
C VAL A 118 -0.43 1.89 -17.41
N HIS A 119 -1.57 2.47 -17.78
CA HIS A 119 -2.75 2.43 -16.93
C HIS A 119 -3.10 1.00 -16.54
N VAL A 120 -3.27 0.14 -17.54
CA VAL A 120 -3.60 -1.26 -17.31
C VAL A 120 -2.39 -2.05 -16.83
N HIS A 121 -1.21 -1.60 -17.25
CA HIS A 121 0.04 -2.26 -16.86
C HIS A 121 0.30 -2.09 -15.36
N ARG A 122 -0.11 -0.96 -14.83
CA ARG A 122 0.08 -0.67 -13.41
C ARG A 122 -0.65 -1.69 -12.54
N ILE A 123 -1.94 -1.85 -12.78
CA ILE A 123 -2.75 -2.80 -12.03
C ILE A 123 -2.54 -4.22 -12.53
N GLY A 124 -2.28 -4.36 -13.82
CA GLY A 124 -2.06 -5.67 -14.41
C GLY A 124 -0.86 -6.38 -13.80
N ARG A 125 0.14 -5.61 -13.41
CA ARG A 125 1.35 -6.17 -12.80
C ARG A 125 1.18 -6.37 -11.31
N THR A 126 0.38 -5.49 -10.69
CA THR A 126 0.14 -5.56 -9.26
C THR A 126 -0.69 -6.79 -8.90
N ALA A 127 -1.52 -7.22 -9.84
CA ALA A 127 -2.36 -8.39 -9.62
C ALA A 127 -3.11 -8.78 -10.90
N ARG A 128 -3.94 -9.81 -10.81
CA ARG A 128 -4.70 -10.28 -11.96
C ARG A 128 -5.67 -11.38 -11.55
N ALA A 129 -6.46 -11.12 -10.51
CA ALA A 129 -7.43 -12.09 -10.03
C ALA A 129 -8.79 -11.44 -9.78
N GLY A 130 -9.74 -12.22 -9.28
CA GLY A 130 -11.07 -11.70 -9.02
C GLY A 130 -11.08 -10.66 -7.91
N ASN A 131 -10.44 -11.00 -6.79
CA ASN A 131 -10.39 -10.09 -5.66
C ASN A 131 -9.45 -8.92 -5.94
N SER A 132 -8.30 -9.23 -6.54
CA SER A 132 -7.31 -8.21 -6.87
C SER A 132 -7.51 -7.69 -8.29
N GLY A 133 -6.52 -6.93 -8.77
CA GLY A 133 -6.61 -6.40 -10.11
C GLY A 133 -7.67 -5.32 -10.25
N LEU A 134 -7.90 -4.58 -9.17
CA LEU A 134 -8.90 -3.51 -9.15
C LEU A 134 -8.24 -2.16 -9.38
N ALA A 135 -8.70 -1.45 -10.40
CA ALA A 135 -8.16 -0.13 -10.72
C ALA A 135 -9.28 0.92 -10.76
N ILE A 136 -9.21 1.87 -9.84
CA ILE A 136 -10.20 2.93 -9.76
C ILE A 136 -9.59 4.29 -10.09
N SER A 137 -10.02 4.87 -11.20
CA SER A 137 -9.51 6.18 -11.62
C SER A 137 -10.47 7.29 -11.21
N PHE A 138 -9.96 8.24 -10.43
CA PHE A 138 -10.75 9.36 -9.96
C PHE A 138 -10.47 10.61 -10.78
N CYS A 139 -11.49 11.12 -11.46
CA CYS A 139 -11.34 12.32 -12.29
C CYS A 139 -12.66 12.67 -12.96
N ALA A 140 -12.77 13.92 -13.41
CA ALA A 140 -13.97 14.38 -14.09
C ALA A 140 -14.20 13.65 -15.39
N PRO A 141 -15.43 13.75 -15.93
CA PRO A 141 -15.79 13.09 -17.18
C PRO A 141 -15.12 13.73 -18.39
N GLU A 142 -14.40 14.83 -18.16
CA GLU A 142 -13.71 15.54 -19.22
C GLU A 142 -12.72 14.62 -19.93
N GLU A 143 -12.12 13.70 -19.17
CA GLU A 143 -11.15 12.76 -19.73
C GLU A 143 -11.80 11.40 -19.95
N ALA A 144 -13.12 11.37 -20.00
CA ALA A 144 -13.85 10.12 -20.22
C ALA A 144 -13.45 9.48 -21.54
N GLN A 145 -13.12 10.30 -22.52
CA GLN A 145 -12.72 9.81 -23.83
C GLN A 145 -11.59 8.80 -23.71
N ARG A 146 -10.74 8.98 -22.69
CA ARG A 146 -9.62 8.09 -22.47
C ARG A 146 -10.09 6.74 -21.96
N ALA A 147 -11.20 6.73 -21.22
CA ALA A 147 -11.75 5.50 -20.67
C ALA A 147 -12.37 4.65 -21.78
N ASN A 148 -12.86 5.30 -22.82
CA ASN A 148 -13.47 4.59 -23.95
C ASN A 148 -12.42 3.80 -24.73
N ILE A 149 -11.34 4.47 -25.10
CA ILE A 149 -10.26 3.84 -25.85
C ILE A 149 -9.50 2.84 -24.98
N ILE A 150 -9.33 3.18 -23.72
CA ILE A 150 -8.62 2.31 -22.78
C ILE A 150 -9.42 1.03 -22.51
N SER A 151 -10.74 1.16 -22.45
CA SER A 151 -11.60 0.02 -22.20
C SER A 151 -11.76 -0.83 -23.45
N ASP A 152 -11.78 -0.16 -24.61
CA ASP A 152 -11.92 -0.86 -25.89
C ASP A 152 -10.72 -1.77 -26.15
N MET A 153 -9.52 -1.21 -26.00
CA MET A 153 -8.30 -1.97 -26.23
C MET A 153 -8.26 -3.21 -25.33
N LEU A 154 -8.91 -3.12 -24.18
CA LEU A 154 -8.95 -4.23 -23.24
C LEU A 154 -10.11 -5.16 -23.53
N GLN A 155 -11.02 -4.71 -24.40
CA GLN A 155 -12.19 -5.49 -24.77
C GLN A 155 -13.12 -5.69 -23.57
N ILE A 156 -13.16 -4.69 -22.70
CA ILE A 156 -14.01 -4.76 -21.51
C ILE A 156 -14.84 -3.49 -21.36
N LYS A 157 -15.83 -3.53 -20.48
CA LYS A 157 -16.70 -2.39 -20.23
C LYS A 157 -16.36 -1.72 -18.90
N LEU A 158 -16.59 -0.42 -18.82
CA LEU A 158 -16.32 0.34 -17.61
C LEU A 158 -17.59 0.57 -16.81
N ASN A 159 -17.46 0.66 -15.49
CA ASN A 159 -18.59 0.88 -14.61
C ASN A 159 -18.64 2.32 -14.12
N TRP A 160 -18.91 3.25 -15.04
CA TRP A 160 -18.98 4.66 -14.70
C TRP A 160 -19.93 4.89 -13.53
N GLN A 161 -19.37 5.29 -12.38
CA GLN A 161 -20.17 5.55 -11.19
C GLN A 161 -19.95 6.97 -10.69
N THR A 162 -21.03 7.63 -10.30
CA THR A 162 -20.97 8.99 -9.81
C THR A 162 -21.28 9.05 -8.32
N PRO A 163 -20.60 9.96 -7.61
CA PRO A 163 -20.79 10.13 -6.16
C PRO A 163 -22.14 10.75 -5.83
N PRO A 164 -23.02 9.95 -5.20
CA PRO A 164 -24.35 10.40 -4.81
C PRO A 164 -24.32 11.43 -3.67
N ALA A 165 -23.58 11.11 -2.61
CA ALA A 165 -23.46 12.00 -1.47
C ALA A 165 -22.54 11.41 -0.41
N ASN A 166 -22.07 12.26 0.50
CA ASN A 166 -21.18 11.82 1.56
C ASN A 166 -21.80 10.67 2.35
N SER A 167 -21.35 9.45 2.06
CA SER A 167 -21.87 8.26 2.73
C SER A 167 -21.53 8.29 4.22
N SER A 168 -20.27 7.99 4.55
CA SER A 168 -19.84 7.98 5.94
C SER A 168 -18.36 7.57 6.03
N ILE A 169 -17.53 8.49 6.49
CA ILE A 169 -16.10 8.23 6.64
C ILE A 169 -15.84 7.29 7.80
N ALA A 170 -14.88 6.38 7.63
CA ALA A 170 -14.52 5.43 8.67
C ALA A 170 -13.02 5.45 8.94
N THR A 171 -12.59 4.69 9.94
CA THR A 171 -11.18 4.62 10.30
C THR A 171 -10.61 3.22 10.05
N LEU A 172 -9.47 3.17 9.37
CA LEU A 172 -8.83 1.89 9.06
C LEU A 172 -7.70 1.61 10.05
N GLU A 173 -7.71 0.40 10.61
CA GLU A 173 -6.67 0.00 11.56
C GLU A 173 -5.69 -0.97 10.92
N ALA A 174 -4.42 -0.81 11.26
CA ALA A 174 -3.37 -1.68 10.73
C ALA A 174 -3.41 -3.06 11.37
N GLU A 175 -3.06 -4.08 10.58
CA GLU A 175 -3.06 -5.45 11.07
C GLU A 175 -1.68 -5.86 11.55
N MET A 176 -0.65 -5.20 11.02
CA MET A 176 0.72 -5.49 11.40
C MET A 176 1.52 -4.21 11.60
N ALA A 177 2.80 -4.35 11.90
CA ALA A 177 3.67 -3.20 12.12
C ALA A 177 5.13 -3.57 11.89
N THR A 178 5.79 -2.82 11.01
CA THR A 178 7.19 -3.06 10.69
C THR A 178 8.11 -2.44 11.73
N LEU A 179 9.28 -3.04 11.93
CA LEU A 179 10.26 -2.54 12.89
C LEU A 179 11.56 -2.17 12.21
N CYS A 180 11.88 -0.88 12.23
CA CYS A 180 13.11 -0.39 11.61
C CYS A 180 14.33 -0.73 12.48
N ILE A 181 15.01 -1.82 12.11
CA ILE A 181 16.18 -2.25 12.85
C ILE A 181 17.47 -1.75 12.19
N ASP A 182 18.44 -1.35 13.01
CA ASP A 182 19.71 -0.85 12.51
C ASP A 182 20.73 -1.96 12.40
N GLY A 183 20.24 -3.18 12.17
CA GLY A 183 21.13 -4.33 12.05
C GLY A 183 21.71 -4.46 10.65
N GLY A 184 20.84 -4.63 9.67
CA GLY A 184 21.30 -4.77 8.29
C GLY A 184 22.39 -5.80 8.15
N LYS A 185 23.03 -5.83 6.98
CA LYS A 185 24.10 -6.79 6.72
C LYS A 185 25.21 -6.65 7.76
N LYS A 186 25.36 -5.46 8.30
CA LYS A 186 26.39 -5.19 9.31
C LYS A 186 26.16 -6.05 10.55
N ALA A 187 24.89 -6.24 10.90
CA ALA A 187 24.54 -7.05 12.07
C ALA A 187 24.78 -8.53 11.81
N LYS A 188 25.04 -8.87 10.55
CA LYS A 188 25.30 -10.26 10.17
C LYS A 188 24.07 -11.12 10.37
N MET A 189 22.89 -10.49 10.24
CA MET A 189 21.63 -11.21 10.41
C MET A 189 20.92 -11.37 9.07
N ARG A 190 20.33 -12.54 8.86
CA ARG A 190 19.62 -12.82 7.62
C ARG A 190 18.11 -12.59 7.79
N PRO A 191 17.38 -12.59 6.66
CA PRO A 191 15.94 -12.38 6.67
C PRO A 191 15.18 -13.55 7.26
N GLY A 192 15.91 -14.63 7.57
CA GLY A 192 15.28 -15.81 8.15
C GLY A 192 15.71 -16.04 9.59
N ASP A 193 16.84 -15.43 9.97
CA ASP A 193 17.36 -15.59 11.33
C ASP A 193 16.65 -14.61 12.28
N VAL A 194 16.27 -13.45 11.76
CA VAL A 194 15.60 -12.44 12.56
C VAL A 194 14.40 -13.03 13.30
N LEU A 195 13.80 -14.06 12.71
CA LEU A 195 12.65 -14.72 13.31
C LEU A 195 12.99 -15.26 14.70
N GLY A 196 14.22 -15.76 14.86
CA GLY A 196 14.64 -16.30 16.13
C GLY A 196 14.78 -15.23 17.20
N ALA A 197 15.22 -14.04 16.79
CA ALA A 197 15.39 -12.93 17.73
C ALA A 197 14.05 -12.47 18.29
N LEU A 198 13.01 -12.53 17.46
CA LEU A 198 11.68 -12.13 17.87
C LEU A 198 10.96 -13.27 18.58
N THR A 199 11.07 -14.47 18.02
CA THR A 199 10.44 -15.65 18.60
C THR A 199 11.35 -16.32 19.62
N GLY A 200 12.35 -15.59 20.08
CA GLY A 200 13.28 -16.14 21.06
C GLY A 200 13.63 -15.14 22.15
N ASP A 201 14.10 -13.97 21.74
CA ASP A 201 14.48 -12.92 22.68
C ASP A 201 13.25 -12.16 23.17
N ILE A 202 12.33 -11.89 22.24
CA ILE A 202 11.10 -11.17 22.58
C ILE A 202 10.00 -12.12 23.02
N GLY A 203 9.87 -13.24 22.31
CA GLY A 203 8.85 -14.22 22.64
C GLY A 203 7.60 -14.07 21.79
N LEU A 204 7.78 -13.74 20.52
CA LEU A 204 6.66 -13.56 19.60
C LEU A 204 6.36 -14.86 18.85
N ASP A 205 5.12 -14.99 18.39
CA ASP A 205 4.71 -16.18 17.66
C ASP A 205 4.66 -15.91 16.15
N GLY A 206 5.06 -16.90 15.36
CA GLY A 206 5.05 -16.74 13.91
C GLY A 206 3.72 -16.24 13.39
N ALA A 207 2.65 -16.56 14.10
CA ALA A 207 1.31 -16.14 13.71
C ALA A 207 1.21 -14.62 13.63
N ASP A 208 1.98 -13.95 14.47
CA ASP A 208 1.99 -12.49 14.49
C ASP A 208 3.14 -11.93 13.67
N ILE A 209 4.20 -12.71 13.54
CA ILE A 209 5.37 -12.30 12.78
C ILE A 209 5.05 -12.20 11.29
N GLY A 210 5.58 -11.17 10.64
CA GLY A 210 5.34 -10.97 9.23
C GLY A 210 6.61 -11.05 8.40
N LYS A 211 6.59 -10.44 7.22
CA LYS A 211 7.76 -10.45 6.34
C LYS A 211 8.90 -9.64 6.93
N ILE A 212 10.10 -9.86 6.42
CA ILE A 212 11.28 -9.15 6.89
C ILE A 212 12.16 -8.69 5.74
N ALA A 213 12.34 -7.38 5.63
CA ALA A 213 13.15 -6.81 4.55
C ALA A 213 14.57 -6.53 5.05
N VAL A 214 15.53 -7.30 4.55
CA VAL A 214 16.93 -7.13 4.93
C VAL A 214 17.68 -6.27 3.92
N HIS A 215 18.57 -5.43 4.43
CA HIS A 215 19.36 -4.55 3.56
C HIS A 215 20.78 -4.40 4.10
N PRO A 216 21.69 -3.94 3.22
CA PRO A 216 23.11 -3.76 3.57
C PRO A 216 23.31 -2.60 4.56
N ALA A 217 22.24 -1.86 4.82
CA ALA A 217 22.30 -0.73 5.74
C ALA A 217 21.49 -1.01 7.01
N HIS A 218 20.39 -1.74 6.85
CA HIS A 218 19.53 -2.07 7.98
C HIS A 218 18.52 -3.14 7.60
N VAL A 219 17.78 -3.63 8.58
CA VAL A 219 16.78 -4.67 8.35
C VAL A 219 15.46 -4.31 9.01
N TYR A 220 14.35 -4.68 8.36
CA TYR A 220 13.03 -4.40 8.89
C TYR A 220 12.25 -5.69 9.13
N VAL A 221 11.65 -5.80 10.31
CA VAL A 221 10.87 -6.98 10.66
C VAL A 221 9.43 -6.60 11.01
N ALA A 222 8.48 -7.29 10.39
CA ALA A 222 7.07 -7.03 10.63
C ALA A 222 6.58 -7.79 11.85
N VAL A 223 5.55 -7.25 12.52
CA VAL A 223 5.00 -7.87 13.71
C VAL A 223 3.55 -7.44 13.92
N ARG A 224 2.69 -8.40 14.27
CA ARG A 224 1.28 -8.12 14.50
C ARG A 224 1.11 -7.20 15.70
N GLN A 225 0.05 -6.41 15.68
CA GLN A 225 -0.24 -5.48 16.78
C GLN A 225 -0.14 -6.18 18.13
N ALA A 226 -0.47 -7.47 18.15
CA ALA A 226 -0.41 -8.25 19.37
C ALA A 226 0.96 -8.14 20.04
N VAL A 227 2.00 -8.08 19.22
CA VAL A 227 3.36 -7.98 19.72
C VAL A 227 4.12 -6.85 19.03
N ALA A 228 3.37 -5.91 18.45
CA ALA A 228 3.96 -4.77 17.76
C ALA A 228 4.62 -3.81 18.74
N HIS A 229 3.84 -3.35 19.71
CA HIS A 229 4.34 -2.42 20.72
C HIS A 229 5.30 -3.12 21.68
N LYS A 230 5.06 -4.41 21.92
CA LYS A 230 5.90 -5.19 22.81
C LYS A 230 7.25 -5.47 22.17
N ALA A 231 7.25 -5.75 20.87
CA ALA A 231 8.48 -6.02 20.15
C ALA A 231 9.38 -4.79 20.08
N TRP A 232 8.80 -3.67 19.64
CA TRP A 232 9.56 -2.42 19.53
C TRP A 232 10.14 -2.02 20.89
N LYS A 233 9.32 -2.11 21.93
CA LYS A 233 9.76 -1.76 23.28
C LYS A 233 10.80 -2.76 23.79
N GLN A 234 10.52 -4.05 23.58
CA GLN A 234 11.43 -5.09 24.02
C GLN A 234 12.79 -4.96 23.36
N LEU A 235 12.79 -4.82 22.03
CA LEU A 235 14.03 -4.68 21.28
C LEU A 235 14.72 -3.36 21.62
N GLN A 236 13.95 -2.40 22.11
CA GLN A 236 14.49 -1.09 22.47
C GLN A 236 15.62 -1.24 23.49
N GLY A 237 15.47 -2.21 24.39
CA GLY A 237 16.49 -2.42 25.40
C GLY A 237 17.17 -3.77 25.27
N GLY A 238 17.08 -4.35 24.07
CA GLY A 238 17.70 -5.64 23.83
C GLY A 238 18.62 -5.63 22.63
N LYS A 239 18.74 -6.78 21.97
CA LYS A 239 19.61 -6.89 20.80
C LYS A 239 19.10 -7.99 19.86
N ILE A 240 19.71 -8.07 18.68
CA ILE A 240 19.32 -9.08 17.70
C ILE A 240 20.33 -10.22 17.66
N LYS A 241 19.94 -11.35 18.23
CA LYS A 241 20.81 -12.52 18.26
C LYS A 241 22.19 -12.18 18.81
N GLY A 242 22.24 -11.16 19.66
CA GLY A 242 23.50 -10.74 20.25
C GLY A 242 24.12 -9.56 19.50
N LYS A 243 23.29 -8.81 18.80
CA LYS A 243 23.75 -7.65 18.04
C LYS A 243 22.94 -6.41 18.39
N THR A 244 23.59 -5.42 18.98
CA THR A 244 22.92 -4.18 19.36
C THR A 244 22.41 -3.44 18.13
N CYS A 245 21.09 -3.37 18.00
CA CYS A 245 20.47 -2.69 16.87
C CYS A 245 19.24 -1.89 17.31
N ARG A 246 19.17 -0.64 16.89
CA ARG A 246 18.05 0.23 17.24
C ARG A 246 16.79 -0.15 16.46
N VAL A 247 15.71 -0.40 17.18
CA VAL A 247 14.45 -0.77 16.56
C VAL A 247 13.42 0.33 16.72
N ARG A 248 12.58 0.51 15.70
CA ARG A 248 11.54 1.53 15.73
C ARG A 248 10.32 1.09 14.93
N LEU A 249 9.19 0.92 15.62
CA LEU A 249 7.95 0.51 14.97
C LEU A 249 7.46 1.57 14.00
N LEU A 250 7.04 1.13 12.82
CA LEU A 250 6.53 2.06 11.81
C LEU A 250 5.03 2.25 11.95
N LYS A 251 4.64 3.40 12.49
CA LYS A 251 3.23 3.72 12.68
C LYS A 251 2.46 3.61 11.37
N GLY A 1 1.38 -20.47 -1.75
CA GLY A 1 0.41 -21.27 -2.50
C GLY A 1 -0.02 -20.60 -3.78
N GLY A 2 -1.04 -21.16 -4.43
CA GLY A 2 -1.53 -20.60 -5.67
C GLY A 2 -2.82 -21.24 -6.13
N SER A 3 -3.26 -20.87 -7.33
CA SER A 3 -4.50 -21.42 -7.87
C SER A 3 -4.70 -20.97 -9.32
N THR A 4 -5.77 -21.46 -9.94
CA THR A 4 -6.06 -21.12 -11.33
C THR A 4 -7.46 -21.60 -11.72
N ASP A 5 -8.00 -21.01 -12.79
CA ASP A 5 -9.33 -21.39 -13.28
C ASP A 5 -9.68 -20.60 -14.54
N ALA A 6 -10.85 -20.88 -15.10
CA ALA A 6 -11.30 -20.21 -16.30
C ALA A 6 -12.10 -18.95 -15.96
N LEU A 7 -11.57 -18.15 -15.04
CA LEU A 7 -12.23 -16.91 -14.63
C LEU A 7 -11.76 -15.73 -15.47
N PRO A 8 -12.58 -14.67 -15.51
CA PRO A 8 -12.27 -13.46 -16.28
C PRO A 8 -11.12 -12.67 -15.68
N PRO A 9 -10.60 -11.69 -16.44
CA PRO A 9 -9.49 -10.84 -16.00
C PRO A 9 -9.90 -9.89 -14.87
N ILE A 10 -9.01 -8.96 -14.55
CA ILE A 10 -9.28 -7.99 -13.49
C ILE A 10 -10.30 -6.95 -13.95
N GLU A 11 -11.02 -6.37 -12.98
CA GLU A 11 -12.02 -5.37 -13.27
C GLU A 11 -11.51 -3.97 -12.93
N GLN A 12 -12.11 -2.95 -13.54
CA GLN A 12 -11.73 -1.57 -13.30
C GLN A 12 -12.94 -0.65 -13.30
N GLN A 13 -12.97 0.30 -12.37
CA GLN A 13 -14.07 1.24 -12.27
C GLN A 13 -13.58 2.67 -12.46
N PHE A 14 -14.52 3.57 -12.76
CA PHE A 14 -14.18 4.97 -12.98
C PHE A 14 -15.25 5.89 -12.38
N TYR A 15 -14.80 6.86 -11.58
CA TYR A 15 -15.73 7.78 -10.93
C TYR A 15 -15.43 9.22 -11.37
N GLU A 16 -16.47 10.06 -11.35
CA GLU A 16 -16.32 11.45 -11.74
C GLU A 16 -16.15 12.35 -10.53
N THR A 17 -14.93 12.86 -10.35
CA THR A 17 -14.62 13.73 -9.22
C THR A 17 -13.47 14.67 -9.54
N SER A 18 -13.32 15.72 -8.74
CA SER A 18 -12.25 16.69 -8.95
C SER A 18 -11.05 16.39 -8.04
N SER A 19 -10.04 17.23 -8.13
CA SER A 19 -8.83 17.05 -7.32
C SER A 19 -9.18 17.06 -5.83
N LYS A 20 -10.18 17.86 -5.46
CA LYS A 20 -10.59 17.96 -4.07
C LYS A 20 -11.61 16.87 -3.74
N GLY A 21 -12.45 16.52 -4.71
CA GLY A 21 -13.44 15.49 -4.49
C GLY A 21 -12.84 14.11 -4.35
N LYS A 22 -11.59 13.97 -4.80
CA LYS A 22 -10.90 12.69 -4.72
C LYS A 22 -10.55 12.34 -3.27
N ILE A 23 -10.28 13.37 -2.47
CA ILE A 23 -9.95 13.16 -1.07
C ILE A 23 -11.04 12.38 -0.34
N PRO A 24 -12.26 12.92 -0.35
CA PRO A 24 -13.42 12.29 0.30
C PRO A 24 -13.86 11.03 -0.44
N LEU A 25 -13.89 11.09 -1.76
CA LEU A 25 -14.30 9.95 -2.57
C LEU A 25 -13.39 8.75 -2.32
N LEU A 26 -12.09 9.00 -2.23
CA LEU A 26 -11.13 7.94 -1.99
C LEU A 26 -11.26 7.39 -0.58
N GLN A 27 -11.45 8.29 0.39
CA GLN A 27 -11.61 7.90 1.78
C GLN A 27 -12.86 7.06 1.99
N ARG A 28 -13.98 7.56 1.49
CA ARG A 28 -15.24 6.85 1.62
C ARG A 28 -15.18 5.48 0.95
N LEU A 29 -14.52 5.42 -0.20
CA LEU A 29 -14.37 4.16 -0.93
C LEU A 29 -13.49 3.18 -0.17
N LEU A 30 -12.51 3.72 0.55
CA LEU A 30 -11.59 2.88 1.32
C LEU A 30 -12.26 2.38 2.60
N SER A 31 -13.22 3.16 3.11
CA SER A 31 -13.94 2.78 4.32
C SER A 31 -15.00 1.73 4.03
N LEU A 32 -15.62 1.83 2.85
CA LEU A 32 -16.65 0.88 2.45
C LEU A 32 -16.02 -0.40 1.90
N HIS A 33 -14.83 -0.28 1.33
CA HIS A 33 -14.13 -1.43 0.78
C HIS A 33 -13.18 -2.05 1.81
N GLN A 34 -12.47 -1.19 2.53
CA GLN A 34 -11.53 -1.65 3.54
C GLN A 34 -10.58 -2.69 2.97
N PRO A 35 -9.88 -2.33 1.89
CA PRO A 35 -8.92 -3.22 1.22
C PRO A 35 -7.68 -3.47 2.06
N SER A 36 -7.12 -4.67 1.94
CA SER A 36 -5.92 -5.04 2.69
C SER A 36 -4.72 -4.21 2.25
N SER A 37 -4.72 -3.82 0.97
CA SER A 37 -3.63 -3.03 0.42
C SER A 37 -4.11 -2.22 -0.80
N CYS A 38 -4.12 -0.90 -0.65
CA CYS A 38 -4.55 -0.02 -1.72
C CYS A 38 -3.44 0.96 -2.10
N VAL A 39 -3.07 0.96 -3.37
CA VAL A 39 -2.02 1.85 -3.86
C VAL A 39 -2.61 3.00 -4.67
N VAL A 40 -2.40 4.22 -4.19
CA VAL A 40 -2.92 5.41 -4.88
C VAL A 40 -1.84 6.03 -5.76
N PHE A 41 -2.12 6.09 -7.07
CA PHE A 41 -1.18 6.66 -8.02
C PHE A 41 -1.32 8.18 -8.09
N CYS A 42 -0.24 8.89 -7.83
CA CYS A 42 -0.25 10.36 -7.86
C CYS A 42 0.61 10.87 -9.00
N ASN A 43 0.33 12.10 -9.45
CA ASN A 43 1.08 12.72 -10.54
C ASN A 43 2.11 13.70 -9.99
N THR A 44 1.81 14.28 -8.83
CA THR A 44 2.72 15.23 -8.20
C THR A 44 2.68 15.11 -6.69
N LYS A 45 3.73 15.60 -6.03
CA LYS A 45 3.83 15.55 -4.58
C LYS A 45 2.58 16.17 -3.94
N LYS A 46 2.06 17.21 -4.56
CA LYS A 46 0.87 17.89 -4.06
C LYS A 46 -0.31 16.92 -3.93
N ASP A 47 -0.54 16.16 -4.99
CA ASP A 47 -1.64 15.19 -5.01
C ASP A 47 -1.46 14.16 -3.90
N CYS A 48 -0.28 13.55 -3.84
CA CYS A 48 0.00 12.54 -2.83
C CYS A 48 -0.11 13.13 -1.42
N GLN A 49 0.51 14.29 -1.22
CA GLN A 49 0.48 14.96 0.08
C GLN A 49 -0.96 15.18 0.54
N ALA A 50 -1.82 15.56 -0.41
CA ALA A 50 -3.23 15.80 -0.10
C ALA A 50 -3.93 14.52 0.33
N VAL A 51 -3.72 13.45 -0.44
CA VAL A 51 -4.33 12.17 -0.15
C VAL A 51 -4.00 11.71 1.27
N CYS A 52 -2.71 11.64 1.58
CA CYS A 52 -2.26 11.21 2.90
C CYS A 52 -2.67 12.22 3.96
N ASP A 53 -2.78 13.49 3.56
CA ASP A 53 -3.16 14.55 4.48
C ASP A 53 -4.58 14.33 5.01
N ALA A 54 -5.48 13.97 4.10
CA ALA A 54 -6.87 13.72 4.48
C ALA A 54 -7.01 12.42 5.27
N LEU A 55 -6.35 11.38 4.80
CA LEU A 55 -6.39 10.08 5.46
C LEU A 55 -5.97 10.20 6.92
N ASN A 56 -4.81 10.80 7.15
CA ASN A 56 -4.28 10.97 8.49
C ASN A 56 -5.22 11.84 9.33
N GLU A 57 -5.98 12.70 8.66
CA GLU A 57 -6.92 13.58 9.34
C GLU A 57 -8.05 12.78 9.98
N VAL A 58 -8.47 11.72 9.30
CA VAL A 58 -9.54 10.87 9.81
C VAL A 58 -8.99 9.70 10.62
N GLY A 59 -7.67 9.52 10.56
CA GLY A 59 -7.03 8.44 11.30
C GLY A 59 -6.78 7.23 10.43
N GLN A 60 -6.84 7.41 9.12
CA GLN A 60 -6.62 6.31 8.18
C GLN A 60 -5.13 6.10 7.92
N SER A 61 -4.67 4.88 8.15
CA SER A 61 -3.26 4.55 7.94
C SER A 61 -2.88 4.69 6.47
N ALA A 62 -1.93 5.59 6.20
CA ALA A 62 -1.46 5.82 4.84
C ALA A 62 0.04 6.09 4.81
N LEU A 63 0.61 6.01 3.61
CA LEU A 63 2.05 6.25 3.44
C LEU A 63 2.36 6.70 2.02
N SER A 64 3.38 7.55 1.89
CA SER A 64 3.77 8.06 0.59
C SER A 64 5.03 7.35 0.08
N LEU A 65 5.12 7.19 -1.23
CA LEU A 65 6.27 6.53 -1.84
C LEU A 65 6.64 7.18 -3.17
N HIS A 66 7.83 7.73 -3.24
CA HIS A 66 8.31 8.39 -4.46
C HIS A 66 9.57 7.71 -4.98
N GLY A 67 9.90 7.99 -6.24
CA GLY A 67 11.08 7.40 -6.84
C GLY A 67 12.35 8.18 -6.52
N ASP A 68 12.20 9.48 -6.32
CA ASP A 68 13.34 10.33 -6.00
C ASP A 68 13.50 10.49 -4.49
N LEU A 69 12.98 9.53 -3.74
CA LEU A 69 13.07 9.56 -2.29
C LEU A 69 14.28 8.78 -1.80
N GLU A 70 14.61 8.96 -0.52
CA GLU A 70 15.75 8.26 0.08
C GLU A 70 15.52 6.76 0.12
N GLN A 71 16.55 6.00 -0.20
CA GLN A 71 16.46 4.54 -0.20
C GLN A 71 15.87 4.04 1.11
N ARG A 72 16.35 4.57 2.22
CA ARG A 72 15.88 4.16 3.53
C ARG A 72 14.36 4.31 3.62
N ASP A 73 13.85 5.44 3.15
CA ASP A 73 12.41 5.70 3.18
C ASP A 73 11.67 4.72 2.26
N ARG A 74 12.22 4.50 1.07
CA ARG A 74 11.61 3.60 0.10
C ARG A 74 11.38 2.22 0.71
N ASP A 75 12.39 1.71 1.40
CA ASP A 75 12.29 0.40 2.03
C ASP A 75 11.29 0.43 3.19
N GLN A 76 11.47 1.38 4.09
CA GLN A 76 10.59 1.52 5.25
C GLN A 76 9.14 1.67 4.80
N THR A 77 8.93 2.32 3.66
CA THR A 77 7.59 2.53 3.12
C THR A 77 7.05 1.27 2.48
N LEU A 78 7.93 0.54 1.78
CA LEU A 78 7.53 -0.68 1.11
C LEU A 78 7.28 -1.81 2.12
N VAL A 79 8.08 -1.81 3.19
CA VAL A 79 7.95 -2.82 4.24
C VAL A 79 6.68 -2.59 5.05
N ARG A 80 6.42 -1.34 5.40
CA ARG A 80 5.25 -0.98 6.19
C ARG A 80 3.97 -1.26 5.40
N PHE A 81 4.04 -1.08 4.08
CA PHE A 81 2.88 -1.30 3.22
C PHE A 81 2.70 -2.79 2.92
N ALA A 82 3.81 -3.47 2.69
CA ALA A 82 3.78 -4.90 2.38
C ALA A 82 3.47 -5.71 3.63
N ASN A 83 3.95 -5.23 4.78
CA ASN A 83 3.72 -5.92 6.05
C ASN A 83 2.28 -5.73 6.52
N GLY A 84 1.59 -4.78 5.91
CA GLY A 84 0.22 -4.51 6.28
C GLY A 84 0.10 -3.41 7.31
N SER A 85 1.22 -2.77 7.63
CA SER A 85 1.25 -1.70 8.61
C SER A 85 0.39 -0.52 8.16
N ALA A 86 -0.02 -0.55 6.90
CA ALA A 86 -0.84 0.51 6.33
C ALA A 86 -1.97 -0.05 5.49
N ARG A 87 -2.88 0.81 5.06
CA ARG A 87 -4.01 0.39 4.24
C ARG A 87 -3.98 1.08 2.88
N VAL A 88 -3.43 2.28 2.84
CA VAL A 88 -3.33 3.05 1.61
C VAL A 88 -1.93 3.60 1.41
N LEU A 89 -1.33 3.29 0.25
CA LEU A 89 0.01 3.75 -0.05
C LEU A 89 0.00 4.63 -1.31
N VAL A 90 0.13 5.94 -1.10
CA VAL A 90 0.14 6.89 -2.20
C VAL A 90 1.52 7.01 -2.80
N ALA A 91 1.73 6.40 -3.96
CA ALA A 91 3.02 6.44 -4.64
C ALA A 91 2.86 6.90 -6.09
N THR A 92 3.98 7.17 -6.74
CA THR A 92 3.97 7.62 -8.13
C THR A 92 4.27 6.46 -9.08
N ASP A 93 3.99 6.67 -10.36
CA ASP A 93 4.23 5.64 -11.37
C ASP A 93 5.69 5.18 -11.32
N VAL A 94 6.61 6.13 -11.19
CA VAL A 94 8.04 5.83 -11.15
C VAL A 94 8.42 5.26 -9.79
N ALA A 95 7.67 5.61 -8.76
CA ALA A 95 7.93 5.13 -7.41
C ALA A 95 7.49 3.68 -7.25
N ALA A 96 6.32 3.36 -7.78
CA ALA A 96 5.79 2.00 -7.70
C ALA A 96 6.18 1.19 -8.93
N ARG A 97 7.24 1.61 -9.60
CA ARG A 97 7.72 0.92 -10.79
C ARG A 97 8.39 -0.40 -10.43
N GLY A 98 7.75 -1.51 -10.77
CA GLY A 98 8.30 -2.82 -10.47
C GLY A 98 8.68 -2.96 -9.01
N LEU A 99 8.01 -2.21 -8.15
CA LEU A 99 8.28 -2.26 -6.72
C LEU A 99 8.01 -3.66 -6.15
N ASP A 100 8.14 -3.79 -4.84
CA ASP A 100 7.91 -5.07 -4.18
C ASP A 100 6.43 -5.26 -3.86
N ILE A 101 5.65 -5.58 -4.89
CA ILE A 101 4.21 -5.79 -4.73
C ILE A 101 3.71 -6.90 -5.65
N LYS A 102 2.81 -7.72 -5.13
CA LYS A 102 2.24 -8.82 -5.92
C LYS A 102 0.80 -9.09 -5.51
N SER A 103 -0.11 -9.01 -6.49
CA SER A 103 -1.53 -9.24 -6.22
C SER A 103 -2.11 -8.12 -5.36
N LEU A 104 -1.97 -6.88 -5.83
CA LEU A 104 -2.48 -5.73 -5.10
C LEU A 104 -3.98 -5.87 -4.86
N GLU A 105 -4.43 -5.37 -3.72
CA GLU A 105 -5.85 -5.43 -3.36
C GLU A 105 -6.66 -4.48 -4.23
N LEU A 106 -6.20 -3.24 -4.34
CA LEU A 106 -6.88 -2.22 -5.14
C LEU A 106 -5.92 -1.12 -5.55
N VAL A 107 -6.16 -0.55 -6.74
CA VAL A 107 -5.31 0.52 -7.26
C VAL A 107 -6.13 1.75 -7.59
N VAL A 108 -5.90 2.84 -6.87
CA VAL A 108 -6.62 4.09 -7.09
C VAL A 108 -5.75 5.08 -7.86
N ASN A 109 -6.16 5.38 -9.10
CA ASN A 109 -5.43 6.32 -9.93
C ASN A 109 -5.99 7.73 -9.79
N PHE A 110 -5.26 8.58 -9.09
CA PHE A 110 -5.69 9.96 -8.88
C PHE A 110 -6.01 10.64 -10.21
N GLU A 111 -5.35 10.20 -11.28
CA GLU A 111 -5.56 10.76 -12.60
C GLU A 111 -5.08 9.80 -13.68
N LEU A 112 -5.83 9.73 -14.78
CA LEU A 112 -5.49 8.86 -15.89
C LEU A 112 -4.02 9.01 -16.27
N ALA A 113 -3.33 7.88 -16.40
CA ALA A 113 -1.92 7.89 -16.76
C ALA A 113 -1.69 8.65 -18.06
N TRP A 114 -0.44 8.70 -18.50
CA TRP A 114 -0.09 9.40 -19.74
C TRP A 114 -0.52 8.58 -20.96
N ASP A 115 -0.43 7.27 -20.84
CA ASP A 115 -0.81 6.39 -21.94
C ASP A 115 -1.79 5.32 -21.47
N PRO A 116 -2.60 4.79 -22.40
CA PRO A 116 -3.59 3.77 -22.11
C PRO A 116 -2.97 2.43 -21.75
N GLU A 117 -1.73 2.22 -22.19
CA GLU A 117 -1.01 0.98 -21.92
C GLU A 117 -0.47 0.97 -20.49
N VAL A 118 0.19 2.06 -20.11
CA VAL A 118 0.75 2.18 -18.77
C VAL A 118 -0.33 2.10 -17.70
N HIS A 119 -1.50 2.66 -18.01
CA HIS A 119 -2.62 2.64 -17.07
C HIS A 119 -3.03 1.22 -16.75
N VAL A 120 -3.29 0.43 -17.78
CA VAL A 120 -3.70 -0.96 -17.61
C VAL A 120 -2.52 -1.84 -17.21
N HIS A 121 -1.32 -1.43 -17.61
CA HIS A 121 -0.11 -2.17 -17.28
C HIS A 121 0.25 -2.00 -15.81
N ARG A 122 -0.10 -0.85 -15.24
CA ARG A 122 0.19 -0.57 -13.84
C ARG A 122 -0.74 -1.36 -12.92
N ILE A 123 -2.05 -1.21 -13.15
CA ILE A 123 -3.05 -1.90 -12.34
C ILE A 123 -3.21 -3.35 -12.80
N GLY A 124 -2.80 -3.63 -14.03
CA GLY A 124 -2.91 -4.97 -14.56
C GLY A 124 -1.77 -5.86 -14.11
N ARG A 125 -0.57 -5.30 -14.04
CA ARG A 125 0.60 -6.05 -13.63
C ARG A 125 0.72 -6.08 -12.10
N THR A 126 -0.26 -5.49 -11.43
CA THR A 126 -0.26 -5.45 -9.97
C THR A 126 -1.05 -6.60 -9.39
N ALA A 127 -2.05 -7.07 -10.13
CA ALA A 127 -2.87 -8.19 -9.68
C ALA A 127 -3.65 -8.80 -10.85
N ARG A 128 -2.92 -9.28 -11.85
CA ARG A 128 -3.53 -9.89 -13.02
C ARG A 128 -4.20 -11.22 -12.66
N ALA A 129 -5.35 -11.14 -12.00
CA ALA A 129 -6.09 -12.34 -11.60
C ALA A 129 -7.59 -12.14 -11.79
N GLY A 130 -8.37 -13.01 -11.15
CA GLY A 130 -9.81 -12.92 -11.26
C GLY A 130 -10.44 -12.18 -10.09
N ASN A 131 -9.79 -12.26 -8.94
CA ASN A 131 -10.28 -11.60 -7.74
C ASN A 131 -9.68 -10.21 -7.59
N SER A 132 -8.34 -10.15 -7.54
CA SER A 132 -7.64 -8.89 -7.39
C SER A 132 -7.50 -8.19 -8.74
N GLY A 133 -6.86 -7.03 -8.73
CA GLY A 133 -6.66 -6.28 -9.96
C GLY A 133 -7.71 -5.20 -10.16
N LEU A 134 -8.16 -4.61 -9.06
CA LEU A 134 -9.17 -3.56 -9.12
C LEU A 134 -8.54 -2.21 -9.44
N ALA A 135 -8.93 -1.63 -10.57
CA ALA A 135 -8.41 -0.34 -10.99
C ALA A 135 -9.49 0.74 -10.93
N ILE A 136 -9.31 1.70 -10.03
CA ILE A 136 -10.27 2.79 -9.88
C ILE A 136 -9.66 4.13 -10.29
N SER A 137 -10.18 4.70 -11.37
CA SER A 137 -9.68 5.98 -11.87
C SER A 137 -10.61 7.12 -11.46
N PHE A 138 -10.05 8.12 -10.79
CA PHE A 138 -10.83 9.27 -10.35
C PHE A 138 -10.55 10.49 -11.23
N CYS A 139 -11.59 11.01 -11.86
CA CYS A 139 -11.46 12.17 -12.73
C CYS A 139 -12.81 12.53 -13.35
N ALA A 140 -13.05 13.84 -13.50
CA ALA A 140 -14.29 14.32 -14.08
C ALA A 140 -14.55 13.68 -15.44
N PRO A 141 -15.79 13.79 -15.93
CA PRO A 141 -16.19 13.24 -17.22
C PRO A 141 -15.55 13.96 -18.40
N GLU A 142 -14.87 15.07 -18.11
CA GLU A 142 -14.21 15.86 -19.14
C GLU A 142 -13.19 15.02 -19.89
N GLU A 143 -12.55 14.08 -19.19
CA GLU A 143 -11.55 13.21 -19.79
C GLU A 143 -12.12 11.83 -20.06
N ALA A 144 -13.45 11.73 -20.07
CA ALA A 144 -14.12 10.45 -20.30
C ALA A 144 -13.63 9.82 -21.59
N GLN A 145 -13.28 10.65 -22.57
CA GLN A 145 -12.80 10.17 -23.86
C GLN A 145 -11.67 9.15 -23.67
N ARG A 146 -10.65 9.55 -22.93
CA ARG A 146 -9.51 8.67 -22.68
C ARG A 146 -9.96 7.35 -22.06
N ALA A 147 -11.01 7.42 -21.26
CA ALA A 147 -11.54 6.23 -20.59
C ALA A 147 -12.26 5.33 -21.60
N ASN A 148 -12.85 5.94 -22.62
CA ASN A 148 -13.56 5.19 -23.65
C ASN A 148 -12.60 4.36 -24.49
N ILE A 149 -11.55 5.02 -24.99
CA ILE A 149 -10.55 4.34 -25.81
C ILE A 149 -9.77 3.31 -24.99
N ILE A 150 -9.48 3.65 -23.74
CA ILE A 150 -8.74 2.76 -22.86
C ILE A 150 -9.53 1.47 -22.59
N SER A 151 -10.86 1.62 -22.46
CA SER A 151 -11.72 0.48 -22.20
C SER A 151 -11.94 -0.34 -23.47
N ASP A 152 -12.03 0.36 -24.60
CA ASP A 152 -12.25 -0.30 -25.89
C ASP A 152 -11.09 -1.25 -26.21
N MET A 153 -9.86 -0.73 -26.11
CA MET A 153 -8.67 -1.51 -26.40
C MET A 153 -8.62 -2.76 -25.51
N LEU A 154 -9.20 -2.66 -24.32
CA LEU A 154 -9.21 -3.77 -23.38
C LEU A 154 -10.43 -4.66 -23.61
N GLN A 155 -11.14 -4.41 -24.71
CA GLN A 155 -12.32 -5.19 -25.05
C GLN A 155 -13.28 -5.28 -23.87
N ILE A 156 -13.36 -4.19 -23.10
CA ILE A 156 -14.25 -4.15 -21.94
C ILE A 156 -14.85 -2.77 -21.77
N LYS A 157 -15.99 -2.71 -21.08
CA LYS A 157 -16.69 -1.45 -20.85
C LYS A 157 -16.50 -0.99 -19.40
N LEU A 158 -16.39 0.32 -19.21
CA LEU A 158 -16.21 0.89 -17.88
C LEU A 158 -17.55 1.01 -17.16
N ASN A 159 -17.50 1.00 -15.83
CA ASN A 159 -18.71 1.11 -15.02
C ASN A 159 -18.75 2.44 -14.28
N TRP A 160 -19.06 3.51 -15.00
CA TRP A 160 -19.14 4.84 -14.42
C TRP A 160 -20.16 4.89 -13.28
N GLN A 161 -19.70 5.19 -12.08
CA GLN A 161 -20.57 5.26 -10.92
C GLN A 161 -20.45 6.61 -10.23
N THR A 162 -21.51 7.03 -9.53
CA THR A 162 -21.52 8.30 -8.84
C THR A 162 -21.46 8.09 -7.32
N PRO A 163 -21.05 9.14 -6.60
CA PRO A 163 -20.94 9.10 -5.13
C PRO A 163 -22.30 9.05 -4.46
N PRO A 164 -22.30 8.72 -3.15
CA PRO A 164 -23.52 8.64 -2.36
C PRO A 164 -24.17 10.00 -2.13
N ALA A 165 -25.18 10.03 -1.25
CA ALA A 165 -25.88 11.28 -0.95
C ALA A 165 -25.82 11.58 0.54
N ASN A 166 -24.70 11.23 1.17
CA ASN A 166 -24.52 11.47 2.60
C ASN A 166 -23.04 11.44 2.97
N SER A 167 -22.76 11.56 4.27
CA SER A 167 -21.39 11.54 4.75
C SER A 167 -21.20 10.46 5.82
N SER A 168 -20.38 9.46 5.50
CA SER A 168 -20.14 8.36 6.43
C SER A 168 -18.75 7.77 6.19
N ILE A 169 -17.71 8.51 6.58
CA ILE A 169 -16.34 8.05 6.42
C ILE A 169 -15.90 7.19 7.59
N ALA A 170 -15.04 6.22 7.32
CA ALA A 170 -14.54 5.32 8.36
C ALA A 170 -13.02 5.39 8.45
N THR A 171 -12.47 4.81 9.51
CA THR A 171 -11.03 4.81 9.72
C THR A 171 -10.45 3.40 9.53
N LEU A 172 -9.37 3.32 8.76
CA LEU A 172 -8.72 2.04 8.49
C LEU A 172 -7.46 1.89 9.34
N GLU A 173 -7.46 0.91 10.24
CA GLU A 173 -6.31 0.66 11.11
C GLU A 173 -5.41 -0.42 10.52
N ALA A 174 -4.16 -0.45 10.96
CA ALA A 174 -3.20 -1.43 10.47
C ALA A 174 -3.32 -2.73 11.25
N GLU A 175 -2.96 -3.83 10.60
CA GLU A 175 -3.03 -5.15 11.23
C GLU A 175 -1.68 -5.55 11.82
N MET A 176 -0.61 -5.03 11.22
CA MET A 176 0.74 -5.35 11.68
C MET A 176 1.60 -4.09 11.71
N ALA A 177 2.86 -4.24 12.10
CA ALA A 177 3.78 -3.11 12.17
C ALA A 177 5.23 -3.57 11.95
N THR A 178 5.96 -2.80 11.16
CA THR A 178 7.36 -3.13 10.86
C THR A 178 8.29 -2.51 11.89
N LEU A 179 9.44 -3.16 12.09
CA LEU A 179 10.43 -2.68 13.05
C LEU A 179 11.74 -2.33 12.36
N CYS A 180 12.10 -1.05 12.39
CA CYS A 180 13.33 -0.60 11.76
C CYS A 180 14.54 -0.87 12.66
N ILE A 181 15.24 -1.96 12.39
CA ILE A 181 16.41 -2.33 13.18
C ILE A 181 17.69 -1.81 12.53
N ASP A 182 18.65 -1.44 13.37
CA ASP A 182 19.93 -0.93 12.88
C ASP A 182 20.96 -2.05 12.78
N GLY A 183 20.48 -3.27 12.59
CA GLY A 183 21.38 -4.41 12.48
C GLY A 183 21.97 -4.56 11.09
N GLY A 184 21.10 -4.69 10.10
CA GLY A 184 21.56 -4.84 8.73
C GLY A 184 22.51 -6.02 8.56
N LYS A 185 22.98 -6.22 7.33
CA LYS A 185 23.90 -7.31 7.04
C LYS A 185 25.14 -7.24 7.94
N LYS A 186 25.54 -6.02 8.28
CA LYS A 186 26.71 -5.81 9.14
C LYS A 186 26.54 -6.53 10.48
N ALA A 187 25.29 -6.62 10.93
CA ALA A 187 25.00 -7.29 12.19
C ALA A 187 24.81 -8.79 11.99
N LYS A 188 25.11 -9.26 10.79
CA LYS A 188 24.97 -10.68 10.47
C LYS A 188 23.50 -11.10 10.46
N MET A 189 22.71 -10.46 9.61
CA MET A 189 21.29 -10.77 9.52
C MET A 189 21.03 -11.83 8.45
N ARG A 190 20.74 -13.05 8.89
CA ARG A 190 20.48 -14.16 7.97
C ARG A 190 18.99 -14.47 7.92
N PRO A 191 18.57 -15.20 6.86
CA PRO A 191 17.18 -15.59 6.67
C PRO A 191 16.70 -16.61 7.70
N GLY A 192 16.46 -16.14 8.91
CA GLY A 192 16.00 -17.03 9.98
C GLY A 192 16.49 -16.59 11.34
N ASP A 193 17.64 -15.94 11.38
CA ASP A 193 18.22 -15.47 12.64
C ASP A 193 17.32 -14.43 13.29
N VAL A 194 16.90 -13.44 12.49
CA VAL A 194 16.04 -12.38 12.99
C VAL A 194 14.77 -12.94 13.63
N LEU A 195 14.28 -14.04 13.06
CA LEU A 195 13.07 -14.68 13.58
C LEU A 195 13.30 -15.21 15.00
N GLY A 196 14.49 -15.74 15.24
CA GLY A 196 14.81 -16.28 16.55
C GLY A 196 14.90 -15.19 17.60
N ALA A 197 15.35 -14.00 17.19
CA ALA A 197 15.48 -12.88 18.12
C ALA A 197 14.13 -12.42 18.63
N LEU A 198 13.12 -12.42 17.75
CA LEU A 198 11.78 -12.01 18.12
C LEU A 198 11.01 -13.17 18.74
N THR A 199 11.21 -14.37 18.20
CA THR A 199 10.53 -15.56 18.71
C THR A 199 11.37 -16.25 19.77
N GLY A 200 12.33 -15.53 20.33
CA GLY A 200 13.19 -16.08 21.36
C GLY A 200 13.52 -15.08 22.44
N ASP A 201 14.01 -13.91 22.04
CA ASP A 201 14.37 -12.85 22.98
C ASP A 201 13.14 -12.09 23.45
N ILE A 202 12.26 -11.75 22.50
CA ILE A 202 11.04 -11.03 22.82
C ILE A 202 9.94 -11.97 23.28
N GLY A 203 9.80 -13.10 22.60
CA GLY A 203 8.78 -14.07 22.96
C GLY A 203 7.57 -14.00 22.05
N LEU A 204 7.79 -13.65 20.80
CA LEU A 204 6.70 -13.55 19.83
C LEU A 204 6.47 -14.87 19.12
N ASP A 205 5.28 -15.04 18.56
CA ASP A 205 4.94 -16.27 17.84
C ASP A 205 5.05 -16.06 16.34
N GLY A 206 5.31 -17.15 15.63
CA GLY A 206 5.44 -17.08 14.18
C GLY A 206 4.26 -16.40 13.53
N ALA A 207 3.09 -16.57 14.11
CA ALA A 207 1.87 -15.96 13.58
C ALA A 207 1.94 -14.44 13.65
N ASP A 208 2.65 -13.93 14.65
CA ASP A 208 2.80 -12.49 14.83
C ASP A 208 3.94 -11.95 13.98
N ILE A 209 4.91 -12.81 13.69
CA ILE A 209 6.06 -12.42 12.87
C ILE A 209 5.68 -12.28 11.40
N GLY A 210 5.85 -11.08 10.88
CA GLY A 210 5.52 -10.82 9.49
C GLY A 210 6.75 -10.86 8.59
N LYS A 211 6.65 -10.19 7.44
CA LYS A 211 7.77 -10.15 6.49
C LYS A 211 8.99 -9.48 7.11
N ILE A 212 10.17 -9.88 6.65
CA ILE A 212 11.41 -9.33 7.17
C ILE A 212 12.33 -8.89 6.02
N ALA A 213 12.55 -7.58 5.91
CA ALA A 213 13.41 -7.04 4.87
C ALA A 213 14.83 -6.80 5.38
N VAL A 214 15.74 -7.70 5.04
CA VAL A 214 17.12 -7.59 5.47
C VAL A 214 17.96 -6.84 4.43
N HIS A 215 18.46 -5.67 4.81
CA HIS A 215 19.28 -4.86 3.91
C HIS A 215 20.72 -4.79 4.41
N PRO A 216 21.64 -4.40 3.51
CA PRO A 216 23.06 -4.27 3.84
C PRO A 216 23.34 -3.11 4.78
N ALA A 217 22.32 -2.30 5.04
CA ALA A 217 22.45 -1.16 5.93
C ALA A 217 21.62 -1.33 7.19
N HIS A 218 20.49 -2.01 7.06
CA HIS A 218 19.61 -2.25 8.19
C HIS A 218 18.62 -3.38 7.88
N VAL A 219 18.03 -3.95 8.93
CA VAL A 219 17.07 -5.04 8.77
C VAL A 219 15.73 -4.67 9.39
N TYR A 220 14.66 -4.92 8.64
CA TYR A 220 13.31 -4.63 9.12
C TYR A 220 12.52 -5.91 9.38
N VAL A 221 11.89 -5.98 10.55
CA VAL A 221 11.09 -7.14 10.90
C VAL A 221 9.66 -6.75 11.25
N ALA A 222 8.71 -7.44 10.62
CA ALA A 222 7.30 -7.18 10.85
C ALA A 222 6.80 -7.85 12.13
N VAL A 223 5.78 -7.28 12.76
CA VAL A 223 5.22 -7.83 13.98
C VAL A 223 3.78 -7.39 14.16
N ARG A 224 2.93 -8.32 14.60
CA ARG A 224 1.51 -8.03 14.82
C ARG A 224 1.34 -6.98 15.91
N GLN A 225 0.35 -6.12 15.76
CA GLN A 225 0.08 -5.07 16.73
C GLN A 225 0.00 -5.65 18.14
N ALA A 226 -0.41 -6.90 18.24
CA ALA A 226 -0.53 -7.58 19.53
C ALA A 226 0.80 -7.58 20.27
N VAL A 227 1.89 -7.63 19.51
CA VAL A 227 3.23 -7.64 20.10
C VAL A 227 4.12 -6.59 19.44
N ALA A 228 3.50 -5.66 18.71
CA ALA A 228 4.25 -4.61 18.03
C ALA A 228 4.80 -3.60 19.03
N HIS A 229 3.95 -3.15 19.95
CA HIS A 229 4.36 -2.19 20.97
C HIS A 229 5.36 -2.81 21.94
N LYS A 230 5.17 -4.09 22.23
CA LYS A 230 6.04 -4.81 23.16
C LYS A 230 7.35 -5.19 22.47
N ALA A 231 7.29 -5.44 21.18
CA ALA A 231 8.47 -5.81 20.41
C ALA A 231 9.47 -4.65 20.34
N TRP A 232 8.98 -3.49 19.93
CA TRP A 232 9.82 -2.30 19.82
C TRP A 232 10.35 -1.89 21.19
N LYS A 233 9.50 -1.98 22.21
CA LYS A 233 9.89 -1.62 23.57
C LYS A 233 10.86 -2.64 24.15
N GLN A 234 10.67 -3.91 23.78
CA GLN A 234 11.54 -4.97 24.27
C GLN A 234 12.91 -4.92 23.60
N LEU A 235 12.91 -4.85 22.27
CA LEU A 235 14.14 -4.79 21.51
C LEU A 235 14.95 -3.55 21.88
N GLN A 236 14.26 -2.53 22.35
CA GLN A 236 14.91 -1.27 22.74
C GLN A 236 15.96 -1.52 23.82
N GLY A 237 15.69 -2.48 24.70
CA GLY A 237 16.61 -2.80 25.77
C GLY A 237 17.17 -4.21 25.65
N GLY A 238 17.11 -4.77 24.45
CA GLY A 238 17.62 -6.10 24.22
C GLY A 238 18.66 -6.15 23.13
N LYS A 239 18.69 -7.24 22.37
CA LYS A 239 19.64 -7.41 21.29
C LYS A 239 19.28 -8.61 20.41
N ILE A 240 19.67 -8.56 19.16
CA ILE A 240 19.39 -9.64 18.22
C ILE A 240 20.64 -10.46 17.93
N LYS A 241 20.66 -11.69 18.44
CA LYS A 241 21.79 -12.59 18.23
C LYS A 241 23.05 -12.02 18.89
N GLY A 242 22.92 -11.58 20.13
CA GLY A 242 24.06 -11.03 20.85
C GLY A 242 24.56 -9.74 20.22
N LYS A 243 23.68 -9.06 19.49
CA LYS A 243 24.03 -7.80 18.85
C LYS A 243 23.07 -6.70 19.25
N THR A 244 23.59 -5.66 19.91
CA THR A 244 22.78 -4.54 20.35
C THR A 244 22.51 -3.57 19.20
N CYS A 245 21.24 -3.34 18.90
CA CYS A 245 20.85 -2.45 17.83
C CYS A 245 19.64 -1.60 18.23
N ARG A 246 19.29 -0.64 17.39
CA ARG A 246 18.16 0.24 17.65
C ARG A 246 16.96 -0.15 16.80
N VAL A 247 15.81 -0.34 17.44
CA VAL A 247 14.59 -0.71 16.74
C VAL A 247 13.55 0.40 16.82
N ARG A 248 12.80 0.58 15.73
CA ARG A 248 11.77 1.60 15.67
C ARG A 248 10.53 1.10 14.94
N LEU A 249 9.42 0.99 15.66
CA LEU A 249 8.17 0.52 15.09
C LEU A 249 7.59 1.55 14.12
N LEU A 250 7.37 1.14 12.88
CA LEU A 250 6.81 2.03 11.86
C LEU A 250 5.35 2.32 12.13
N LYS A 251 5.07 3.52 12.64
CA LYS A 251 3.71 3.93 12.94
C LYS A 251 3.14 4.81 11.83
N GLY A 1 -7.05 -25.12 3.28
CA GLY A 1 -7.02 -24.69 1.90
C GLY A 1 -8.39 -24.73 1.25
N GLY A 2 -8.47 -24.29 0.00
CA GLY A 2 -9.73 -24.29 -0.71
C GLY A 2 -10.05 -22.95 -1.34
N SER A 3 -10.86 -22.96 -2.39
CA SER A 3 -11.24 -21.73 -3.08
C SER A 3 -12.36 -21.99 -4.08
N THR A 4 -12.93 -20.91 -4.61
CA THR A 4 -14.01 -21.02 -5.57
C THR A 4 -13.51 -20.77 -6.99
N ASP A 5 -14.35 -21.09 -7.97
CA ASP A 5 -13.98 -20.89 -9.38
C ASP A 5 -14.53 -19.56 -9.90
N ALA A 6 -14.42 -18.52 -9.09
CA ALA A 6 -14.89 -17.20 -9.47
C ALA A 6 -13.87 -16.12 -9.11
N LEU A 7 -12.74 -16.14 -9.80
CA LEU A 7 -11.68 -15.17 -9.56
C LEU A 7 -11.83 -13.96 -10.47
N PRO A 8 -12.15 -12.80 -9.88
CA PRO A 8 -12.33 -11.55 -10.62
C PRO A 8 -11.01 -11.02 -11.18
N PRO A 9 -10.89 -11.03 -12.52
CA PRO A 9 -9.68 -10.56 -13.21
C PRO A 9 -9.53 -9.04 -13.11
N ILE A 10 -8.66 -8.49 -13.96
CA ILE A 10 -8.42 -7.05 -13.97
C ILE A 10 -9.72 -6.28 -14.17
N GLU A 11 -10.22 -5.68 -13.09
CA GLU A 11 -11.45 -4.91 -13.15
C GLU A 11 -11.16 -3.42 -13.35
N GLN A 12 -11.87 -2.80 -14.28
CA GLN A 12 -11.68 -1.39 -14.57
C GLN A 12 -12.84 -0.56 -14.00
N GLN A 13 -12.52 0.31 -13.05
CA GLN A 13 -13.53 1.15 -12.42
C GLN A 13 -13.19 2.64 -12.60
N PHE A 14 -14.22 3.46 -12.74
CA PHE A 14 -14.04 4.89 -12.92
C PHE A 14 -15.05 5.69 -12.11
N TYR A 15 -14.57 6.66 -11.35
CA TYR A 15 -15.44 7.49 -10.52
C TYR A 15 -15.34 8.96 -10.93
N GLU A 16 -16.48 9.65 -10.90
CA GLU A 16 -16.52 11.06 -11.27
C GLU A 16 -16.30 11.95 -10.04
N THR A 17 -15.15 12.60 -10.00
CA THR A 17 -14.81 13.49 -8.89
C THR A 17 -13.62 14.39 -9.24
N SER A 18 -13.46 15.46 -8.47
CA SER A 18 -12.37 16.40 -8.70
C SER A 18 -11.18 16.10 -7.78
N SER A 19 -10.14 16.91 -7.90
CA SER A 19 -8.94 16.72 -7.09
C SER A 19 -9.28 16.77 -5.60
N LYS A 20 -10.26 17.60 -5.25
CA LYS A 20 -10.69 17.74 -3.86
C LYS A 20 -11.72 16.68 -3.50
N GLY A 21 -12.56 16.31 -4.47
CA GLY A 21 -13.59 15.31 -4.23
C GLY A 21 -13.01 13.91 -4.12
N LYS A 22 -11.80 13.73 -4.61
CA LYS A 22 -11.13 12.43 -4.56
C LYS A 22 -10.75 12.08 -3.12
N ILE A 23 -10.46 13.10 -2.32
CA ILE A 23 -10.08 12.89 -0.93
C ILE A 23 -11.16 12.13 -0.17
N PRO A 24 -12.39 12.70 -0.15
CA PRO A 24 -13.53 12.10 0.53
C PRO A 24 -14.03 10.85 -0.18
N LEU A 25 -14.00 10.88 -1.50
CA LEU A 25 -14.46 9.74 -2.30
C LEU A 25 -13.56 8.52 -2.07
N LEU A 26 -12.26 8.71 -2.17
CA LEU A 26 -11.31 7.63 -1.97
C LEU A 26 -11.42 7.07 -0.56
N GLN A 27 -11.38 7.95 0.43
CA GLN A 27 -11.49 7.54 1.83
C GLN A 27 -12.74 6.72 2.06
N ARG A 28 -13.88 7.23 1.61
CA ARG A 28 -15.15 6.55 1.77
C ARG A 28 -15.11 5.16 1.14
N LEU A 29 -14.49 5.07 -0.04
CA LEU A 29 -14.38 3.80 -0.75
C LEU A 29 -13.50 2.82 0.02
N LEU A 30 -12.51 3.35 0.73
CA LEU A 30 -11.61 2.52 1.53
C LEU A 30 -12.27 2.06 2.81
N SER A 31 -13.19 2.87 3.32
CA SER A 31 -13.91 2.54 4.55
C SER A 31 -15.00 1.50 4.29
N LEU A 32 -15.61 1.58 3.12
CA LEU A 32 -16.67 0.64 2.74
C LEU A 32 -16.07 -0.65 2.16
N HIS A 33 -14.98 -0.50 1.41
CA HIS A 33 -14.32 -1.65 0.81
C HIS A 33 -13.36 -2.30 1.79
N GLN A 34 -12.71 -1.49 2.61
CA GLN A 34 -11.76 -1.99 3.59
C GLN A 34 -10.74 -2.91 2.95
N PRO A 35 -10.02 -2.40 1.94
CA PRO A 35 -9.00 -3.16 1.21
C PRO A 35 -7.78 -3.44 2.07
N SER A 36 -7.31 -4.68 2.04
CA SER A 36 -6.14 -5.08 2.81
C SER A 36 -4.91 -4.28 2.40
N SER A 37 -4.91 -3.81 1.15
CA SER A 37 -3.80 -3.04 0.63
C SER A 37 -4.23 -2.21 -0.58
N CYS A 38 -4.20 -0.89 -0.43
CA CYS A 38 -4.59 0.01 -1.51
C CYS A 38 -3.45 0.96 -1.86
N VAL A 39 -3.09 1.00 -3.14
CA VAL A 39 -2.01 1.87 -3.60
C VAL A 39 -2.56 3.02 -4.44
N VAL A 40 -2.34 4.24 -3.97
CA VAL A 40 -2.80 5.44 -4.68
C VAL A 40 -1.70 6.04 -5.53
N PHE A 41 -1.95 6.17 -6.83
CA PHE A 41 -0.97 6.74 -7.75
C PHE A 41 -1.12 8.25 -7.82
N CYS A 42 -0.02 8.95 -7.53
CA CYS A 42 -0.01 10.41 -7.56
C CYS A 42 0.91 10.93 -8.66
N ASN A 43 0.80 12.22 -8.94
CA ASN A 43 1.63 12.85 -9.97
C ASN A 43 2.82 13.57 -9.36
N THR A 44 2.61 14.15 -8.18
CA THR A 44 3.67 14.87 -7.49
C THR A 44 3.47 14.82 -5.97
N LYS A 45 4.46 15.31 -5.24
CA LYS A 45 4.40 15.32 -3.78
C LYS A 45 3.11 16.00 -3.30
N LYS A 46 2.71 17.05 -4.01
CA LYS A 46 1.50 17.79 -3.65
C LYS A 46 0.31 16.85 -3.54
N ASP A 47 0.12 16.00 -4.55
CA ASP A 47 -0.98 15.05 -4.56
C ASP A 47 -0.84 14.03 -3.43
N CYS A 48 0.33 13.41 -3.35
CA CYS A 48 0.59 12.41 -2.32
C CYS A 48 0.40 13.01 -0.93
N GLN A 49 0.70 14.30 -0.80
CA GLN A 49 0.55 14.99 0.48
C GLN A 49 -0.92 15.18 0.84
N ALA A 50 -1.71 15.61 -0.14
CA ALA A 50 -3.14 15.83 0.07
C ALA A 50 -3.83 14.56 0.52
N VAL A 51 -3.53 13.46 -0.17
CA VAL A 51 -4.14 12.16 0.15
C VAL A 51 -3.72 11.71 1.55
N CYS A 52 -2.42 11.65 1.77
CA CYS A 52 -1.88 11.23 3.07
C CYS A 52 -2.39 12.13 4.18
N ASP A 53 -2.57 13.41 3.87
CA ASP A 53 -3.05 14.38 4.85
C ASP A 53 -4.50 14.08 5.26
N ALA A 54 -5.36 13.94 4.26
CA ALA A 54 -6.77 13.64 4.50
C ALA A 54 -6.93 12.38 5.34
N LEU A 55 -6.31 11.29 4.87
CA LEU A 55 -6.39 10.02 5.58
C LEU A 55 -5.89 10.15 7.01
N ASN A 56 -4.67 10.67 7.17
CA ASN A 56 -4.08 10.85 8.49
C ASN A 56 -4.96 11.75 9.36
N GLU A 57 -5.73 12.62 8.71
CA GLU A 57 -6.61 13.53 9.42
C GLU A 57 -7.75 12.77 10.09
N VAL A 58 -8.23 11.73 9.43
CA VAL A 58 -9.32 10.91 9.95
C VAL A 58 -8.79 9.71 10.70
N GLY A 59 -7.48 9.47 10.59
CA GLY A 59 -6.88 8.35 11.28
C GLY A 59 -6.70 7.14 10.36
N GLN A 60 -6.82 7.37 9.06
CA GLN A 60 -6.68 6.31 8.08
C GLN A 60 -5.21 5.97 7.85
N SER A 61 -4.81 4.77 8.28
CA SER A 61 -3.43 4.33 8.13
C SER A 61 -2.99 4.40 6.66
N ALA A 62 -2.00 5.24 6.38
CA ALA A 62 -1.49 5.38 5.02
C ALA A 62 -0.09 5.99 5.02
N LEU A 63 0.56 5.94 3.87
CA LEU A 63 1.91 6.47 3.74
C LEU A 63 2.20 6.90 2.30
N SER A 64 3.12 7.84 2.13
CA SER A 64 3.48 8.33 0.81
C SER A 64 4.84 7.80 0.37
N LEU A 65 5.05 7.70 -0.92
CA LEU A 65 6.31 7.20 -1.47
C LEU A 65 6.60 7.84 -2.83
N HIS A 66 7.70 8.58 -2.91
CA HIS A 66 8.09 9.24 -4.14
C HIS A 66 9.33 8.58 -4.74
N GLY A 67 9.71 9.00 -5.94
CA GLY A 67 10.87 8.44 -6.61
C GLY A 67 12.16 9.07 -6.15
N ASP A 68 12.12 10.39 -5.90
CA ASP A 68 13.31 11.12 -5.46
C ASP A 68 13.33 11.23 -3.94
N LEU A 69 12.64 10.32 -3.27
CA LEU A 69 12.58 10.31 -1.82
C LEU A 69 13.82 9.66 -1.22
N GLU A 70 14.01 9.84 0.09
CA GLU A 70 15.15 9.27 0.77
C GLU A 70 15.11 7.74 0.76
N GLN A 71 16.26 7.12 0.57
CA GLN A 71 16.35 5.67 0.52
C GLN A 71 15.66 5.05 1.73
N ARG A 72 15.94 5.59 2.91
CA ARG A 72 15.36 5.09 4.14
C ARG A 72 13.84 5.07 4.05
N ASP A 73 13.26 6.14 3.49
CA ASP A 73 11.82 6.24 3.34
C ASP A 73 11.31 5.23 2.32
N ARG A 74 12.02 5.12 1.20
CA ARG A 74 11.63 4.19 0.15
C ARG A 74 11.48 2.77 0.69
N ASP A 75 12.50 2.32 1.43
CA ASP A 75 12.49 0.98 2.01
C ASP A 75 11.42 0.87 3.10
N GLN A 76 11.46 1.79 4.04
CA GLN A 76 10.49 1.80 5.14
C GLN A 76 9.06 1.79 4.61
N THR A 77 8.86 2.43 3.46
CA THR A 77 7.54 2.49 2.85
C THR A 77 7.16 1.16 2.21
N LEU A 78 8.06 0.63 1.40
CA LEU A 78 7.81 -0.66 0.73
C LEU A 78 7.46 -1.74 1.74
N VAL A 79 8.15 -1.74 2.88
CA VAL A 79 7.92 -2.72 3.92
C VAL A 79 6.55 -2.50 4.57
N ARG A 80 6.13 -1.25 4.65
CA ARG A 80 4.84 -0.91 5.25
C ARG A 80 3.70 -1.59 4.50
N PHE A 81 3.66 -1.39 3.18
CA PHE A 81 2.62 -1.98 2.35
C PHE A 81 2.87 -3.47 2.13
N ALA A 82 4.14 -3.86 2.19
CA ALA A 82 4.51 -5.26 2.00
C ALA A 82 4.27 -6.06 3.27
N ASN A 83 4.23 -5.38 4.41
CA ASN A 83 4.01 -6.04 5.69
C ASN A 83 2.59 -5.79 6.19
N GLY A 84 1.94 -4.75 5.64
CA GLY A 84 0.60 -4.42 6.04
C GLY A 84 0.56 -3.46 7.21
N SER A 85 1.65 -2.73 7.41
CA SER A 85 1.74 -1.77 8.51
C SER A 85 0.70 -0.67 8.34
N ALA A 86 0.24 -0.48 7.11
CA ALA A 86 -0.76 0.55 6.83
C ALA A 86 -1.92 -0.04 6.02
N ARG A 87 -2.75 0.84 5.48
CA ARG A 87 -3.90 0.43 4.68
C ARG A 87 -3.84 1.02 3.28
N VAL A 88 -3.32 2.23 3.18
CA VAL A 88 -3.20 2.91 1.89
C VAL A 88 -1.78 3.39 1.66
N LEU A 89 -1.33 3.29 0.41
CA LEU A 89 0.02 3.73 0.05
C LEU A 89 -0.02 4.66 -1.16
N VAL A 90 0.13 5.96 -0.91
CA VAL A 90 0.12 6.95 -1.98
C VAL A 90 1.52 7.17 -2.53
N ALA A 91 1.82 6.51 -3.64
CA ALA A 91 3.13 6.64 -4.28
C ALA A 91 2.99 7.03 -5.75
N THR A 92 4.12 7.30 -6.39
CA THR A 92 4.13 7.69 -7.80
C THR A 92 4.52 6.51 -8.69
N ASP A 93 4.05 6.55 -9.94
CA ASP A 93 4.35 5.49 -10.89
C ASP A 93 5.85 5.20 -10.95
N VAL A 94 6.65 6.25 -10.77
CA VAL A 94 8.10 6.12 -10.81
C VAL A 94 8.62 5.51 -9.52
N ALA A 95 7.91 5.75 -8.42
CA ALA A 95 8.30 5.22 -7.12
C ALA A 95 7.89 3.76 -6.98
N ALA A 96 6.67 3.45 -7.39
CA ALA A 96 6.16 2.09 -7.32
C ALA A 96 6.36 1.35 -8.64
N ARG A 97 7.35 1.78 -9.41
CA ARG A 97 7.64 1.17 -10.70
C ARG A 97 8.19 -0.25 -10.51
N GLY A 98 7.40 -1.24 -10.91
CA GLY A 98 7.82 -2.62 -10.78
C GLY A 98 8.31 -2.94 -9.39
N LEU A 99 7.74 -2.27 -8.38
CA LEU A 99 8.13 -2.49 -7.00
C LEU A 99 7.75 -3.90 -6.54
N ASP A 100 7.95 -4.18 -5.26
CA ASP A 100 7.63 -5.49 -4.70
C ASP A 100 6.14 -5.57 -4.34
N ILE A 101 5.31 -5.77 -5.35
CA ILE A 101 3.87 -5.88 -5.15
C ILE A 101 3.22 -6.75 -6.21
N LYS A 102 2.87 -7.97 -5.84
CA LYS A 102 2.24 -8.91 -6.76
C LYS A 102 0.95 -9.47 -6.16
N SER A 103 0.27 -8.65 -5.37
CA SER A 103 -0.99 -9.07 -4.74
C SER A 103 -1.76 -7.86 -4.22
N LEU A 104 -1.60 -6.74 -4.90
CA LEU A 104 -2.29 -5.51 -4.52
C LEU A 104 -3.79 -5.74 -4.41
N GLU A 105 -4.39 -5.28 -3.31
CA GLU A 105 -5.82 -5.44 -3.09
C GLU A 105 -6.61 -4.52 -4.01
N LEU A 106 -6.14 -3.29 -4.17
CA LEU A 106 -6.81 -2.31 -5.02
C LEU A 106 -5.86 -1.18 -5.40
N VAL A 107 -5.90 -0.77 -6.67
CA VAL A 107 -5.05 0.30 -7.15
C VAL A 107 -5.87 1.53 -7.52
N VAL A 108 -5.65 2.61 -6.77
CA VAL A 108 -6.37 3.86 -7.02
C VAL A 108 -5.50 4.86 -7.77
N ASN A 109 -6.05 5.41 -8.85
CA ASN A 109 -5.33 6.38 -9.66
C ASN A 109 -5.92 7.78 -9.49
N PHE A 110 -5.14 8.67 -8.88
CA PHE A 110 -5.57 10.04 -8.65
C PHE A 110 -6.04 10.69 -9.95
N GLU A 111 -5.43 10.29 -11.06
CA GLU A 111 -5.79 10.82 -12.37
C GLU A 111 -5.29 9.91 -13.49
N LEU A 112 -5.94 10.00 -14.64
CA LEU A 112 -5.57 9.18 -15.78
C LEU A 112 -4.07 9.23 -16.04
N ALA A 113 -3.44 8.06 -16.11
CA ALA A 113 -2.01 7.98 -16.36
C ALA A 113 -1.62 8.72 -17.62
N TRP A 114 -0.33 8.72 -17.94
CA TRP A 114 0.17 9.39 -19.13
C TRP A 114 -0.25 8.66 -20.39
N ASP A 115 -0.30 7.33 -20.31
CA ASP A 115 -0.69 6.50 -21.44
C ASP A 115 -1.61 5.37 -21.00
N PRO A 116 -2.35 4.80 -21.97
CA PRO A 116 -3.28 3.70 -21.70
C PRO A 116 -2.57 2.41 -21.35
N GLU A 117 -1.30 2.32 -21.73
CA GLU A 117 -0.50 1.13 -21.45
C GLU A 117 -0.06 1.09 -19.99
N VAL A 118 0.52 2.20 -19.53
CA VAL A 118 0.99 2.29 -18.15
C VAL A 118 -0.16 2.11 -17.16
N HIS A 119 -1.34 2.60 -17.53
CA HIS A 119 -2.52 2.49 -16.69
C HIS A 119 -2.84 1.03 -16.39
N VAL A 120 -2.99 0.24 -17.44
CA VAL A 120 -3.29 -1.19 -17.30
C VAL A 120 -2.06 -1.97 -16.85
N HIS A 121 -0.89 -1.47 -17.24
CA HIS A 121 0.37 -2.13 -16.88
C HIS A 121 0.64 -2.00 -15.38
N ARG A 122 0.23 -0.87 -14.81
CA ARG A 122 0.43 -0.61 -13.39
C ARG A 122 -0.46 -1.52 -12.54
N ILE A 123 -1.75 -1.54 -12.85
CA ILE A 123 -2.69 -2.36 -12.12
C ILE A 123 -2.60 -3.82 -12.55
N GLY A 124 -2.10 -4.05 -13.77
CA GLY A 124 -1.97 -5.40 -14.28
C GLY A 124 -0.72 -6.09 -13.77
N ARG A 125 0.35 -5.32 -13.58
CA ARG A 125 1.61 -5.87 -13.10
C ARG A 125 1.66 -5.88 -11.58
N THR A 126 0.55 -5.48 -10.96
CA THR A 126 0.46 -5.43 -9.50
C THR A 126 -0.19 -6.70 -8.97
N ALA A 127 -1.07 -7.29 -9.77
CA ALA A 127 -1.77 -8.51 -9.37
C ALA A 127 -2.18 -9.33 -10.58
N ARG A 128 -3.23 -8.87 -11.27
CA ARG A 128 -3.73 -9.56 -12.46
C ARG A 128 -4.27 -10.95 -12.10
N ALA A 129 -4.83 -11.06 -10.90
CA ALA A 129 -5.38 -12.32 -10.43
C ALA A 129 -6.68 -12.11 -9.67
N GLY A 130 -7.15 -13.15 -8.99
CA GLY A 130 -8.39 -13.04 -8.24
C GLY A 130 -8.27 -12.10 -7.06
N ASN A 131 -9.41 -11.60 -6.60
CA ASN A 131 -9.43 -10.67 -5.47
C ASN A 131 -8.33 -9.63 -5.60
N SER A 132 -8.04 -9.24 -6.84
CA SER A 132 -7.00 -8.24 -7.10
C SER A 132 -7.15 -7.67 -8.51
N GLY A 133 -6.14 -6.92 -8.93
CA GLY A 133 -6.17 -6.32 -10.26
C GLY A 133 -7.26 -5.27 -10.40
N LEU A 134 -7.57 -4.60 -9.30
CA LEU A 134 -8.60 -3.56 -9.29
C LEU A 134 -8.01 -2.19 -9.61
N ALA A 135 -8.53 -1.55 -10.64
CA ALA A 135 -8.05 -0.23 -11.05
C ALA A 135 -9.18 0.79 -11.03
N ILE A 136 -9.10 1.75 -10.12
CA ILE A 136 -10.12 2.78 -10.01
C ILE A 136 -9.57 4.14 -10.41
N SER A 137 -10.20 4.77 -11.38
CA SER A 137 -9.77 6.08 -11.86
C SER A 137 -10.59 7.19 -11.22
N PHE A 138 -9.91 8.08 -10.49
CA PHE A 138 -10.58 9.18 -9.81
C PHE A 138 -10.45 10.46 -10.63
N CYS A 139 -11.55 10.86 -11.26
CA CYS A 139 -11.57 12.07 -12.07
C CYS A 139 -12.94 12.28 -12.71
N ALA A 140 -13.26 13.53 -13.01
CA ALA A 140 -14.54 13.86 -13.64
C ALA A 140 -14.73 13.11 -14.95
N PRO A 141 -15.97 13.05 -15.43
CA PRO A 141 -16.31 12.37 -16.69
C PRO A 141 -15.77 13.10 -17.90
N GLU A 142 -15.25 14.31 -17.68
CA GLU A 142 -14.71 15.12 -18.77
C GLU A 142 -13.58 14.39 -19.48
N GLU A 143 -12.82 13.61 -18.72
CA GLU A 143 -11.70 12.84 -19.28
C GLU A 143 -12.12 11.42 -19.60
N ALA A 144 -13.42 11.20 -19.69
CA ALA A 144 -13.96 9.87 -20.00
C ALA A 144 -13.37 9.33 -21.30
N GLN A 145 -13.08 10.23 -22.23
CA GLN A 145 -12.50 9.84 -23.51
C GLN A 145 -11.28 8.95 -23.32
N ARG A 146 -10.53 9.21 -22.26
CA ARG A 146 -9.34 8.42 -21.96
C ARG A 146 -9.71 7.00 -21.57
N ALA A 147 -10.79 6.85 -20.83
CA ALA A 147 -11.26 5.54 -20.39
C ALA A 147 -11.88 4.76 -21.56
N ASN A 148 -12.51 5.49 -22.47
CA ASN A 148 -13.15 4.87 -23.63
C ASN A 148 -12.14 4.07 -24.44
N ILE A 149 -11.02 4.70 -24.79
CA ILE A 149 -9.97 4.04 -25.57
C ILE A 149 -9.21 3.03 -24.71
N ILE A 150 -8.97 3.38 -23.45
CA ILE A 150 -8.26 2.52 -22.54
C ILE A 150 -9.00 1.20 -22.33
N SER A 151 -10.32 1.29 -22.21
CA SER A 151 -11.15 0.11 -22.00
C SER A 151 -11.33 -0.66 -23.30
N ASP A 152 -11.44 0.08 -24.41
CA ASP A 152 -11.62 -0.54 -25.72
C ASP A 152 -10.46 -1.48 -26.03
N MET A 153 -9.24 -0.97 -25.92
CA MET A 153 -8.05 -1.76 -26.19
C MET A 153 -8.01 -3.01 -25.31
N LEU A 154 -8.60 -2.90 -24.12
CA LEU A 154 -8.62 -4.02 -23.18
C LEU A 154 -9.79 -4.96 -23.49
N GLN A 155 -10.71 -4.50 -24.34
CA GLN A 155 -11.86 -5.29 -24.72
C GLN A 155 -12.78 -5.52 -23.52
N ILE A 156 -12.91 -4.50 -22.68
CA ILE A 156 -13.76 -4.59 -21.50
C ILE A 156 -14.56 -3.31 -21.30
N LYS A 157 -15.59 -3.38 -20.48
CA LYS A 157 -16.45 -2.23 -20.20
C LYS A 157 -16.09 -1.61 -18.85
N LEU A 158 -16.34 -0.31 -18.72
CA LEU A 158 -16.06 0.41 -17.48
C LEU A 158 -17.33 0.64 -16.69
N ASN A 159 -17.26 0.39 -15.38
CA ASN A 159 -18.42 0.57 -14.50
C ASN A 159 -18.36 1.94 -13.83
N TRP A 160 -18.79 2.97 -14.54
CA TRP A 160 -18.80 4.33 -14.01
C TRP A 160 -19.76 4.45 -12.83
N GLN A 161 -19.22 4.76 -11.65
CA GLN A 161 -20.04 4.90 -10.45
C GLN A 161 -20.00 6.34 -9.94
N THR A 162 -21.08 6.76 -9.29
CA THR A 162 -21.18 8.11 -8.75
C THR A 162 -21.10 8.10 -7.23
N PRO A 163 -20.74 9.25 -6.64
CA PRO A 163 -20.63 9.40 -5.20
C PRO A 163 -21.98 9.35 -4.49
N PRO A 164 -22.21 8.28 -3.71
CA PRO A 164 -23.46 8.09 -2.98
C PRO A 164 -23.62 9.09 -1.82
N ALA A 165 -24.64 8.88 -1.01
CA ALA A 165 -24.90 9.75 0.13
C ALA A 165 -23.65 9.93 0.98
N ASN A 166 -23.09 11.13 0.98
CA ASN A 166 -21.89 11.43 1.76
C ASN A 166 -22.25 11.78 3.20
N SER A 167 -22.19 10.80 4.08
CA SER A 167 -22.50 11.01 5.49
C SER A 167 -21.23 11.20 6.31
N SER A 168 -20.32 10.23 6.23
CA SER A 168 -19.08 10.30 6.96
C SER A 168 -18.18 9.10 6.62
N ILE A 169 -16.89 9.36 6.46
CA ILE A 169 -15.94 8.31 6.14
C ILE A 169 -15.46 7.59 7.40
N ALA A 170 -15.16 6.31 7.26
CA ALA A 170 -14.70 5.50 8.38
C ALA A 170 -13.17 5.52 8.47
N THR A 171 -12.64 4.95 9.55
CA THR A 171 -11.19 4.90 9.75
C THR A 171 -10.67 3.48 9.60
N LEU A 172 -9.54 3.33 8.92
CA LEU A 172 -8.94 2.02 8.71
C LEU A 172 -7.70 1.84 9.59
N GLU A 173 -7.75 0.83 10.46
CA GLU A 173 -6.63 0.55 11.35
C GLU A 173 -5.70 -0.50 10.75
N ALA A 174 -4.42 -0.41 11.11
CA ALA A 174 -3.42 -1.36 10.60
C ALA A 174 -3.52 -2.69 11.33
N GLU A 175 -3.17 -3.77 10.62
CA GLU A 175 -3.22 -5.11 11.20
C GLU A 175 -1.85 -5.52 11.73
N MET A 176 -0.81 -4.94 11.16
CA MET A 176 0.56 -5.25 11.57
C MET A 176 1.40 -3.97 11.67
N ALA A 177 2.67 -4.14 12.03
CA ALA A 177 3.58 -3.00 12.16
C ALA A 177 5.01 -3.40 11.83
N THR A 178 5.62 -2.69 10.89
CA THR A 178 6.98 -2.97 10.48
C THR A 178 7.99 -2.38 11.47
N LEU A 179 9.08 -3.10 11.71
CA LEU A 179 10.12 -2.65 12.63
C LEU A 179 11.41 -2.33 11.88
N CYS A 180 11.70 -1.05 11.76
CA CYS A 180 12.92 -0.60 11.07
C CYS A 180 14.15 -0.83 11.94
N ILE A 181 14.91 -1.87 11.62
CA ILE A 181 16.11 -2.19 12.37
C ILE A 181 17.36 -1.77 11.60
N ASP A 182 18.37 -1.32 12.33
CA ASP A 182 19.63 -0.90 11.72
C ASP A 182 20.64 -2.05 11.70
N GLY A 183 20.13 -3.27 11.60
CA GLY A 183 21.01 -4.44 11.57
C GLY A 183 21.59 -4.69 10.20
N GLY A 184 20.70 -4.87 9.21
CA GLY A 184 21.16 -5.13 7.86
C GLY A 184 22.07 -6.33 7.76
N LYS A 185 22.58 -6.60 6.57
CA LYS A 185 23.47 -7.73 6.35
C LYS A 185 24.69 -7.65 7.28
N LYS A 186 25.14 -6.43 7.55
CA LYS A 186 26.28 -6.21 8.42
C LYS A 186 26.06 -6.84 9.79
N ALA A 187 24.79 -6.87 10.21
CA ALA A 187 24.43 -7.45 11.50
C ALA A 187 24.12 -8.93 11.38
N LYS A 188 24.47 -9.51 10.23
CA LYS A 188 24.23 -10.93 9.99
C LYS A 188 22.74 -11.24 9.99
N MET A 189 22.00 -10.58 9.11
CA MET A 189 20.55 -10.79 9.01
C MET A 189 20.22 -11.81 7.92
N ARG A 190 19.94 -13.04 8.34
CA ARG A 190 19.61 -14.11 7.41
C ARG A 190 18.11 -14.37 7.40
N PRO A 191 17.62 -15.01 6.32
CA PRO A 191 16.20 -15.34 6.16
C PRO A 191 15.74 -16.40 7.14
N GLY A 192 15.59 -16.03 8.41
CA GLY A 192 15.15 -16.97 9.42
C GLY A 192 15.72 -16.65 10.80
N ASP A 193 16.85 -15.95 10.81
CA ASP A 193 17.50 -15.59 12.07
C ASP A 193 16.70 -14.49 12.79
N VAL A 194 16.31 -13.47 12.03
CA VAL A 194 15.56 -12.36 12.60
C VAL A 194 14.30 -12.86 13.31
N LEU A 195 13.71 -13.92 12.77
CA LEU A 195 12.50 -14.50 13.34
C LEU A 195 12.77 -15.06 14.74
N GLY A 196 13.97 -15.62 14.93
CA GLY A 196 14.33 -16.17 16.21
C GLY A 196 14.53 -15.11 17.28
N ALA A 197 15.01 -13.95 16.86
CA ALA A 197 15.23 -12.84 17.79
C ALA A 197 13.92 -12.35 18.40
N LEU A 198 12.90 -12.23 17.57
CA LEU A 198 11.59 -11.77 18.02
C LEU A 198 10.84 -12.90 18.73
N THR A 199 10.94 -14.11 18.19
CA THR A 199 10.28 -15.26 18.78
C THR A 199 11.17 -15.96 19.80
N GLY A 200 12.19 -15.24 20.26
CA GLY A 200 13.11 -15.81 21.23
C GLY A 200 13.50 -14.80 22.30
N ASP A 201 14.00 -13.64 21.86
CA ASP A 201 14.42 -12.60 22.78
C ASP A 201 13.23 -11.79 23.28
N ILE A 202 12.31 -11.48 22.36
CA ILE A 202 11.12 -10.71 22.71
C ILE A 202 9.99 -11.63 23.20
N GLY A 203 9.81 -12.75 22.51
CA GLY A 203 8.77 -13.69 22.89
C GLY A 203 7.53 -13.56 22.03
N LEU A 204 7.73 -13.37 20.73
CA LEU A 204 6.61 -13.23 19.81
C LEU A 204 6.29 -14.56 19.13
N ASP A 205 5.04 -14.73 18.72
CA ASP A 205 4.61 -15.95 18.05
C ASP A 205 4.50 -15.74 16.54
N GLY A 206 4.73 -16.80 15.78
CA GLY A 206 4.64 -16.70 14.34
C GLY A 206 3.30 -16.18 13.87
N ALA A 207 2.28 -16.31 14.71
CA ALA A 207 0.95 -15.84 14.38
C ALA A 207 0.91 -14.32 14.27
N ASP A 208 1.75 -13.65 15.05
CA ASP A 208 1.82 -12.20 15.04
C ASP A 208 2.95 -11.71 14.15
N ILE A 209 3.96 -12.55 13.99
CA ILE A 209 5.11 -12.20 13.15
C ILE A 209 4.71 -12.13 11.68
N GLY A 210 5.21 -11.11 10.98
CA GLY A 210 4.91 -10.95 9.58
C GLY A 210 6.13 -11.09 8.70
N LYS A 211 6.06 -10.52 7.50
CA LYS A 211 7.17 -10.57 6.56
C LYS A 211 8.37 -9.79 7.09
N ILE A 212 9.56 -10.11 6.57
CA ILE A 212 10.78 -9.43 6.99
C ILE A 212 11.63 -9.05 5.78
N ALA A 213 11.80 -7.75 5.58
CA ALA A 213 12.60 -7.24 4.47
C ALA A 213 14.05 -7.01 4.90
N VAL A 214 14.93 -7.92 4.50
CA VAL A 214 16.35 -7.81 4.85
C VAL A 214 17.12 -7.13 3.73
N HIS A 215 18.00 -6.20 4.10
CA HIS A 215 18.81 -5.49 3.12
C HIS A 215 20.28 -5.47 3.55
N PRO A 216 21.17 -5.16 2.60
CA PRO A 216 22.61 -5.09 2.85
C PRO A 216 23.00 -3.90 3.73
N ALA A 217 22.02 -3.06 4.02
CA ALA A 217 22.26 -1.88 4.84
C ALA A 217 21.44 -1.94 6.13
N HIS A 218 20.19 -2.38 6.01
CA HIS A 218 19.30 -2.49 7.16
C HIS A 218 18.30 -3.62 6.98
N VAL A 219 17.53 -3.89 8.02
CA VAL A 219 16.53 -4.96 7.97
C VAL A 219 15.23 -4.52 8.64
N TYR A 220 14.11 -5.01 8.11
CA TYR A 220 12.80 -4.67 8.64
C TYR A 220 11.99 -5.93 8.97
N VAL A 221 11.43 -5.97 10.18
CA VAL A 221 10.65 -7.11 10.61
C VAL A 221 9.24 -6.69 11.03
N ALA A 222 8.24 -7.28 10.41
CA ALA A 222 6.85 -6.96 10.70
C ALA A 222 6.39 -7.68 11.98
N VAL A 223 5.42 -7.08 12.67
CA VAL A 223 4.90 -7.66 13.90
C VAL A 223 3.46 -7.17 14.16
N ARG A 224 2.60 -8.10 14.56
CA ARG A 224 1.22 -7.78 14.85
C ARG A 224 1.12 -6.72 15.95
N GLN A 225 0.13 -5.84 15.83
CA GLN A 225 -0.07 -4.78 16.82
C GLN A 225 -0.09 -5.35 18.23
N ALA A 226 -0.55 -6.60 18.35
CA ALA A 226 -0.62 -7.26 19.65
C ALA A 226 0.74 -7.26 20.34
N VAL A 227 1.80 -7.34 19.56
CA VAL A 227 3.15 -7.35 20.09
C VAL A 227 4.03 -6.32 19.39
N ALA A 228 3.40 -5.39 18.70
CA ALA A 228 4.12 -4.34 17.98
C ALA A 228 4.77 -3.36 18.96
N HIS A 229 3.96 -2.78 19.82
CA HIS A 229 4.46 -1.82 20.82
C HIS A 229 5.43 -2.49 21.78
N LYS A 230 5.20 -3.77 22.05
CA LYS A 230 6.06 -4.52 22.95
C LYS A 230 7.37 -4.90 22.28
N ALA A 231 7.29 -5.29 21.02
CA ALA A 231 8.48 -5.67 20.26
C ALA A 231 9.42 -4.48 20.07
N TRP A 232 8.85 -3.33 19.71
CA TRP A 232 9.64 -2.13 19.50
C TRP A 232 10.17 -1.59 20.82
N LYS A 233 9.31 -1.54 21.83
CA LYS A 233 9.69 -1.04 23.15
C LYS A 233 10.74 -1.95 23.78
N GLN A 234 10.57 -3.26 23.61
CA GLN A 234 11.51 -4.23 24.16
C GLN A 234 12.82 -4.23 23.37
N LEU A 235 12.70 -4.29 22.04
CA LEU A 235 13.87 -4.30 21.18
C LEU A 235 14.82 -3.16 21.52
N GLN A 236 14.26 -2.07 22.04
CA GLN A 236 15.06 -0.91 22.41
C GLN A 236 16.12 -1.29 23.42
N GLY A 237 15.78 -2.20 24.33
CA GLY A 237 16.73 -2.63 25.34
C GLY A 237 17.23 -4.05 25.11
N GLY A 238 17.09 -4.52 23.88
CA GLY A 238 17.52 -5.87 23.56
C GLY A 238 18.47 -5.91 22.37
N LYS A 239 18.49 -7.04 21.67
CA LYS A 239 19.35 -7.20 20.50
C LYS A 239 19.00 -8.46 19.73
N ILE A 240 19.32 -8.48 18.44
CA ILE A 240 19.03 -9.62 17.59
C ILE A 240 20.30 -10.40 17.27
N LYS A 241 20.32 -11.67 17.62
CA LYS A 241 21.47 -12.54 17.36
C LYS A 241 22.69 -12.05 18.14
N GLY A 242 22.45 -11.47 19.31
CA GLY A 242 23.54 -10.98 20.13
C GLY A 242 24.17 -9.72 19.56
N LYS A 243 23.41 -8.99 18.75
CA LYS A 243 23.89 -7.76 18.14
C LYS A 243 22.94 -6.60 18.41
N THR A 244 23.47 -5.54 19.02
CA THR A 244 22.67 -4.37 19.35
C THR A 244 22.26 -3.62 18.08
N CYS A 245 20.98 -3.30 17.98
CA CYS A 245 20.46 -2.58 16.81
C CYS A 245 19.26 -1.72 17.20
N ARG A 246 19.14 -0.56 16.56
CA ARG A 246 18.03 0.35 16.83
C ARG A 246 16.80 -0.03 16.01
N VAL A 247 15.69 -0.25 16.71
CA VAL A 247 14.45 -0.63 16.05
C VAL A 247 13.42 0.50 16.14
N ARG A 248 12.63 0.66 15.09
CA ARG A 248 11.61 1.70 15.04
C ARG A 248 10.33 1.19 14.38
N LEU A 249 9.26 1.13 15.15
CA LEU A 249 7.97 0.65 14.65
C LEU A 249 7.34 1.69 13.71
N LEU A 250 6.91 1.24 12.54
CA LEU A 250 6.29 2.12 11.57
C LEU A 250 4.83 2.38 11.92
N LYS A 251 4.55 3.57 12.45
CA LYS A 251 3.20 3.95 12.83
C LYS A 251 2.77 5.22 12.11
N GLY A 1 -3.86 -12.24 10.83
CA GLY A 1 -4.93 -13.12 10.39
C GLY A 1 -5.09 -13.14 8.88
N GLY A 2 -6.22 -13.64 8.41
CA GLY A 2 -6.47 -13.70 6.98
C GLY A 2 -7.95 -13.87 6.66
N SER A 3 -8.25 -14.09 5.38
CA SER A 3 -9.62 -14.27 4.94
C SER A 3 -9.69 -14.99 3.60
N THR A 4 -10.89 -15.14 3.06
CA THR A 4 -11.09 -15.82 1.78
C THR A 4 -12.32 -15.29 1.07
N ASP A 5 -12.32 -15.42 -0.25
CA ASP A 5 -13.46 -14.96 -1.05
C ASP A 5 -13.22 -15.24 -2.54
N ALA A 6 -14.28 -15.18 -3.32
CA ALA A 6 -14.19 -15.42 -4.76
C ALA A 6 -14.56 -14.18 -5.56
N LEU A 7 -13.58 -13.29 -5.75
CA LEU A 7 -13.79 -12.06 -6.49
C LEU A 7 -13.33 -12.22 -7.94
N PRO A 8 -13.85 -11.34 -8.82
CA PRO A 8 -13.50 -11.35 -10.25
C PRO A 8 -12.07 -10.91 -10.50
N PRO A 9 -11.60 -11.09 -11.74
CA PRO A 9 -10.23 -10.72 -12.14
C PRO A 9 -10.04 -9.21 -12.18
N ILE A 10 -9.03 -8.77 -12.93
CA ILE A 10 -8.74 -7.34 -13.05
C ILE A 10 -9.99 -6.56 -13.40
N GLU A 11 -10.53 -5.85 -12.43
CA GLU A 11 -11.73 -5.04 -12.64
C GLU A 11 -11.38 -3.57 -12.82
N GLN A 12 -12.07 -2.91 -13.74
CA GLN A 12 -11.83 -1.50 -14.01
C GLN A 12 -12.98 -0.64 -13.49
N GLN A 13 -12.68 0.27 -12.57
CA GLN A 13 -13.68 1.15 -11.99
C GLN A 13 -13.34 2.61 -12.25
N PHE A 14 -14.38 3.42 -12.48
CA PHE A 14 -14.18 4.84 -12.75
C PHE A 14 -15.24 5.68 -12.03
N TYR A 15 -14.79 6.70 -11.31
CA TYR A 15 -15.70 7.57 -10.58
C TYR A 15 -15.59 9.01 -11.06
N GLU A 16 -16.72 9.71 -11.09
CA GLU A 16 -16.74 11.09 -11.54
C GLU A 16 -16.54 12.05 -10.36
N THR A 17 -15.35 12.64 -10.29
CA THR A 17 -15.04 13.57 -9.21
C THR A 17 -14.02 14.61 -9.67
N SER A 18 -13.83 15.65 -8.86
CA SER A 18 -12.89 16.71 -9.19
C SER A 18 -11.56 16.50 -8.48
N SER A 19 -10.63 17.43 -8.68
CA SER A 19 -9.31 17.33 -8.07
C SER A 19 -9.42 17.28 -6.55
N LYS A 20 -10.42 17.97 -6.01
CA LYS A 20 -10.64 18.00 -4.57
C LYS A 20 -11.64 16.92 -4.15
N GLY A 21 -12.60 16.65 -5.01
CA GLY A 21 -13.60 15.64 -4.71
C GLY A 21 -12.98 14.26 -4.51
N LYS A 22 -11.75 14.10 -4.95
CA LYS A 22 -11.04 12.82 -4.82
C LYS A 22 -10.71 12.54 -3.36
N ILE A 23 -10.46 13.59 -2.60
CA ILE A 23 -10.12 13.45 -1.19
C ILE A 23 -11.21 12.69 -0.44
N PRO A 24 -12.44 13.23 -0.48
CA PRO A 24 -13.60 12.61 0.18
C PRO A 24 -14.03 11.32 -0.49
N LEU A 25 -13.88 11.27 -1.81
CA LEU A 25 -14.26 10.08 -2.58
C LEU A 25 -13.41 8.88 -2.18
N LEU A 26 -12.09 9.07 -2.20
CA LEU A 26 -11.16 8.00 -1.84
C LEU A 26 -11.38 7.55 -0.40
N GLN A 27 -11.53 8.52 0.50
CA GLN A 27 -11.74 8.23 1.91
C GLN A 27 -12.97 7.35 2.10
N ARG A 28 -14.08 7.76 1.50
CA ARG A 28 -15.32 7.00 1.60
C ARG A 28 -15.15 5.58 1.06
N LEU A 29 -14.44 5.47 -0.05
CA LEU A 29 -14.20 4.17 -0.68
C LEU A 29 -13.35 3.28 0.21
N LEU A 30 -12.43 3.91 0.95
CA LEU A 30 -11.55 3.17 1.85
C LEU A 30 -12.28 2.79 3.14
N SER A 31 -13.27 3.59 3.52
CA SER A 31 -14.04 3.34 4.73
C SER A 31 -15.07 2.23 4.49
N LEU A 32 -15.61 2.20 3.27
CA LEU A 32 -16.62 1.19 2.92
C LEU A 32 -15.94 -0.11 2.49
N HIS A 33 -14.83 0.01 1.76
CA HIS A 33 -14.10 -1.15 1.28
C HIS A 33 -13.15 -1.68 2.36
N GLN A 34 -12.53 -0.75 3.10
CA GLN A 34 -11.61 -1.12 4.15
C GLN A 34 -10.54 -2.09 3.64
N PRO A 35 -9.85 -1.69 2.57
CA PRO A 35 -8.80 -2.51 1.95
C PRO A 35 -7.56 -2.63 2.83
N SER A 36 -7.00 -3.83 2.90
CA SER A 36 -5.81 -4.08 3.72
C SER A 36 -4.63 -3.26 3.21
N SER A 37 -4.60 -3.02 1.90
CA SER A 37 -3.52 -2.25 1.29
C SER A 37 -4.01 -1.53 0.04
N CYS A 38 -4.03 -0.21 0.09
CA CYS A 38 -4.48 0.60 -1.03
C CYS A 38 -3.37 1.53 -1.50
N VAL A 39 -3.02 1.43 -2.78
CA VAL A 39 -1.98 2.27 -3.35
C VAL A 39 -2.56 3.38 -4.22
N VAL A 40 -2.32 4.62 -3.83
CA VAL A 40 -2.83 5.78 -4.56
C VAL A 40 -1.76 6.36 -5.48
N PHE A 41 -2.05 6.39 -6.77
CA PHE A 41 -1.11 6.93 -7.76
C PHE A 41 -1.23 8.44 -7.87
N CYS A 42 -0.15 9.15 -7.58
CA CYS A 42 -0.15 10.60 -7.65
C CYS A 42 0.81 11.10 -8.73
N ASN A 43 0.61 12.33 -9.17
CA ASN A 43 1.45 12.91 -10.22
C ASN A 43 2.50 13.84 -9.61
N THR A 44 2.16 14.47 -8.49
CA THR A 44 3.07 15.37 -7.81
C THR A 44 2.94 15.25 -6.29
N LYS A 45 3.95 15.73 -5.57
CA LYS A 45 3.95 15.68 -4.12
C LYS A 45 2.72 16.37 -3.55
N LYS A 46 2.31 17.46 -4.19
CA LYS A 46 1.13 18.21 -3.75
C LYS A 46 -0.08 17.29 -3.62
N ASP A 47 -0.31 16.47 -4.64
CA ASP A 47 -1.44 15.55 -4.63
C ASP A 47 -1.27 14.49 -3.55
N CYS A 48 -0.09 13.87 -3.50
CA CYS A 48 0.20 12.85 -2.50
C CYS A 48 0.04 13.40 -1.09
N GLN A 49 0.39 14.67 -0.91
CA GLN A 49 0.30 15.32 0.38
C GLN A 49 -1.16 15.52 0.79
N ALA A 50 -1.95 16.06 -0.14
CA ALA A 50 -3.37 16.30 0.12
C ALA A 50 -4.08 15.02 0.53
N VAL A 51 -3.79 13.94 -0.18
CA VAL A 51 -4.40 12.64 0.12
C VAL A 51 -4.03 12.15 1.51
N CYS A 52 -2.72 12.09 1.78
CA CYS A 52 -2.22 11.65 3.07
C CYS A 52 -2.76 12.53 4.19
N ASP A 53 -2.82 13.82 3.94
CA ASP A 53 -3.32 14.78 4.93
C ASP A 53 -4.77 14.48 5.29
N ALA A 54 -5.62 14.37 4.28
CA ALA A 54 -7.03 14.08 4.50
C ALA A 54 -7.21 12.80 5.32
N LEU A 55 -6.53 11.74 4.91
CA LEU A 55 -6.62 10.46 5.60
C LEU A 55 -6.28 10.62 7.07
N ASN A 56 -5.19 11.33 7.35
CA ASN A 56 -4.75 11.55 8.73
C ASN A 56 -5.82 12.31 9.51
N GLU A 57 -6.65 13.06 8.81
CA GLU A 57 -7.71 13.83 9.45
C GLU A 57 -8.86 12.93 9.89
N VAL A 58 -9.13 11.90 9.09
CA VAL A 58 -10.20 10.96 9.39
C VAL A 58 -9.70 9.84 10.30
N GLY A 59 -8.38 9.80 10.53
CA GLY A 59 -7.81 8.78 11.38
C GLY A 59 -7.21 7.63 10.59
N GLN A 60 -7.14 7.81 9.27
CA GLN A 60 -6.59 6.77 8.40
C GLN A 60 -5.10 6.99 8.17
N SER A 61 -4.31 5.96 8.47
CA SER A 61 -2.86 6.04 8.30
C SER A 61 -2.47 5.92 6.83
N ALA A 62 -1.56 6.78 6.39
CA ALA A 62 -1.10 6.77 5.01
C ALA A 62 0.38 7.12 4.92
N LEU A 63 1.02 6.69 3.85
CA LEU A 63 2.44 6.96 3.63
C LEU A 63 2.69 7.47 2.22
N SER A 64 3.72 8.30 2.07
CA SER A 64 4.07 8.86 0.77
C SER A 64 5.32 8.18 0.21
N LEU A 65 5.31 7.92 -1.09
CA LEU A 65 6.44 7.28 -1.75
C LEU A 65 6.70 7.91 -3.12
N HIS A 66 7.85 8.53 -3.27
CA HIS A 66 8.23 9.17 -4.52
C HIS A 66 9.64 8.77 -4.95
N GLY A 67 10.05 9.22 -6.13
CA GLY A 67 11.37 8.90 -6.62
C GLY A 67 12.44 9.82 -6.08
N ASP A 68 12.02 11.00 -5.62
CA ASP A 68 12.96 11.97 -5.08
C ASP A 68 13.10 11.81 -3.56
N LEU A 69 12.81 10.60 -3.08
CA LEU A 69 12.90 10.31 -1.65
C LEU A 69 14.21 9.59 -1.33
N GLU A 70 14.62 9.66 -0.07
CA GLU A 70 15.84 9.00 0.38
C GLU A 70 15.66 7.49 0.49
N GLN A 71 16.72 6.74 0.23
CA GLN A 71 16.68 5.29 0.31
C GLN A 71 16.08 4.83 1.64
N ARG A 72 16.55 5.43 2.73
CA ARG A 72 16.07 5.08 4.05
C ARG A 72 14.55 5.14 4.11
N ASP A 73 13.98 6.27 3.69
CA ASP A 73 12.53 6.46 3.70
C ASP A 73 11.86 5.48 2.73
N ARG A 74 12.49 5.28 1.57
CA ARG A 74 11.94 4.38 0.57
C ARG A 74 11.68 2.99 1.16
N ASP A 75 12.66 2.49 1.91
CA ASP A 75 12.54 1.18 2.54
C ASP A 75 11.46 1.19 3.62
N GLN A 76 11.58 2.13 4.55
CA GLN A 76 10.61 2.25 5.64
C GLN A 76 9.19 2.41 5.10
N THR A 77 9.08 3.07 3.96
CA THR A 77 7.77 3.31 3.34
C THR A 77 7.26 2.03 2.66
N LEU A 78 8.08 1.46 1.80
CA LEU A 78 7.71 0.23 1.09
C LEU A 78 7.36 -0.88 2.08
N VAL A 79 8.19 -1.02 3.11
CA VAL A 79 7.97 -2.06 4.13
C VAL A 79 6.72 -1.77 4.93
N ARG A 80 6.49 -0.50 5.23
CA ARG A 80 5.31 -0.09 6.00
C ARG A 80 4.03 -0.54 5.31
N PHE A 81 3.96 -0.33 4.01
CA PHE A 81 2.78 -0.72 3.24
C PHE A 81 2.81 -2.21 2.89
N ALA A 82 3.96 -2.66 2.41
CA ALA A 82 4.12 -4.06 2.04
C ALA A 82 3.82 -4.98 3.22
N ASN A 83 4.28 -4.59 4.40
CA ASN A 83 4.05 -5.37 5.62
C ASN A 83 2.64 -5.15 6.15
N GLY A 84 1.87 -4.33 5.44
CA GLY A 84 0.51 -4.05 5.87
C GLY A 84 0.45 -3.15 7.09
N SER A 85 1.61 -2.63 7.49
CA SER A 85 1.70 -1.76 8.65
C SER A 85 0.89 -0.48 8.44
N ALA A 86 0.59 -0.19 7.18
CA ALA A 86 -0.18 1.00 6.82
C ALA A 86 -1.52 0.63 6.22
N ARG A 87 -2.29 1.64 5.80
CA ARG A 87 -3.59 1.40 5.21
C ARG A 87 -3.61 1.86 3.75
N VAL A 88 -3.13 3.07 3.50
CA VAL A 88 -3.10 3.62 2.15
C VAL A 88 -1.72 4.21 1.84
N LEU A 89 -1.09 3.70 0.79
CA LEU A 89 0.22 4.18 0.38
C LEU A 89 0.12 5.05 -0.87
N VAL A 90 0.28 6.36 -0.68
CA VAL A 90 0.20 7.30 -1.79
C VAL A 90 1.58 7.49 -2.44
N ALA A 91 1.78 6.83 -3.58
CA ALA A 91 3.04 6.91 -4.30
C ALA A 91 2.81 7.32 -5.75
N THR A 92 3.90 7.64 -6.45
CA THR A 92 3.82 8.05 -7.85
C THR A 92 4.07 6.87 -8.78
N ASP A 93 3.52 6.94 -9.98
CA ASP A 93 3.70 5.87 -10.96
C ASP A 93 5.17 5.53 -11.15
N VAL A 94 6.02 6.55 -11.10
CA VAL A 94 7.45 6.36 -11.25
C VAL A 94 8.08 5.79 -9.98
N ALA A 95 7.45 6.09 -8.84
CA ALA A 95 7.95 5.60 -7.55
C ALA A 95 7.51 4.16 -7.31
N ALA A 96 6.32 3.81 -7.79
CA ALA A 96 5.79 2.47 -7.63
C ALA A 96 6.14 1.59 -8.83
N ARG A 97 7.19 1.96 -9.54
CA ARG A 97 7.63 1.22 -10.71
C ARG A 97 8.29 -0.10 -10.31
N GLY A 98 7.62 -1.20 -10.58
CA GLY A 98 8.15 -2.52 -10.23
C GLY A 98 8.58 -2.60 -8.78
N LEU A 99 7.93 -1.80 -7.93
CA LEU A 99 8.26 -1.79 -6.51
C LEU A 99 8.01 -3.15 -5.88
N ASP A 100 8.17 -3.24 -4.57
CA ASP A 100 7.97 -4.48 -3.84
C ASP A 100 6.51 -4.64 -3.44
N ILE A 101 5.67 -4.99 -4.40
CA ILE A 101 4.24 -5.17 -4.14
C ILE A 101 3.70 -6.38 -4.89
N LYS A 102 2.85 -7.16 -4.22
CA LYS A 102 2.25 -8.35 -4.82
C LYS A 102 0.91 -8.66 -4.17
N SER A 103 -0.12 -8.83 -5.00
CA SER A 103 -1.45 -9.14 -4.51
C SER A 103 -2.08 -7.91 -3.84
N LEU A 104 -1.82 -6.75 -4.40
CA LEU A 104 -2.36 -5.50 -3.86
C LEU A 104 -3.86 -5.62 -3.62
N GLU A 105 -4.35 -4.96 -2.57
CA GLU A 105 -5.77 -4.99 -2.23
C GLU A 105 -6.56 -4.13 -3.21
N LEU A 106 -6.12 -2.90 -3.41
CA LEU A 106 -6.79 -1.98 -4.32
C LEU A 106 -5.83 -0.89 -4.81
N VAL A 107 -6.02 -0.46 -6.06
CA VAL A 107 -5.17 0.57 -6.65
C VAL A 107 -6.00 1.75 -7.12
N VAL A 108 -5.82 2.90 -6.47
CA VAL A 108 -6.54 4.10 -6.83
C VAL A 108 -5.64 5.11 -7.54
N ASN A 109 -6.07 5.56 -8.71
CA ASN A 109 -5.29 6.52 -9.48
C ASN A 109 -5.96 7.90 -9.47
N PHE A 110 -5.29 8.88 -8.89
CA PHE A 110 -5.82 10.24 -8.81
C PHE A 110 -6.19 10.75 -10.20
N GLU A 111 -5.45 10.29 -11.22
CA GLU A 111 -5.70 10.70 -12.59
C GLU A 111 -5.24 9.63 -13.57
N LEU A 112 -5.93 9.55 -14.71
CA LEU A 112 -5.59 8.56 -15.73
C LEU A 112 -4.11 8.62 -16.06
N ALA A 113 -3.46 7.45 -16.07
CA ALA A 113 -2.04 7.36 -16.38
C ALA A 113 -1.72 8.05 -17.71
N TRP A 114 -0.44 8.14 -18.03
CA TRP A 114 -0.01 8.77 -19.27
C TRP A 114 -0.50 7.99 -20.48
N ASP A 115 -0.56 6.66 -20.35
CA ASP A 115 -1.01 5.81 -21.43
C ASP A 115 -1.99 4.76 -20.92
N PRO A 116 -2.79 4.19 -21.84
CA PRO A 116 -3.78 3.17 -21.50
C PRO A 116 -3.13 1.84 -21.11
N GLU A 117 -1.92 1.62 -21.59
CA GLU A 117 -1.19 0.39 -21.28
C GLU A 117 -0.67 0.40 -19.85
N VAL A 118 0.03 1.48 -19.50
CA VAL A 118 0.58 1.62 -18.15
C VAL A 118 -0.51 1.56 -17.10
N HIS A 119 -1.66 2.17 -17.41
CA HIS A 119 -2.79 2.18 -16.48
C HIS A 119 -3.17 0.75 -16.07
N VAL A 120 -3.39 -0.11 -17.06
CA VAL A 120 -3.76 -1.49 -16.80
C VAL A 120 -2.55 -2.30 -16.32
N HIS A 121 -1.37 -1.90 -16.77
CA HIS A 121 -0.14 -2.59 -16.37
C HIS A 121 0.14 -2.41 -14.88
N ARG A 122 -0.23 -1.26 -14.35
CA ARG A 122 -0.02 -0.97 -12.94
C ARG A 122 -0.78 -1.97 -12.06
N ILE A 123 -2.08 -2.07 -12.29
CA ILE A 123 -2.93 -2.98 -11.53
C ILE A 123 -2.76 -4.42 -12.00
N GLY A 124 -2.47 -4.59 -13.29
CA GLY A 124 -2.28 -5.91 -13.84
C GLY A 124 -1.07 -6.61 -13.25
N ARG A 125 -0.04 -5.83 -12.92
CA ARG A 125 1.18 -6.38 -12.34
C ARG A 125 1.08 -6.47 -10.83
N THR A 126 0.33 -5.56 -10.23
CA THR A 126 0.14 -5.54 -8.78
C THR A 126 -0.67 -6.74 -8.31
N ALA A 127 -1.56 -7.22 -9.17
CA ALA A 127 -2.40 -8.36 -8.85
C ALA A 127 -3.31 -8.72 -10.01
N ARG A 128 -2.85 -9.65 -10.85
CA ARG A 128 -3.63 -10.08 -12.01
C ARG A 128 -4.43 -11.33 -11.68
N ALA A 129 -4.84 -11.46 -10.43
CA ALA A 129 -5.62 -12.62 -9.99
C ALA A 129 -6.91 -12.18 -9.30
N GLY A 130 -7.57 -13.13 -8.66
CA GLY A 130 -8.81 -12.82 -7.96
C GLY A 130 -8.59 -12.02 -6.69
N ASN A 131 -9.68 -11.65 -6.04
CA ASN A 131 -9.60 -10.88 -4.80
C ASN A 131 -8.53 -9.79 -4.91
N SER A 132 -8.40 -9.21 -6.11
CA SER A 132 -7.41 -8.16 -6.34
C SER A 132 -7.53 -7.63 -7.77
N GLY A 133 -6.52 -6.89 -8.20
CA GLY A 133 -6.52 -6.32 -9.53
C GLY A 133 -7.61 -5.28 -9.72
N LEU A 134 -7.92 -4.56 -8.65
CA LEU A 134 -8.95 -3.52 -8.70
C LEU A 134 -8.33 -2.16 -8.99
N ALA A 135 -8.73 -1.56 -10.12
CA ALA A 135 -8.23 -0.26 -10.51
C ALA A 135 -9.35 0.77 -10.57
N ILE A 136 -9.31 1.73 -9.65
CA ILE A 136 -10.33 2.78 -9.60
C ILE A 136 -9.75 4.12 -10.06
N SER A 137 -10.40 4.72 -11.05
CA SER A 137 -9.96 6.02 -11.58
C SER A 137 -10.84 7.15 -11.05
N PHE A 138 -10.20 8.11 -10.37
CA PHE A 138 -10.92 9.24 -9.81
C PHE A 138 -10.70 10.49 -10.65
N CYS A 139 -11.72 10.89 -11.40
CA CYS A 139 -11.64 12.07 -12.25
C CYS A 139 -12.94 12.27 -13.04
N ALA A 140 -13.04 13.40 -13.72
CA ALA A 140 -14.21 13.71 -14.51
C ALA A 140 -14.29 12.83 -15.76
N PRO A 141 -15.48 12.78 -16.37
CA PRO A 141 -15.70 11.98 -17.59
C PRO A 141 -14.99 12.56 -18.81
N GLU A 142 -14.39 13.74 -18.63
CA GLU A 142 -13.67 14.38 -19.72
C GLU A 142 -12.53 13.50 -20.24
N GLU A 143 -11.93 12.74 -19.34
CA GLU A 143 -10.84 11.84 -19.71
C GLU A 143 -11.37 10.46 -20.08
N ALA A 144 -12.66 10.38 -20.36
CA ALA A 144 -13.29 9.11 -20.73
C ALA A 144 -12.55 8.47 -21.89
N GLN A 145 -11.99 9.29 -22.77
CA GLN A 145 -11.26 8.79 -23.93
C GLN A 145 -10.20 7.78 -23.50
N ARG A 146 -9.50 8.08 -22.41
CA ARG A 146 -8.46 7.19 -21.90
C ARG A 146 -9.06 5.87 -21.43
N ALA A 147 -10.06 5.96 -20.57
CA ALA A 147 -10.71 4.77 -20.04
C ALA A 147 -11.25 3.88 -21.15
N ASN A 148 -11.83 4.52 -22.17
CA ASN A 148 -12.39 3.78 -23.31
C ASN A 148 -11.33 2.89 -23.94
N ILE A 149 -10.10 3.39 -24.00
CA ILE A 149 -9.01 2.63 -24.59
C ILE A 149 -8.56 1.50 -23.65
N ILE A 150 -8.40 1.82 -22.38
CA ILE A 150 -7.98 0.84 -21.39
C ILE A 150 -8.86 -0.40 -21.44
N SER A 151 -10.16 -0.20 -21.57
CA SER A 151 -11.11 -1.31 -21.65
C SER A 151 -11.22 -1.84 -23.07
N ASP A 152 -11.07 -0.95 -24.04
CA ASP A 152 -11.15 -1.34 -25.45
C ASP A 152 -10.14 -2.42 -25.77
N MET A 153 -8.86 -2.14 -25.53
CA MET A 153 -7.80 -3.11 -25.80
C MET A 153 -7.90 -4.30 -24.85
N LEU A 154 -8.46 -4.07 -23.67
CA LEU A 154 -8.61 -5.14 -22.68
C LEU A 154 -9.77 -6.05 -23.04
N GLN A 155 -10.57 -5.63 -24.03
CA GLN A 155 -11.72 -6.41 -24.47
C GLN A 155 -12.76 -6.52 -23.36
N ILE A 156 -12.85 -5.49 -22.53
CA ILE A 156 -13.81 -5.47 -21.43
C ILE A 156 -14.50 -4.12 -21.34
N LYS A 157 -15.59 -4.07 -20.58
CA LYS A 157 -16.34 -2.83 -20.39
C LYS A 157 -16.10 -2.25 -19.01
N LEU A 158 -16.22 -0.93 -18.90
CA LEU A 158 -16.01 -0.25 -17.62
C LEU A 158 -17.35 0.05 -16.94
N ASN A 159 -17.34 0.03 -15.61
CA ASN A 159 -18.55 0.29 -14.84
C ASN A 159 -18.44 1.63 -14.11
N TRP A 160 -18.84 2.69 -14.78
CA TRP A 160 -18.79 4.03 -14.20
C TRP A 160 -19.81 4.17 -13.08
N GLN A 161 -19.45 4.93 -12.05
CA GLN A 161 -20.35 5.15 -10.92
C GLN A 161 -20.96 6.54 -10.97
N THR A 162 -21.94 6.77 -10.10
CA THR A 162 -22.62 8.07 -10.04
C THR A 162 -22.27 8.82 -8.76
N PRO A 163 -22.20 10.15 -8.85
CA PRO A 163 -21.89 11.01 -7.70
C PRO A 163 -23.01 11.04 -6.67
N PRO A 164 -22.75 10.46 -5.50
CA PRO A 164 -23.72 10.40 -4.40
C PRO A 164 -23.98 11.77 -3.78
N ALA A 165 -24.69 11.78 -2.65
CA ALA A 165 -25.00 13.03 -1.96
C ALA A 165 -24.26 13.10 -0.64
N ASN A 166 -24.10 11.96 0.03
CA ASN A 166 -23.42 11.91 1.31
C ASN A 166 -22.18 11.03 1.23
N SER A 167 -21.59 10.73 2.37
CA SER A 167 -20.39 9.90 2.43
C SER A 167 -20.20 9.32 3.83
N SER A 168 -19.91 8.02 3.88
CA SER A 168 -19.70 7.34 5.16
C SER A 168 -18.21 7.22 5.48
N ILE A 169 -17.66 8.30 6.03
CA ILE A 169 -16.24 8.32 6.39
C ILE A 169 -15.97 7.45 7.62
N ALA A 170 -14.81 6.79 7.63
CA ALA A 170 -14.43 5.93 8.74
C ALA A 170 -12.93 5.96 8.96
N THR A 171 -12.46 5.17 9.92
CA THR A 171 -11.04 5.11 10.24
C THR A 171 -10.46 3.74 9.89
N LEU A 172 -9.28 3.74 9.29
CA LEU A 172 -8.61 2.50 8.91
C LEU A 172 -7.44 2.20 9.83
N GLU A 173 -7.53 1.09 10.55
CA GLU A 173 -6.47 0.69 11.47
C GLU A 173 -5.57 -0.37 10.83
N ALA A 174 -4.28 -0.32 11.15
CA ALA A 174 -3.33 -1.27 10.62
C ALA A 174 -3.42 -2.61 11.33
N GLU A 175 -3.14 -3.69 10.61
CA GLU A 175 -3.21 -5.03 11.17
C GLU A 175 -1.82 -5.50 11.61
N MET A 176 -0.78 -4.87 11.06
CA MET A 176 0.59 -5.23 11.39
C MET A 176 1.43 -3.97 11.61
N ALA A 177 2.72 -4.18 11.89
CA ALA A 177 3.64 -3.07 12.12
C ALA A 177 5.07 -3.47 11.82
N THR A 178 5.74 -2.69 10.98
CA THR A 178 7.12 -2.97 10.61
C THR A 178 8.09 -2.43 11.66
N LEU A 179 9.24 -3.07 11.78
CA LEU A 179 10.26 -2.65 12.74
C LEU A 179 11.58 -2.38 12.05
N CYS A 180 12.02 -1.12 12.11
CA CYS A 180 13.28 -0.72 11.48
C CYS A 180 14.47 -1.08 12.39
N ILE A 181 15.19 -2.13 12.01
CA ILE A 181 16.34 -2.56 12.79
C ILE A 181 17.65 -2.03 12.19
N ASP A 182 18.59 -1.69 13.05
CA ASP A 182 19.89 -1.17 12.62
C ASP A 182 20.91 -2.29 12.49
N GLY A 183 20.43 -3.51 12.23
CA GLY A 183 21.32 -4.64 12.10
C GLY A 183 21.92 -4.74 10.71
N GLY A 184 21.06 -4.82 9.70
CA GLY A 184 21.54 -4.93 8.33
C GLY A 184 22.47 -6.10 8.13
N LYS A 185 22.99 -6.25 6.91
CA LYS A 185 23.89 -7.35 6.59
C LYS A 185 25.07 -7.38 7.56
N LYS A 186 25.48 -6.20 8.03
CA LYS A 186 26.59 -6.10 8.96
C LYS A 186 26.31 -6.88 10.24
N ALA A 187 25.04 -6.95 10.62
CA ALA A 187 24.64 -7.67 11.82
C ALA A 187 24.45 -9.15 11.53
N LYS A 188 24.78 -9.56 10.32
CA LYS A 188 24.64 -10.95 9.90
C LYS A 188 23.17 -11.34 9.79
N MET A 189 22.38 -10.49 9.14
CA MET A 189 20.96 -10.74 8.96
C MET A 189 20.72 -11.56 7.69
N ARG A 190 20.27 -12.80 7.88
CA ARG A 190 20.00 -13.70 6.76
C ARG A 190 18.50 -13.76 6.46
N PRO A 191 18.16 -14.21 5.25
CA PRO A 191 16.76 -14.32 4.82
C PRO A 191 16.02 -15.44 5.55
N GLY A 192 15.72 -15.21 6.82
CA GLY A 192 15.01 -16.21 7.61
C GLY A 192 15.50 -16.25 9.04
N ASP A 193 16.72 -15.78 9.28
CA ASP A 193 17.30 -15.77 10.62
C ASP A 193 16.59 -14.74 11.50
N VAL A 194 16.22 -13.61 10.91
CA VAL A 194 15.54 -12.55 11.64
C VAL A 194 14.30 -13.08 12.35
N LEU A 195 13.70 -14.13 11.79
CA LEU A 195 12.51 -14.72 12.36
C LEU A 195 12.80 -15.32 13.74
N GLY A 196 13.99 -15.92 13.89
CA GLY A 196 14.36 -16.51 15.15
C GLY A 196 14.56 -15.47 16.23
N ALA A 197 15.00 -14.27 15.85
CA ALA A 197 15.22 -13.19 16.79
C ALA A 197 13.92 -12.76 17.46
N LEU A 198 12.85 -12.73 16.67
CA LEU A 198 11.54 -12.34 17.18
C LEU A 198 10.80 -13.53 17.78
N THR A 199 10.92 -14.69 17.13
CA THR A 199 10.28 -15.90 17.60
C THR A 199 11.16 -16.67 18.57
N GLY A 200 12.19 -15.98 19.09
CA GLY A 200 13.09 -16.61 20.04
C GLY A 200 13.50 -15.68 21.16
N ASP A 201 14.01 -14.50 20.80
CA ASP A 201 14.44 -13.52 21.78
C ASP A 201 13.25 -12.75 22.33
N ILE A 202 12.32 -12.38 21.45
CA ILE A 202 11.13 -11.64 21.85
C ILE A 202 10.03 -12.57 22.33
N GLY A 203 9.83 -13.66 21.60
CA GLY A 203 8.81 -14.62 21.96
C GLY A 203 7.54 -14.46 21.16
N LEU A 204 7.70 -14.11 19.89
CA LEU A 204 6.54 -13.92 19.00
C LEU A 204 6.25 -15.19 18.21
N ASP A 205 5.02 -15.30 17.72
CA ASP A 205 4.60 -16.46 16.94
C ASP A 205 4.59 -16.13 15.45
N GLY A 206 4.83 -17.16 14.64
CA GLY A 206 4.84 -16.96 13.19
C GLY A 206 3.59 -16.27 12.69
N ALA A 207 2.47 -16.52 13.36
CA ALA A 207 1.19 -15.91 12.98
C ALA A 207 1.27 -14.39 13.05
N ASP A 208 2.08 -13.89 13.98
CA ASP A 208 2.24 -12.45 14.17
C ASP A 208 3.38 -11.92 13.30
N ILE A 209 4.33 -12.80 12.98
CA ILE A 209 5.47 -12.42 12.16
C ILE A 209 5.08 -12.25 10.70
N GLY A 210 5.31 -11.07 10.15
CA GLY A 210 4.97 -10.81 8.77
C GLY A 210 6.19 -10.77 7.87
N LYS A 211 6.07 -10.09 6.73
CA LYS A 211 7.17 -9.98 5.78
C LYS A 211 8.39 -9.33 6.43
N ILE A 212 9.55 -9.52 5.83
CA ILE A 212 10.79 -8.96 6.34
C ILE A 212 11.69 -8.48 5.21
N ALA A 213 12.06 -7.21 5.25
CA ALA A 213 12.93 -6.63 4.24
C ALA A 213 14.32 -6.37 4.79
N VAL A 214 15.26 -7.25 4.44
CA VAL A 214 16.64 -7.12 4.90
C VAL A 214 17.48 -6.32 3.91
N HIS A 215 18.39 -5.51 4.43
CA HIS A 215 19.26 -4.69 3.60
C HIS A 215 20.67 -4.64 4.15
N PRO A 216 21.64 -4.25 3.31
CA PRO A 216 23.05 -4.16 3.70
C PRO A 216 23.30 -3.01 4.67
N ALA A 217 22.28 -2.20 4.90
CA ALA A 217 22.39 -1.07 5.81
C ALA A 217 21.48 -1.24 7.02
N HIS A 218 20.27 -1.73 6.78
CA HIS A 218 19.30 -1.93 7.84
C HIS A 218 18.33 -3.06 7.49
N VAL A 219 17.49 -3.44 8.45
CA VAL A 219 16.52 -4.50 8.23
C VAL A 219 15.12 -4.07 8.69
N TYR A 220 14.11 -4.70 8.13
CA TYR A 220 12.73 -4.39 8.47
C TYR A 220 11.91 -5.67 8.69
N VAL A 221 11.40 -5.83 9.91
CA VAL A 221 10.60 -7.00 10.26
C VAL A 221 9.19 -6.60 10.67
N ALA A 222 8.20 -7.23 10.04
CA ALA A 222 6.80 -6.94 10.34
C ALA A 222 6.32 -7.75 11.54
N VAL A 223 5.35 -7.21 12.26
CA VAL A 223 4.80 -7.87 13.44
C VAL A 223 3.37 -7.43 13.71
N ARG A 224 2.50 -8.38 14.03
CA ARG A 224 1.11 -8.08 14.32
C ARG A 224 0.98 -7.20 15.55
N GLN A 225 -0.06 -6.38 15.58
CA GLN A 225 -0.30 -5.48 16.70
C GLN A 225 -0.19 -6.23 18.03
N ALA A 226 -0.56 -7.50 18.02
CA ALA A 226 -0.50 -8.32 19.23
C ALA A 226 0.90 -8.28 19.84
N VAL A 227 1.92 -8.23 19.00
CA VAL A 227 3.30 -8.18 19.47
C VAL A 227 4.07 -7.05 18.80
N ALA A 228 3.34 -6.07 18.27
CA ALA A 228 3.96 -4.93 17.60
C ALA A 228 4.68 -4.03 18.60
N HIS A 229 3.96 -3.58 19.62
CA HIS A 229 4.53 -2.71 20.64
C HIS A 229 5.46 -3.50 21.56
N LYS A 230 5.14 -4.78 21.76
CA LYS A 230 5.93 -5.64 22.63
C LYS A 230 7.26 -5.98 21.97
N ALA A 231 7.25 -6.08 20.64
CA ALA A 231 8.47 -6.39 19.90
C ALA A 231 9.45 -5.23 19.92
N TRP A 232 8.94 -4.02 19.73
CA TRP A 232 9.77 -2.83 19.74
C TRP A 232 10.27 -2.52 21.15
N LYS A 233 9.34 -2.42 22.09
CA LYS A 233 9.69 -2.13 23.48
C LYS A 233 10.69 -3.15 24.01
N GLN A 234 10.55 -4.39 23.59
CA GLN A 234 11.45 -5.46 24.02
C GLN A 234 12.78 -5.39 23.27
N LEU A 235 12.69 -5.31 21.94
CA LEU A 235 13.90 -5.25 21.11
C LEU A 235 14.77 -4.07 21.51
N GLN A 236 14.14 -3.02 22.02
CA GLN A 236 14.87 -1.83 22.45
C GLN A 236 15.92 -2.18 23.50
N GLY A 237 15.60 -3.14 24.34
CA GLY A 237 16.54 -3.56 25.38
C GLY A 237 17.01 -4.98 25.19
N GLY A 238 16.90 -5.49 23.97
CA GLY A 238 17.32 -6.85 23.69
C GLY A 238 18.46 -6.91 22.69
N LYS A 239 18.49 -7.95 21.88
CA LYS A 239 19.53 -8.13 20.88
C LYS A 239 19.17 -9.25 19.91
N ILE A 240 19.61 -9.11 18.66
CA ILE A 240 19.34 -10.12 17.64
C ILE A 240 20.60 -10.92 17.31
N LYS A 241 20.52 -12.23 17.51
CA LYS A 241 21.64 -13.11 17.23
C LYS A 241 22.88 -12.68 18.02
N GLY A 242 22.66 -12.18 19.22
CA GLY A 242 23.76 -11.73 20.05
C GLY A 242 24.31 -10.39 19.62
N LYS A 243 23.49 -9.61 18.93
CA LYS A 243 23.89 -8.29 18.46
C LYS A 243 22.88 -7.23 18.87
N THR A 244 23.34 -6.23 19.63
CA THR A 244 22.47 -5.16 20.08
C THR A 244 22.25 -4.13 18.99
N CYS A 245 21.00 -3.94 18.60
CA CYS A 245 20.65 -2.99 17.56
C CYS A 245 19.45 -2.13 17.98
N ARG A 246 19.15 -1.12 17.17
CA ARG A 246 18.03 -0.23 17.47
C ARG A 246 16.82 -0.58 16.61
N VAL A 247 15.66 -0.72 17.26
CA VAL A 247 14.43 -1.05 16.56
C VAL A 247 13.42 0.09 16.65
N ARG A 248 12.66 0.28 15.58
CA ARG A 248 11.66 1.34 15.53
C ARG A 248 10.39 0.87 14.82
N LEU A 249 9.29 0.82 15.56
CA LEU A 249 8.02 0.38 15.00
C LEU A 249 7.41 1.47 14.12
N LEU A 250 7.01 1.09 12.91
CA LEU A 250 6.42 2.03 11.97
C LEU A 250 4.94 2.29 12.32
N LYS A 251 4.68 3.45 12.90
CA LYS A 251 3.32 3.82 13.27
C LYS A 251 2.36 3.66 12.10
N GLY A 1 -29.38 -4.04 -26.45
CA GLY A 1 -30.13 -5.17 -25.94
C GLY A 1 -29.57 -5.68 -24.62
N GLY A 2 -28.60 -6.59 -24.70
CA GLY A 2 -28.00 -7.14 -23.50
C GLY A 2 -26.87 -8.11 -23.80
N SER A 3 -26.22 -8.60 -22.76
CA SER A 3 -25.11 -9.54 -22.92
C SER A 3 -24.62 -10.05 -21.57
N THR A 4 -24.05 -11.24 -21.56
CA THR A 4 -23.54 -11.85 -20.34
C THR A 4 -22.54 -12.95 -20.65
N ASP A 5 -21.45 -12.98 -19.87
CA ASP A 5 -20.41 -13.98 -20.06
C ASP A 5 -19.31 -13.83 -19.02
N ALA A 6 -18.29 -14.68 -19.11
CA ALA A 6 -17.18 -14.64 -18.17
C ALA A 6 -16.25 -13.47 -18.47
N LEU A 7 -16.11 -12.57 -17.51
CA LEU A 7 -15.25 -11.40 -17.67
C LEU A 7 -13.88 -11.64 -17.06
N PRO A 8 -12.89 -10.85 -17.50
CA PRO A 8 -11.50 -10.97 -17.00
C PRO A 8 -11.38 -10.49 -15.56
N PRO A 9 -10.23 -10.79 -14.94
CA PRO A 9 -9.94 -10.40 -13.56
C PRO A 9 -9.75 -8.90 -13.40
N ILE A 10 -8.92 -8.33 -14.27
CA ILE A 10 -8.64 -6.89 -14.23
C ILE A 10 -9.93 -6.08 -14.37
N GLU A 11 -10.39 -5.51 -13.26
CA GLU A 11 -11.60 -4.71 -13.26
C GLU A 11 -11.28 -3.23 -13.43
N GLN A 12 -11.98 -2.58 -14.34
CA GLN A 12 -11.77 -1.16 -14.61
C GLN A 12 -12.92 -0.33 -14.04
N GLN A 13 -12.59 0.59 -13.14
CA GLN A 13 -13.59 1.45 -12.53
C GLN A 13 -13.30 2.91 -12.81
N PHE A 14 -14.36 3.70 -12.98
CA PHE A 14 -14.20 5.13 -13.25
C PHE A 14 -15.26 5.94 -12.51
N TYR A 15 -14.80 6.89 -11.70
CA TYR A 15 -15.70 7.74 -10.93
C TYR A 15 -15.53 9.20 -11.30
N GLU A 16 -16.63 9.96 -11.24
CA GLU A 16 -16.60 11.37 -11.57
C GLU A 16 -16.36 12.21 -10.33
N THR A 17 -15.20 12.85 -10.26
CA THR A 17 -14.85 13.70 -9.13
C THR A 17 -13.75 14.69 -9.49
N SER A 18 -13.57 15.70 -8.65
CA SER A 18 -12.56 16.72 -8.88
C SER A 18 -11.29 16.41 -8.09
N SER A 19 -10.29 17.28 -8.23
CA SER A 19 -9.02 17.09 -7.53
C SER A 19 -9.23 17.04 -6.02
N LYS A 20 -10.24 17.76 -5.54
CA LYS A 20 -10.56 17.80 -4.13
C LYS A 20 -11.59 16.73 -3.76
N GLY A 21 -12.48 16.43 -4.70
CA GLY A 21 -13.50 15.43 -4.47
C GLY A 21 -12.93 14.04 -4.32
N LYS A 22 -11.71 13.84 -4.81
CA LYS A 22 -11.04 12.55 -4.73
C LYS A 22 -10.68 12.22 -3.28
N ILE A 23 -10.37 13.25 -2.50
CA ILE A 23 -10.02 13.06 -1.10
C ILE A 23 -11.09 12.29 -0.35
N PRO A 24 -12.32 12.85 -0.34
CA PRO A 24 -13.46 12.23 0.34
C PRO A 24 -13.94 10.97 -0.37
N LEU A 25 -13.89 10.99 -1.70
CA LEU A 25 -14.33 9.84 -2.49
C LEU A 25 -13.45 8.62 -2.21
N LEU A 26 -12.14 8.83 -2.23
CA LEU A 26 -11.20 7.75 -1.97
C LEU A 26 -11.37 7.20 -0.56
N GLN A 27 -11.41 8.09 0.42
CA GLN A 27 -11.57 7.70 1.82
C GLN A 27 -12.84 6.90 2.01
N ARG A 28 -13.95 7.41 1.46
CA ARG A 28 -15.24 6.74 1.58
C ARG A 28 -15.19 5.35 0.95
N LEU A 29 -14.53 5.25 -0.20
CA LEU A 29 -14.40 3.98 -0.90
C LEU A 29 -13.58 2.98 -0.08
N LEU A 30 -12.61 3.50 0.66
CA LEU A 30 -11.76 2.66 1.49
C LEU A 30 -12.48 2.23 2.77
N SER A 31 -13.41 3.07 3.23
CA SER A 31 -14.16 2.78 4.44
C SER A 31 -15.27 1.77 4.16
N LEU A 32 -15.85 1.84 2.97
CA LEU A 32 -16.91 0.93 2.58
C LEU A 32 -16.34 -0.39 2.05
N HIS A 33 -15.19 -0.30 1.40
CA HIS A 33 -14.53 -1.48 0.84
C HIS A 33 -13.61 -2.13 1.88
N GLN A 34 -12.90 -1.29 2.63
CA GLN A 34 -11.99 -1.78 3.65
C GLN A 34 -11.01 -2.80 3.07
N PRO A 35 -10.28 -2.39 2.04
CA PRO A 35 -9.30 -3.25 1.37
C PRO A 35 -8.08 -3.53 2.24
N SER A 36 -7.47 -4.70 2.02
CA SER A 36 -6.29 -5.08 2.79
C SER A 36 -5.07 -4.28 2.37
N SER A 37 -5.04 -3.88 1.10
CA SER A 37 -3.93 -3.11 0.56
C SER A 37 -4.38 -2.27 -0.63
N CYS A 38 -4.31 -0.96 -0.48
CA CYS A 38 -4.70 -0.03 -1.53
C CYS A 38 -3.56 0.90 -1.91
N VAL A 39 -3.20 0.91 -3.18
CA VAL A 39 -2.11 1.75 -3.67
C VAL A 39 -2.65 2.91 -4.50
N VAL A 40 -2.39 4.13 -4.04
CA VAL A 40 -2.85 5.32 -4.74
C VAL A 40 -1.76 5.86 -5.66
N PHE A 41 -2.10 5.98 -6.95
CA PHE A 41 -1.16 6.48 -7.94
C PHE A 41 -1.22 8.00 -8.03
N CYS A 42 -0.09 8.65 -7.77
CA CYS A 42 -0.01 10.10 -7.81
C CYS A 42 1.09 10.55 -8.76
N ASN A 43 0.86 11.68 -9.42
CA ASN A 43 1.83 12.23 -10.37
C ASN A 43 2.61 13.39 -9.74
N THR A 44 1.96 14.09 -8.82
CA THR A 44 2.59 15.23 -8.14
C THR A 44 2.55 15.06 -6.63
N LYS A 45 3.53 15.62 -5.94
CA LYS A 45 3.62 15.53 -4.50
C LYS A 45 2.37 16.13 -3.85
N LYS A 46 1.83 17.18 -4.46
CA LYS A 46 0.64 17.84 -3.96
C LYS A 46 -0.52 16.86 -3.83
N ASP A 47 -0.67 16.00 -4.83
CA ASP A 47 -1.73 15.00 -4.84
C ASP A 47 -1.51 13.97 -3.75
N CYS A 48 -0.32 13.39 -3.72
CA CYS A 48 0.01 12.39 -2.72
C CYS A 48 -0.02 12.97 -1.31
N GLN A 49 0.32 14.25 -1.19
CA GLN A 49 0.32 14.92 0.10
C GLN A 49 -1.10 15.11 0.61
N ALA A 50 -2.00 15.51 -0.28
CA ALA A 50 -3.39 15.72 0.10
C ALA A 50 -4.06 14.42 0.50
N VAL A 51 -3.82 13.37 -0.29
CA VAL A 51 -4.40 12.05 -0.02
C VAL A 51 -3.99 11.55 1.37
N CYS A 52 -2.69 11.50 1.62
CA CYS A 52 -2.17 11.04 2.90
C CYS A 52 -2.58 11.98 4.02
N ASP A 53 -2.73 13.26 3.69
CA ASP A 53 -3.11 14.27 4.67
C ASP A 53 -4.54 14.03 5.16
N ALA A 54 -5.46 13.85 4.22
CA ALA A 54 -6.85 13.62 4.56
C ALA A 54 -7.02 12.32 5.34
N LEU A 55 -6.35 11.26 4.87
CA LEU A 55 -6.43 9.96 5.53
C LEU A 55 -5.99 10.06 6.99
N ASN A 56 -4.83 10.65 7.21
CA ASN A 56 -4.30 10.81 8.56
C ASN A 56 -5.26 11.63 9.42
N GLU A 57 -6.05 12.47 8.77
CA GLU A 57 -7.01 13.32 9.48
C GLU A 57 -8.20 12.50 9.97
N VAL A 58 -8.61 11.52 9.16
CA VAL A 58 -9.73 10.66 9.51
C VAL A 58 -9.28 9.47 10.34
N GLY A 59 -7.96 9.30 10.45
CA GLY A 59 -7.42 8.19 11.21
C GLY A 59 -7.04 7.01 10.34
N GLN A 60 -7.06 7.21 9.03
CA GLN A 60 -6.73 6.16 8.07
C GLN A 60 -5.22 6.05 7.90
N SER A 61 -4.67 4.88 8.23
CA SER A 61 -3.24 4.65 8.11
C SER A 61 -2.82 4.62 6.64
N ALA A 62 -1.93 5.53 6.28
CA ALA A 62 -1.44 5.62 4.91
C ALA A 62 0.02 6.07 4.87
N LEU A 63 0.66 5.91 3.72
CA LEU A 63 2.05 6.30 3.55
C LEU A 63 2.30 6.87 2.15
N SER A 64 3.42 7.57 1.99
CA SER A 64 3.77 8.17 0.72
C SER A 64 5.05 7.56 0.16
N LEU A 65 5.10 7.40 -1.16
CA LEU A 65 6.26 6.82 -1.82
C LEU A 65 6.52 7.50 -3.16
N HIS A 66 7.67 8.16 -3.28
CA HIS A 66 8.04 8.84 -4.51
C HIS A 66 9.37 8.32 -5.04
N GLY A 67 9.75 8.79 -6.23
CA GLY A 67 11.00 8.36 -6.83
C GLY A 67 12.19 9.17 -6.33
N ASP A 68 11.94 10.43 -5.98
CA ASP A 68 12.99 11.30 -5.49
C ASP A 68 13.08 11.26 -3.97
N LEU A 69 12.59 10.16 -3.40
CA LEU A 69 12.62 9.99 -1.94
C LEU A 69 13.92 9.35 -1.49
N GLU A 70 14.17 9.39 -0.18
CA GLU A 70 15.38 8.81 0.38
C GLU A 70 15.29 7.29 0.43
N GLN A 71 16.41 6.62 0.15
CA GLN A 71 16.45 5.17 0.17
C GLN A 71 15.86 4.61 1.46
N ARG A 72 16.31 5.15 2.59
CA ARG A 72 15.82 4.71 3.89
C ARG A 72 14.30 4.82 3.97
N ASP A 73 13.78 5.97 3.58
CA ASP A 73 12.34 6.21 3.60
C ASP A 73 11.61 5.20 2.73
N ARG A 74 12.12 4.99 1.51
CA ARG A 74 11.51 4.05 0.58
C ARG A 74 11.46 2.65 1.18
N ASP A 75 12.50 2.29 1.92
CA ASP A 75 12.58 0.98 2.55
C ASP A 75 11.49 0.82 3.61
N GLN A 76 11.43 1.77 4.53
CA GLN A 76 10.44 1.73 5.61
C GLN A 76 9.03 1.85 5.04
N THR A 77 8.89 2.61 3.95
CA THR A 77 7.59 2.80 3.32
C THR A 77 7.11 1.51 2.67
N LEU A 78 7.95 0.92 1.82
CA LEU A 78 7.61 -0.32 1.14
C LEU A 78 7.27 -1.43 2.13
N VAL A 79 8.12 -1.58 3.15
CA VAL A 79 7.92 -2.60 4.17
C VAL A 79 6.66 -2.32 4.98
N ARG A 80 6.34 -1.04 5.15
CA ARG A 80 5.17 -0.64 5.91
C ARG A 80 3.89 -1.13 5.23
N PHE A 81 3.79 -0.89 3.93
CA PHE A 81 2.61 -1.31 3.17
C PHE A 81 2.70 -2.80 2.83
N ALA A 82 3.91 -3.27 2.56
CA ALA A 82 4.13 -4.68 2.23
C ALA A 82 3.83 -5.57 3.42
N ASN A 83 4.25 -5.15 4.60
CA ASN A 83 4.05 -5.92 5.82
C ASN A 83 2.61 -5.75 6.32
N GLY A 84 1.83 -4.96 5.61
CA GLY A 84 0.45 -4.72 6.00
C GLY A 84 0.34 -3.70 7.12
N SER A 85 1.45 -3.06 7.46
CA SER A 85 1.47 -2.07 8.52
C SER A 85 0.58 -0.88 8.17
N ALA A 86 0.22 -0.78 6.90
CA ALA A 86 -0.63 0.31 6.43
C ALA A 86 -1.83 -0.23 5.65
N ARG A 87 -2.74 0.67 5.27
CA ARG A 87 -3.92 0.29 4.52
C ARG A 87 -3.94 0.95 3.14
N VAL A 88 -3.42 2.17 3.07
CA VAL A 88 -3.37 2.90 1.81
C VAL A 88 -1.98 3.48 1.56
N LEU A 89 -1.32 3.02 0.51
CA LEU A 89 0.02 3.49 0.17
C LEU A 89 -0.03 4.37 -1.07
N VAL A 90 0.11 5.68 -0.86
CA VAL A 90 0.10 6.64 -1.95
C VAL A 90 1.48 6.76 -2.60
N ALA A 91 1.65 6.11 -3.74
CA ALA A 91 2.93 6.15 -4.46
C ALA A 91 2.73 6.63 -5.89
N THR A 92 3.83 7.03 -6.53
CA THR A 92 3.79 7.51 -7.90
C THR A 92 4.15 6.41 -8.89
N ASP A 93 3.99 6.69 -10.17
CA ASP A 93 4.30 5.72 -11.22
C ASP A 93 5.78 5.34 -11.18
N VAL A 94 6.65 6.33 -10.99
CA VAL A 94 8.08 6.08 -10.93
C VAL A 94 8.48 5.49 -9.58
N ALA A 95 7.73 5.82 -8.54
CA ALA A 95 8.00 5.32 -7.20
C ALA A 95 7.58 3.86 -7.07
N ALA A 96 6.40 3.54 -7.59
CA ALA A 96 5.88 2.17 -7.52
C ALA A 96 6.18 1.41 -8.81
N ARG A 97 7.22 1.84 -9.52
CA ARG A 97 7.62 1.22 -10.77
C ARG A 97 8.18 -0.18 -10.52
N GLY A 98 7.44 -1.20 -10.92
CA GLY A 98 7.90 -2.57 -10.73
C GLY A 98 8.33 -2.84 -9.31
N LEU A 99 7.71 -2.14 -8.36
CA LEU A 99 8.03 -2.31 -6.95
C LEU A 99 7.71 -3.72 -6.48
N ASP A 100 7.86 -3.97 -5.18
CA ASP A 100 7.57 -5.27 -4.61
C ASP A 100 6.10 -5.41 -4.28
N ILE A 101 5.28 -5.64 -5.30
CA ILE A 101 3.84 -5.79 -5.12
C ILE A 101 3.25 -6.73 -6.17
N LYS A 102 2.92 -7.94 -5.76
CA LYS A 102 2.35 -8.93 -6.66
C LYS A 102 1.07 -9.53 -6.07
N SER A 103 0.36 -8.73 -5.28
CA SER A 103 -0.88 -9.19 -4.65
C SER A 103 -1.66 -8.01 -4.09
N LEU A 104 -1.70 -6.91 -4.84
CA LEU A 104 -2.41 -5.71 -4.42
C LEU A 104 -3.91 -5.99 -4.29
N GLU A 105 -4.56 -5.30 -3.36
CA GLU A 105 -5.99 -5.47 -3.14
C GLU A 105 -6.80 -4.54 -4.04
N LEU A 106 -6.32 -3.31 -4.18
CA LEU A 106 -7.00 -2.31 -5.02
C LEU A 106 -6.05 -1.19 -5.41
N VAL A 107 -6.14 -0.74 -6.65
CA VAL A 107 -5.29 0.34 -7.14
C VAL A 107 -6.12 1.57 -7.51
N VAL A 108 -5.92 2.65 -6.76
CA VAL A 108 -6.64 3.89 -7.01
C VAL A 108 -5.76 4.90 -7.73
N ASN A 109 -6.21 5.35 -8.90
CA ASN A 109 -5.47 6.32 -9.70
C ASN A 109 -6.04 7.72 -9.50
N PHE A 110 -5.24 8.61 -8.93
CA PHE A 110 -5.66 9.99 -8.70
C PHE A 110 -6.20 10.62 -9.98
N GLU A 111 -5.69 10.15 -11.11
CA GLU A 111 -6.10 10.67 -12.41
C GLU A 111 -5.56 9.80 -13.54
N LEU A 112 -6.17 9.93 -14.72
CA LEU A 112 -5.75 9.16 -15.89
C LEU A 112 -4.25 9.25 -16.09
N ALA A 113 -3.59 8.11 -16.19
CA ALA A 113 -2.15 8.06 -16.39
C ALA A 113 -1.75 8.81 -17.65
N TRP A 114 -0.47 8.75 -17.99
CA TRP A 114 0.05 9.41 -19.18
C TRP A 114 -0.36 8.67 -20.45
N ASP A 115 -0.41 7.35 -20.36
CA ASP A 115 -0.79 6.53 -21.50
C ASP A 115 -1.70 5.37 -21.06
N PRO A 116 -2.42 4.78 -22.02
CA PRO A 116 -3.33 3.67 -21.76
C PRO A 116 -2.59 2.39 -21.39
N GLU A 117 -1.30 2.34 -21.72
CA GLU A 117 -0.49 1.17 -21.43
C GLU A 117 -0.10 1.13 -19.95
N VAL A 118 0.41 2.25 -19.46
CA VAL A 118 0.82 2.35 -18.07
C VAL A 118 -0.36 2.13 -17.13
N HIS A 119 -1.53 2.62 -17.54
CA HIS A 119 -2.74 2.48 -16.74
C HIS A 119 -3.06 1.02 -16.48
N VAL A 120 -3.14 0.24 -17.55
CA VAL A 120 -3.44 -1.18 -17.44
C VAL A 120 -2.24 -1.96 -16.94
N HIS A 121 -1.04 -1.46 -17.24
CA HIS A 121 0.19 -2.11 -16.80
C HIS A 121 0.37 -2.00 -15.30
N ARG A 122 -0.06 -0.87 -14.73
CA ARG A 122 0.06 -0.64 -13.30
C ARG A 122 -0.71 -1.70 -12.51
N ILE A 123 -1.99 -1.86 -12.83
CA ILE A 123 -2.84 -2.84 -12.16
C ILE A 123 -2.58 -4.24 -12.70
N GLY A 124 -2.23 -4.32 -13.98
CA GLY A 124 -1.96 -5.62 -14.59
C GLY A 124 -0.75 -6.30 -14.00
N ARG A 125 0.22 -5.50 -13.57
CA ARG A 125 1.44 -6.05 -12.98
C ARG A 125 1.27 -6.26 -11.48
N THR A 126 0.44 -5.44 -10.85
CA THR A 126 0.19 -5.53 -9.43
C THR A 126 -0.63 -6.78 -9.10
N ALA A 127 -1.46 -7.18 -10.04
CA ALA A 127 -2.31 -8.36 -9.86
C ALA A 127 -3.00 -8.76 -11.16
N ARG A 128 -3.92 -9.72 -11.07
CA ARG A 128 -4.64 -10.19 -12.24
C ARG A 128 -5.64 -11.28 -11.86
N ALA A 129 -6.39 -11.03 -10.79
CA ALA A 129 -7.40 -11.99 -10.33
C ALA A 129 -8.75 -11.32 -10.12
N GLY A 130 -9.73 -12.10 -9.70
CA GLY A 130 -11.06 -11.58 -9.47
C GLY A 130 -11.09 -10.51 -8.39
N ASN A 131 -10.50 -10.84 -7.24
CA ASN A 131 -10.46 -9.90 -6.11
C ASN A 131 -9.48 -8.77 -6.38
N SER A 132 -8.28 -9.12 -6.83
CA SER A 132 -7.25 -8.13 -7.13
C SER A 132 -7.42 -7.59 -8.54
N GLY A 133 -6.42 -6.85 -9.01
CA GLY A 133 -6.46 -6.28 -10.34
C GLY A 133 -7.54 -5.22 -10.48
N LEU A 134 -7.82 -4.51 -9.39
CA LEU A 134 -8.84 -3.47 -9.39
C LEU A 134 -8.22 -2.10 -9.63
N ALA A 135 -8.70 -1.41 -10.66
CA ALA A 135 -8.18 -0.09 -11.00
C ALA A 135 -9.31 0.94 -11.01
N ILE A 136 -9.26 1.88 -10.07
CA ILE A 136 -10.27 2.92 -9.96
C ILE A 136 -9.68 4.29 -10.29
N SER A 137 -10.16 4.89 -11.37
CA SER A 137 -9.69 6.20 -11.80
C SER A 137 -10.63 7.30 -11.33
N PHE A 138 -10.10 8.23 -10.54
CA PHE A 138 -10.90 9.34 -10.02
C PHE A 138 -10.67 10.61 -10.85
N CYS A 139 -11.71 11.05 -11.54
CA CYS A 139 -11.63 12.25 -12.36
C CYS A 139 -12.96 12.53 -13.06
N ALA A 140 -13.20 13.80 -13.38
CA ALA A 140 -14.43 14.19 -14.05
C ALA A 140 -14.61 13.43 -15.37
N PRO A 141 -15.84 13.44 -15.90
CA PRO A 141 -16.18 12.75 -17.15
C PRO A 141 -15.54 13.44 -18.36
N GLU A 142 -14.95 14.61 -18.14
CA GLU A 142 -14.32 15.36 -19.21
C GLU A 142 -13.19 14.56 -19.84
N GLU A 143 -12.52 13.76 -19.03
CA GLU A 143 -11.41 12.93 -19.52
C GLU A 143 -11.91 11.54 -19.92
N ALA A 144 -13.21 11.42 -20.11
CA ALA A 144 -13.81 10.15 -20.49
C ALA A 144 -13.17 9.61 -21.77
N GLN A 145 -12.78 10.51 -22.66
CA GLN A 145 -12.16 10.12 -23.92
C GLN A 145 -11.00 9.16 -23.68
N ARG A 146 -10.35 9.31 -22.53
CA ARG A 146 -9.22 8.46 -22.19
C ARG A 146 -9.69 7.07 -21.75
N ALA A 147 -10.80 7.03 -21.03
CA ALA A 147 -11.36 5.78 -20.54
C ALA A 147 -12.00 4.99 -21.69
N ASN A 148 -12.55 5.71 -22.66
CA ASN A 148 -13.19 5.08 -23.81
C ASN A 148 -12.19 4.26 -24.62
N ILE A 149 -11.07 4.90 -24.98
CA ILE A 149 -10.03 4.23 -25.75
C ILE A 149 -9.32 3.17 -24.92
N ILE A 150 -9.07 3.50 -23.65
CA ILE A 150 -8.40 2.57 -22.75
C ILE A 150 -9.21 1.28 -22.59
N SER A 151 -10.52 1.42 -22.54
CA SER A 151 -11.40 0.26 -22.38
C SER A 151 -11.53 -0.51 -23.70
N ASP A 152 -11.57 0.22 -24.80
CA ASP A 152 -11.69 -0.40 -26.11
C ASP A 152 -10.52 -1.36 -26.37
N MET A 153 -9.30 -0.86 -26.19
CA MET A 153 -8.11 -1.67 -26.40
C MET A 153 -8.13 -2.90 -25.51
N LEU A 154 -8.77 -2.78 -24.35
CA LEU A 154 -8.86 -3.89 -23.40
C LEU A 154 -10.09 -4.74 -23.67
N GLN A 155 -10.72 -4.51 -24.82
CA GLN A 155 -11.92 -5.26 -25.20
C GLN A 155 -12.82 -5.49 -23.99
N ILE A 156 -12.98 -4.45 -23.17
CA ILE A 156 -13.82 -4.54 -21.99
C ILE A 156 -14.64 -3.27 -21.79
N LYS A 157 -15.69 -3.36 -20.99
CA LYS A 157 -16.56 -2.22 -20.72
C LYS A 157 -16.31 -1.66 -19.33
N LEU A 158 -16.42 -0.35 -19.19
CA LEU A 158 -16.19 0.31 -17.90
C LEU A 158 -17.52 0.48 -17.16
N ASN A 159 -17.45 0.36 -15.83
CA ASN A 159 -18.64 0.50 -15.00
C ASN A 159 -18.60 1.80 -14.21
N TRP A 160 -19.04 2.89 -14.84
CA TRP A 160 -19.05 4.20 -14.20
C TRP A 160 -20.02 4.22 -13.03
N GLN A 161 -19.58 4.76 -11.91
CA GLN A 161 -20.42 4.85 -10.71
C GLN A 161 -20.39 6.25 -10.13
N THR A 162 -21.51 6.67 -9.54
CA THR A 162 -21.62 7.99 -8.94
C THR A 162 -21.73 7.91 -7.43
N PRO A 163 -20.94 8.74 -6.74
CA PRO A 163 -20.93 8.77 -5.27
C PRO A 163 -22.22 9.34 -4.69
N PRO A 164 -23.01 8.47 -4.02
CA PRO A 164 -24.28 8.87 -3.40
C PRO A 164 -24.08 9.79 -2.20
N ALA A 165 -25.16 10.02 -1.46
CA ALA A 165 -25.11 10.86 -0.28
C ALA A 165 -25.28 10.05 1.00
N ASN A 166 -25.38 10.74 2.13
CA ASN A 166 -25.55 10.07 3.41
C ASN A 166 -24.44 9.04 3.64
N SER A 167 -23.23 9.36 3.18
CA SER A 167 -22.10 8.46 3.33
C SER A 167 -21.55 8.51 4.76
N SER A 168 -20.39 7.90 4.96
CA SER A 168 -19.78 7.86 6.28
C SER A 168 -18.27 7.60 6.17
N ILE A 169 -17.49 8.30 6.98
CA ILE A 169 -16.04 8.15 6.98
C ILE A 169 -15.58 7.17 8.06
N ALA A 170 -14.75 6.22 7.67
CA ALA A 170 -14.24 5.23 8.61
C ALA A 170 -12.73 5.33 8.76
N THR A 171 -12.21 4.89 9.89
CA THR A 171 -10.77 4.93 10.14
C THR A 171 -10.15 3.54 10.06
N LEU A 172 -9.37 3.31 9.00
CA LEU A 172 -8.72 2.02 8.80
C LEU A 172 -7.49 1.89 9.69
N GLU A 173 -7.53 0.92 10.60
CA GLU A 173 -6.41 0.69 11.52
C GLU A 173 -5.47 -0.38 10.97
N ALA A 174 -4.19 -0.24 11.28
CA ALA A 174 -3.18 -1.20 10.81
C ALA A 174 -3.28 -2.51 11.60
N GLU A 175 -3.03 -3.62 10.91
CA GLU A 175 -3.08 -4.93 11.55
C GLU A 175 -1.69 -5.37 11.99
N MET A 176 -0.67 -4.80 11.38
CA MET A 176 0.72 -5.14 11.71
C MET A 176 1.57 -3.88 11.79
N ALA A 177 2.85 -4.06 12.09
CA ALA A 177 3.78 -2.95 12.20
C ALA A 177 5.21 -3.38 11.91
N THR A 178 5.90 -2.63 11.06
CA THR A 178 7.27 -2.94 10.69
C THR A 178 8.25 -2.31 11.67
N LEU A 179 9.41 -2.95 11.83
CA LEU A 179 10.44 -2.46 12.73
C LEU A 179 11.75 -2.21 12.00
N CYS A 180 12.15 -0.95 11.91
CA CYS A 180 13.39 -0.59 11.24
C CYS A 180 14.59 -0.80 12.14
N ILE A 181 15.37 -1.84 11.84
CA ILE A 181 16.56 -2.16 12.62
C ILE A 181 17.83 -1.79 11.87
N ASP A 182 18.85 -1.37 12.62
CA ASP A 182 20.13 -0.99 12.02
C ASP A 182 21.09 -2.16 12.03
N GLY A 183 20.55 -3.37 11.97
CA GLY A 183 21.39 -4.57 11.98
C GLY A 183 21.96 -4.88 10.60
N GLY A 184 21.07 -5.05 9.62
CA GLY A 184 21.51 -5.34 8.28
C GLY A 184 22.47 -6.52 8.22
N LYS A 185 23.03 -6.77 7.05
CA LYS A 185 23.98 -7.87 6.87
C LYS A 185 25.15 -7.75 7.84
N LYS A 186 25.53 -6.52 8.17
CA LYS A 186 26.63 -6.27 9.09
C LYS A 186 26.38 -6.96 10.43
N ALA A 187 25.11 -7.01 10.84
CA ALA A 187 24.74 -7.64 12.10
C ALA A 187 24.45 -9.13 11.90
N LYS A 188 24.79 -9.64 10.72
CA LYS A 188 24.57 -11.04 10.41
C LYS A 188 23.07 -11.36 10.35
N MET A 189 22.37 -10.67 9.45
CA MET A 189 20.94 -10.88 9.28
C MET A 189 20.65 -11.89 8.17
N ARG A 190 20.33 -13.12 8.57
CA ARG A 190 20.03 -14.18 7.62
C ARG A 190 18.54 -14.40 7.50
N PRO A 191 18.12 -15.09 6.42
CA PRO A 191 16.70 -15.38 6.16
C PRO A 191 16.14 -16.41 7.14
N GLY A 192 15.93 -15.98 8.37
CA GLY A 192 15.39 -16.87 9.39
C GLY A 192 15.94 -16.57 10.77
N ASP A 193 17.07 -15.89 10.83
CA ASP A 193 17.71 -15.54 12.10
C ASP A 193 16.91 -14.46 12.82
N VAL A 194 16.52 -13.42 12.08
CA VAL A 194 15.76 -12.32 12.64
C VAL A 194 14.51 -12.83 13.36
N LEU A 195 13.96 -13.93 12.87
CA LEU A 195 12.76 -14.53 13.45
C LEU A 195 13.04 -15.02 14.87
N GLY A 196 14.25 -15.54 15.08
CA GLY A 196 14.63 -16.04 16.38
C GLY A 196 14.81 -14.94 17.41
N ALA A 197 15.25 -13.78 16.94
CA ALA A 197 15.47 -12.64 17.81
C ALA A 197 14.16 -12.15 18.42
N LEU A 198 13.09 -12.20 17.62
CA LEU A 198 11.77 -11.76 18.08
C LEU A 198 11.04 -12.91 18.78
N THR A 199 11.16 -14.11 18.23
CA THR A 199 10.50 -15.28 18.80
C THR A 199 11.40 -15.96 19.83
N GLY A 200 12.42 -15.24 20.29
CA GLY A 200 13.32 -15.80 21.28
C GLY A 200 13.70 -14.80 22.35
N ASP A 201 14.20 -13.64 21.93
CA ASP A 201 14.59 -12.59 22.86
C ASP A 201 13.38 -11.80 23.34
N ILE A 202 12.49 -11.47 22.42
CA ILE A 202 11.29 -10.72 22.75
C ILE A 202 10.18 -11.63 23.25
N GLY A 203 10.01 -12.78 22.59
CA GLY A 203 8.99 -13.72 23.00
C GLY A 203 7.73 -13.62 22.17
N LEU A 204 7.92 -13.34 20.87
CA LEU A 204 6.79 -13.22 19.96
C LEU A 204 6.50 -14.56 19.26
N ASP A 205 5.27 -14.70 18.76
CA ASP A 205 4.88 -15.92 18.07
C ASP A 205 4.95 -15.74 16.55
N GLY A 206 5.25 -16.83 15.85
CA GLY A 206 5.35 -16.77 14.40
C GLY A 206 4.12 -16.15 13.76
N ALA A 207 2.97 -16.35 14.41
CA ALA A 207 1.71 -15.81 13.89
C ALA A 207 1.74 -14.29 13.87
N ASP A 208 2.47 -13.70 14.80
CA ASP A 208 2.58 -12.24 14.88
C ASP A 208 3.71 -11.74 14.01
N ILE A 209 4.70 -12.59 13.76
CA ILE A 209 5.84 -12.22 12.93
C ILE A 209 5.46 -12.18 11.46
N GLY A 210 5.61 -11.02 10.84
CA GLY A 210 5.28 -10.87 9.44
C GLY A 210 6.50 -10.89 8.55
N LYS A 211 6.38 -10.30 7.36
CA LYS A 211 7.49 -10.26 6.42
C LYS A 211 8.70 -9.56 7.02
N ILE A 212 9.88 -9.84 6.47
CA ILE A 212 11.11 -9.23 6.95
C ILE A 212 12.02 -8.84 5.79
N ALA A 213 12.22 -7.53 5.62
CA ALA A 213 13.06 -7.02 4.55
C ALA A 213 14.49 -6.80 5.04
N VAL A 214 15.37 -7.74 4.73
CA VAL A 214 16.78 -7.66 5.13
C VAL A 214 17.62 -6.99 4.04
N HIS A 215 18.54 -6.14 4.46
CA HIS A 215 19.41 -5.43 3.53
C HIS A 215 20.86 -5.43 4.04
N PRO A 216 21.80 -5.16 3.12
CA PRO A 216 23.23 -5.11 3.46
C PRO A 216 23.59 -3.92 4.34
N ALA A 217 22.60 -3.07 4.60
CA ALA A 217 22.81 -1.89 5.44
C ALA A 217 21.88 -1.91 6.65
N HIS A 218 20.62 -2.27 6.42
CA HIS A 218 19.63 -2.32 7.48
C HIS A 218 18.69 -3.51 7.29
N VAL A 219 17.81 -3.72 8.27
CA VAL A 219 16.85 -4.82 8.21
C VAL A 219 15.53 -4.43 8.84
N TYR A 220 14.42 -4.82 8.19
CA TYR A 220 13.09 -4.50 8.69
C TYR A 220 12.32 -5.78 9.00
N VAL A 221 11.66 -5.80 10.16
CA VAL A 221 10.88 -6.96 10.57
C VAL A 221 9.47 -6.55 10.98
N ALA A 222 8.47 -7.22 10.42
CA ALA A 222 7.08 -6.93 10.72
C ALA A 222 6.62 -7.67 11.98
N VAL A 223 5.65 -7.10 12.68
CA VAL A 223 5.13 -7.70 13.91
C VAL A 223 3.70 -7.25 14.16
N ARG A 224 2.86 -8.19 14.59
CA ARG A 224 1.46 -7.89 14.88
C ARG A 224 1.35 -6.83 15.97
N GLN A 225 0.34 -5.97 15.84
CA GLN A 225 0.11 -4.90 16.80
C GLN A 225 0.12 -5.45 18.23
N ALA A 226 -0.32 -6.69 18.39
CA ALA A 226 -0.35 -7.33 19.70
C ALA A 226 1.02 -7.30 20.36
N VAL A 227 2.06 -7.39 19.55
CA VAL A 227 3.43 -7.37 20.06
C VAL A 227 4.29 -6.36 19.30
N ALA A 228 3.63 -5.43 18.62
CA ALA A 228 4.34 -4.40 17.86
C ALA A 228 5.04 -3.42 18.79
N HIS A 229 4.28 -2.82 19.70
CA HIS A 229 4.82 -1.86 20.65
C HIS A 229 5.76 -2.55 21.64
N LYS A 230 5.45 -3.80 21.96
CA LYS A 230 6.26 -4.58 22.89
C LYS A 230 7.57 -5.03 22.24
N ALA A 231 7.48 -5.43 20.98
CA ALA A 231 8.66 -5.88 20.23
C ALA A 231 9.76 -4.83 20.26
N TRP A 232 9.40 -3.60 19.90
CA TRP A 232 10.38 -2.50 19.89
C TRP A 232 10.71 -2.06 21.31
N LYS A 233 9.69 -1.71 22.08
CA LYS A 233 9.88 -1.27 23.45
C LYS A 233 10.79 -2.22 24.21
N GLN A 234 10.68 -3.51 23.90
CA GLN A 234 11.50 -4.52 24.55
C GLN A 234 12.82 -4.73 23.80
N LEU A 235 12.77 -4.56 22.49
CA LEU A 235 13.96 -4.73 21.65
C LEU A 235 15.11 -3.87 22.17
N GLN A 236 14.81 -2.62 22.49
CA GLN A 236 15.81 -1.70 22.99
C GLN A 236 16.50 -2.26 24.22
N GLY A 237 15.83 -3.19 24.91
CA GLY A 237 16.40 -3.79 26.10
C GLY A 237 17.00 -5.15 25.82
N GLY A 238 16.99 -5.56 24.55
CA GLY A 238 17.54 -6.84 24.18
C GLY A 238 18.55 -6.74 23.06
N LYS A 239 18.59 -7.74 22.20
CA LYS A 239 19.53 -7.77 21.08
C LYS A 239 19.17 -8.89 20.10
N ILE A 240 19.58 -8.71 18.84
CA ILE A 240 19.31 -9.70 17.81
C ILE A 240 20.57 -10.48 17.46
N LYS A 241 20.53 -11.80 17.65
CA LYS A 241 21.67 -12.66 17.35
C LYS A 241 22.89 -12.23 18.15
N GLY A 242 22.67 -11.76 19.38
CA GLY A 242 23.77 -11.33 20.22
C GLY A 242 24.32 -9.97 19.81
N LYS A 243 23.50 -9.21 19.09
CA LYS A 243 23.90 -7.88 18.64
C LYS A 243 22.85 -6.83 19.00
N THR A 244 23.24 -5.88 19.84
CA THR A 244 22.34 -4.83 20.28
C THR A 244 22.23 -3.73 19.22
N CYS A 245 21.04 -3.58 18.64
CA CYS A 245 20.81 -2.57 17.61
C CYS A 245 19.59 -1.73 17.96
N ARG A 246 19.36 -0.68 17.17
CA ARG A 246 18.23 0.22 17.40
C ARG A 246 17.06 -0.16 16.50
N VAL A 247 15.85 -0.09 17.05
CA VAL A 247 14.65 -0.42 16.30
C VAL A 247 13.66 0.74 16.31
N ARG A 248 12.79 0.78 15.30
CA ARG A 248 11.79 1.83 15.20
C ARG A 248 10.49 1.30 14.59
N LEU A 249 9.45 1.25 15.39
CA LEU A 249 8.15 0.77 14.93
C LEU A 249 7.48 1.78 14.00
N LEU A 250 7.09 1.32 12.82
CA LEU A 250 6.43 2.19 11.85
C LEU A 250 4.98 2.43 12.22
N LYS A 251 4.69 3.63 12.72
CA LYS A 251 3.33 3.99 13.12
C LYS A 251 2.84 5.19 12.34
N GLY A 1 -24.58 -26.13 6.86
CA GLY A 1 -24.70 -25.41 5.61
C GLY A 1 -23.40 -24.73 5.21
N GLY A 2 -23.38 -24.14 4.02
CA GLY A 2 -22.19 -23.47 3.54
C GLY A 2 -22.37 -22.90 2.15
N SER A 3 -21.37 -22.14 1.69
CA SER A 3 -21.42 -21.53 0.36
C SER A 3 -20.07 -20.95 -0.02
N THR A 4 -19.95 -20.52 -1.27
CA THR A 4 -18.71 -19.94 -1.76
C THR A 4 -18.86 -19.42 -3.19
N ASP A 5 -17.84 -18.73 -3.68
CA ASP A 5 -17.87 -18.18 -5.03
C ASP A 5 -16.53 -17.55 -5.39
N ALA A 6 -16.34 -17.25 -6.67
CA ALA A 6 -15.11 -16.65 -7.14
C ALA A 6 -15.36 -15.24 -7.69
N LEU A 7 -14.32 -14.41 -7.65
CA LEU A 7 -14.43 -13.04 -8.15
C LEU A 7 -13.89 -12.92 -9.57
N PRO A 8 -14.32 -11.88 -10.27
CA PRO A 8 -13.89 -11.62 -11.66
C PRO A 8 -12.42 -11.22 -11.75
N PRO A 9 -11.89 -11.21 -12.98
CA PRO A 9 -10.49 -10.84 -13.23
C PRO A 9 -10.23 -9.35 -12.99
N ILE A 10 -9.11 -8.87 -13.50
CA ILE A 10 -8.74 -7.47 -13.35
C ILE A 10 -9.87 -6.55 -13.81
N GLU A 11 -10.54 -5.91 -12.86
CA GLU A 11 -11.65 -5.01 -13.17
C GLU A 11 -11.20 -3.56 -13.05
N GLN A 12 -11.89 -2.68 -13.78
CA GLN A 12 -11.57 -1.25 -13.75
C GLN A 12 -12.83 -0.41 -13.58
N GLN A 13 -12.79 0.52 -12.63
CA GLN A 13 -13.93 1.38 -12.36
C GLN A 13 -13.55 2.85 -12.53
N PHE A 14 -14.56 3.70 -12.74
CA PHE A 14 -14.32 5.12 -12.92
C PHE A 14 -15.38 5.94 -12.19
N TYR A 15 -14.93 6.90 -11.39
CA TYR A 15 -15.84 7.76 -10.63
C TYR A 15 -15.66 9.23 -11.01
N GLU A 16 -16.75 9.98 -10.96
CA GLU A 16 -16.71 11.40 -11.29
C GLU A 16 -16.41 12.25 -10.06
N THR A 17 -15.19 12.80 -10.02
CA THR A 17 -14.77 13.63 -8.90
C THR A 17 -13.78 14.69 -9.34
N SER A 18 -13.54 15.68 -8.49
CA SER A 18 -12.62 16.76 -8.79
C SER A 18 -11.26 16.50 -8.15
N SER A 19 -10.34 17.45 -8.33
CA SER A 19 -9.00 17.32 -7.77
C SER A 19 -9.06 17.16 -6.25
N LYS A 20 -10.01 17.84 -5.62
CA LYS A 20 -10.17 17.76 -4.18
C LYS A 20 -11.23 16.72 -3.80
N GLY A 21 -12.24 16.57 -4.66
CA GLY A 21 -13.29 15.60 -4.40
C GLY A 21 -12.75 14.20 -4.22
N LYS A 22 -11.54 13.96 -4.69
CA LYS A 22 -10.91 12.65 -4.58
C LYS A 22 -10.61 12.31 -3.12
N ILE A 23 -10.34 13.35 -2.33
CA ILE A 23 -10.03 13.16 -0.92
C ILE A 23 -11.16 12.42 -0.20
N PRO A 24 -12.37 13.03 -0.23
CA PRO A 24 -13.56 12.44 0.41
C PRO A 24 -14.04 11.19 -0.32
N LEU A 25 -13.93 11.19 -1.64
CA LEU A 25 -14.37 10.06 -2.44
C LEU A 25 -13.52 8.82 -2.14
N LEU A 26 -12.21 8.98 -2.24
CA LEU A 26 -11.30 7.86 -1.97
C LEU A 26 -11.49 7.33 -0.56
N GLN A 27 -11.53 8.24 0.42
CA GLN A 27 -11.71 7.85 1.81
C GLN A 27 -12.99 7.04 1.99
N ARG A 28 -14.08 7.54 1.43
CA ARG A 28 -15.37 6.87 1.54
C ARG A 28 -15.29 5.46 0.95
N LEU A 29 -14.61 5.33 -0.19
CA LEU A 29 -14.47 4.04 -0.84
C LEU A 29 -13.61 3.09 0.00
N LEU A 30 -12.65 3.65 0.73
CA LEU A 30 -11.78 2.86 1.58
C LEU A 30 -12.50 2.45 2.86
N SER A 31 -13.46 3.25 3.29
CA SER A 31 -14.22 2.97 4.51
C SER A 31 -15.29 1.92 4.24
N LEU A 32 -15.86 1.97 3.04
CA LEU A 32 -16.90 1.01 2.67
C LEU A 32 -16.30 -0.28 2.16
N HIS A 33 -15.14 -0.19 1.51
CA HIS A 33 -14.45 -1.36 0.98
C HIS A 33 -13.53 -1.96 2.02
N GLN A 34 -12.81 -1.10 2.75
CA GLN A 34 -11.89 -1.55 3.78
C GLN A 34 -10.92 -2.59 3.23
N PRO A 35 -10.20 -2.22 2.17
CA PRO A 35 -9.23 -3.12 1.52
C PRO A 35 -8.00 -3.37 2.39
N SER A 36 -7.45 -4.56 2.29
CA SER A 36 -6.27 -4.93 3.08
C SER A 36 -5.05 -4.13 2.63
N SER A 37 -5.03 -3.76 1.36
CA SER A 37 -3.93 -2.99 0.80
C SER A 37 -4.37 -2.19 -0.42
N CYS A 38 -4.30 -0.87 -0.31
CA CYS A 38 -4.69 0.01 -1.40
C CYS A 38 -3.57 0.97 -1.77
N VAL A 39 -3.20 0.97 -3.04
CA VAL A 39 -2.14 1.84 -3.53
C VAL A 39 -2.69 3.00 -4.34
N VAL A 40 -2.46 4.22 -3.87
CA VAL A 40 -2.94 5.42 -4.57
C VAL A 40 -1.86 6.00 -5.47
N PHE A 41 -2.14 6.04 -6.77
CA PHE A 41 -1.20 6.57 -7.75
C PHE A 41 -1.39 8.08 -7.92
N CYS A 42 -0.34 8.84 -7.64
CA CYS A 42 -0.39 10.29 -7.77
C CYS A 42 0.66 10.78 -8.75
N ASN A 43 0.35 11.87 -9.46
CA ASN A 43 1.27 12.44 -10.43
C ASN A 43 1.98 13.67 -9.86
N THR A 44 1.40 14.25 -8.80
CA THR A 44 1.97 15.42 -8.17
C THR A 44 2.02 15.25 -6.65
N LYS A 45 3.05 15.81 -6.03
CA LYS A 45 3.21 15.73 -4.58
C LYS A 45 1.99 16.32 -3.87
N LYS A 46 1.41 17.36 -4.45
CA LYS A 46 0.25 18.01 -3.88
C LYS A 46 -0.89 17.01 -3.68
N ASP A 47 -1.15 16.20 -4.70
CA ASP A 47 -2.21 15.20 -4.63
C ASP A 47 -1.88 14.13 -3.58
N CYS A 48 -0.68 13.58 -3.67
CA CYS A 48 -0.25 12.55 -2.73
C CYS A 48 -0.30 13.06 -1.29
N GLN A 49 0.21 14.27 -1.07
CA GLN A 49 0.22 14.87 0.25
C GLN A 49 -1.20 15.01 0.80
N ALA A 50 -2.09 15.54 -0.04
CA ALA A 50 -3.49 15.73 0.35
C ALA A 50 -4.12 14.41 0.79
N VAL A 51 -3.92 13.38 -0.02
CA VAL A 51 -4.48 12.06 0.28
C VAL A 51 -4.04 11.59 1.67
N CYS A 52 -2.73 11.59 1.90
CA CYS A 52 -2.18 11.16 3.18
C CYS A 52 -2.64 12.08 4.30
N ASP A 53 -2.77 13.36 3.99
CA ASP A 53 -3.19 14.35 4.98
C ASP A 53 -4.63 14.08 5.43
N ALA A 54 -5.53 13.95 4.46
CA ALA A 54 -6.94 13.69 4.77
C ALA A 54 -7.09 12.41 5.58
N LEU A 55 -6.44 11.35 5.12
CA LEU A 55 -6.51 10.05 5.80
C LEU A 55 -6.07 10.18 7.25
N ASN A 56 -4.89 10.75 7.46
CA ASN A 56 -4.35 10.93 8.81
C ASN A 56 -5.30 11.76 9.67
N GLU A 57 -6.10 12.61 9.01
CA GLU A 57 -7.05 13.46 9.71
C GLU A 57 -8.21 12.63 10.25
N VAL A 58 -8.62 11.62 9.49
CA VAL A 58 -9.72 10.75 9.89
C VAL A 58 -9.22 9.56 10.69
N GLY A 59 -7.90 9.39 10.73
CA GLY A 59 -7.31 8.29 11.48
C GLY A 59 -7.00 7.11 10.58
N GLN A 60 -7.01 7.34 9.28
CA GLN A 60 -6.72 6.27 8.31
C GLN A 60 -5.21 6.13 8.11
N SER A 61 -4.70 4.93 8.38
CA SER A 61 -3.28 4.65 8.23
C SER A 61 -2.87 4.69 6.76
N ALA A 62 -1.95 5.60 6.43
CA ALA A 62 -1.48 5.74 5.06
C ALA A 62 -0.01 6.16 5.03
N LEU A 63 0.61 6.05 3.86
CA LEU A 63 2.00 6.43 3.69
C LEU A 63 2.27 6.91 2.27
N SER A 64 3.28 7.76 2.13
CA SER A 64 3.65 8.29 0.82
C SER A 64 4.91 7.62 0.28
N LEU A 65 4.98 7.49 -1.04
CA LEU A 65 6.13 6.85 -1.68
C LEU A 65 6.47 7.54 -2.99
N HIS A 66 7.66 8.14 -3.05
CA HIS A 66 8.10 8.83 -4.26
C HIS A 66 9.47 8.32 -4.70
N GLY A 67 9.96 8.84 -5.84
CA GLY A 67 11.24 8.41 -6.36
C GLY A 67 12.39 9.21 -5.76
N ASP A 68 12.19 10.51 -5.59
CA ASP A 68 13.20 11.38 -5.02
C ASP A 68 13.36 11.14 -3.52
N LEU A 69 12.36 10.49 -2.94
CA LEU A 69 12.38 10.21 -1.51
C LEU A 69 13.72 9.61 -1.09
N GLU A 70 13.98 9.62 0.22
CA GLU A 70 15.23 9.07 0.74
C GLU A 70 15.21 7.55 0.77
N GLN A 71 16.36 6.94 0.54
CA GLN A 71 16.46 5.48 0.54
C GLN A 71 15.83 4.89 1.79
N ARG A 72 16.19 5.43 2.95
CA ARG A 72 15.65 4.95 4.22
C ARG A 72 14.13 5.06 4.24
N ASP A 73 13.62 6.22 3.81
CA ASP A 73 12.19 6.45 3.79
C ASP A 73 11.48 5.43 2.90
N ARG A 74 12.02 5.22 1.70
CA ARG A 74 11.45 4.27 0.76
C ARG A 74 11.41 2.87 1.35
N ASP A 75 12.47 2.50 2.05
CA ASP A 75 12.55 1.18 2.68
C ASP A 75 11.45 1.00 3.72
N GLN A 76 11.35 1.94 4.64
CA GLN A 76 10.34 1.89 5.69
C GLN A 76 8.93 1.99 5.10
N THR A 77 8.80 2.76 4.02
CA THR A 77 7.52 2.94 3.37
C THR A 77 7.07 1.65 2.67
N LEU A 78 7.96 1.10 1.84
CA LEU A 78 7.65 -0.13 1.12
C LEU A 78 7.30 -1.26 2.07
N VAL A 79 8.12 -1.42 3.11
CA VAL A 79 7.91 -2.46 4.11
C VAL A 79 6.63 -2.21 4.91
N ARG A 80 6.31 -0.93 5.09
CA ARG A 80 5.11 -0.56 5.84
C ARG A 80 3.85 -1.03 5.12
N PHE A 81 3.79 -0.79 3.82
CA PHE A 81 2.64 -1.20 3.01
C PHE A 81 2.72 -2.68 2.66
N ALA A 82 3.94 -3.15 2.41
CA ALA A 82 4.16 -4.55 2.05
C ALA A 82 3.86 -5.47 3.23
N ASN A 83 4.27 -5.06 4.43
CA ASN A 83 4.04 -5.84 5.63
C ASN A 83 2.61 -5.67 6.13
N GLY A 84 1.83 -4.87 5.40
CA GLY A 84 0.45 -4.63 5.79
C GLY A 84 0.33 -3.68 6.96
N SER A 85 1.44 -3.04 7.31
CA SER A 85 1.46 -2.10 8.43
C SER A 85 0.56 -0.90 8.14
N ALA A 86 0.19 -0.74 6.87
CA ALA A 86 -0.68 0.36 6.47
C ALA A 86 -1.89 -0.15 5.69
N ARG A 87 -2.80 0.76 5.35
CA ARG A 87 -4.00 0.40 4.60
C ARG A 87 -3.99 1.07 3.23
N VAL A 88 -3.47 2.29 3.17
CA VAL A 88 -3.41 3.03 1.91
C VAL A 88 -2.02 3.62 1.68
N LEU A 89 -1.37 3.19 0.60
CA LEU A 89 -0.04 3.67 0.26
C LEU A 89 -0.07 4.53 -1.00
N VAL A 90 0.04 5.84 -0.82
CA VAL A 90 0.03 6.77 -1.94
C VAL A 90 1.42 6.91 -2.54
N ALA A 91 1.63 6.28 -3.70
CA ALA A 91 2.92 6.35 -4.38
C ALA A 91 2.76 6.91 -5.79
N THR A 92 3.89 7.26 -6.40
CA THR A 92 3.88 7.81 -7.75
C THR A 92 4.25 6.75 -8.79
N ASP A 93 3.80 6.94 -10.02
CA ASP A 93 4.09 6.00 -11.10
C ASP A 93 5.59 5.73 -11.20
N VAL A 94 6.39 6.75 -10.89
CA VAL A 94 7.84 6.62 -10.95
C VAL A 94 8.37 5.84 -9.74
N ALA A 95 7.66 5.96 -8.62
CA ALA A 95 8.06 5.27 -7.40
C ALA A 95 7.61 3.81 -7.42
N ALA A 96 6.38 3.58 -7.86
CA ALA A 96 5.84 2.23 -7.93
C ALA A 96 6.06 1.63 -9.31
N ARG A 97 7.08 2.11 -10.01
CA ARG A 97 7.39 1.62 -11.35
C ARG A 97 7.91 0.18 -11.30
N GLY A 98 7.11 -0.75 -11.80
CA GLY A 98 7.50 -2.15 -11.79
C GLY A 98 7.95 -2.62 -10.43
N LEU A 99 7.40 -2.02 -9.38
CA LEU A 99 7.75 -2.38 -8.01
C LEU A 99 7.21 -3.77 -7.66
N ASP A 100 7.67 -4.31 -6.54
CA ASP A 100 7.24 -5.62 -6.09
C ASP A 100 6.14 -5.51 -5.04
N ILE A 101 4.90 -5.59 -5.48
CA ILE A 101 3.76 -5.49 -4.57
C ILE A 101 3.38 -6.86 -4.01
N LYS A 102 3.11 -6.90 -2.72
CA LYS A 102 2.72 -8.15 -2.06
C LYS A 102 1.24 -8.44 -2.26
N SER A 103 0.83 -8.56 -3.52
CA SER A 103 -0.57 -8.84 -3.85
C SER A 103 -1.46 -7.68 -3.42
N LEU A 104 -1.50 -6.64 -4.26
CA LEU A 104 -2.31 -5.46 -3.98
C LEU A 104 -3.79 -5.83 -3.90
N GLU A 105 -4.52 -5.12 -3.04
CA GLU A 105 -5.95 -5.37 -2.86
C GLU A 105 -6.78 -4.44 -3.74
N LEU A 106 -6.32 -3.20 -3.89
CA LEU A 106 -7.01 -2.22 -4.72
C LEU A 106 -6.05 -1.14 -5.21
N VAL A 107 -6.27 -0.67 -6.43
CA VAL A 107 -5.42 0.36 -7.02
C VAL A 107 -6.24 1.59 -7.38
N VAL A 108 -5.97 2.70 -6.70
CA VAL A 108 -6.68 3.96 -6.95
C VAL A 108 -5.77 4.97 -7.64
N ASN A 109 -6.14 5.36 -8.86
CA ASN A 109 -5.36 6.33 -9.62
C ASN A 109 -6.05 7.69 -9.65
N PHE A 110 -5.42 8.68 -9.02
CA PHE A 110 -5.97 10.02 -8.97
C PHE A 110 -6.21 10.57 -10.38
N GLU A 111 -5.47 10.04 -11.34
CA GLU A 111 -5.59 10.48 -12.72
C GLU A 111 -5.06 9.42 -13.68
N LEU A 112 -5.76 9.21 -14.78
CA LEU A 112 -5.36 8.22 -15.79
C LEU A 112 -3.89 8.40 -16.16
N ALA A 113 -3.16 7.29 -16.21
CA ALA A 113 -1.75 7.32 -16.55
C ALA A 113 -1.53 8.02 -17.90
N TRP A 114 -0.26 8.16 -18.28
CA TRP A 114 0.08 8.82 -19.54
C TRP A 114 -0.41 8.00 -20.72
N ASP A 115 -0.06 6.71 -20.73
CA ASP A 115 -0.45 5.82 -21.81
C ASP A 115 -1.42 4.74 -21.30
N PRO A 116 -2.15 4.12 -22.24
CA PRO A 116 -3.12 3.07 -21.90
C PRO A 116 -2.45 1.79 -21.44
N GLU A 117 -1.20 1.61 -21.85
CA GLU A 117 -0.43 0.41 -21.47
C GLU A 117 -0.02 0.47 -20.00
N VAL A 118 0.56 1.60 -19.60
CA VAL A 118 1.00 1.78 -18.22
C VAL A 118 -0.18 1.74 -17.26
N HIS A 119 -1.32 2.26 -17.70
CA HIS A 119 -2.52 2.29 -16.88
C HIS A 119 -2.90 0.88 -16.44
N VAL A 120 -3.06 -0.02 -17.41
CA VAL A 120 -3.43 -1.40 -17.12
C VAL A 120 -2.24 -2.19 -16.58
N HIS A 121 -1.04 -1.79 -16.98
CA HIS A 121 0.18 -2.45 -16.53
C HIS A 121 0.37 -2.27 -15.03
N ARG A 122 -0.03 -1.12 -14.52
CA ARG A 122 0.10 -0.82 -13.09
C ARG A 122 -0.66 -1.86 -12.26
N ILE A 123 -1.93 -2.05 -12.59
CA ILE A 123 -2.77 -3.00 -11.88
C ILE A 123 -2.48 -4.44 -12.32
N GLY A 124 -2.15 -4.60 -13.60
CA GLY A 124 -1.86 -5.91 -14.13
C GLY A 124 -0.67 -6.56 -13.45
N ARG A 125 0.31 -5.74 -13.08
CA ARG A 125 1.51 -6.23 -12.42
C ARG A 125 1.31 -6.33 -10.91
N THR A 126 0.38 -5.53 -10.39
CA THR A 126 0.09 -5.53 -8.96
C THR A 126 -0.75 -6.73 -8.58
N ALA A 127 -1.60 -7.19 -9.50
CA ALA A 127 -2.46 -8.34 -9.25
C ALA A 127 -3.29 -8.67 -10.49
N ARG A 128 -2.81 -9.63 -11.28
CA ARG A 128 -3.52 -10.04 -12.48
C ARG A 128 -4.38 -11.27 -12.22
N ALA A 129 -4.92 -11.35 -11.01
CA ALA A 129 -5.77 -12.47 -10.63
C ALA A 129 -7.23 -12.03 -10.52
N GLY A 130 -8.06 -12.90 -9.96
CA GLY A 130 -9.47 -12.60 -9.81
C GLY A 130 -9.76 -11.80 -8.55
N ASN A 131 -9.33 -12.32 -7.40
CA ASN A 131 -9.55 -11.65 -6.12
C ASN A 131 -9.08 -10.20 -6.19
N SER A 132 -7.83 -10.00 -6.63
CA SER A 132 -7.27 -8.67 -6.72
C SER A 132 -7.29 -8.18 -8.17
N GLY A 133 -6.64 -7.03 -8.41
CA GLY A 133 -6.61 -6.48 -9.74
C GLY A 133 -7.67 -5.41 -9.97
N LEU A 134 -7.98 -4.68 -8.90
CA LEU A 134 -8.99 -3.62 -8.99
C LEU A 134 -8.34 -2.27 -9.26
N ALA A 135 -8.83 -1.58 -10.29
CA ALA A 135 -8.29 -0.27 -10.65
C ALA A 135 -9.41 0.77 -10.74
N ILE A 136 -9.39 1.72 -9.82
CA ILE A 136 -10.40 2.78 -9.80
C ILE A 136 -9.81 4.11 -10.23
N SER A 137 -10.43 4.73 -11.24
CA SER A 137 -9.96 6.02 -11.75
C SER A 137 -10.84 7.16 -11.23
N PHE A 138 -10.23 8.08 -10.52
CA PHE A 138 -10.95 9.22 -9.97
C PHE A 138 -10.68 10.48 -10.78
N CYS A 139 -11.70 10.96 -11.48
CA CYS A 139 -11.57 12.16 -12.30
C CYS A 139 -12.87 12.46 -13.03
N ALA A 140 -12.89 13.58 -13.76
CA ALA A 140 -14.08 13.98 -14.51
C ALA A 140 -14.13 13.28 -15.87
N PRO A 141 -15.31 13.32 -16.50
CA PRO A 141 -15.51 12.70 -17.82
C PRO A 141 -14.78 13.43 -18.94
N GLU A 142 -14.16 14.55 -18.58
CA GLU A 142 -13.41 15.35 -19.56
C GLU A 142 -12.33 14.51 -20.22
N GLU A 143 -11.74 13.60 -19.45
CA GLU A 143 -10.68 12.74 -19.96
C GLU A 143 -11.20 11.34 -20.25
N ALA A 144 -12.52 11.22 -20.34
CA ALA A 144 -13.15 9.93 -20.60
C ALA A 144 -12.55 9.26 -21.83
N GLN A 145 -12.13 10.08 -22.80
CA GLN A 145 -11.53 9.58 -24.03
C GLN A 145 -10.41 8.59 -23.72
N ARG A 146 -9.73 8.80 -22.60
CA ARG A 146 -8.63 7.93 -22.19
C ARG A 146 -9.16 6.63 -21.60
N ALA A 147 -10.24 6.73 -20.83
CA ALA A 147 -10.84 5.56 -20.21
C ALA A 147 -11.58 4.71 -21.24
N ASN A 148 -12.15 5.37 -22.25
CA ASN A 148 -12.88 4.67 -23.30
C ASN A 148 -11.96 3.79 -24.12
N ILE A 149 -10.86 4.37 -24.59
CA ILE A 149 -9.89 3.63 -25.39
C ILE A 149 -9.17 2.58 -24.55
N ILE A 150 -8.87 2.92 -23.31
CA ILE A 150 -8.18 2.02 -22.41
C ILE A 150 -9.02 0.77 -22.16
N SER A 151 -10.34 0.94 -22.07
CA SER A 151 -11.24 -0.17 -21.82
C SER A 151 -11.47 -0.98 -23.09
N ASP A 152 -11.53 -0.28 -24.22
CA ASP A 152 -11.74 -0.94 -25.51
C ASP A 152 -10.60 -1.91 -25.81
N MET A 153 -9.36 -1.43 -25.68
CA MET A 153 -8.19 -2.26 -25.94
C MET A 153 -8.20 -3.50 -25.05
N LEU A 154 -8.80 -3.37 -23.86
CA LEU A 154 -8.87 -4.48 -22.92
C LEU A 154 -10.09 -5.35 -23.19
N GLN A 155 -10.84 -5.01 -24.24
CA GLN A 155 -12.03 -5.76 -24.60
C GLN A 155 -13.03 -5.80 -23.44
N ILE A 156 -13.07 -4.72 -22.67
CA ILE A 156 -13.98 -4.64 -21.54
C ILE A 156 -14.56 -3.23 -21.40
N LYS A 157 -15.69 -3.13 -20.70
CA LYS A 157 -16.36 -1.85 -20.50
C LYS A 157 -16.13 -1.34 -19.08
N LEU A 158 -16.15 -0.03 -18.92
CA LEU A 158 -15.95 0.58 -17.61
C LEU A 158 -17.28 0.78 -16.89
N ASN A 159 -17.26 0.67 -15.56
CA ASN A 159 -18.46 0.83 -14.77
C ASN A 159 -18.49 2.21 -14.09
N TRP A 160 -18.93 3.22 -14.85
CA TRP A 160 -19.00 4.58 -14.33
C TRP A 160 -20.01 4.67 -13.19
N GLN A 161 -19.58 5.25 -12.08
CA GLN A 161 -20.45 5.40 -10.91
C GLN A 161 -20.58 6.87 -10.52
N THR A 162 -21.71 7.23 -9.92
CA THR A 162 -21.96 8.59 -9.49
C THR A 162 -21.99 8.70 -7.98
N PRO A 163 -20.90 9.24 -7.40
CA PRO A 163 -20.78 9.42 -5.96
C PRO A 163 -21.72 10.49 -5.41
N PRO A 164 -22.71 10.06 -4.62
CA PRO A 164 -23.69 10.97 -4.02
C PRO A 164 -23.08 11.86 -2.94
N ALA A 165 -23.93 12.55 -2.20
CA ALA A 165 -23.48 13.43 -1.13
C ALA A 165 -22.62 12.68 -0.12
N ASN A 166 -22.18 13.39 0.92
CA ASN A 166 -21.36 12.78 1.96
C ASN A 166 -22.00 11.49 2.48
N SER A 167 -21.35 10.37 2.19
CA SER A 167 -21.86 9.07 2.63
C SER A 167 -21.48 8.81 4.09
N SER A 168 -20.19 8.56 4.33
CA SER A 168 -19.70 8.28 5.67
C SER A 168 -18.18 8.11 5.67
N ILE A 169 -17.54 8.57 6.74
CA ILE A 169 -16.10 8.46 6.87
C ILE A 169 -15.71 7.49 7.98
N ALA A 170 -14.93 6.48 7.63
CA ALA A 170 -14.49 5.49 8.61
C ALA A 170 -12.97 5.49 8.74
N THR A 171 -12.47 4.95 9.85
CA THR A 171 -11.04 4.90 10.10
C THR A 171 -10.50 3.49 9.93
N LEU A 172 -9.40 3.36 9.20
CA LEU A 172 -8.78 2.07 8.95
C LEU A 172 -7.54 1.87 9.82
N GLU A 173 -7.58 0.86 10.68
CA GLU A 173 -6.46 0.57 11.58
C GLU A 173 -5.54 -0.47 10.96
N ALA A 174 -4.26 -0.38 11.31
CA ALA A 174 -3.26 -1.33 10.79
C ALA A 174 -3.33 -2.65 11.54
N GLU A 175 -3.07 -3.74 10.82
CA GLU A 175 -3.09 -5.07 11.41
C GLU A 175 -1.70 -5.50 11.86
N MET A 176 -0.68 -4.91 11.25
CA MET A 176 0.70 -5.22 11.59
C MET A 176 1.54 -3.96 11.70
N ALA A 177 2.82 -4.12 12.01
CA ALA A 177 3.74 -2.99 12.14
C ALA A 177 5.17 -3.40 11.85
N THR A 178 5.83 -2.64 10.97
CA THR A 178 7.21 -2.93 10.61
C THR A 178 8.18 -2.32 11.61
N LEU A 179 9.32 -2.99 11.81
CA LEU A 179 10.34 -2.51 12.74
C LEU A 179 11.64 -2.22 12.02
N CYS A 180 12.01 -0.94 11.95
CA CYS A 180 13.25 -0.53 11.28
C CYS A 180 14.45 -0.78 12.17
N ILE A 181 15.12 -1.91 11.96
CA ILE A 181 16.29 -2.25 12.75
C ILE A 181 17.58 -1.79 12.07
N ASP A 182 18.55 -1.39 12.88
CA ASP A 182 19.83 -0.92 12.36
C ASP A 182 20.84 -2.06 12.28
N GLY A 183 20.34 -3.27 12.06
CA GLY A 183 21.22 -4.43 11.98
C GLY A 183 21.85 -4.58 10.60
N GLY A 184 21.00 -4.71 9.57
CA GLY A 184 21.49 -4.86 8.22
C GLY A 184 22.41 -6.06 8.08
N LYS A 185 22.93 -6.26 6.87
CA LYS A 185 23.84 -7.37 6.60
C LYS A 185 25.03 -7.35 7.56
N LYS A 186 25.46 -6.15 7.92
CA LYS A 186 26.60 -6.00 8.82
C LYS A 186 26.33 -6.71 10.16
N ALA A 187 25.07 -6.74 10.55
CA ALA A 187 24.67 -7.40 11.80
C ALA A 187 24.39 -8.87 11.58
N LYS A 188 24.72 -9.37 10.39
CA LYS A 188 24.51 -10.77 10.05
C LYS A 188 23.02 -11.09 9.99
N MET A 189 22.30 -10.36 9.15
CA MET A 189 20.86 -10.56 9.01
C MET A 189 20.56 -11.50 7.83
N ARG A 190 20.20 -12.73 8.14
CA ARG A 190 19.90 -13.72 7.12
C ARG A 190 18.39 -13.89 6.95
N PRO A 191 17.98 -14.44 5.80
CA PRO A 191 16.56 -14.67 5.49
C PRO A 191 15.95 -15.76 6.36
N GLY A 192 15.74 -15.45 7.63
CA GLY A 192 15.15 -16.42 8.54
C GLY A 192 15.71 -16.30 9.95
N ASP A 193 16.91 -15.76 10.06
CA ASP A 193 17.56 -15.58 11.36
C ASP A 193 16.83 -14.53 12.19
N VAL A 194 16.39 -13.47 11.53
CA VAL A 194 15.69 -12.39 12.21
C VAL A 194 14.45 -12.91 12.94
N LEU A 195 13.85 -13.96 12.39
CA LEU A 195 12.66 -14.56 12.99
C LEU A 195 12.97 -15.15 14.35
N GLY A 196 14.18 -15.69 14.50
CA GLY A 196 14.59 -16.28 15.76
C GLY A 196 14.73 -15.25 16.86
N ALA A 197 15.18 -14.05 16.49
CA ALA A 197 15.36 -12.97 17.46
C ALA A 197 14.03 -12.56 18.07
N LEU A 198 13.00 -12.46 17.23
CA LEU A 198 11.68 -12.07 17.69
C LEU A 198 10.96 -13.25 18.36
N THR A 199 11.10 -14.43 17.77
CA THR A 199 10.48 -15.63 18.32
C THR A 199 11.39 -16.32 19.32
N GLY A 200 12.38 -15.59 19.81
CA GLY A 200 13.31 -16.15 20.78
C GLY A 200 13.69 -15.16 21.86
N ASP A 201 14.13 -13.97 21.46
CA ASP A 201 14.52 -12.94 22.39
C ASP A 201 13.29 -12.21 22.95
N ILE A 202 12.35 -11.90 22.06
CA ILE A 202 11.13 -11.21 22.47
C ILE A 202 10.05 -12.20 22.90
N GLY A 203 9.90 -13.28 22.13
CA GLY A 203 8.91 -14.28 22.46
C GLY A 203 7.65 -14.14 21.62
N LEU A 204 7.81 -13.67 20.39
CA LEU A 204 6.69 -13.49 19.48
C LEU A 204 6.38 -14.78 18.73
N ASP A 205 5.13 -14.93 18.31
CA ASP A 205 4.71 -16.12 17.57
C ASP A 205 4.61 -15.82 16.08
N GLY A 206 4.92 -16.82 15.26
CA GLY A 206 4.86 -16.65 13.82
C GLY A 206 3.51 -16.08 13.37
N ALA A 207 2.47 -16.36 14.14
CA ALA A 207 1.14 -15.88 13.81
C ALA A 207 1.08 -14.36 13.78
N ASP A 208 1.91 -13.73 14.62
CA ASP A 208 1.96 -12.28 14.69
C ASP A 208 3.11 -11.73 13.84
N ILE A 209 4.14 -12.55 13.65
CA ILE A 209 5.29 -12.15 12.85
C ILE A 209 4.92 -12.03 11.37
N GLY A 210 5.44 -10.99 10.73
CA GLY A 210 5.16 -10.79 9.31
C GLY A 210 6.40 -10.90 8.45
N LYS A 211 6.35 -10.29 7.27
CA LYS A 211 7.49 -10.33 6.35
C LYS A 211 8.69 -9.59 6.93
N ILE A 212 9.86 -9.86 6.39
CA ILE A 212 11.09 -9.22 6.85
C ILE A 212 11.96 -8.78 5.68
N ALA A 213 12.15 -7.47 5.55
CA ALA A 213 12.96 -6.92 4.48
C ALA A 213 14.39 -6.67 4.94
N VAL A 214 15.30 -7.55 4.53
CA VAL A 214 16.71 -7.43 4.91
C VAL A 214 17.49 -6.67 3.84
N HIS A 215 18.40 -5.81 4.29
CA HIS A 215 19.23 -5.03 3.38
C HIS A 215 20.68 -5.02 3.82
N PRO A 216 21.59 -4.64 2.91
CA PRO A 216 23.02 -4.58 3.18
C PRO A 216 23.38 -3.44 4.13
N ALA A 217 22.38 -2.63 4.47
CA ALA A 217 22.60 -1.51 5.37
C ALA A 217 21.76 -1.65 6.64
N HIS A 218 20.52 -2.09 6.47
CA HIS A 218 19.61 -2.27 7.60
C HIS A 218 18.61 -3.38 7.31
N VAL A 219 17.81 -3.72 8.32
CA VAL A 219 16.81 -4.78 8.18
C VAL A 219 15.48 -4.36 8.80
N TYR A 220 14.39 -4.86 8.22
CA TYR A 220 13.05 -4.53 8.72
C TYR A 220 12.26 -5.80 9.00
N VAL A 221 11.59 -5.83 10.15
CA VAL A 221 10.78 -6.98 10.54
C VAL A 221 9.38 -6.56 10.93
N ALA A 222 8.38 -7.22 10.35
CA ALA A 222 6.99 -6.92 10.65
C ALA A 222 6.51 -7.67 11.89
N VAL A 223 5.53 -7.09 12.57
CA VAL A 223 4.98 -7.70 13.79
C VAL A 223 3.56 -7.22 14.05
N ARG A 224 2.69 -8.15 14.44
CA ARG A 224 1.30 -7.81 14.73
C ARG A 224 1.21 -6.84 15.90
N GLN A 225 0.16 -6.02 15.90
CA GLN A 225 -0.04 -5.05 16.97
C GLN A 225 0.11 -5.70 18.34
N ALA A 226 -0.29 -6.96 18.42
CA ALA A 226 -0.19 -7.71 19.69
C ALA A 226 1.22 -7.64 20.26
N VAL A 227 2.21 -7.68 19.37
CA VAL A 227 3.60 -7.62 19.79
C VAL A 227 4.37 -6.56 19.01
N ALA A 228 3.65 -5.60 18.46
CA ALA A 228 4.25 -4.52 17.68
C ALA A 228 5.04 -3.57 18.59
N HIS A 229 4.37 -3.03 19.60
CA HIS A 229 5.00 -2.11 20.53
C HIS A 229 5.92 -2.86 21.49
N LYS A 230 5.53 -4.08 21.85
CA LYS A 230 6.31 -4.90 22.76
C LYS A 230 7.65 -5.31 22.12
N ALA A 231 7.59 -5.68 20.83
CA ALA A 231 8.79 -6.08 20.12
C ALA A 231 9.86 -5.00 20.17
N TRP A 232 9.48 -3.78 19.80
CA TRP A 232 10.42 -2.66 19.82
C TRP A 232 10.74 -2.24 21.25
N LYS A 233 9.70 -1.93 22.02
CA LYS A 233 9.88 -1.51 23.40
C LYS A 233 10.82 -2.46 24.14
N GLN A 234 10.77 -3.73 23.78
CA GLN A 234 11.62 -4.73 24.41
C GLN A 234 12.96 -4.85 23.69
N LEU A 235 12.94 -4.64 22.38
CA LEU A 235 14.15 -4.72 21.57
C LEU A 235 15.24 -3.81 22.12
N GLN A 236 14.86 -2.58 22.48
CA GLN A 236 15.81 -1.62 23.02
C GLN A 236 16.52 -2.19 24.25
N GLY A 237 15.88 -3.16 24.89
CA GLY A 237 16.46 -3.78 26.07
C GLY A 237 17.05 -5.15 25.78
N GLY A 238 17.00 -5.55 24.52
CA GLY A 238 17.54 -6.84 24.14
C GLY A 238 18.53 -6.75 23.00
N LYS A 239 18.52 -7.74 22.11
CA LYS A 239 19.42 -7.76 20.97
C LYS A 239 19.02 -8.86 19.98
N ILE A 240 19.39 -8.68 18.72
CA ILE A 240 19.08 -9.65 17.69
C ILE A 240 20.32 -10.46 17.29
N LYS A 241 20.29 -11.75 17.57
CA LYS A 241 21.41 -12.62 17.24
C LYS A 241 22.66 -12.23 18.01
N GLY A 242 22.47 -11.79 19.25
CA GLY A 242 23.60 -11.38 20.08
C GLY A 242 24.19 -10.05 19.63
N LYS A 243 23.39 -9.26 18.93
CA LYS A 243 23.85 -7.95 18.45
C LYS A 243 22.88 -6.85 18.85
N THR A 244 23.36 -5.91 19.65
CA THR A 244 22.53 -4.80 20.11
C THR A 244 22.38 -3.74 19.02
N CYS A 245 21.13 -3.49 18.61
CA CYS A 245 20.86 -2.50 17.58
C CYS A 245 19.63 -1.67 17.94
N ARG A 246 19.36 -0.65 17.14
CA ARG A 246 18.22 0.23 17.38
C ARG A 246 17.05 -0.15 16.48
N VAL A 247 15.84 -0.10 17.02
CA VAL A 247 14.64 -0.43 16.26
C VAL A 247 13.62 0.71 16.32
N ARG A 248 12.73 0.74 15.34
CA ARG A 248 11.71 1.77 15.27
C ARG A 248 10.42 1.23 14.63
N LEU A 249 9.36 1.14 15.43
CA LEU A 249 8.08 0.64 14.95
C LEU A 249 7.40 1.67 14.06
N LEU A 250 7.09 1.27 12.83
CA LEU A 250 6.43 2.15 11.86
C LEU A 250 4.98 2.39 12.26
N LYS A 251 4.70 3.58 12.79
CA LYS A 251 3.36 3.94 13.21
C LYS A 251 2.37 3.77 12.06
N GLY A 1 -14.64 -1.89 -30.03
CA GLY A 1 -14.67 -3.33 -30.07
C GLY A 1 -15.43 -3.92 -28.90
N GLY A 2 -15.34 -5.24 -28.75
CA GLY A 2 -16.04 -5.91 -27.66
C GLY A 2 -15.94 -7.42 -27.75
N SER A 3 -16.50 -8.11 -26.76
CA SER A 3 -16.47 -9.57 -26.74
C SER A 3 -17.65 -10.12 -25.93
N THR A 4 -17.82 -11.44 -25.99
CA THR A 4 -18.91 -12.09 -25.28
C THR A 4 -18.43 -13.39 -24.62
N ASP A 5 -17.84 -13.26 -23.44
CA ASP A 5 -17.34 -14.42 -22.71
C ASP A 5 -16.81 -14.02 -21.34
N ALA A 6 -16.26 -14.99 -20.61
CA ALA A 6 -15.72 -14.73 -19.29
C ALA A 6 -14.76 -13.56 -19.31
N LEU A 7 -14.82 -12.73 -18.26
CA LEU A 7 -13.95 -11.56 -18.16
C LEU A 7 -12.72 -11.87 -17.30
N PRO A 8 -11.64 -11.12 -17.53
CA PRO A 8 -10.39 -11.29 -16.78
C PRO A 8 -10.51 -10.83 -15.34
N PRO A 9 -9.49 -11.17 -14.52
CA PRO A 9 -9.47 -10.80 -13.10
C PRO A 9 -9.27 -9.30 -12.89
N ILE A 10 -8.40 -8.70 -13.70
CA ILE A 10 -8.13 -7.28 -13.60
C ILE A 10 -9.40 -6.46 -13.77
N GLU A 11 -9.90 -5.92 -12.67
CA GLU A 11 -11.12 -5.11 -12.70
C GLU A 11 -10.79 -3.64 -12.92
N GLN A 12 -11.58 -2.98 -13.77
CA GLN A 12 -11.38 -1.57 -14.07
C GLN A 12 -12.60 -0.74 -13.69
N GLN A 13 -12.41 0.20 -12.77
CA GLN A 13 -13.50 1.05 -12.31
C GLN A 13 -13.18 2.52 -12.56
N PHE A 14 -14.21 3.32 -12.83
CA PHE A 14 -14.03 4.74 -13.09
C PHE A 14 -15.15 5.55 -12.42
N TYR A 15 -14.75 6.55 -11.66
CA TYR A 15 -15.71 7.41 -10.96
C TYR A 15 -15.56 8.86 -11.39
N GLU A 16 -16.67 9.59 -11.41
CA GLU A 16 -16.67 10.99 -11.80
C GLU A 16 -16.52 11.90 -10.58
N THR A 17 -15.34 12.48 -10.42
CA THR A 17 -15.06 13.36 -9.29
C THR A 17 -14.03 14.42 -9.67
N SER A 18 -13.92 15.46 -8.84
CA SER A 18 -12.98 16.53 -9.08
C SER A 18 -11.69 16.32 -8.28
N SER A 19 -10.77 17.26 -8.41
CA SER A 19 -9.48 17.18 -7.71
C SER A 19 -9.71 17.13 -6.20
N LYS A 20 -10.75 17.81 -5.73
CA LYS A 20 -11.07 17.85 -4.31
C LYS A 20 -12.04 16.74 -3.95
N GLY A 21 -12.92 16.39 -4.87
CA GLY A 21 -13.89 15.33 -4.63
C GLY A 21 -13.23 13.97 -4.47
N LYS A 22 -11.98 13.86 -4.89
CA LYS A 22 -11.25 12.61 -4.79
C LYS A 22 -10.93 12.28 -3.33
N ILE A 23 -10.70 13.33 -2.53
CA ILE A 23 -10.40 13.15 -1.12
C ILE A 23 -11.49 12.36 -0.41
N PRO A 24 -12.72 12.88 -0.46
CA PRO A 24 -13.88 12.24 0.17
C PRO A 24 -14.29 10.97 -0.54
N LEU A 25 -14.13 10.95 -1.86
CA LEU A 25 -14.50 9.79 -2.66
C LEU A 25 -13.59 8.60 -2.34
N LEU A 26 -12.29 8.83 -2.37
CA LEU A 26 -11.32 7.79 -2.08
C LEU A 26 -11.49 7.26 -0.66
N GLN A 27 -11.53 8.18 0.30
CA GLN A 27 -11.70 7.81 1.70
C GLN A 27 -12.96 6.97 1.90
N ARG A 28 -14.08 7.46 1.36
CA ARG A 28 -15.35 6.77 1.49
C ARG A 28 -15.27 5.38 0.86
N LEU A 29 -14.54 5.28 -0.25
CA LEU A 29 -14.39 4.00 -0.94
C LEU A 29 -13.58 3.02 -0.11
N LEU A 30 -12.63 3.54 0.66
CA LEU A 30 -11.79 2.70 1.51
C LEU A 30 -12.53 2.31 2.79
N SER A 31 -13.48 3.15 3.20
CA SER A 31 -14.26 2.90 4.40
C SER A 31 -15.34 1.85 4.13
N LEU A 32 -15.92 1.89 2.94
CA LEU A 32 -16.96 0.95 2.55
C LEU A 32 -16.37 -0.40 2.14
N HIS A 33 -15.17 -0.35 1.55
CA HIS A 33 -14.50 -1.56 1.11
C HIS A 33 -13.60 -2.12 2.22
N GLN A 34 -12.89 -1.22 2.91
CA GLN A 34 -12.01 -1.62 3.99
C GLN A 34 -10.94 -2.59 3.49
N PRO A 35 -10.19 -2.17 2.46
CA PRO A 35 -9.12 -2.99 1.86
C PRO A 35 -7.94 -3.16 2.80
N SER A 36 -7.16 -4.22 2.58
CA SER A 36 -6.00 -4.50 3.41
C SER A 36 -4.80 -3.66 2.97
N SER A 37 -4.78 -3.31 1.68
CA SER A 37 -3.70 -2.51 1.13
C SER A 37 -4.14 -1.80 -0.14
N CYS A 38 -4.15 -0.48 -0.10
CA CYS A 38 -4.55 0.33 -1.25
C CYS A 38 -3.46 1.31 -1.65
N VAL A 39 -3.07 1.27 -2.92
CA VAL A 39 -2.02 2.14 -3.43
C VAL A 39 -2.61 3.24 -4.31
N VAL A 40 -2.40 4.50 -3.90
CA VAL A 40 -2.91 5.64 -4.66
C VAL A 40 -1.82 6.24 -5.54
N PHE A 41 -2.09 6.29 -6.84
CA PHE A 41 -1.13 6.85 -7.80
C PHE A 41 -1.30 8.36 -7.91
N CYS A 42 -0.22 9.09 -7.62
CA CYS A 42 -0.25 10.54 -7.69
C CYS A 42 0.69 11.05 -8.79
N ASN A 43 0.57 12.33 -9.10
CA ASN A 43 1.41 12.94 -10.13
C ASN A 43 2.57 13.70 -9.52
N THR A 44 2.34 14.30 -8.36
CA THR A 44 3.38 15.05 -7.66
C THR A 44 3.15 15.04 -6.15
N LYS A 45 4.12 15.55 -5.40
CA LYS A 45 4.03 15.60 -3.95
C LYS A 45 2.74 16.30 -3.51
N LYS A 46 2.32 17.31 -4.28
CA LYS A 46 1.11 18.05 -3.98
C LYS A 46 -0.09 17.12 -3.84
N ASP A 47 -0.27 16.25 -4.84
CA ASP A 47 -1.38 15.31 -4.82
C ASP A 47 -1.25 14.34 -3.65
N CYS A 48 -0.08 13.72 -3.52
CA CYS A 48 0.17 12.78 -2.44
C CYS A 48 -0.01 13.44 -1.08
N GLN A 49 0.28 14.73 -1.01
CA GLN A 49 0.16 15.49 0.23
C GLN A 49 -1.31 15.66 0.61
N ALA A 50 -2.12 16.02 -0.37
CA ALA A 50 -3.55 16.22 -0.13
C ALA A 50 -4.22 14.93 0.31
N VAL A 51 -3.90 13.83 -0.36
CA VAL A 51 -4.47 12.53 -0.04
C VAL A 51 -4.11 12.12 1.37
N CYS A 52 -2.82 12.10 1.67
CA CYS A 52 -2.35 11.72 3.01
C CYS A 52 -2.84 12.70 4.06
N ASP A 53 -3.05 13.95 3.65
CA ASP A 53 -3.51 14.99 4.56
C ASP A 53 -4.93 14.69 5.04
N ALA A 54 -5.83 14.41 4.10
CA ALA A 54 -7.21 14.11 4.43
C ALA A 54 -7.31 12.84 5.26
N LEU A 55 -6.60 11.80 4.83
CA LEU A 55 -6.61 10.52 5.53
C LEU A 55 -6.19 10.70 6.99
N ASN A 56 -5.05 11.33 7.20
CA ASN A 56 -4.54 11.57 8.55
C ASN A 56 -5.54 12.36 9.37
N GLU A 57 -6.38 13.15 8.70
CA GLU A 57 -7.38 13.96 9.36
C GLU A 57 -8.51 13.09 9.92
N VAL A 58 -8.85 12.04 9.17
CA VAL A 58 -9.91 11.12 9.58
C VAL A 58 -9.35 9.97 10.42
N GLY A 59 -8.02 9.87 10.46
CA GLY A 59 -7.39 8.82 11.22
C GLY A 59 -7.05 7.61 10.37
N GLN A 60 -6.95 7.81 9.06
CA GLN A 60 -6.64 6.73 8.14
C GLN A 60 -5.13 6.61 7.95
N SER A 61 -4.59 5.43 8.28
CA SER A 61 -3.16 5.19 8.15
C SER A 61 -2.74 5.20 6.68
N ALA A 62 -1.85 6.12 6.34
CA ALA A 62 -1.36 6.23 4.97
C ALA A 62 0.12 6.60 4.94
N LEU A 63 0.74 6.45 3.78
CA LEU A 63 2.16 6.77 3.63
C LEU A 63 2.45 7.30 2.21
N SER A 64 3.48 8.12 2.10
CA SER A 64 3.85 8.69 0.81
C SER A 64 5.12 8.02 0.27
N LEU A 65 5.17 7.84 -1.04
CA LEU A 65 6.31 7.21 -1.69
C LEU A 65 6.59 7.85 -3.05
N HIS A 66 7.76 8.46 -3.18
CA HIS A 66 8.14 9.10 -4.44
C HIS A 66 9.55 8.69 -4.84
N GLY A 67 9.97 9.12 -6.03
CA GLY A 67 11.30 8.80 -6.52
C GLY A 67 12.36 9.73 -5.98
N ASP A 68 11.95 10.92 -5.56
CA ASP A 68 12.87 11.90 -5.03
C ASP A 68 12.99 11.77 -3.51
N LEU A 69 12.70 10.58 -3.01
CA LEU A 69 12.77 10.31 -1.57
C LEU A 69 14.09 9.63 -1.21
N GLU A 70 14.42 9.61 0.08
CA GLU A 70 15.65 8.98 0.55
C GLU A 70 15.50 7.47 0.59
N GLN A 71 16.60 6.77 0.31
CA GLN A 71 16.60 5.31 0.31
C GLN A 71 15.96 4.77 1.58
N ARG A 72 16.44 5.26 2.72
CA ARG A 72 15.92 4.81 4.02
C ARG A 72 14.41 4.95 4.06
N ASP A 73 13.90 6.11 3.66
CA ASP A 73 12.47 6.37 3.65
C ASP A 73 11.75 5.40 2.73
N ARG A 74 12.29 5.22 1.52
CA ARG A 74 11.69 4.32 0.54
C ARG A 74 11.48 2.94 1.14
N ASP A 75 12.48 2.42 1.82
CA ASP A 75 12.40 1.10 2.45
C ASP A 75 11.32 1.08 3.53
N GLN A 76 11.40 2.03 4.45
CA GLN A 76 10.42 2.12 5.54
C GLN A 76 9.01 2.24 5.00
N THR A 77 8.86 2.96 3.89
CA THR A 77 7.56 3.16 3.27
C THR A 77 7.07 1.88 2.60
N LEU A 78 7.92 1.30 1.74
CA LEU A 78 7.58 0.07 1.04
C LEU A 78 7.21 -1.04 2.02
N VAL A 79 8.02 -1.20 3.07
CA VAL A 79 7.78 -2.22 4.07
C VAL A 79 6.51 -1.91 4.87
N ARG A 80 6.26 -0.62 5.09
CA ARG A 80 5.09 -0.20 5.84
C ARG A 80 3.80 -0.69 5.17
N PHE A 81 3.72 -0.48 3.85
CA PHE A 81 2.54 -0.89 3.10
C PHE A 81 2.60 -2.39 2.77
N ALA A 82 3.78 -2.84 2.36
CA ALA A 82 3.98 -4.26 2.03
C ALA A 82 3.65 -5.15 3.20
N ASN A 83 4.08 -4.73 4.39
CA ASN A 83 3.84 -5.51 5.61
C ASN A 83 2.43 -5.25 6.14
N GLY A 84 1.64 -4.49 5.38
CA GLY A 84 0.29 -4.19 5.80
C GLY A 84 0.24 -3.26 6.99
N SER A 85 1.38 -2.69 7.34
CA SER A 85 1.46 -1.79 8.48
C SER A 85 0.62 -0.53 8.24
N ALA A 86 0.25 -0.31 6.98
CA ALA A 86 -0.55 0.84 6.62
C ALA A 86 -1.85 0.42 5.95
N ARG A 87 -2.63 1.39 5.49
CA ARG A 87 -3.90 1.12 4.84
C ARG A 87 -3.91 1.67 3.41
N VAL A 88 -3.39 2.87 3.25
CA VAL A 88 -3.33 3.51 1.95
C VAL A 88 -1.94 4.09 1.67
N LEU A 89 -1.28 3.59 0.64
CA LEU A 89 0.05 4.05 0.27
C LEU A 89 -0.01 4.94 -0.97
N VAL A 90 0.12 6.23 -0.77
CA VAL A 90 0.09 7.19 -1.88
C VAL A 90 1.48 7.36 -2.50
N ALA A 91 1.70 6.72 -3.64
CA ALA A 91 2.97 6.81 -4.33
C ALA A 91 2.79 7.27 -5.77
N THR A 92 3.89 7.60 -6.43
CA THR A 92 3.85 8.06 -7.82
C THR A 92 4.20 6.93 -8.78
N ASP A 93 3.87 7.11 -10.05
CA ASP A 93 4.14 6.12 -11.07
C ASP A 93 5.61 5.71 -11.06
N VAL A 94 6.49 6.68 -10.82
CA VAL A 94 7.92 6.42 -10.79
C VAL A 94 8.32 5.78 -9.47
N ALA A 95 7.57 6.07 -8.42
CA ALA A 95 7.85 5.50 -7.10
C ALA A 95 7.42 4.05 -7.02
N ALA A 96 6.23 3.75 -7.54
CA ALA A 96 5.71 2.39 -7.53
C ALA A 96 5.96 1.70 -8.88
N ARG A 97 7.00 2.14 -9.57
CA ARG A 97 7.35 1.57 -10.86
C ARG A 97 8.03 0.21 -10.70
N GLY A 98 7.31 -0.86 -11.03
CA GLY A 98 7.86 -2.19 -10.90
C GLY A 98 8.56 -2.40 -9.58
N LEU A 99 8.06 -1.77 -8.53
CA LEU A 99 8.65 -1.89 -7.20
C LEU A 99 8.64 -3.34 -6.73
N ASP A 100 8.88 -3.55 -5.44
CA ASP A 100 8.89 -4.88 -4.87
C ASP A 100 7.57 -5.19 -4.17
N ILE A 101 6.52 -5.37 -4.97
CA ILE A 101 5.20 -5.68 -4.43
C ILE A 101 4.34 -6.42 -5.44
N LYS A 102 3.54 -7.36 -4.96
CA LYS A 102 2.66 -8.14 -5.84
C LYS A 102 1.48 -8.69 -5.06
N SER A 103 1.01 -7.93 -4.07
CA SER A 103 -0.11 -8.35 -3.24
C SER A 103 -1.03 -7.18 -2.95
N LEU A 104 -1.09 -6.23 -3.87
CA LEU A 104 -1.94 -5.05 -3.72
C LEU A 104 -3.41 -5.43 -3.66
N GLU A 105 -4.13 -4.87 -2.70
CA GLU A 105 -5.55 -5.15 -2.54
C GLU A 105 -6.38 -4.31 -3.49
N LEU A 106 -5.98 -3.04 -3.66
CA LEU A 106 -6.70 -2.14 -4.54
C LEU A 106 -5.78 -1.02 -5.02
N VAL A 107 -5.88 -0.66 -6.30
CA VAL A 107 -5.07 0.39 -6.88
C VAL A 107 -5.92 1.59 -7.29
N VAL A 108 -5.71 2.71 -6.62
CA VAL A 108 -6.47 3.93 -6.92
C VAL A 108 -5.62 4.91 -7.72
N ASN A 109 -6.15 5.36 -8.85
CA ASN A 109 -5.44 6.30 -9.71
C ASN A 109 -6.04 7.70 -9.60
N PHE A 110 -5.29 8.62 -9.02
CA PHE A 110 -5.75 9.99 -8.85
C PHE A 110 -6.22 10.57 -10.17
N GLU A 111 -5.62 10.12 -11.26
CA GLU A 111 -5.98 10.60 -12.59
C GLU A 111 -5.45 9.65 -13.67
N LEU A 112 -6.07 9.71 -14.84
CA LEU A 112 -5.66 8.86 -15.96
C LEU A 112 -4.15 8.91 -16.16
N ALA A 113 -3.52 7.74 -16.13
CA ALA A 113 -2.08 7.64 -16.31
C ALA A 113 -1.64 8.32 -17.60
N TRP A 114 -0.33 8.36 -17.83
CA TRP A 114 0.21 8.99 -19.03
C TRP A 114 -0.17 8.20 -20.28
N ASP A 115 -0.24 6.88 -20.15
CA ASP A 115 -0.59 6.02 -21.26
C ASP A 115 -1.49 4.87 -20.80
N PRO A 116 -2.21 4.26 -21.75
CA PRO A 116 -3.12 3.15 -21.47
C PRO A 116 -2.39 1.88 -21.07
N GLU A 117 -1.12 1.79 -21.46
CA GLU A 117 -0.30 0.63 -21.14
C GLU A 117 0.11 0.64 -19.67
N VAL A 118 0.60 1.78 -19.20
CA VAL A 118 1.04 1.92 -17.81
C VAL A 118 -0.14 1.74 -16.87
N HIS A 119 -1.31 2.25 -17.25
CA HIS A 119 -2.50 2.15 -16.43
C HIS A 119 -2.78 0.69 -16.06
N VAL A 120 -2.88 -0.17 -17.07
CA VAL A 120 -3.16 -1.58 -16.85
C VAL A 120 -1.91 -2.31 -16.35
N HIS A 121 -0.75 -1.82 -16.78
CA HIS A 121 0.53 -2.42 -16.38
C HIS A 121 0.73 -2.31 -14.87
N ARG A 122 0.31 -1.18 -14.30
CA ARG A 122 0.45 -0.95 -12.87
C ARG A 122 -0.32 -2.00 -12.08
N ILE A 123 -1.61 -2.13 -12.36
CA ILE A 123 -2.45 -3.09 -11.67
C ILE A 123 -2.10 -4.52 -12.08
N GLY A 124 -1.75 -4.70 -13.35
CA GLY A 124 -1.39 -6.01 -13.84
C GLY A 124 -0.14 -6.56 -13.17
N ARG A 125 0.77 -5.68 -12.82
CA ARG A 125 2.01 -6.08 -12.17
C ARG A 125 1.83 -6.16 -10.65
N THR A 126 0.90 -5.37 -10.13
CA THR A 126 0.62 -5.36 -8.70
C THR A 126 -0.15 -6.59 -8.26
N ALA A 127 -0.97 -7.12 -9.16
CA ALA A 127 -1.76 -8.31 -8.87
C ALA A 127 -2.19 -9.01 -10.17
N ARG A 128 -3.07 -10.00 -10.03
CA ARG A 128 -3.55 -10.76 -11.18
C ARG A 128 -4.61 -11.77 -10.76
N ALA A 129 -5.56 -11.32 -9.94
CA ALA A 129 -6.64 -12.18 -9.46
C ALA A 129 -7.94 -11.41 -9.31
N GLY A 130 -8.96 -12.08 -8.80
CA GLY A 130 -10.25 -11.43 -8.62
C GLY A 130 -10.21 -10.35 -7.55
N ASN A 131 -10.04 -10.76 -6.30
CA ASN A 131 -9.98 -9.82 -5.19
C ASN A 131 -8.98 -8.70 -5.48
N SER A 132 -7.86 -9.05 -6.09
CA SER A 132 -6.82 -8.08 -6.41
C SER A 132 -6.96 -7.60 -7.85
N GLY A 133 -5.97 -6.86 -8.32
CA GLY A 133 -6.00 -6.35 -9.68
C GLY A 133 -7.12 -5.33 -9.89
N LEU A 134 -7.44 -4.59 -8.84
CA LEU A 134 -8.49 -3.58 -8.91
C LEU A 134 -7.90 -2.20 -9.20
N ALA A 135 -8.40 -1.56 -10.26
CA ALA A 135 -7.93 -0.25 -10.64
C ALA A 135 -9.08 0.75 -10.73
N ILE A 136 -9.09 1.72 -9.82
CA ILE A 136 -10.14 2.73 -9.79
C ILE A 136 -9.59 4.10 -10.15
N SER A 137 -10.08 4.66 -11.26
CA SER A 137 -9.63 5.97 -11.71
C SER A 137 -10.62 7.06 -11.29
N PHE A 138 -10.13 8.04 -10.53
CA PHE A 138 -10.96 9.14 -10.04
C PHE A 138 -10.74 10.38 -10.89
N CYS A 139 -11.77 10.81 -11.60
CA CYS A 139 -11.70 11.99 -12.45
C CYS A 139 -13.01 12.24 -13.17
N ALA A 140 -13.28 13.50 -13.50
CA ALA A 140 -14.51 13.87 -14.19
C ALA A 140 -14.69 13.03 -15.46
N PRO A 141 -15.92 13.02 -15.99
CA PRO A 141 -16.25 12.27 -17.20
C PRO A 141 -15.61 12.86 -18.45
N GLU A 142 -14.99 14.03 -18.30
CA GLU A 142 -14.32 14.70 -19.41
C GLU A 142 -13.21 13.83 -19.99
N GLU A 143 -12.56 13.06 -19.13
CA GLU A 143 -11.48 12.18 -19.56
C GLU A 143 -12.01 10.78 -19.85
N ALA A 144 -13.31 10.67 -20.03
CA ALA A 144 -13.95 9.38 -20.32
C ALA A 144 -13.33 8.74 -21.56
N GLN A 145 -12.91 9.57 -22.51
CA GLN A 145 -12.31 9.08 -23.74
C GLN A 145 -11.18 8.11 -23.44
N ARG A 146 -10.22 8.54 -22.62
CA ARG A 146 -9.09 7.71 -22.25
C ARG A 146 -9.55 6.38 -21.67
N ALA A 147 -10.67 6.41 -20.94
CA ALA A 147 -11.21 5.21 -20.33
C ALA A 147 -11.82 4.29 -21.39
N ASN A 148 -12.34 4.88 -22.46
CA ASN A 148 -12.95 4.12 -23.53
C ASN A 148 -11.90 3.31 -24.29
N ILE A 149 -10.84 3.97 -24.72
CA ILE A 149 -9.76 3.32 -25.45
C ILE A 149 -9.02 2.33 -24.56
N ILE A 150 -8.84 2.70 -23.30
CA ILE A 150 -8.14 1.84 -22.35
C ILE A 150 -8.91 0.56 -22.10
N SER A 151 -10.23 0.67 -22.05
CA SER A 151 -11.09 -0.49 -21.81
C SER A 151 -11.21 -1.34 -23.07
N ASP A 152 -11.21 -0.68 -24.22
CA ASP A 152 -11.32 -1.37 -25.51
C ASP A 152 -10.12 -2.29 -25.73
N MET A 153 -8.92 -1.74 -25.57
CA MET A 153 -7.70 -2.51 -25.75
C MET A 153 -7.68 -3.72 -24.82
N LEU A 154 -8.32 -3.59 -23.67
CA LEU A 154 -8.37 -4.68 -22.69
C LEU A 154 -9.50 -5.63 -23.00
N GLN A 155 -10.36 -5.25 -23.95
CA GLN A 155 -11.48 -6.08 -24.35
C GLN A 155 -12.49 -6.22 -23.21
N ILE A 156 -12.63 -5.15 -22.44
CA ILE A 156 -13.57 -5.15 -21.31
C ILE A 156 -14.30 -3.82 -21.20
N LYS A 157 -15.39 -3.81 -20.46
CA LYS A 157 -16.18 -2.60 -20.26
C LYS A 157 -15.96 -2.02 -18.87
N LEU A 158 -16.08 -0.70 -18.76
CA LEU A 158 -15.89 -0.01 -17.48
C LEU A 158 -17.22 0.15 -16.76
N ASN A 159 -17.15 0.30 -15.44
CA ASN A 159 -18.35 0.47 -14.62
C ASN A 159 -18.43 1.88 -14.05
N TRP A 160 -18.78 2.84 -14.90
CA TRP A 160 -18.89 4.23 -14.48
C TRP A 160 -19.97 4.40 -13.42
N GLN A 161 -19.55 4.66 -12.18
CA GLN A 161 -20.49 4.84 -11.09
C GLN A 161 -20.22 6.16 -10.35
N THR A 162 -21.27 6.75 -9.80
CA THR A 162 -21.15 8.01 -9.07
C THR A 162 -21.40 7.81 -7.58
N PRO A 163 -20.69 8.57 -6.75
CA PRO A 163 -20.81 8.51 -5.30
C PRO A 163 -22.14 9.04 -4.80
N PRO A 164 -22.51 8.69 -3.55
CA PRO A 164 -23.76 9.13 -2.94
C PRO A 164 -23.76 10.62 -2.61
N ALA A 165 -24.76 11.07 -1.88
CA ALA A 165 -24.88 12.46 -1.50
C ALA A 165 -23.86 12.81 -0.41
N ASN A 166 -24.06 12.28 0.78
CA ASN A 166 -23.17 12.54 1.90
C ASN A 166 -23.63 11.80 3.15
N SER A 167 -22.75 10.99 3.72
CA SER A 167 -23.07 10.22 4.92
C SER A 167 -21.99 10.41 5.98
N SER A 168 -20.87 9.74 5.79
CA SER A 168 -19.76 9.83 6.74
C SER A 168 -18.59 8.95 6.30
N ILE A 169 -17.41 9.21 6.85
CA ILE A 169 -16.22 8.45 6.52
C ILE A 169 -15.74 7.63 7.71
N ALA A 170 -15.18 6.46 7.42
CA ALA A 170 -14.68 5.58 8.48
C ALA A 170 -13.15 5.62 8.54
N THR A 171 -12.61 5.11 9.64
CA THR A 171 -11.16 5.09 9.83
C THR A 171 -10.60 3.68 9.66
N LEU A 172 -9.44 3.58 9.03
CA LEU A 172 -8.80 2.29 8.81
C LEU A 172 -7.57 2.14 9.70
N GLU A 173 -7.61 1.16 10.59
CA GLU A 173 -6.50 0.90 11.51
C GLU A 173 -5.57 -0.17 10.94
N ALA A 174 -4.28 -0.01 11.20
CA ALA A 174 -3.28 -0.96 10.71
C ALA A 174 -3.39 -2.30 11.45
N GLU A 175 -3.18 -3.39 10.72
CA GLU A 175 -3.27 -4.72 11.31
C GLU A 175 -1.88 -5.21 11.73
N MET A 176 -0.85 -4.62 11.14
CA MET A 176 0.52 -5.01 11.44
C MET A 176 1.41 -3.77 11.61
N ALA A 177 2.68 -4.00 11.89
CA ALA A 177 3.64 -2.90 12.07
C ALA A 177 5.06 -3.36 11.76
N THR A 178 5.75 -2.58 10.94
CA THR A 178 7.12 -2.90 10.56
C THR A 178 8.11 -2.35 11.58
N LEU A 179 9.26 -3.02 11.70
CA LEU A 179 10.29 -2.61 12.64
C LEU A 179 11.61 -2.35 11.92
N CYS A 180 11.99 -1.08 11.83
CA CYS A 180 13.24 -0.70 11.17
C CYS A 180 14.44 -1.00 12.06
N ILE A 181 15.08 -2.13 11.83
CA ILE A 181 16.25 -2.53 12.61
C ILE A 181 17.54 -2.06 11.94
N ASP A 182 18.53 -1.72 12.76
CA ASP A 182 19.82 -1.26 12.25
C ASP A 182 20.80 -2.43 12.13
N GLY A 183 20.26 -3.62 11.90
CA GLY A 183 21.10 -4.80 11.77
C GLY A 183 21.70 -4.94 10.39
N GLY A 184 20.83 -5.01 9.39
CA GLY A 184 21.30 -5.15 8.01
C GLY A 184 22.21 -6.34 7.83
N LYS A 185 22.75 -6.49 6.62
CA LYS A 185 23.65 -7.60 6.32
C LYS A 185 24.83 -7.63 7.28
N LYS A 186 25.28 -6.45 7.69
CA LYS A 186 26.40 -6.34 8.61
C LYS A 186 26.12 -7.10 9.91
N ALA A 187 24.85 -7.14 10.30
CA ALA A 187 24.45 -7.83 11.52
C ALA A 187 24.13 -9.30 11.24
N LYS A 188 24.46 -9.74 10.03
CA LYS A 188 24.22 -11.13 9.63
C LYS A 188 22.72 -11.42 9.59
N MET A 189 21.98 -10.66 8.78
CA MET A 189 20.55 -10.84 8.66
C MET A 189 20.22 -11.74 7.46
N ARG A 190 19.87 -12.98 7.75
CA ARG A 190 19.52 -13.94 6.70
C ARG A 190 18.02 -14.14 6.62
N PRO A 191 17.55 -14.72 5.49
CA PRO A 191 16.13 -14.98 5.26
C PRO A 191 15.59 -16.09 6.16
N GLY A 192 15.40 -15.76 7.44
CA GLY A 192 14.89 -16.74 8.37
C GLY A 192 15.45 -16.56 9.77
N ASP A 193 16.66 -16.00 9.84
CA ASP A 193 17.32 -15.78 11.13
C ASP A 193 16.57 -14.73 11.95
N VAL A 194 16.15 -13.65 11.29
CA VAL A 194 15.42 -12.59 11.96
C VAL A 194 14.20 -13.14 12.69
N LEU A 195 13.60 -14.18 12.12
CA LEU A 195 12.42 -14.80 12.73
C LEU A 195 12.73 -15.33 14.11
N GLY A 196 13.93 -15.90 14.28
CA GLY A 196 14.34 -16.44 15.56
C GLY A 196 14.53 -15.37 16.61
N ALA A 197 14.98 -14.19 16.17
CA ALA A 197 15.21 -13.08 17.09
C ALA A 197 13.90 -12.60 17.71
N LEU A 198 12.84 -12.59 16.91
CA LEU A 198 11.53 -12.16 17.38
C LEU A 198 10.79 -13.30 18.06
N THR A 199 10.92 -14.50 17.51
CA THR A 199 10.26 -15.67 18.07
C THR A 199 11.16 -16.38 19.07
N GLY A 200 12.17 -15.67 19.55
CA GLY A 200 13.09 -16.24 20.51
C GLY A 200 13.50 -15.26 21.59
N ASP A 201 14.00 -14.10 21.17
CA ASP A 201 14.42 -13.06 22.11
C ASP A 201 13.22 -12.27 22.63
N ILE A 202 12.29 -11.97 21.73
CA ILE A 202 11.09 -11.22 22.09
C ILE A 202 9.99 -12.14 22.58
N GLY A 203 9.81 -13.26 21.88
CA GLY A 203 8.78 -14.22 22.27
C GLY A 203 7.52 -14.06 21.45
N LEU A 204 7.67 -13.77 20.16
CA LEU A 204 6.53 -13.59 19.28
C LEU A 204 6.23 -14.89 18.51
N ASP A 205 5.00 -15.01 18.03
CA ASP A 205 4.59 -16.19 17.28
C ASP A 205 4.57 -15.90 15.78
N GLY A 206 4.82 -16.94 14.98
CA GLY A 206 4.83 -16.77 13.54
C GLY A 206 3.58 -16.09 13.01
N ALA A 207 2.46 -16.34 13.69
CA ALA A 207 1.19 -15.75 13.30
C ALA A 207 1.25 -14.23 13.32
N ASP A 208 2.06 -13.69 14.23
CA ASP A 208 2.22 -12.25 14.37
C ASP A 208 3.38 -11.74 13.51
N ILE A 209 4.33 -12.62 13.25
CA ILE A 209 5.49 -12.27 12.44
C ILE A 209 5.12 -12.17 10.97
N GLY A 210 5.31 -10.98 10.40
CA GLY A 210 5.01 -10.78 9.00
C GLY A 210 6.24 -10.83 8.12
N LYS A 211 6.15 -10.21 6.94
CA LYS A 211 7.27 -10.20 6.00
C LYS A 211 8.47 -9.48 6.60
N ILE A 212 9.65 -9.72 6.03
CA ILE A 212 10.87 -9.09 6.49
C ILE A 212 11.74 -8.63 5.33
N ALA A 213 12.03 -7.32 5.29
CA ALA A 213 12.85 -6.75 4.23
C ALA A 213 14.29 -6.57 4.70
N VAL A 214 15.16 -7.46 4.26
CA VAL A 214 16.58 -7.40 4.64
C VAL A 214 17.37 -6.60 3.62
N HIS A 215 18.32 -5.80 4.11
CA HIS A 215 19.16 -4.98 3.25
C HIS A 215 20.60 -4.93 3.77
N PRO A 216 21.53 -4.53 2.89
CA PRO A 216 22.95 -4.43 3.24
C PRO A 216 23.23 -3.27 4.19
N ALA A 217 22.20 -2.46 4.46
CA ALA A 217 22.33 -1.32 5.36
C ALA A 217 21.51 -1.53 6.61
N HIS A 218 20.34 -2.15 6.46
CA HIS A 218 19.46 -2.41 7.59
C HIS A 218 18.43 -3.48 7.24
N VAL A 219 17.65 -3.89 8.24
CA VAL A 219 16.63 -4.91 8.04
C VAL A 219 15.30 -4.51 8.69
N TYR A 220 14.20 -4.83 8.02
CA TYR A 220 12.87 -4.50 8.54
C TYR A 220 12.05 -5.76 8.77
N VAL A 221 11.46 -5.86 9.95
CA VAL A 221 10.65 -7.02 10.31
C VAL A 221 9.24 -6.59 10.73
N ALA A 222 8.24 -7.21 10.11
CA ALA A 222 6.85 -6.89 10.42
C ALA A 222 6.36 -7.67 11.63
N VAL A 223 5.40 -7.11 12.37
CA VAL A 223 4.86 -7.75 13.55
C VAL A 223 3.44 -7.28 13.83
N ARG A 224 2.57 -8.21 14.23
CA ARG A 224 1.18 -7.88 14.53
C ARG A 224 1.10 -6.86 15.66
N GLN A 225 0.11 -5.98 15.58
CA GLN A 225 -0.09 -4.95 16.59
C GLN A 225 -0.08 -5.56 18.00
N ALA A 226 -0.53 -6.81 18.09
CA ALA A 226 -0.57 -7.50 19.37
C ALA A 226 0.80 -7.52 20.03
N VAL A 227 1.85 -7.59 19.21
CA VAL A 227 3.22 -7.62 19.73
C VAL A 227 4.09 -6.59 19.00
N ALA A 228 3.44 -5.63 18.36
CA ALA A 228 4.16 -4.59 17.63
C ALA A 228 4.90 -3.66 18.58
N HIS A 229 4.15 -3.06 19.51
CA HIS A 229 4.74 -2.15 20.50
C HIS A 229 5.66 -2.89 21.45
N LYS A 230 5.32 -4.14 21.74
CA LYS A 230 6.12 -4.96 22.65
C LYS A 230 7.40 -5.41 21.98
N ALA A 231 7.31 -5.76 20.70
CA ALA A 231 8.47 -6.21 19.94
C ALA A 231 9.60 -5.18 20.00
N TRP A 232 9.27 -3.93 19.68
CA TRP A 232 10.25 -2.85 19.69
C TRP A 232 10.60 -2.46 21.12
N LYS A 233 9.58 -2.13 21.91
CA LYS A 233 9.78 -1.73 23.30
C LYS A 233 10.68 -2.73 24.02
N GLN A 234 10.55 -4.00 23.67
CA GLN A 234 11.35 -5.04 24.29
C GLN A 234 12.66 -5.24 23.53
N LEU A 235 12.62 -5.05 22.22
CA LEU A 235 13.80 -5.21 21.38
C LEU A 235 14.97 -4.38 21.92
N GLN A 236 14.68 -3.13 22.28
CA GLN A 236 15.71 -2.24 22.81
C GLN A 236 16.39 -2.86 24.03
N GLY A 237 15.69 -3.78 24.68
CA GLY A 237 16.25 -4.43 25.86
C GLY A 237 16.87 -5.78 25.53
N GLY A 238 16.83 -6.16 24.26
CA GLY A 238 17.40 -7.43 23.84
C GLY A 238 18.39 -7.28 22.72
N LYS A 239 18.45 -8.28 21.85
CA LYS A 239 19.37 -8.26 20.71
C LYS A 239 19.05 -9.39 19.73
N ILE A 240 19.48 -9.22 18.49
CA ILE A 240 19.25 -10.22 17.46
C ILE A 240 20.53 -11.00 17.14
N LYS A 241 20.50 -12.31 17.39
CA LYS A 241 21.64 -13.16 17.13
C LYS A 241 22.85 -12.71 17.94
N GLY A 242 22.59 -12.20 19.15
CA GLY A 242 23.67 -11.74 20.00
C GLY A 242 24.22 -10.39 19.59
N LYS A 243 23.41 -9.62 18.86
CA LYS A 243 23.83 -8.31 18.40
C LYS A 243 22.78 -7.25 18.77
N THR A 244 23.19 -6.29 19.60
CA THR A 244 22.30 -5.22 20.02
C THR A 244 22.18 -4.14 18.95
N CYS A 245 20.96 -3.95 18.45
CA CYS A 245 20.72 -2.94 17.42
C CYS A 245 19.52 -2.08 17.78
N ARG A 246 19.29 -1.04 16.99
CA ARG A 246 18.17 -0.12 17.23
C ARG A 246 16.99 -0.46 16.33
N VAL A 247 15.78 -0.41 16.88
CA VAL A 247 14.58 -0.71 16.12
C VAL A 247 13.60 0.47 16.18
N ARG A 248 12.72 0.53 15.18
CA ARG A 248 11.72 1.60 15.11
C ARG A 248 10.41 1.08 14.51
N LEU A 249 9.37 1.05 15.33
CA LEU A 249 8.06 0.58 14.88
C LEU A 249 7.38 1.63 14.01
N LEU A 250 6.96 1.21 12.82
CA LEU A 250 6.29 2.11 11.89
C LEU A 250 4.83 2.34 12.30
N LYS A 251 4.55 3.52 12.85
CA LYS A 251 3.20 3.86 13.27
C LYS A 251 2.20 3.66 12.14
N GLY A 1 -8.10 -13.46 7.38
CA GLY A 1 -7.90 -14.44 6.32
C GLY A 1 -8.21 -13.86 4.95
N GLY A 2 -8.83 -14.67 4.10
CA GLY A 2 -9.17 -14.22 2.76
C GLY A 2 -10.52 -14.74 2.30
N SER A 3 -10.83 -14.49 1.03
CA SER A 3 -12.11 -14.92 0.47
C SER A 3 -12.03 -15.00 -1.05
N THR A 4 -13.14 -15.41 -1.67
CA THR A 4 -13.20 -15.52 -3.13
C THR A 4 -14.62 -15.29 -3.64
N ASP A 5 -14.73 -15.01 -4.93
CA ASP A 5 -16.03 -14.78 -5.55
C ASP A 5 -16.01 -15.15 -7.03
N ALA A 6 -17.12 -14.88 -7.72
CA ALA A 6 -17.22 -15.20 -9.14
C ALA A 6 -17.04 -13.94 -9.99
N LEU A 7 -16.13 -13.07 -9.57
CA LEU A 7 -15.87 -11.83 -10.29
C LEU A 7 -14.65 -11.98 -11.21
N PRO A 8 -14.55 -11.11 -12.21
CA PRO A 8 -13.44 -11.12 -13.17
C PRO A 8 -12.12 -10.68 -12.53
N PRO A 9 -11.02 -10.89 -13.25
CA PRO A 9 -9.68 -10.53 -12.78
C PRO A 9 -9.47 -9.01 -12.73
N ILE A 10 -9.04 -8.45 -13.86
CA ILE A 10 -8.80 -7.01 -13.93
C ILE A 10 -10.12 -6.24 -14.06
N GLU A 11 -10.51 -5.58 -12.98
CA GLU A 11 -11.75 -4.81 -12.97
C GLU A 11 -11.47 -3.33 -13.17
N GLN A 12 -12.06 -2.76 -14.21
CA GLN A 12 -11.87 -1.34 -14.51
C GLN A 12 -13.01 -0.50 -13.94
N GLN A 13 -12.68 0.37 -13.00
CA GLN A 13 -13.68 1.23 -12.38
C GLN A 13 -13.33 2.70 -12.56
N PHE A 14 -14.35 3.52 -12.81
CA PHE A 14 -14.15 4.95 -13.01
C PHE A 14 -15.25 5.76 -12.32
N TYR A 15 -14.84 6.75 -11.55
CA TYR A 15 -15.79 7.60 -10.83
C TYR A 15 -15.65 9.05 -11.27
N GLU A 16 -16.77 9.78 -11.21
CA GLU A 16 -16.77 11.19 -11.60
C GLU A 16 -16.55 12.09 -10.39
N THR A 17 -15.36 12.67 -10.30
CA THR A 17 -15.00 13.54 -9.19
C THR A 17 -13.87 14.48 -9.57
N SER A 18 -13.70 15.54 -8.78
CA SER A 18 -12.64 16.52 -9.04
C SER A 18 -11.42 16.24 -8.17
N SER A 19 -10.40 17.08 -8.30
CA SER A 19 -9.18 16.93 -7.54
C SER A 19 -9.47 16.96 -6.04
N LYS A 20 -10.47 17.72 -5.65
CA LYS A 20 -10.86 17.84 -4.25
C LYS A 20 -11.87 16.77 -3.87
N GLY A 21 -12.73 16.41 -4.82
CA GLY A 21 -13.74 15.39 -4.56
C GLY A 21 -13.13 14.00 -4.45
N LYS A 22 -11.93 13.83 -4.97
CA LYS A 22 -11.25 12.54 -4.92
C LYS A 22 -10.83 12.21 -3.49
N ILE A 23 -10.52 13.23 -2.71
CA ILE A 23 -10.12 13.04 -1.32
C ILE A 23 -11.17 12.27 -0.54
N PRO A 24 -12.39 12.82 -0.49
CA PRO A 24 -13.51 12.20 0.22
C PRO A 24 -14.00 10.93 -0.46
N LEU A 25 -13.97 10.93 -1.80
CA LEU A 25 -14.40 9.78 -2.57
C LEU A 25 -13.51 8.57 -2.32
N LEU A 26 -12.20 8.79 -2.42
CA LEU A 26 -11.23 7.71 -2.19
C LEU A 26 -11.34 7.17 -0.77
N GLN A 27 -11.36 8.07 0.20
CA GLN A 27 -11.46 7.68 1.60
C GLN A 27 -12.73 6.87 1.85
N ARG A 28 -13.86 7.37 1.36
CA ARG A 28 -15.14 6.70 1.53
C ARG A 28 -15.09 5.29 0.92
N LEU A 29 -14.49 5.18 -0.25
CA LEU A 29 -14.38 3.89 -0.93
C LEU A 29 -13.48 2.93 -0.14
N LEU A 30 -12.48 3.48 0.53
CA LEU A 30 -11.56 2.69 1.33
C LEU A 30 -12.21 2.25 2.63
N SER A 31 -13.15 3.04 3.12
CA SER A 31 -13.85 2.73 4.37
C SER A 31 -14.92 1.67 4.14
N LEU A 32 -15.65 1.80 3.05
CA LEU A 32 -16.71 0.86 2.72
C LEU A 32 -16.12 -0.47 2.23
N HIS A 33 -14.97 -0.39 1.56
CA HIS A 33 -14.30 -1.58 1.04
C HIS A 33 -13.35 -2.16 2.08
N GLN A 34 -12.72 -1.29 2.85
CA GLN A 34 -11.78 -1.72 3.87
C GLN A 34 -10.77 -2.72 3.31
N PRO A 35 -10.04 -2.30 2.26
CA PRO A 35 -9.04 -3.15 1.61
C PRO A 35 -7.82 -3.38 2.49
N SER A 36 -7.10 -4.47 2.23
CA SER A 36 -5.91 -4.80 3.01
C SER A 36 -4.71 -3.99 2.53
N SER A 37 -4.69 -3.68 1.24
CA SER A 37 -3.60 -2.92 0.65
C SER A 37 -4.07 -2.16 -0.58
N CYS A 38 -4.03 -0.83 -0.51
CA CYS A 38 -4.45 0.02 -1.61
C CYS A 38 -3.35 0.99 -2.01
N VAL A 39 -2.98 0.98 -3.28
CA VAL A 39 -1.94 1.85 -3.79
C VAL A 39 -2.52 2.98 -4.63
N VAL A 40 -2.31 4.21 -4.19
CA VAL A 40 -2.82 5.38 -4.90
C VAL A 40 -1.75 5.98 -5.81
N PHE A 41 -2.07 6.06 -7.10
CA PHE A 41 -1.14 6.61 -8.08
C PHE A 41 -1.25 8.13 -8.15
N CYS A 42 -0.14 8.81 -7.86
CA CYS A 42 -0.11 10.26 -7.89
C CYS A 42 0.80 10.77 -9.01
N ASN A 43 0.72 12.07 -9.29
CA ASN A 43 1.54 12.67 -10.33
C ASN A 43 2.77 13.35 -9.73
N THR A 44 2.60 13.94 -8.55
CA THR A 44 3.69 14.62 -7.87
C THR A 44 3.48 14.63 -6.36
N LYS A 45 4.49 15.09 -5.63
CA LYS A 45 4.42 15.15 -4.18
C LYS A 45 3.15 15.87 -3.73
N LYS A 46 2.75 16.89 -4.48
CA LYS A 46 1.55 17.65 -4.16
C LYS A 46 0.33 16.74 -4.04
N ASP A 47 0.16 15.86 -5.03
CA ASP A 47 -0.96 14.93 -5.04
C ASP A 47 -0.86 13.95 -3.87
N CYS A 48 0.30 13.30 -3.74
CA CYS A 48 0.52 12.35 -2.66
C CYS A 48 0.34 13.00 -1.30
N GLN A 49 0.66 14.29 -1.23
CA GLN A 49 0.53 15.03 0.02
C GLN A 49 -0.93 15.26 0.38
N ALA A 50 -1.71 15.67 -0.60
CA ALA A 50 -3.13 15.93 -0.40
C ALA A 50 -3.85 14.67 0.08
N VAL A 51 -3.58 13.55 -0.60
CA VAL A 51 -4.20 12.28 -0.25
C VAL A 51 -3.81 11.84 1.15
N CYS A 52 -2.51 11.78 1.40
CA CYS A 52 -2.01 11.38 2.71
C CYS A 52 -2.49 12.33 3.79
N ASP A 53 -2.60 13.60 3.46
CA ASP A 53 -3.06 14.61 4.41
C ASP A 53 -4.50 14.33 4.85
N ALA A 54 -5.38 14.16 3.88
CA ALA A 54 -6.79 13.88 4.17
C ALA A 54 -6.94 12.63 5.01
N LEU A 55 -6.28 11.56 4.60
CA LEU A 55 -6.34 10.29 5.33
C LEU A 55 -5.91 10.47 6.78
N ASN A 56 -4.73 11.06 6.97
CA ASN A 56 -4.22 11.29 8.31
C ASN A 56 -5.16 12.17 9.12
N GLU A 57 -5.93 13.01 8.42
CA GLU A 57 -6.88 13.90 9.07
C GLU A 57 -8.02 13.11 9.71
N VAL A 58 -8.44 12.04 9.04
CA VAL A 58 -9.52 11.21 9.53
C VAL A 58 -8.98 10.07 10.39
N GLY A 59 -7.67 9.89 10.39
CA GLY A 59 -7.05 8.84 11.17
C GLY A 59 -6.78 7.59 10.35
N GLN A 60 -6.75 7.74 9.03
CA GLN A 60 -6.50 6.62 8.14
C GLN A 60 -5.01 6.40 7.94
N SER A 61 -4.56 5.17 8.10
CA SER A 61 -3.14 4.83 7.94
C SER A 61 -2.74 4.87 6.46
N ALA A 62 -1.80 5.75 6.14
CA ALA A 62 -1.32 5.89 4.78
C ALA A 62 0.13 6.32 4.75
N LEU A 63 0.75 6.21 3.58
CA LEU A 63 2.16 6.60 3.41
C LEU A 63 2.44 7.01 1.98
N SER A 64 3.42 7.89 1.80
CA SER A 64 3.79 8.37 0.47
C SER A 64 5.05 7.65 -0.03
N LEU A 65 5.14 7.48 -1.34
CA LEU A 65 6.29 6.82 -1.95
C LEU A 65 6.61 7.42 -3.31
N HIS A 66 7.79 8.02 -3.44
CA HIS A 66 8.21 8.63 -4.68
C HIS A 66 9.66 8.26 -5.01
N GLY A 67 10.11 8.64 -6.21
CA GLY A 67 11.46 8.33 -6.62
C GLY A 67 12.50 9.20 -5.93
N ASP A 68 12.04 10.30 -5.34
CA ASP A 68 12.93 11.23 -4.65
C ASP A 68 12.98 10.92 -3.16
N LEU A 69 12.68 9.67 -2.81
CA LEU A 69 12.69 9.24 -1.41
C LEU A 69 14.08 8.75 -1.01
N GLU A 70 14.42 8.94 0.26
CA GLU A 70 15.71 8.51 0.78
C GLU A 70 15.76 6.99 0.95
N GLN A 71 16.95 6.46 1.17
CA GLN A 71 17.12 5.03 1.36
C GLN A 71 16.27 4.52 2.53
N ARG A 72 16.38 5.19 3.67
CA ARG A 72 15.62 4.81 4.85
C ARG A 72 14.14 5.14 4.68
N ASP A 73 13.86 6.31 4.11
CA ASP A 73 12.48 6.74 3.89
C ASP A 73 11.74 5.77 2.98
N ARG A 74 12.36 5.45 1.85
CA ARG A 74 11.75 4.53 0.89
C ARG A 74 11.68 3.12 1.47
N ASP A 75 12.67 2.76 2.27
CA ASP A 75 12.71 1.44 2.89
C ASP A 75 11.57 1.27 3.89
N GLN A 76 11.43 2.22 4.81
CA GLN A 76 10.39 2.17 5.81
C GLN A 76 9.00 2.22 5.15
N THR A 77 8.90 2.97 4.06
CA THR A 77 7.64 3.11 3.34
C THR A 77 7.25 1.80 2.66
N LEU A 78 8.16 1.25 1.88
CA LEU A 78 7.91 0.00 1.18
C LEU A 78 7.56 -1.11 2.15
N VAL A 79 8.36 -1.25 3.21
CA VAL A 79 8.12 -2.28 4.21
C VAL A 79 6.82 -2.01 4.98
N ARG A 80 6.48 -0.74 5.13
CA ARG A 80 5.27 -0.35 5.84
C ARG A 80 4.04 -0.86 5.10
N PHE A 81 3.99 -0.62 3.80
CA PHE A 81 2.86 -1.05 2.99
C PHE A 81 2.96 -2.53 2.65
N ALA A 82 4.19 -3.01 2.46
CA ALA A 82 4.43 -4.41 2.14
C ALA A 82 4.10 -5.31 3.32
N ASN A 83 4.49 -4.87 4.52
CA ASN A 83 4.24 -5.65 5.73
C ASN A 83 2.80 -5.48 6.19
N GLY A 84 2.04 -4.66 5.47
CA GLY A 84 0.66 -4.43 5.81
C GLY A 84 0.49 -3.44 6.95
N SER A 85 1.59 -2.81 7.34
CA SER A 85 1.57 -1.83 8.42
C SER A 85 0.68 -0.65 8.06
N ALA A 86 0.37 -0.51 6.77
CA ALA A 86 -0.47 0.58 6.30
C ALA A 86 -1.68 0.04 5.53
N ARG A 87 -2.58 0.95 5.16
CA ARG A 87 -3.78 0.57 4.42
C ARG A 87 -3.79 1.20 3.03
N VAL A 88 -3.24 2.40 2.93
CA VAL A 88 -3.18 3.11 1.65
C VAL A 88 -1.80 3.70 1.42
N LEU A 89 -1.17 3.30 0.32
CA LEU A 89 0.16 3.78 -0.02
C LEU A 89 0.12 4.63 -1.29
N VAL A 90 0.20 5.95 -1.12
CA VAL A 90 0.17 6.87 -2.25
C VAL A 90 1.56 7.04 -2.86
N ALA A 91 1.78 6.37 -3.99
CA ALA A 91 3.06 6.44 -4.67
C ALA A 91 2.88 6.83 -6.14
N THR A 92 3.99 7.16 -6.80
CA THR A 92 3.96 7.54 -8.20
C THR A 92 4.32 6.37 -9.11
N ASP A 93 3.97 6.50 -10.39
CA ASP A 93 4.26 5.44 -11.35
C ASP A 93 5.73 5.02 -11.29
N VAL A 94 6.61 6.01 -11.16
CA VAL A 94 8.04 5.75 -11.08
C VAL A 94 8.43 5.20 -9.71
N ALA A 95 7.65 5.56 -8.70
CA ALA A 95 7.90 5.10 -7.35
C ALA A 95 7.59 3.62 -7.20
N ALA A 96 6.47 3.19 -7.77
CA ALA A 96 6.06 1.80 -7.71
C ALA A 96 6.61 1.00 -8.89
N ARG A 97 7.72 1.46 -9.44
CA ARG A 97 8.35 0.80 -10.57
C ARG A 97 9.07 -0.47 -10.13
N GLY A 98 8.51 -1.62 -10.51
CA GLY A 98 9.11 -2.88 -10.14
C GLY A 98 9.22 -3.07 -8.65
N LEU A 99 8.47 -2.27 -7.90
CA LEU A 99 8.48 -2.34 -6.44
C LEU A 99 7.97 -3.69 -5.96
N ASP A 100 7.85 -3.84 -4.65
CA ASP A 100 7.37 -5.09 -4.06
C ASP A 100 5.88 -5.01 -3.77
N ILE A 101 5.09 -5.68 -4.59
CA ILE A 101 3.64 -5.68 -4.43
C ILE A 101 3.08 -7.10 -4.49
N LYS A 102 2.95 -7.74 -3.32
CA LYS A 102 2.43 -9.09 -3.25
C LYS A 102 0.93 -9.12 -3.50
N SER A 103 0.55 -9.21 -4.77
CA SER A 103 -0.86 -9.25 -5.15
C SER A 103 -1.62 -8.10 -4.50
N LEU A 104 -1.44 -6.89 -5.04
CA LEU A 104 -2.11 -5.71 -4.51
C LEU A 104 -3.61 -5.97 -4.33
N GLU A 105 -4.18 -5.37 -3.29
CA GLU A 105 -5.61 -5.53 -3.02
C GLU A 105 -6.44 -4.63 -3.92
N LEU A 106 -6.00 -3.39 -4.07
CA LEU A 106 -6.71 -2.41 -4.90
C LEU A 106 -5.77 -1.32 -5.38
N VAL A 107 -6.00 -0.83 -6.59
CA VAL A 107 -5.17 0.22 -7.17
C VAL A 107 -6.02 1.44 -7.54
N VAL A 108 -5.78 2.55 -6.85
CA VAL A 108 -6.51 3.79 -7.11
C VAL A 108 -5.66 4.77 -7.91
N ASN A 109 -6.24 5.27 -8.99
CA ASN A 109 -5.54 6.22 -9.85
C ASN A 109 -6.06 7.64 -9.62
N PHE A 110 -5.23 8.49 -9.04
CA PHE A 110 -5.61 9.87 -8.77
C PHE A 110 -6.12 10.55 -10.04
N GLU A 111 -5.57 10.14 -11.18
CA GLU A 111 -5.97 10.71 -12.46
C GLU A 111 -5.52 9.82 -13.62
N LEU A 112 -6.21 9.94 -14.75
CA LEU A 112 -5.87 9.14 -15.92
C LEU A 112 -4.38 9.20 -16.22
N ALA A 113 -3.75 8.02 -16.28
CA ALA A 113 -2.32 7.94 -16.56
C ALA A 113 -1.98 8.65 -17.87
N TRP A 114 -0.70 8.63 -18.22
CA TRP A 114 -0.24 9.27 -19.46
C TRP A 114 -0.71 8.49 -20.68
N ASP A 115 -0.77 7.17 -20.56
CA ASP A 115 -1.20 6.32 -21.66
C ASP A 115 -2.12 5.21 -21.16
N PRO A 116 -2.91 4.63 -22.07
CA PRO A 116 -3.84 3.55 -21.74
C PRO A 116 -3.12 2.25 -21.39
N GLU A 117 -1.87 2.14 -21.83
CA GLU A 117 -1.08 0.94 -21.56
C GLU A 117 -0.57 0.93 -20.13
N VAL A 118 0.03 2.05 -19.71
CA VAL A 118 0.56 2.17 -18.36
C VAL A 118 -0.53 2.02 -17.32
N HIS A 119 -1.72 2.54 -17.64
CA HIS A 119 -2.86 2.47 -16.73
C HIS A 119 -3.16 1.02 -16.36
N VAL A 120 -3.37 0.18 -17.37
CA VAL A 120 -3.66 -1.23 -17.15
C VAL A 120 -2.41 -2.00 -16.76
N HIS A 121 -1.26 -1.52 -17.23
CA HIS A 121 0.02 -2.16 -16.93
C HIS A 121 0.36 -2.03 -15.45
N ARG A 122 -0.01 -0.89 -14.86
CA ARG A 122 0.27 -0.63 -13.46
C ARG A 122 -0.65 -1.45 -12.56
N ILE A 123 -1.96 -1.32 -12.79
CA ILE A 123 -2.95 -2.06 -12.00
C ILE A 123 -2.93 -3.55 -12.35
N GLY A 124 -2.46 -3.86 -13.55
CA GLY A 124 -2.40 -5.24 -13.99
C GLY A 124 -1.19 -5.96 -13.45
N ARG A 125 -0.01 -5.37 -13.64
CA ARG A 125 1.23 -5.97 -13.18
C ARG A 125 1.22 -6.13 -11.65
N THR A 126 0.42 -5.31 -10.99
CA THR A 126 0.32 -5.36 -9.53
C THR A 126 -0.28 -6.67 -9.07
N ALA A 127 -1.17 -7.24 -9.88
CA ALA A 127 -1.82 -8.50 -9.56
C ALA A 127 -1.99 -9.37 -10.79
N ARG A 128 -2.89 -8.96 -11.68
CA ARG A 128 -3.15 -9.70 -12.91
C ARG A 128 -3.75 -11.07 -12.60
N ALA A 129 -4.54 -11.13 -11.53
CA ALA A 129 -5.18 -12.38 -11.13
C ALA A 129 -6.70 -12.23 -11.12
N GLY A 130 -7.40 -13.33 -10.83
CA GLY A 130 -8.85 -13.30 -10.78
C GLY A 130 -9.38 -12.46 -9.65
N ASN A 131 -8.76 -12.59 -8.48
CA ASN A 131 -9.19 -11.84 -7.30
C ASN A 131 -8.71 -10.39 -7.39
N SER A 132 -7.42 -10.18 -7.15
CA SER A 132 -6.84 -8.85 -7.19
C SER A 132 -6.89 -8.28 -8.61
N GLY A 133 -6.29 -7.11 -8.79
CA GLY A 133 -6.28 -6.48 -10.10
C GLY A 133 -7.38 -5.43 -10.25
N LEU A 134 -7.72 -4.78 -9.15
CA LEU A 134 -8.75 -3.75 -9.16
C LEU A 134 -8.16 -2.37 -9.44
N ALA A 135 -8.71 -1.70 -10.44
CA ALA A 135 -8.23 -0.37 -10.81
C ALA A 135 -9.37 0.64 -10.82
N ILE A 136 -9.26 1.67 -9.99
CA ILE A 136 -10.28 2.71 -9.90
C ILE A 136 -9.71 4.07 -10.24
N SER A 137 -10.17 4.65 -11.35
CA SER A 137 -9.70 5.96 -11.78
C SER A 137 -10.66 7.05 -11.35
N PHE A 138 -10.15 8.00 -10.57
CA PHE A 138 -10.98 9.10 -10.08
C PHE A 138 -10.74 10.36 -10.91
N CYS A 139 -11.80 10.85 -11.55
CA CYS A 139 -11.71 12.04 -12.38
C CYS A 139 -13.06 12.37 -13.02
N ALA A 140 -13.28 13.65 -13.30
CA ALA A 140 -14.52 14.10 -13.90
C ALA A 140 -14.83 13.30 -15.17
N PRO A 141 -16.09 13.36 -15.62
CA PRO A 141 -16.54 12.66 -16.82
C PRO A 141 -15.95 13.26 -18.10
N GLU A 142 -15.35 14.44 -17.97
CA GLU A 142 -14.76 15.12 -19.12
C GLU A 142 -13.64 14.28 -19.73
N GLU A 143 -12.94 13.55 -18.88
CA GLU A 143 -11.84 12.70 -19.33
C GLU A 143 -12.33 11.29 -19.62
N ALA A 144 -13.64 11.15 -19.80
CA ALA A 144 -14.24 9.85 -20.09
C ALA A 144 -13.65 9.24 -21.36
N GLN A 145 -13.30 10.11 -22.32
CA GLN A 145 -12.72 9.67 -23.58
C GLN A 145 -11.54 8.72 -23.34
N ARG A 146 -10.80 8.98 -22.26
CA ARG A 146 -9.64 8.16 -21.92
C ARG A 146 -10.08 6.77 -21.45
N ALA A 147 -11.17 6.72 -20.69
CA ALA A 147 -11.69 5.46 -20.19
C ALA A 147 -12.35 4.65 -21.30
N ASN A 148 -12.92 5.34 -22.28
CA ASN A 148 -13.59 4.69 -23.40
C ASN A 148 -12.59 3.86 -24.20
N ILE A 149 -11.48 4.47 -24.60
CA ILE A 149 -10.46 3.78 -25.37
C ILE A 149 -9.72 2.76 -24.51
N ILE A 150 -9.46 3.13 -23.26
CA ILE A 150 -8.75 2.25 -22.34
C ILE A 150 -9.53 0.96 -22.11
N SER A 151 -10.85 1.08 -22.02
CA SER A 151 -11.70 -0.08 -21.80
C SER A 151 -11.88 -0.87 -23.09
N ASP A 152 -11.98 -0.17 -24.20
CA ASP A 152 -12.15 -0.81 -25.51
C ASP A 152 -10.99 -1.77 -25.79
N MET A 153 -9.77 -1.27 -25.67
CA MET A 153 -8.58 -2.08 -25.92
C MET A 153 -8.53 -3.26 -24.96
N LEU A 154 -9.08 -3.08 -23.76
CA LEU A 154 -9.09 -4.14 -22.76
C LEU A 154 -10.22 -5.14 -23.02
N GLN A 155 -11.15 -4.74 -23.89
CA GLN A 155 -12.27 -5.61 -24.24
C GLN A 155 -13.19 -5.82 -23.03
N ILE A 156 -13.39 -4.75 -22.26
CA ILE A 156 -14.24 -4.81 -21.08
C ILE A 156 -15.07 -3.55 -20.93
N LYS A 157 -16.12 -3.62 -20.12
CA LYS A 157 -16.99 -2.47 -19.88
C LYS A 157 -16.68 -1.82 -18.54
N LEU A 158 -16.70 -0.48 -18.52
CA LEU A 158 -16.41 0.26 -17.31
C LEU A 158 -17.68 0.50 -16.49
N ASN A 159 -17.56 0.49 -15.17
CA ASN A 159 -18.70 0.70 -14.29
C ASN A 159 -18.70 2.11 -13.73
N TRP A 160 -19.10 3.07 -14.55
CA TRP A 160 -19.14 4.47 -14.13
C TRP A 160 -20.13 4.67 -13.00
N GLN A 161 -19.61 4.93 -11.80
CA GLN A 161 -20.45 5.14 -10.63
C GLN A 161 -20.43 6.61 -10.20
N THR A 162 -21.56 7.08 -9.69
CA THR A 162 -21.68 8.46 -9.23
C THR A 162 -21.74 8.54 -7.71
N PRO A 163 -21.42 9.72 -7.17
CA PRO A 163 -21.44 9.96 -5.73
C PRO A 163 -22.85 9.97 -5.15
N PRO A 164 -23.16 8.94 -4.33
CA PRO A 164 -24.47 8.81 -3.70
C PRO A 164 -24.72 9.88 -2.64
N ALA A 165 -25.82 9.73 -1.90
CA ALA A 165 -26.17 10.68 -0.85
C ALA A 165 -25.02 10.85 0.14
N ASN A 166 -25.16 11.81 1.05
CA ASN A 166 -24.13 12.08 2.04
C ASN A 166 -23.73 10.80 2.77
N SER A 167 -22.55 10.28 2.43
CA SER A 167 -22.06 9.05 3.05
C SER A 167 -21.31 9.36 4.34
N SER A 168 -20.64 8.34 4.88
CA SER A 168 -19.88 8.51 6.13
C SER A 168 -18.50 7.88 6.01
N ILE A 169 -17.47 8.70 6.15
CA ILE A 169 -16.09 8.23 6.05
C ILE A 169 -15.70 7.46 7.31
N ALA A 170 -14.86 6.43 7.12
CA ALA A 170 -14.40 5.62 8.24
C ALA A 170 -12.89 5.66 8.36
N THR A 171 -12.37 5.15 9.48
CA THR A 171 -10.93 5.12 9.71
C THR A 171 -10.38 3.71 9.59
N LEU A 172 -9.27 3.58 8.86
CA LEU A 172 -8.63 2.28 8.66
C LEU A 172 -7.40 2.13 9.54
N GLU A 173 -7.45 1.17 10.46
CA GLU A 173 -6.34 0.92 11.37
C GLU A 173 -5.40 -0.15 10.82
N ALA A 174 -4.12 -0.02 11.10
CA ALA A 174 -3.13 -0.98 10.63
C ALA A 174 -3.25 -2.30 11.38
N GLU A 175 -2.98 -3.39 10.69
CA GLU A 175 -3.06 -4.72 11.28
C GLU A 175 -1.69 -5.19 11.77
N MET A 176 -0.64 -4.63 11.19
CA MET A 176 0.72 -4.98 11.58
C MET A 176 1.59 -3.73 11.70
N ALA A 177 2.86 -3.92 12.06
CA ALA A 177 3.79 -2.82 12.21
C ALA A 177 5.22 -3.26 11.94
N THR A 178 5.91 -2.52 11.08
CA THR A 178 7.29 -2.84 10.73
C THR A 178 8.26 -2.30 11.77
N LEU A 179 9.40 -2.97 11.91
CA LEU A 179 10.41 -2.55 12.87
C LEU A 179 11.75 -2.29 12.18
N CYS A 180 12.13 -1.01 12.11
CA CYS A 180 13.39 -0.62 11.47
C CYS A 180 14.57 -0.91 12.39
N ILE A 181 15.25 -2.02 12.14
CA ILE A 181 16.40 -2.40 12.94
C ILE A 181 17.70 -1.86 12.33
N ASP A 182 18.65 -1.51 13.20
CA ASP A 182 19.94 -0.98 12.75
C ASP A 182 20.95 -2.10 12.61
N GLY A 183 20.47 -3.32 12.35
CA GLY A 183 21.36 -4.45 12.19
C GLY A 183 21.95 -4.54 10.79
N GLY A 184 21.09 -4.58 9.79
CA GLY A 184 21.54 -4.66 8.41
C GLY A 184 22.52 -5.80 8.20
N LYS A 185 23.05 -5.91 6.99
CA LYS A 185 23.99 -6.96 6.64
C LYS A 185 25.18 -6.96 7.60
N LYS A 186 25.48 -5.79 8.16
CA LYS A 186 26.59 -5.64 9.09
C LYS A 186 26.34 -6.45 10.37
N ALA A 187 25.08 -6.57 10.74
CA ALA A 187 24.70 -7.32 11.94
C ALA A 187 24.87 -8.81 11.72
N LYS A 188 25.11 -9.21 10.47
CA LYS A 188 25.29 -10.61 10.14
C LYS A 188 24.00 -11.40 10.34
N MET A 189 22.87 -10.72 10.20
CA MET A 189 21.57 -11.36 10.37
C MET A 189 20.89 -11.59 9.03
N ARG A 190 20.25 -12.75 8.88
CA ARG A 190 19.57 -13.09 7.65
C ARG A 190 18.07 -12.80 7.74
N PRO A 191 17.40 -12.76 6.58
CA PRO A 191 15.96 -12.49 6.51
C PRO A 191 15.13 -13.63 7.06
N GLY A 192 15.79 -14.75 7.37
CA GLY A 192 15.09 -15.90 7.92
C GLY A 192 15.45 -16.17 9.36
N ASP A 193 16.60 -15.67 9.79
CA ASP A 193 17.05 -15.86 11.15
C ASP A 193 16.41 -14.85 12.09
N VAL A 194 16.11 -13.67 11.56
CA VAL A 194 15.50 -12.61 12.34
C VAL A 194 14.25 -13.12 13.06
N LEU A 195 13.60 -14.09 12.48
CA LEU A 195 12.39 -14.67 13.07
C LEU A 195 12.66 -15.19 14.47
N GLY A 196 13.81 -15.85 14.64
CA GLY A 196 14.17 -16.38 15.95
C GLY A 196 14.39 -15.29 16.98
N ALA A 197 14.84 -14.13 16.52
CA ALA A 197 15.10 -13.00 17.41
C ALA A 197 13.81 -12.51 18.06
N LEU A 198 12.73 -12.51 17.29
CA LEU A 198 11.42 -12.07 17.79
C LEU A 198 10.67 -13.23 18.43
N THR A 199 10.75 -14.40 17.83
CA THR A 199 10.08 -15.59 18.34
C THR A 199 10.96 -16.33 19.34
N GLY A 200 11.99 -15.65 19.84
CA GLY A 200 12.89 -16.27 20.79
C GLY A 200 13.28 -15.32 21.91
N ASP A 201 13.78 -14.14 21.54
CA ASP A 201 14.18 -13.15 22.54
C ASP A 201 12.97 -12.39 23.05
N ILE A 202 12.06 -12.04 22.17
CA ILE A 202 10.86 -11.31 22.53
C ILE A 202 9.74 -12.26 22.97
N GLY A 203 9.57 -13.33 22.22
CA GLY A 203 8.53 -14.30 22.55
C GLY A 203 7.30 -14.15 21.69
N LEU A 204 7.48 -13.69 20.45
CA LEU A 204 6.37 -13.50 19.53
C LEU A 204 6.06 -14.78 18.78
N ASP A 205 4.82 -14.91 18.32
CA ASP A 205 4.40 -16.09 17.57
C ASP A 205 4.50 -15.85 16.07
N GLY A 206 4.72 -16.93 15.32
CA GLY A 206 4.85 -16.82 13.88
C GLY A 206 3.68 -16.08 13.25
N ALA A 207 2.51 -16.21 13.87
CA ALA A 207 1.31 -15.56 13.36
C ALA A 207 1.43 -14.04 13.45
N ASP A 208 2.16 -13.57 14.46
CA ASP A 208 2.36 -12.14 14.65
C ASP A 208 3.53 -11.63 13.81
N ILE A 209 4.46 -12.53 13.49
CA ILE A 209 5.63 -12.17 12.70
C ILE A 209 5.27 -12.08 11.22
N GLY A 210 5.48 -10.91 10.64
CA GLY A 210 5.17 -10.71 9.24
C GLY A 210 6.41 -10.80 8.35
N LYS A 211 6.34 -10.18 7.18
CA LYS A 211 7.46 -10.20 6.24
C LYS A 211 8.66 -9.44 6.82
N ILE A 212 9.83 -9.69 6.26
CA ILE A 212 11.05 -9.03 6.71
C ILE A 212 11.90 -8.57 5.54
N ALA A 213 12.32 -7.31 5.57
CA ALA A 213 13.15 -6.75 4.51
C ALA A 213 14.57 -6.48 4.99
N VAL A 214 15.50 -7.33 4.60
CA VAL A 214 16.90 -7.17 5.00
C VAL A 214 17.66 -6.31 4.01
N HIS A 215 18.60 -5.53 4.52
CA HIS A 215 19.41 -4.65 3.67
C HIS A 215 20.78 -4.40 4.30
N PRO A 216 21.73 -3.97 3.47
CA PRO A 216 23.10 -3.68 3.92
C PRO A 216 23.18 -2.44 4.82
N ALA A 217 22.07 -1.72 4.91
CA ALA A 217 22.00 -0.52 5.74
C ALA A 217 21.21 -0.78 7.02
N HIS A 218 20.13 -1.53 6.90
CA HIS A 218 19.29 -1.85 8.05
C HIS A 218 18.24 -2.89 7.68
N VAL A 219 17.75 -3.62 8.68
CA VAL A 219 16.74 -4.64 8.47
C VAL A 219 15.38 -4.17 8.94
N TYR A 220 14.32 -4.77 8.38
CA TYR A 220 12.96 -4.42 8.74
C TYR A 220 12.12 -5.67 8.98
N VAL A 221 11.64 -5.82 10.22
CA VAL A 221 10.82 -6.97 10.59
C VAL A 221 9.42 -6.53 10.98
N ALA A 222 8.42 -7.15 10.36
CA ALA A 222 7.02 -6.82 10.64
C ALA A 222 6.53 -7.57 11.88
N VAL A 223 5.56 -6.97 12.58
CA VAL A 223 5.01 -7.58 13.77
C VAL A 223 3.59 -7.09 14.04
N ARG A 224 2.71 -8.00 14.44
CA ARG A 224 1.32 -7.66 14.71
C ARG A 224 1.23 -6.64 15.84
N GLN A 225 0.25 -5.74 15.74
CA GLN A 225 0.06 -4.71 16.75
C GLN A 225 0.05 -5.32 18.15
N ALA A 226 -0.43 -6.55 18.26
CA ALA A 226 -0.49 -7.25 19.53
C ALA A 226 0.88 -7.30 20.20
N VAL A 227 1.93 -7.40 19.38
CA VAL A 227 3.29 -7.46 19.90
C VAL A 227 4.19 -6.46 19.19
N ALA A 228 3.56 -5.46 18.56
CA ALA A 228 4.31 -4.43 17.84
C ALA A 228 5.07 -3.52 18.81
N HIS A 229 4.35 -2.93 19.75
CA HIS A 229 4.96 -2.05 20.74
C HIS A 229 5.86 -2.82 21.69
N LYS A 230 5.45 -4.04 22.01
CA LYS A 230 6.21 -4.90 22.92
C LYS A 230 7.52 -5.35 22.27
N ALA A 231 7.44 -5.70 20.98
CA ALA A 231 8.61 -6.14 20.25
C ALA A 231 9.73 -5.11 20.31
N TRP A 232 9.41 -3.88 19.95
CA TRP A 232 10.39 -2.79 19.97
C TRP A 232 10.74 -2.40 21.40
N LYS A 233 9.72 -2.06 22.18
CA LYS A 233 9.90 -1.65 23.57
C LYS A 233 10.82 -2.64 24.29
N GLN A 234 10.72 -3.92 23.92
CA GLN A 234 11.54 -4.96 24.53
C GLN A 234 12.86 -5.12 23.80
N LEU A 235 12.84 -4.89 22.49
CA LEU A 235 14.04 -5.00 21.68
C LEU A 235 15.17 -4.14 22.24
N GLN A 236 14.85 -2.91 22.61
CA GLN A 236 15.82 -2.00 23.16
C GLN A 236 16.53 -2.61 24.37
N GLY A 237 15.87 -3.58 24.99
CA GLY A 237 16.44 -4.23 26.16
C GLY A 237 16.94 -5.63 25.85
N GLY A 238 16.92 -5.99 24.57
CA GLY A 238 17.38 -7.31 24.17
C GLY A 238 18.41 -7.26 23.08
N LYS A 239 18.39 -8.25 22.19
CA LYS A 239 19.36 -8.31 21.09
C LYS A 239 18.96 -9.38 20.08
N ILE A 240 19.44 -9.25 18.85
CA ILE A 240 19.13 -10.20 17.80
C ILE A 240 20.36 -11.03 17.43
N LYS A 241 20.26 -12.34 17.64
CA LYS A 241 21.36 -13.25 17.33
C LYS A 241 22.63 -12.84 18.07
N GLY A 242 22.46 -12.35 19.29
CA GLY A 242 23.59 -11.93 20.09
C GLY A 242 24.15 -10.59 19.65
N LYS A 243 23.32 -9.80 18.99
CA LYS A 243 23.74 -8.48 18.51
C LYS A 243 22.75 -7.41 18.94
N THR A 244 23.22 -6.46 19.75
CA THR A 244 22.39 -5.39 20.25
C THR A 244 22.30 -4.25 19.23
N CYS A 245 21.09 -3.99 18.74
CA CYS A 245 20.88 -2.94 17.75
C CYS A 245 19.67 -2.09 18.12
N ARG A 246 19.46 -1.02 17.37
CA ARG A 246 18.33 -0.12 17.63
C ARG A 246 17.16 -0.44 16.71
N VAL A 247 15.95 -0.38 17.24
CA VAL A 247 14.75 -0.66 16.46
C VAL A 247 13.77 0.51 16.52
N ARG A 248 12.90 0.59 15.52
CA ARG A 248 11.91 1.65 15.45
C ARG A 248 10.62 1.15 14.80
N LEU A 249 9.55 1.10 15.59
CA LEU A 249 8.26 0.65 15.10
C LEU A 249 7.61 1.70 14.21
N LEU A 250 7.37 1.33 12.95
CA LEU A 250 6.76 2.25 11.99
C LEU A 250 5.30 2.53 12.36
N LYS A 251 5.07 3.72 12.90
CA LYS A 251 3.72 4.11 13.30
C LYS A 251 3.16 5.18 12.35
N GLY A 1 -28.14 -7.07 -30.53
CA GLY A 1 -26.93 -7.36 -29.79
C GLY A 1 -26.83 -8.82 -29.39
N GLY A 2 -25.62 -9.38 -29.48
CA GLY A 2 -25.43 -10.77 -29.12
C GLY A 2 -23.97 -11.12 -28.91
N SER A 3 -23.55 -11.19 -27.65
CA SER A 3 -22.17 -11.50 -27.32
C SER A 3 -22.06 -12.08 -25.91
N THR A 4 -21.29 -13.15 -25.77
CA THR A 4 -21.10 -13.80 -24.47
C THR A 4 -19.76 -14.52 -24.41
N ASP A 5 -18.81 -13.92 -23.70
CA ASP A 5 -17.49 -14.50 -23.55
C ASP A 5 -16.94 -14.25 -22.15
N ALA A 6 -16.12 -15.19 -21.66
CA ALA A 6 -15.52 -15.06 -20.34
C ALA A 6 -14.70 -13.78 -20.22
N LEU A 7 -14.90 -13.05 -19.14
CA LEU A 7 -14.18 -11.81 -18.90
C LEU A 7 -12.80 -12.08 -18.30
N PRO A 8 -11.86 -11.14 -18.51
CA PRO A 8 -10.49 -11.26 -17.99
C PRO A 8 -10.44 -11.11 -16.48
N PRO A 9 -9.29 -11.47 -15.89
CA PRO A 9 -9.07 -11.40 -14.44
C PRO A 9 -8.99 -9.96 -13.95
N ILE A 10 -8.17 -9.15 -14.62
CA ILE A 10 -8.00 -7.75 -14.23
C ILE A 10 -9.34 -7.02 -14.24
N GLU A 11 -9.65 -6.37 -13.12
CA GLU A 11 -10.90 -5.63 -13.00
C GLU A 11 -10.66 -4.13 -13.14
N GLN A 12 -11.58 -3.45 -13.81
CA GLN A 12 -11.48 -2.01 -14.01
C GLN A 12 -12.60 -1.26 -13.31
N GLN A 13 -12.40 0.03 -13.07
CA GLN A 13 -13.41 0.85 -12.41
C GLN A 13 -13.14 2.33 -12.65
N PHE A 14 -14.21 3.12 -12.70
CA PHE A 14 -14.11 4.55 -12.94
C PHE A 14 -15.05 5.32 -12.03
N TYR A 15 -14.52 6.34 -11.36
CA TYR A 15 -15.32 7.15 -10.45
C TYR A 15 -15.35 8.61 -10.91
N GLU A 16 -16.51 9.25 -10.74
CA GLU A 16 -16.65 10.65 -11.14
C GLU A 16 -16.44 11.58 -9.95
N THR A 17 -15.29 12.25 -9.95
CA THR A 17 -14.95 13.18 -8.87
C THR A 17 -13.98 14.25 -9.36
N SER A 18 -13.84 15.30 -8.56
CA SER A 18 -12.94 16.40 -8.91
C SER A 18 -11.60 16.25 -8.21
N SER A 19 -10.70 17.22 -8.43
CA SER A 19 -9.38 17.19 -7.82
C SER A 19 -9.49 17.14 -6.29
N LYS A 20 -10.50 17.80 -5.76
CA LYS A 20 -10.71 17.83 -4.32
C LYS A 20 -11.62 16.68 -3.88
N GLY A 21 -12.57 16.32 -4.73
CA GLY A 21 -13.48 15.24 -4.41
C GLY A 21 -12.78 13.91 -4.28
N LYS A 22 -11.53 13.85 -4.72
CA LYS A 22 -10.74 12.62 -4.64
C LYS A 22 -10.42 12.27 -3.20
N ILE A 23 -10.27 13.31 -2.37
CA ILE A 23 -9.95 13.10 -0.96
C ILE A 23 -11.07 12.32 -0.26
N PRO A 24 -12.30 12.87 -0.31
CA PRO A 24 -13.47 12.25 0.32
C PRO A 24 -13.90 10.97 -0.40
N LEU A 25 -13.90 11.03 -1.73
CA LEU A 25 -14.28 9.88 -2.54
C LEU A 25 -13.40 8.67 -2.23
N LEU A 26 -12.10 8.88 -2.22
CA LEU A 26 -11.15 7.81 -1.94
C LEU A 26 -11.33 7.27 -0.53
N GLN A 27 -11.39 8.18 0.44
CA GLN A 27 -11.57 7.80 1.84
C GLN A 27 -12.86 7.01 2.02
N ARG A 28 -13.96 7.54 1.50
CA ARG A 28 -15.26 6.88 1.61
C ARG A 28 -15.22 5.50 0.98
N LEU A 29 -14.54 5.39 -0.16
CA LEU A 29 -14.43 4.12 -0.87
C LEU A 29 -13.59 3.13 -0.06
N LEU A 30 -12.60 3.65 0.65
CA LEU A 30 -11.72 2.81 1.46
C LEU A 30 -12.42 2.35 2.75
N SER A 31 -13.37 3.17 3.21
CA SER A 31 -14.11 2.86 4.43
C SER A 31 -15.20 1.83 4.15
N LEU A 32 -15.88 1.98 3.02
CA LEU A 32 -16.94 1.06 2.63
C LEU A 32 -16.36 -0.26 2.12
N HIS A 33 -15.25 -0.17 1.39
CA HIS A 33 -14.60 -1.36 0.85
C HIS A 33 -13.67 -1.99 1.88
N GLN A 34 -12.93 -1.14 2.60
CA GLN A 34 -12.01 -1.61 3.63
C GLN A 34 -11.07 -2.67 3.06
N PRO A 35 -10.33 -2.31 2.00
CA PRO A 35 -9.37 -3.21 1.34
C PRO A 35 -8.16 -3.51 2.22
N SER A 36 -7.47 -4.60 1.89
CA SER A 36 -6.29 -5.00 2.65
C SER A 36 -5.06 -4.20 2.22
N SER A 37 -5.06 -3.76 0.97
CA SER A 37 -3.95 -2.98 0.43
C SER A 37 -4.41 -2.10 -0.73
N CYS A 38 -4.33 -0.79 -0.53
CA CYS A 38 -4.74 0.16 -1.57
C CYS A 38 -3.60 1.11 -1.93
N VAL A 39 -3.23 1.12 -3.20
CA VAL A 39 -2.15 1.99 -3.67
C VAL A 39 -2.70 3.17 -4.46
N VAL A 40 -2.44 4.37 -3.97
CA VAL A 40 -2.90 5.58 -4.63
C VAL A 40 -1.82 6.17 -5.52
N PHE A 41 -2.12 6.29 -6.81
CA PHE A 41 -1.16 6.84 -7.77
C PHE A 41 -1.24 8.36 -7.80
N CYS A 42 -0.12 9.02 -7.53
CA CYS A 42 -0.06 10.47 -7.53
C CYS A 42 0.94 10.97 -8.57
N ASN A 43 0.82 12.26 -8.92
CA ASN A 43 1.71 12.86 -9.91
C ASN A 43 2.80 13.67 -9.23
N THR A 44 2.42 14.47 -8.23
CA THR A 44 3.36 15.29 -7.50
C THR A 44 3.11 15.23 -6.00
N LYS A 45 4.00 15.81 -5.22
CA LYS A 45 3.88 15.82 -3.76
C LYS A 45 2.57 16.47 -3.33
N LYS A 46 2.05 17.36 -4.18
CA LYS A 46 0.80 18.04 -3.90
C LYS A 46 -0.34 17.05 -3.69
N ASP A 47 -0.51 16.14 -4.65
CA ASP A 47 -1.56 15.14 -4.57
C ASP A 47 -1.25 14.12 -3.48
N CYS A 48 0.00 13.65 -3.44
CA CYS A 48 0.43 12.67 -2.45
C CYS A 48 0.19 13.19 -1.04
N GLN A 49 0.64 14.41 -0.79
CA GLN A 49 0.49 15.02 0.53
C GLN A 49 -0.98 15.21 0.88
N ALA A 50 -1.75 15.73 -0.07
CA ALA A 50 -3.18 15.94 0.13
C ALA A 50 -3.87 14.66 0.59
N VAL A 51 -3.60 13.56 -0.11
CA VAL A 51 -4.19 12.27 0.22
C VAL A 51 -3.82 11.84 1.63
N CYS A 52 -2.52 11.81 1.91
CA CYS A 52 -2.03 11.43 3.23
C CYS A 52 -2.59 12.33 4.31
N ASP A 53 -2.78 13.60 3.96
CA ASP A 53 -3.30 14.59 4.91
C ASP A 53 -4.73 14.24 5.31
N ALA A 54 -5.59 14.02 4.33
CA ALA A 54 -6.99 13.67 4.58
C ALA A 54 -7.09 12.41 5.42
N LEU A 55 -6.41 11.36 4.98
CA LEU A 55 -6.42 10.09 5.69
C LEU A 55 -5.99 10.27 7.14
N ASN A 56 -4.82 10.87 7.34
CA ASN A 56 -4.29 11.11 8.68
C ASN A 56 -5.24 11.98 9.49
N GLU A 57 -6.03 12.80 8.80
CA GLU A 57 -6.98 13.68 9.47
C GLU A 57 -8.12 12.88 10.08
N VAL A 58 -8.53 11.81 9.41
CA VAL A 58 -9.61 10.96 9.88
C VAL A 58 -9.07 9.82 10.74
N GLY A 59 -7.74 9.66 10.74
CA GLY A 59 -7.13 8.60 11.53
C GLY A 59 -6.82 7.37 10.69
N GLN A 60 -6.88 7.53 9.37
CA GLN A 60 -6.61 6.41 8.47
C GLN A 60 -5.11 6.21 8.29
N SER A 61 -4.66 4.97 8.39
CA SER A 61 -3.24 4.64 8.24
C SER A 61 -2.84 4.67 6.77
N ALA A 62 -1.91 5.55 6.44
CA ALA A 62 -1.42 5.67 5.07
C ALA A 62 0.05 6.05 5.03
N LEU A 63 0.67 5.90 3.87
CA LEU A 63 2.08 6.23 3.70
C LEU A 63 2.38 6.69 2.28
N SER A 64 3.35 7.58 2.14
CA SER A 64 3.73 8.10 0.82
C SER A 64 4.99 7.43 0.31
N LEU A 65 5.05 7.20 -1.00
CA LEU A 65 6.20 6.55 -1.61
C LEU A 65 6.58 7.25 -2.92
N HIS A 66 7.78 7.82 -2.96
CA HIS A 66 8.25 8.52 -4.15
C HIS A 66 9.49 7.82 -4.72
N GLY A 67 9.78 8.10 -5.99
CA GLY A 67 10.94 7.49 -6.63
C GLY A 67 12.22 8.25 -6.35
N ASP A 68 12.10 9.57 -6.15
CA ASP A 68 13.26 10.41 -5.87
C ASP A 68 13.48 10.55 -4.37
N LEU A 69 12.97 9.58 -3.61
CA LEU A 69 13.10 9.60 -2.15
C LEU A 69 14.35 8.83 -1.71
N GLU A 70 14.73 9.01 -0.45
CA GLU A 70 15.90 8.32 0.09
C GLU A 70 15.67 6.81 0.13
N GLN A 71 16.72 6.05 -0.19
CA GLN A 71 16.64 4.60 -0.19
C GLN A 71 16.03 4.09 1.11
N ARG A 72 16.53 4.59 2.24
CA ARG A 72 16.05 4.19 3.55
C ARG A 72 14.54 4.36 3.63
N ASP A 73 14.04 5.50 3.17
CA ASP A 73 12.61 5.78 3.20
C ASP A 73 11.85 4.82 2.30
N ARG A 74 12.34 4.64 1.08
CA ARG A 74 11.71 3.75 0.11
C ARG A 74 11.51 2.36 0.71
N ASP A 75 12.49 1.92 1.50
CA ASP A 75 12.43 0.61 2.13
C ASP A 75 11.39 0.59 3.25
N GLN A 76 11.50 1.54 4.17
CA GLN A 76 10.56 1.64 5.28
C GLN A 76 9.13 1.73 4.79
N THR A 77 8.93 2.46 3.70
CA THR A 77 7.60 2.64 3.13
C THR A 77 7.10 1.35 2.49
N LEU A 78 7.96 0.71 1.70
CA LEU A 78 7.61 -0.54 1.03
C LEU A 78 7.27 -1.62 2.05
N VAL A 79 8.11 -1.74 3.08
CA VAL A 79 7.90 -2.74 4.12
C VAL A 79 6.65 -2.43 4.93
N ARG A 80 6.35 -1.15 5.09
CA ARG A 80 5.18 -0.71 5.85
C ARG A 80 3.91 -1.17 5.16
N PHE A 81 3.83 -0.97 3.85
CA PHE A 81 2.66 -1.35 3.08
C PHE A 81 2.68 -2.84 2.76
N ALA A 82 3.89 -3.38 2.54
CA ALA A 82 4.05 -4.79 2.22
C ALA A 82 3.74 -5.66 3.43
N ASN A 83 4.19 -5.23 4.60
CA ASN A 83 3.96 -5.97 5.83
C ASN A 83 2.55 -5.75 6.35
N GLY A 84 1.77 -4.97 5.60
CA GLY A 84 0.40 -4.69 6.00
C GLY A 84 0.32 -3.69 7.13
N SER A 85 1.45 -3.04 7.43
CA SER A 85 1.50 -2.06 8.51
C SER A 85 0.59 -0.87 8.19
N ALA A 86 0.18 -0.75 6.93
CA ALA A 86 -0.68 0.33 6.50
C ALA A 86 -1.86 -0.19 5.68
N ARG A 87 -2.79 0.69 5.34
CA ARG A 87 -3.96 0.32 4.56
C ARG A 87 -3.93 0.97 3.18
N VAL A 88 -3.41 2.19 3.13
CA VAL A 88 -3.32 2.92 1.87
C VAL A 88 -1.91 3.49 1.66
N LEU A 89 -1.33 3.21 0.50
CA LEU A 89 0.01 3.69 0.17
C LEU A 89 -0.02 4.58 -1.06
N VAL A 90 0.09 5.89 -0.84
CA VAL A 90 0.09 6.85 -1.93
C VAL A 90 1.48 7.00 -2.54
N ALA A 91 1.69 6.36 -3.69
CA ALA A 91 2.98 6.42 -4.37
C ALA A 91 2.81 6.94 -5.79
N THR A 92 3.93 7.29 -6.43
CA THR A 92 3.91 7.80 -7.79
C THR A 92 4.17 6.69 -8.80
N ASP A 93 3.91 6.96 -10.06
CA ASP A 93 4.12 5.99 -11.13
C ASP A 93 5.57 5.54 -11.16
N VAL A 94 6.49 6.49 -11.01
CA VAL A 94 7.91 6.19 -11.02
C VAL A 94 8.36 5.54 -9.70
N ALA A 95 7.66 5.87 -8.62
CA ALA A 95 7.97 5.32 -7.31
C ALA A 95 7.51 3.88 -7.20
N ALA A 96 6.32 3.60 -7.72
CA ALA A 96 5.77 2.25 -7.68
C ALA A 96 6.11 1.48 -8.95
N ARG A 97 7.20 1.87 -9.61
CA ARG A 97 7.63 1.21 -10.83
C ARG A 97 8.21 -0.17 -10.53
N GLY A 98 7.49 -1.21 -10.94
CA GLY A 98 7.94 -2.56 -10.70
C GLY A 98 8.35 -2.80 -9.26
N LEU A 99 7.71 -2.09 -8.34
CA LEU A 99 8.00 -2.23 -6.92
C LEU A 99 7.67 -3.62 -6.42
N ASP A 100 7.81 -3.83 -5.12
CA ASP A 100 7.51 -5.13 -4.52
C ASP A 100 6.03 -5.26 -4.20
N ILE A 101 5.23 -5.50 -5.23
CA ILE A 101 3.78 -5.64 -5.05
C ILE A 101 3.20 -6.55 -6.13
N LYS A 102 2.92 -7.80 -5.76
CA LYS A 102 2.35 -8.77 -6.68
C LYS A 102 1.07 -9.37 -6.12
N SER A 103 0.33 -8.57 -5.37
CA SER A 103 -0.93 -9.01 -4.77
C SER A 103 -1.74 -7.83 -4.23
N LEU A 104 -1.66 -6.71 -4.93
CA LEU A 104 -2.37 -5.50 -4.53
C LEU A 104 -3.87 -5.77 -4.46
N GLU A 105 -4.54 -5.12 -3.51
CA GLU A 105 -5.98 -5.28 -3.34
C GLU A 105 -6.75 -4.36 -4.29
N LEU A 106 -6.33 -3.11 -4.36
CA LEU A 106 -6.97 -2.14 -5.23
C LEU A 106 -6.04 -0.97 -5.54
N VAL A 107 -6.02 -0.54 -6.79
CA VAL A 107 -5.17 0.57 -7.22
C VAL A 107 -6.00 1.79 -7.60
N VAL A 108 -5.87 2.86 -6.82
CA VAL A 108 -6.61 4.08 -7.08
C VAL A 108 -5.72 5.13 -7.73
N ASN A 109 -6.13 5.61 -8.91
CA ASN A 109 -5.37 6.62 -9.63
C ASN A 109 -6.01 8.00 -9.48
N PHE A 110 -5.31 8.89 -8.78
CA PHE A 110 -5.81 10.24 -8.56
C PHE A 110 -6.18 10.90 -9.88
N GLU A 111 -5.54 10.47 -10.96
CA GLU A 111 -5.80 11.03 -12.28
C GLU A 111 -5.28 10.10 -13.38
N LEU A 112 -6.03 9.98 -14.45
CA LEU A 112 -5.64 9.13 -15.58
C LEU A 112 -4.19 9.37 -15.97
N ALA A 113 -3.44 8.29 -16.13
CA ALA A 113 -2.03 8.39 -16.51
C ALA A 113 -1.87 9.15 -17.82
N TRP A 114 -0.64 9.22 -18.31
CA TRP A 114 -0.35 9.92 -19.55
C TRP A 114 -0.72 9.07 -20.76
N ASP A 115 -0.39 7.79 -20.69
CA ASP A 115 -0.69 6.86 -21.78
C ASP A 115 -1.61 5.75 -21.30
N PRO A 116 -2.36 5.15 -22.25
CA PRO A 116 -3.30 4.06 -21.95
C PRO A 116 -2.58 2.78 -21.57
N GLU A 117 -1.30 2.68 -21.93
CA GLU A 117 -0.51 1.49 -21.62
C GLU A 117 -0.08 1.51 -20.16
N VAL A 118 0.51 2.61 -19.72
CA VAL A 118 0.97 2.75 -18.34
C VAL A 118 -0.18 2.58 -17.36
N HIS A 119 -1.35 3.08 -17.74
CA HIS A 119 -2.53 2.99 -16.89
C HIS A 119 -2.83 1.53 -16.54
N VAL A 120 -2.97 0.70 -17.57
CA VAL A 120 -3.26 -0.72 -17.37
C VAL A 120 -2.02 -1.47 -16.90
N HIS A 121 -0.86 -0.98 -17.29
CA HIS A 121 0.41 -1.60 -16.90
C HIS A 121 0.62 -1.53 -15.39
N ARG A 122 0.15 -0.44 -14.79
CA ARG A 122 0.28 -0.24 -13.36
C ARG A 122 -0.47 -1.32 -12.58
N ILE A 123 -1.76 -1.45 -12.88
CA ILE A 123 -2.60 -2.44 -12.20
C ILE A 123 -2.32 -3.85 -12.74
N GLY A 124 -1.94 -3.93 -14.01
CA GLY A 124 -1.64 -5.21 -14.62
C GLY A 124 -0.43 -5.87 -14.01
N ARG A 125 0.54 -5.06 -13.58
CA ARG A 125 1.76 -5.58 -12.98
C ARG A 125 1.56 -5.84 -11.49
N THR A 126 0.67 -5.08 -10.86
CA THR A 126 0.39 -5.23 -9.45
C THR A 126 -0.44 -6.49 -9.18
N ALA A 127 -1.26 -6.88 -10.16
CA ALA A 127 -2.10 -8.05 -10.04
C ALA A 127 -2.77 -8.39 -11.36
N ARG A 128 -3.09 -9.67 -11.54
CA ARG A 128 -3.73 -10.12 -12.78
C ARG A 128 -4.75 -11.22 -12.48
N ALA A 129 -5.47 -11.07 -11.37
CA ALA A 129 -6.47 -12.05 -10.97
C ALA A 129 -7.84 -11.39 -10.81
N GLY A 130 -8.82 -12.17 -10.37
CA GLY A 130 -10.16 -11.65 -10.19
C GLY A 130 -10.23 -10.64 -9.05
N ASN A 131 -10.06 -11.11 -7.82
CA ASN A 131 -10.11 -10.24 -6.65
C ASN A 131 -9.18 -9.04 -6.83
N SER A 132 -7.92 -9.31 -7.11
CA SER A 132 -6.92 -8.26 -7.30
C SER A 132 -6.99 -7.71 -8.71
N GLY A 133 -6.10 -6.76 -9.02
CA GLY A 133 -6.08 -6.16 -10.34
C GLY A 133 -7.18 -5.14 -10.54
N LEU A 134 -7.56 -4.47 -9.46
CA LEU A 134 -8.61 -3.46 -9.52
C LEU A 134 -8.03 -2.08 -9.81
N ALA A 135 -8.44 -1.49 -10.94
CA ALA A 135 -7.97 -0.17 -11.33
C ALA A 135 -9.09 0.85 -11.29
N ILE A 136 -9.00 1.79 -10.35
CA ILE A 136 -10.01 2.83 -10.21
C ILE A 136 -9.47 4.18 -10.67
N SER A 137 -10.17 4.79 -11.63
CA SER A 137 -9.77 6.09 -12.16
C SER A 137 -10.59 7.21 -11.54
N PHE A 138 -9.91 8.09 -10.82
CA PHE A 138 -10.57 9.22 -10.16
C PHE A 138 -10.59 10.44 -11.07
N CYS A 139 -11.76 10.75 -11.62
CA CYS A 139 -11.91 11.90 -12.51
C CYS A 139 -13.34 11.98 -13.04
N ALA A 140 -13.78 13.20 -13.34
CA ALA A 140 -15.12 13.42 -13.87
C ALA A 140 -15.33 12.66 -15.18
N PRO A 141 -16.59 12.52 -15.58
CA PRO A 141 -16.96 11.82 -16.81
C PRO A 141 -16.55 12.60 -18.06
N GLU A 142 -16.09 13.83 -17.85
CA GLU A 142 -15.67 14.68 -18.97
C GLU A 142 -14.49 14.06 -19.71
N GLU A 143 -13.64 13.36 -18.97
CA GLU A 143 -12.46 12.71 -19.56
C GLU A 143 -12.77 11.28 -19.96
N ALA A 144 -14.07 10.97 -20.08
CA ALA A 144 -14.50 9.64 -20.45
C ALA A 144 -13.87 9.20 -21.78
N GLN A 145 -13.64 10.17 -22.65
CA GLN A 145 -13.04 9.90 -23.95
C GLN A 145 -11.77 9.06 -23.81
N ARG A 146 -11.05 9.30 -22.71
CA ARG A 146 -9.81 8.57 -22.45
C ARG A 146 -10.10 7.16 -21.96
N ALA A 147 -11.16 7.02 -21.17
CA ALA A 147 -11.55 5.72 -20.63
C ALA A 147 -12.16 4.83 -21.72
N ASN A 148 -12.84 5.46 -22.68
CA ASN A 148 -13.47 4.74 -23.77
C ASN A 148 -12.43 3.98 -24.59
N ILE A 149 -11.39 4.68 -25.02
CA ILE A 149 -10.33 4.07 -25.81
C ILE A 149 -9.48 3.12 -24.96
N ILE A 150 -9.25 3.52 -23.71
CA ILE A 150 -8.45 2.71 -22.80
C ILE A 150 -9.14 1.38 -22.51
N SER A 151 -10.46 1.40 -22.44
CA SER A 151 -11.24 0.20 -22.16
C SER A 151 -11.34 -0.68 -23.41
N ASP A 152 -11.55 -0.04 -24.56
CA ASP A 152 -11.67 -0.76 -25.82
C ASP A 152 -10.40 -1.55 -26.11
N MET A 153 -9.25 -0.89 -26.01
CA MET A 153 -7.97 -1.54 -26.27
C MET A 153 -7.79 -2.75 -25.37
N LEU A 154 -8.47 -2.74 -24.22
CA LEU A 154 -8.38 -3.84 -23.27
C LEU A 154 -9.48 -4.87 -23.53
N GLN A 155 -10.44 -4.50 -24.35
CA GLN A 155 -11.56 -5.39 -24.67
C GLN A 155 -12.42 -5.67 -23.45
N ILE A 156 -12.58 -4.66 -22.61
CA ILE A 156 -13.37 -4.79 -21.40
C ILE A 156 -14.38 -3.65 -21.27
N LYS A 157 -15.26 -3.75 -20.27
CA LYS A 157 -16.27 -2.73 -20.04
C LYS A 157 -15.92 -1.87 -18.82
N LEU A 158 -16.30 -0.61 -18.86
CA LEU A 158 -16.04 0.32 -17.76
C LEU A 158 -17.24 0.46 -16.86
N ASN A 159 -17.03 0.32 -15.55
CA ASN A 159 -18.11 0.43 -14.58
C ASN A 159 -18.19 1.85 -14.03
N TRP A 160 -18.89 2.72 -14.75
CA TRP A 160 -19.04 4.11 -14.33
C TRP A 160 -19.73 4.20 -12.97
N GLN A 161 -18.95 4.56 -11.95
CA GLN A 161 -19.49 4.68 -10.60
C GLN A 161 -19.94 6.11 -10.31
N THR A 162 -21.15 6.24 -9.77
CA THR A 162 -21.70 7.55 -9.46
C THR A 162 -21.81 7.76 -7.95
N PRO A 163 -21.60 9.00 -7.51
CA PRO A 163 -21.67 9.35 -6.08
C PRO A 163 -23.09 9.30 -5.54
N PRO A 164 -23.35 8.33 -4.65
CA PRO A 164 -24.66 8.13 -4.03
C PRO A 164 -25.01 9.27 -3.07
N ALA A 165 -24.08 9.59 -2.17
CA ALA A 165 -24.30 10.64 -1.20
C ALA A 165 -23.07 10.83 -0.31
N ASN A 166 -23.18 11.73 0.66
CA ASN A 166 -22.08 11.99 1.58
C ASN A 166 -22.16 11.11 2.82
N SER A 167 -21.99 9.81 2.62
CA SER A 167 -22.05 8.85 3.72
C SER A 167 -21.03 9.21 4.80
N SER A 168 -21.02 8.42 5.87
CA SER A 168 -20.10 8.65 6.97
C SER A 168 -18.76 7.97 6.72
N ILE A 169 -17.68 8.76 6.82
CA ILE A 169 -16.34 8.22 6.60
C ILE A 169 -15.89 7.34 7.76
N ALA A 170 -15.10 6.33 7.45
CA ALA A 170 -14.60 5.40 8.47
C ALA A 170 -13.08 5.47 8.57
N THR A 171 -12.55 4.93 9.66
CA THR A 171 -11.10 4.93 9.88
C THR A 171 -10.53 3.53 9.72
N LEU A 172 -9.43 3.43 8.98
CA LEU A 172 -8.77 2.15 8.75
C LEU A 172 -7.53 2.00 9.62
N GLU A 173 -7.54 1.03 10.52
CA GLU A 173 -6.41 0.79 11.41
C GLU A 173 -5.48 -0.28 10.84
N ALA A 174 -4.23 -0.27 11.29
CA ALA A 174 -3.24 -1.23 10.81
C ALA A 174 -3.32 -2.54 11.60
N GLU A 175 -3.07 -3.65 10.93
CA GLU A 175 -3.12 -4.96 11.55
C GLU A 175 -1.73 -5.39 12.02
N MET A 176 -0.71 -4.83 11.38
CA MET A 176 0.67 -5.16 11.72
C MET A 176 1.53 -3.90 11.78
N ALA A 177 2.81 -4.08 12.08
CA ALA A 177 3.74 -2.96 12.17
C ALA A 177 5.17 -3.40 11.88
N THR A 178 5.85 -2.69 10.99
CA THR A 178 7.22 -3.01 10.64
C THR A 178 8.20 -2.38 11.61
N LEU A 179 9.33 -3.06 11.84
CA LEU A 179 10.35 -2.55 12.75
C LEU A 179 11.66 -2.31 12.01
N CYS A 180 12.03 -1.04 11.86
CA CYS A 180 13.26 -0.67 11.17
C CYS A 180 14.48 -0.92 12.07
N ILE A 181 15.12 -2.07 11.88
CA ILE A 181 16.29 -2.43 12.67
C ILE A 181 17.57 -2.02 11.96
N ASP A 182 18.57 -1.63 12.74
CA ASP A 182 19.86 -1.22 12.19
C ASP A 182 20.83 -2.38 12.15
N GLY A 183 20.30 -3.58 11.93
CA GLY A 183 21.13 -4.77 11.86
C GLY A 183 21.75 -4.96 10.50
N GLY A 184 20.91 -5.07 9.47
CA GLY A 184 21.41 -5.26 8.12
C GLY A 184 22.37 -6.43 8.01
N LYS A 185 22.94 -6.62 6.83
CA LYS A 185 23.89 -7.70 6.60
C LYS A 185 25.04 -7.64 7.60
N LYS A 186 25.33 -6.44 8.08
CA LYS A 186 26.41 -6.24 9.06
C LYS A 186 26.10 -6.96 10.36
N ALA A 187 24.82 -7.03 10.71
CA ALA A 187 24.39 -7.69 11.93
C ALA A 187 24.53 -9.21 11.82
N LYS A 188 24.83 -9.68 10.61
CA LYS A 188 24.98 -11.10 10.36
C LYS A 188 23.65 -11.82 10.45
N MET A 189 22.58 -11.12 10.13
CA MET A 189 21.24 -11.69 10.17
C MET A 189 20.62 -11.72 8.78
N ARG A 190 19.92 -12.81 8.47
CA ARG A 190 19.27 -12.97 7.17
C ARG A 190 17.76 -12.98 7.32
N PRO A 191 17.06 -12.89 6.18
CA PRO A 191 15.59 -12.89 6.15
C PRO A 191 15.00 -14.24 6.53
N GLY A 192 15.29 -14.68 7.74
CA GLY A 192 14.77 -15.96 8.20
C GLY A 192 15.16 -16.26 9.65
N ASP A 193 16.35 -15.81 10.04
CA ASP A 193 16.84 -16.03 11.39
C ASP A 193 16.29 -14.97 12.34
N VAL A 194 15.99 -13.79 11.81
CA VAL A 194 15.46 -12.69 12.61
C VAL A 194 14.26 -13.14 13.42
N LEU A 195 13.54 -14.14 12.90
CA LEU A 195 12.36 -14.66 13.59
C LEU A 195 12.70 -15.15 14.99
N GLY A 196 13.91 -15.71 15.13
CA GLY A 196 14.35 -16.22 16.42
C GLY A 196 14.55 -15.11 17.43
N ALA A 197 15.02 -13.95 16.95
CA ALA A 197 15.27 -12.81 17.83
C ALA A 197 13.98 -12.30 18.44
N LEU A 198 12.91 -12.30 17.65
CA LEU A 198 11.61 -11.84 18.13
C LEU A 198 10.89 -12.93 18.90
N THR A 199 10.95 -14.15 18.39
CA THR A 199 10.30 -15.29 19.04
C THR A 199 11.23 -15.95 20.05
N GLY A 200 12.27 -15.22 20.44
CA GLY A 200 13.22 -15.76 21.40
C GLY A 200 13.67 -14.72 22.40
N ASP A 201 14.16 -13.58 21.90
CA ASP A 201 14.63 -12.50 22.76
C ASP A 201 13.46 -11.67 23.28
N ILE A 202 12.47 -11.45 22.42
CA ILE A 202 11.29 -10.67 22.80
C ILE A 202 10.19 -11.57 23.34
N GLY A 203 9.97 -12.70 22.66
CA GLY A 203 8.94 -13.63 23.09
C GLY A 203 7.67 -13.49 22.30
N LEU A 204 7.80 -13.22 21.00
CA LEU A 204 6.64 -13.06 20.13
C LEU A 204 6.28 -14.37 19.45
N ASP A 205 5.03 -14.49 19.03
CA ASP A 205 4.55 -15.70 18.36
C ASP A 205 4.44 -15.48 16.86
N GLY A 206 4.81 -16.51 16.09
CA GLY A 206 4.75 -16.42 14.65
C GLY A 206 3.41 -15.92 14.15
N ALA A 207 2.35 -16.19 14.93
CA ALA A 207 1.01 -15.76 14.56
C ALA A 207 0.94 -14.25 14.39
N ASP A 208 1.76 -13.54 15.16
CA ASP A 208 1.79 -12.08 15.09
C ASP A 208 2.94 -11.60 14.20
N ILE A 209 3.98 -12.41 14.10
CA ILE A 209 5.14 -12.06 13.28
C ILE A 209 4.78 -12.05 11.80
N GLY A 210 5.31 -11.06 11.09
CA GLY A 210 5.03 -10.95 9.66
C GLY A 210 6.29 -11.12 8.82
N LYS A 211 6.25 -10.58 7.60
CA LYS A 211 7.38 -10.68 6.69
C LYS A 211 8.58 -9.90 7.23
N ILE A 212 9.76 -10.20 6.70
CA ILE A 212 10.98 -9.52 7.14
C ILE A 212 11.83 -9.12 5.94
N ALA A 213 12.00 -7.81 5.74
CA ALA A 213 12.80 -7.31 4.64
C ALA A 213 14.23 -7.02 5.08
N VAL A 214 15.14 -7.91 4.70
CA VAL A 214 16.55 -7.76 5.07
C VAL A 214 17.32 -7.05 3.95
N HIS A 215 18.29 -6.23 4.35
CA HIS A 215 19.11 -5.49 3.40
C HIS A 215 20.56 -5.42 3.86
N PRO A 216 21.47 -5.11 2.93
CA PRO A 216 22.90 -5.00 3.21
C PRO A 216 23.23 -3.78 4.08
N ALA A 217 22.22 -2.96 4.34
CA ALA A 217 22.40 -1.77 5.16
C ALA A 217 21.58 -1.86 6.45
N HIS A 218 20.35 -2.34 6.33
CA HIS A 218 19.47 -2.48 7.48
C HIS A 218 18.47 -3.60 7.27
N VAL A 219 17.77 -3.98 8.33
CA VAL A 219 16.77 -5.04 8.26
C VAL A 219 15.44 -4.60 8.87
N TYR A 220 14.35 -5.07 8.28
CA TYR A 220 13.01 -4.71 8.77
C TYR A 220 12.21 -5.97 9.09
N VAL A 221 11.55 -5.96 10.24
CA VAL A 221 10.73 -7.09 10.67
C VAL A 221 9.33 -6.64 11.05
N ALA A 222 8.32 -7.32 10.49
CA ALA A 222 6.94 -6.99 10.78
C ALA A 222 6.45 -7.69 12.05
N VAL A 223 5.48 -7.08 12.72
CA VAL A 223 4.94 -7.63 13.95
C VAL A 223 3.53 -7.14 14.21
N ARG A 224 2.65 -8.03 14.63
CA ARG A 224 1.26 -7.69 14.90
C ARG A 224 1.18 -6.68 16.05
N GLN A 225 0.14 -5.85 16.03
CA GLN A 225 -0.06 -4.85 17.07
C GLN A 225 0.09 -5.45 18.45
N ALA A 226 -0.32 -6.71 18.59
CA ALA A 226 -0.22 -7.41 19.86
C ALA A 226 1.18 -7.32 20.44
N VAL A 227 2.18 -7.38 19.56
CA VAL A 227 3.58 -7.31 19.98
C VAL A 227 4.34 -6.28 19.16
N ALA A 228 3.62 -5.33 18.56
CA ALA A 228 4.24 -4.30 17.75
C ALA A 228 5.03 -3.32 18.60
N HIS A 229 4.36 -2.73 19.59
CA HIS A 229 5.00 -1.77 20.48
C HIS A 229 5.94 -2.49 21.45
N LYS A 230 5.58 -3.70 21.84
CA LYS A 230 6.38 -4.50 22.77
C LYS A 230 7.67 -4.96 22.11
N ALA A 231 7.58 -5.34 20.84
CA ALA A 231 8.74 -5.81 20.09
C ALA A 231 9.85 -4.77 20.13
N TRP A 232 9.53 -3.53 19.77
CA TRP A 232 10.50 -2.45 19.75
C TRP A 232 10.84 -2.01 21.17
N LYS A 233 9.81 -1.64 21.93
CA LYS A 233 9.99 -1.20 23.31
C LYS A 233 10.89 -2.16 24.08
N GLN A 234 10.77 -3.45 23.77
CA GLN A 234 11.56 -4.47 24.43
C GLN A 234 12.89 -4.70 23.70
N LEU A 235 12.85 -4.55 22.37
CA LEU A 235 14.04 -4.74 21.56
C LEU A 235 15.19 -3.88 22.07
N GLN A 236 14.90 -2.63 22.39
CA GLN A 236 15.92 -1.71 22.89
C GLN A 236 16.60 -2.29 24.13
N GLY A 237 15.92 -3.20 24.81
CA GLY A 237 16.47 -3.81 26.01
C GLY A 237 17.07 -5.18 25.74
N GLY A 238 17.04 -5.60 24.47
CA GLY A 238 17.58 -6.89 24.11
C GLY A 238 18.60 -6.80 22.99
N LYS A 239 18.63 -7.83 22.14
CA LYS A 239 19.57 -7.86 21.02
C LYS A 239 19.23 -9.00 20.06
N ILE A 240 19.63 -8.84 18.81
CA ILE A 240 19.37 -9.86 17.79
C ILE A 240 20.64 -10.64 17.46
N LYS A 241 20.62 -11.95 17.73
CA LYS A 241 21.77 -12.80 17.44
C LYS A 241 22.99 -12.33 18.23
N GLY A 242 22.76 -11.85 19.46
CA GLY A 242 23.86 -11.39 20.28
C GLY A 242 24.42 -10.06 19.82
N LYS A 243 23.62 -9.31 19.08
CA LYS A 243 24.03 -8.01 18.57
C LYS A 243 23.00 -6.94 18.89
N THR A 244 23.40 -5.95 19.69
CA THR A 244 22.51 -4.86 20.08
C THR A 244 22.38 -3.84 18.96
N CYS A 245 21.15 -3.62 18.51
CA CYS A 245 20.89 -2.66 17.44
C CYS A 245 19.69 -1.78 17.77
N ARG A 246 19.44 -0.78 16.94
CA ARG A 246 18.33 0.14 17.16
C ARG A 246 17.13 -0.24 16.29
N VAL A 247 15.94 -0.13 16.87
CA VAL A 247 14.72 -0.46 16.14
C VAL A 247 13.73 0.70 16.17
N ARG A 248 12.82 0.72 15.21
CA ARG A 248 11.82 1.78 15.13
C ARG A 248 10.53 1.26 14.50
N LEU A 249 9.47 1.20 15.31
CA LEU A 249 8.18 0.71 14.83
C LEU A 249 7.53 1.72 13.90
N LEU A 250 7.18 1.28 12.70
CA LEU A 250 6.56 2.15 11.70
C LEU A 250 5.10 2.42 12.07
N LYS A 251 4.83 3.63 12.57
CA LYS A 251 3.49 4.02 12.94
C LYS A 251 2.50 3.78 11.81
N GLY A 1 -30.42 -21.25 -29.30
CA GLY A 1 -29.99 -20.18 -28.42
C GLY A 1 -28.94 -20.63 -27.42
N GLY A 2 -28.75 -19.85 -26.37
CA GLY A 2 -27.77 -20.20 -25.35
C GLY A 2 -26.85 -19.04 -25.01
N SER A 3 -26.20 -19.11 -23.87
CA SER A 3 -25.28 -18.06 -23.42
C SER A 3 -24.57 -18.46 -22.14
N THR A 4 -23.27 -18.25 -22.11
CA THR A 4 -22.46 -18.59 -20.93
C THR A 4 -21.02 -18.11 -21.09
N ASP A 5 -20.56 -17.32 -20.13
CA ASP A 5 -19.20 -16.79 -20.16
C ASP A 5 -18.87 -16.05 -18.88
N ALA A 6 -17.62 -16.15 -18.44
CA ALA A 6 -17.18 -15.48 -17.23
C ALA A 6 -16.24 -14.32 -17.55
N LEU A 7 -16.20 -13.33 -16.65
CA LEU A 7 -15.34 -12.17 -16.85
C LEU A 7 -14.03 -12.32 -16.08
N PRO A 8 -12.99 -11.64 -16.56
CA PRO A 8 -11.66 -11.69 -15.93
C PRO A 8 -11.63 -10.98 -14.58
N PRO A 9 -10.54 -11.20 -13.83
CA PRO A 9 -10.36 -10.58 -12.51
C PRO A 9 -10.14 -9.07 -12.59
N ILE A 10 -9.34 -8.65 -13.55
CA ILE A 10 -9.05 -7.23 -13.75
C ILE A 10 -10.33 -6.43 -13.93
N GLU A 11 -10.72 -5.69 -12.89
CA GLU A 11 -11.93 -4.88 -12.95
C GLU A 11 -11.58 -3.42 -13.22
N GLN A 12 -12.26 -2.84 -14.21
CA GLN A 12 -12.03 -1.44 -14.57
C GLN A 12 -13.09 -0.54 -13.96
N GLN A 13 -12.68 0.32 -13.04
CA GLN A 13 -13.59 1.24 -12.38
C GLN A 13 -13.19 2.69 -12.62
N PHE A 14 -14.16 3.55 -12.88
CA PHE A 14 -13.90 4.96 -13.13
C PHE A 14 -14.93 5.84 -12.43
N TYR A 15 -14.44 6.78 -11.62
CA TYR A 15 -15.31 7.68 -10.88
C TYR A 15 -15.06 9.13 -11.29
N GLU A 16 -16.14 9.91 -11.38
CA GLU A 16 -16.04 11.31 -11.76
C GLU A 16 -16.00 12.20 -10.53
N THR A 17 -14.81 12.72 -10.23
CA THR A 17 -14.63 13.60 -9.07
C THR A 17 -13.47 14.57 -9.29
N SER A 18 -13.51 15.68 -8.56
CA SER A 18 -12.45 16.69 -8.67
C SER A 18 -11.44 16.54 -7.56
N SER A 19 -10.45 17.44 -7.53
CA SER A 19 -9.41 17.41 -6.52
C SER A 19 -10.00 17.50 -5.12
N LYS A 20 -11.10 18.26 -5.00
CA LYS A 20 -11.77 18.43 -3.72
C LYS A 20 -12.80 17.33 -3.49
N GLY A 21 -12.81 16.34 -4.37
CA GLY A 21 -13.74 15.24 -4.24
C GLY A 21 -13.06 13.89 -4.16
N LYS A 22 -11.85 13.81 -4.70
CA LYS A 22 -11.08 12.57 -4.69
C LYS A 22 -10.69 12.19 -3.25
N ILE A 23 -10.63 13.19 -2.38
CA ILE A 23 -10.27 12.95 -0.99
C ILE A 23 -11.34 12.13 -0.27
N PRO A 24 -12.58 12.66 -0.24
CA PRO A 24 -13.71 11.98 0.40
C PRO A 24 -14.15 10.75 -0.37
N LEU A 25 -14.09 10.82 -1.69
CA LEU A 25 -14.50 9.69 -2.53
C LEU A 25 -13.57 8.50 -2.32
N LEU A 26 -12.27 8.77 -2.25
CA LEU A 26 -11.28 7.72 -2.04
C LEU A 26 -11.44 7.08 -0.68
N GLN A 27 -11.46 7.90 0.37
CA GLN A 27 -11.61 7.41 1.73
C GLN A 27 -12.85 6.52 1.86
N ARG A 28 -13.97 7.02 1.34
CA ARG A 28 -15.22 6.28 1.40
C ARG A 28 -15.11 4.95 0.65
N LEU A 29 -14.67 5.02 -0.59
CA LEU A 29 -14.51 3.82 -1.42
C LEU A 29 -13.66 2.78 -0.71
N LEU A 30 -12.68 3.25 0.06
CA LEU A 30 -11.79 2.36 0.80
C LEU A 30 -12.51 1.72 1.97
N SER A 31 -13.44 2.46 2.58
CA SER A 31 -14.19 1.96 3.72
C SER A 31 -15.32 1.03 3.25
N LEU A 32 -15.73 1.20 1.99
CA LEU A 32 -16.80 0.39 1.43
C LEU A 32 -16.35 -1.06 1.26
N HIS A 33 -15.23 -1.25 0.56
CA HIS A 33 -14.70 -2.58 0.33
C HIS A 33 -13.75 -3.00 1.46
N GLN A 34 -13.18 -2.00 2.13
CA GLN A 34 -12.26 -2.27 3.24
C GLN A 34 -11.20 -3.27 2.83
N PRO A 35 -10.41 -2.93 1.80
CA PRO A 35 -9.34 -3.79 1.29
C PRO A 35 -8.17 -3.89 2.26
N SER A 36 -7.40 -4.96 2.13
CA SER A 36 -6.25 -5.18 3.00
C SER A 36 -5.04 -4.36 2.54
N SER A 37 -4.97 -4.12 1.23
CA SER A 37 -3.88 -3.36 0.65
C SER A 37 -4.35 -2.57 -0.56
N CYS A 38 -4.29 -1.24 -0.47
CA CYS A 38 -4.71 -0.38 -1.56
C CYS A 38 -3.64 0.65 -1.88
N VAL A 39 -3.20 0.67 -3.14
CA VAL A 39 -2.17 1.61 -3.58
C VAL A 39 -2.77 2.73 -4.41
N VAL A 40 -2.53 3.98 -3.99
CA VAL A 40 -3.04 5.14 -4.70
C VAL A 40 -1.95 5.80 -5.52
N PHE A 41 -2.17 5.87 -6.84
CA PHE A 41 -1.20 6.48 -7.74
C PHE A 41 -1.40 7.99 -7.80
N CYS A 42 -0.31 8.73 -7.56
CA CYS A 42 -0.36 10.19 -7.57
C CYS A 42 0.51 10.73 -8.69
N ASN A 43 0.23 11.97 -9.11
CA ASN A 43 0.97 12.62 -10.18
C ASN A 43 2.02 13.58 -9.61
N THR A 44 1.67 14.20 -8.48
CA THR A 44 2.58 15.16 -7.84
C THR A 44 2.48 15.05 -6.32
N LYS A 45 3.49 15.58 -5.64
CA LYS A 45 3.53 15.55 -4.18
C LYS A 45 2.28 16.21 -3.60
N LYS A 46 1.79 17.24 -4.26
CA LYS A 46 0.60 17.95 -3.81
C LYS A 46 -0.56 16.98 -3.60
N ASP A 47 -0.85 16.17 -4.61
CA ASP A 47 -1.92 15.19 -4.54
C ASP A 47 -1.64 14.14 -3.47
N CYS A 48 -0.43 13.59 -3.51
CA CYS A 48 -0.03 12.57 -2.54
C CYS A 48 -0.22 13.07 -1.11
N GLN A 49 0.31 14.26 -0.83
CA GLN A 49 0.20 14.84 0.50
C GLN A 49 -1.26 15.01 0.91
N ALA A 50 -2.06 15.56 0.00
CA ALA A 50 -3.48 15.77 0.26
C ALA A 50 -4.16 14.47 0.69
N VAL A 51 -3.86 13.39 -0.02
CA VAL A 51 -4.45 12.09 0.28
C VAL A 51 -4.08 11.65 1.69
N CYS A 52 -2.79 11.62 1.98
CA CYS A 52 -2.31 11.21 3.30
C CYS A 52 -2.87 12.12 4.39
N ASP A 53 -3.03 13.40 4.07
CA ASP A 53 -3.56 14.37 5.03
C ASP A 53 -5.00 14.02 5.41
N ALA A 54 -5.83 13.83 4.39
CA ALA A 54 -7.24 13.50 4.62
C ALA A 54 -7.37 12.22 5.43
N LEU A 55 -6.68 11.17 5.00
CA LEU A 55 -6.72 9.88 5.69
C LEU A 55 -6.35 10.04 7.16
N ASN A 56 -5.20 10.67 7.41
CA ASN A 56 -4.75 10.89 8.78
C ASN A 56 -5.77 11.68 9.58
N GLU A 57 -6.57 12.48 8.88
CA GLU A 57 -7.59 13.30 9.53
C GLU A 57 -8.71 12.43 10.08
N VAL A 58 -9.06 11.37 9.34
CA VAL A 58 -10.11 10.45 9.76
C VAL A 58 -9.55 9.31 10.60
N GLY A 59 -8.22 9.20 10.62
CA GLY A 59 -7.58 8.14 11.39
C GLY A 59 -7.20 6.95 10.53
N GLN A 60 -7.13 7.17 9.22
CA GLN A 60 -6.78 6.11 8.28
C GLN A 60 -5.26 6.01 8.12
N SER A 61 -4.73 4.80 8.27
CA SER A 61 -3.30 4.58 8.13
C SER A 61 -2.88 4.59 6.67
N ALA A 62 -2.00 5.53 6.32
CA ALA A 62 -1.53 5.66 4.95
C ALA A 62 -0.04 6.00 4.92
N LEU A 63 0.58 5.85 3.76
CA LEU A 63 2.00 6.15 3.60
C LEU A 63 2.29 6.65 2.19
N SER A 64 3.30 7.51 2.07
CA SER A 64 3.69 8.08 0.78
C SER A 64 4.96 7.43 0.27
N LEU A 65 4.99 7.16 -1.04
CA LEU A 65 6.16 6.55 -1.66
C LEU A 65 6.49 7.23 -2.99
N HIS A 66 7.68 7.82 -3.05
CA HIS A 66 8.11 8.51 -4.26
C HIS A 66 9.35 7.84 -4.85
N GLY A 67 9.66 8.17 -6.09
CA GLY A 67 10.83 7.59 -6.75
C GLY A 67 12.10 8.33 -6.41
N ASP A 68 12.01 9.65 -6.25
CA ASP A 68 13.18 10.46 -5.94
C ASP A 68 13.28 10.68 -4.43
N LEU A 69 12.69 9.78 -3.66
CA LEU A 69 12.71 9.87 -2.20
C LEU A 69 13.97 9.21 -1.64
N GLU A 70 14.24 9.46 -0.37
CA GLU A 70 15.41 8.90 0.30
C GLU A 70 15.29 7.38 0.40
N GLN A 71 16.41 6.69 0.19
CA GLN A 71 16.43 5.23 0.27
C GLN A 71 15.79 4.75 1.57
N ARG A 72 16.18 5.36 2.68
CA ARG A 72 15.64 4.99 3.98
C ARG A 72 14.12 5.00 3.97
N ASP A 73 13.54 6.07 3.43
CA ASP A 73 12.10 6.20 3.36
C ASP A 73 11.50 5.19 2.38
N ARG A 74 12.19 4.99 1.26
CA ARG A 74 11.74 4.05 0.25
C ARG A 74 11.48 2.67 0.85
N ASP A 75 12.43 2.19 1.64
CA ASP A 75 12.32 0.89 2.28
C ASP A 75 11.28 0.93 3.40
N GLN A 76 11.40 1.92 4.28
CA GLN A 76 10.47 2.07 5.39
C GLN A 76 9.02 2.10 4.90
N THR A 77 8.81 2.74 3.75
CA THR A 77 7.47 2.85 3.17
C THR A 77 7.04 1.52 2.56
N LEU A 78 7.90 0.95 1.72
CA LEU A 78 7.60 -0.31 1.07
C LEU A 78 7.31 -1.41 2.09
N VAL A 79 8.12 -1.46 3.14
CA VAL A 79 7.95 -2.46 4.20
C VAL A 79 6.69 -2.18 5.00
N ARG A 80 6.38 -0.90 5.19
CA ARG A 80 5.19 -0.52 5.95
C ARG A 80 3.93 -1.06 5.30
N PHE A 81 3.84 -0.91 3.98
CA PHE A 81 2.68 -1.40 3.24
C PHE A 81 2.79 -2.89 2.95
N ALA A 82 3.98 -3.32 2.53
CA ALA A 82 4.22 -4.72 2.23
C ALA A 82 3.94 -5.60 3.45
N ASN A 83 4.40 -5.14 4.61
CA ASN A 83 4.21 -5.88 5.86
C ASN A 83 2.78 -5.72 6.37
N GLY A 84 1.99 -4.93 5.66
CA GLY A 84 0.61 -4.70 6.06
C GLY A 84 0.49 -3.71 7.21
N SER A 85 1.60 -3.07 7.55
CA SER A 85 1.62 -2.10 8.63
C SER A 85 0.68 -0.93 8.33
N ALA A 86 0.32 -0.79 7.07
CA ALA A 86 -0.59 0.28 6.66
C ALA A 86 -1.75 -0.27 5.83
N ARG A 87 -2.60 0.64 5.34
CA ARG A 87 -3.75 0.24 4.55
C ARG A 87 -3.69 0.85 3.15
N VAL A 88 -3.53 2.17 3.09
CA VAL A 88 -3.44 2.88 1.82
C VAL A 88 -2.04 3.43 1.59
N LEU A 89 -1.45 3.07 0.46
CA LEU A 89 -0.11 3.53 0.12
C LEU A 89 -0.14 4.43 -1.10
N VAL A 90 -0.01 5.74 -0.88
CA VAL A 90 -0.02 6.71 -1.96
C VAL A 90 1.37 6.90 -2.55
N ALA A 91 1.61 6.27 -3.70
CA ALA A 91 2.90 6.37 -4.37
C ALA A 91 2.74 6.84 -5.82
N THR A 92 3.86 7.15 -6.46
CA THR A 92 3.84 7.61 -7.84
C THR A 92 4.17 6.48 -8.80
N ASP A 93 3.68 6.60 -10.04
CA ASP A 93 3.93 5.58 -11.05
C ASP A 93 5.42 5.26 -11.15
N VAL A 94 6.25 6.28 -10.96
CA VAL A 94 7.70 6.10 -11.03
C VAL A 94 8.23 5.43 -9.77
N ALA A 95 7.55 5.66 -8.65
CA ALA A 95 7.96 5.08 -7.38
C ALA A 95 7.50 3.63 -7.26
N ALA A 96 6.33 3.34 -7.83
CA ALA A 96 5.79 1.98 -7.79
C ALA A 96 6.17 1.21 -9.05
N ARG A 97 7.27 1.62 -9.68
CA ARG A 97 7.74 0.96 -10.90
C ARG A 97 8.33 -0.41 -10.58
N GLY A 98 7.65 -1.47 -10.99
CA GLY A 98 8.12 -2.81 -10.75
C GLY A 98 8.46 -3.05 -9.29
N LEU A 99 7.78 -2.32 -8.40
CA LEU A 99 8.02 -2.45 -6.97
C LEU A 99 7.66 -3.85 -6.48
N ASP A 100 7.81 -4.08 -5.18
CA ASP A 100 7.50 -5.37 -4.58
C ASP A 100 6.00 -5.47 -4.29
N ILE A 101 5.20 -5.71 -5.32
CA ILE A 101 3.77 -5.83 -5.16
C ILE A 101 3.17 -6.73 -6.25
N LYS A 102 2.80 -7.94 -5.86
CA LYS A 102 2.21 -8.89 -6.81
C LYS A 102 0.95 -9.53 -6.21
N SER A 103 0.27 -8.79 -5.35
CA SER A 103 -0.94 -9.29 -4.71
C SER A 103 -1.77 -8.15 -4.14
N LEU A 104 -1.68 -6.98 -4.78
CA LEU A 104 -2.41 -5.81 -4.34
C LEU A 104 -3.91 -6.10 -4.26
N GLU A 105 -4.59 -5.44 -3.34
CA GLU A 105 -6.03 -5.64 -3.16
C GLU A 105 -6.81 -4.70 -4.07
N LEU A 106 -6.33 -3.46 -4.20
CA LEU A 106 -6.98 -2.47 -5.04
C LEU A 106 -6.02 -1.35 -5.43
N VAL A 107 -6.18 -0.83 -6.64
CA VAL A 107 -5.32 0.23 -7.14
C VAL A 107 -6.14 1.47 -7.53
N VAL A 108 -5.92 2.56 -6.80
CA VAL A 108 -6.64 3.80 -7.07
C VAL A 108 -5.74 4.82 -7.76
N ASN A 109 -6.05 5.11 -9.02
CA ASN A 109 -5.26 6.06 -9.80
C ASN A 109 -5.91 7.45 -9.77
N PHE A 110 -5.37 8.33 -8.94
CA PHE A 110 -5.89 9.69 -8.83
C PHE A 110 -5.67 10.48 -10.12
N GLU A 111 -4.69 10.04 -10.91
CA GLU A 111 -4.37 10.70 -12.16
C GLU A 111 -4.20 9.69 -13.29
N LEU A 112 -4.98 9.84 -14.36
CA LEU A 112 -4.91 8.95 -15.50
C LEU A 112 -3.47 8.77 -15.98
N ALA A 113 -3.01 7.53 -16.02
CA ALA A 113 -1.66 7.23 -16.47
C ALA A 113 -1.33 7.95 -17.76
N TRP A 114 -0.05 8.03 -18.09
CA TRP A 114 0.39 8.70 -19.31
C TRP A 114 -0.04 7.93 -20.55
N ASP A 115 -0.06 6.60 -20.43
CA ASP A 115 -0.46 5.75 -21.54
C ASP A 115 -1.44 4.68 -21.08
N PRO A 116 -2.19 4.11 -22.05
CA PRO A 116 -3.17 3.07 -21.76
C PRO A 116 -2.54 1.75 -21.33
N GLU A 117 -1.35 1.49 -21.85
CA GLU A 117 -0.63 0.27 -21.52
C GLU A 117 -0.17 0.28 -20.07
N VAL A 118 0.50 1.35 -19.68
CA VAL A 118 0.99 1.50 -18.31
C VAL A 118 -0.15 1.46 -17.30
N HIS A 119 -1.28 2.04 -17.67
CA HIS A 119 -2.46 2.06 -16.81
C HIS A 119 -2.87 0.66 -16.41
N VAL A 120 -3.11 -0.19 -17.41
CA VAL A 120 -3.52 -1.57 -17.16
C VAL A 120 -2.33 -2.42 -16.71
N HIS A 121 -1.15 -2.05 -17.18
CA HIS A 121 0.07 -2.78 -16.83
C HIS A 121 0.39 -2.60 -15.35
N ARG A 122 0.06 -1.44 -14.80
CA ARG A 122 0.32 -1.15 -13.40
C ARG A 122 -0.64 -1.92 -12.49
N ILE A 123 -1.94 -1.75 -12.74
CA ILE A 123 -2.95 -2.44 -11.95
C ILE A 123 -3.00 -3.93 -12.29
N GLY A 124 -2.52 -4.28 -13.47
CA GLY A 124 -2.51 -5.67 -13.89
C GLY A 124 -1.33 -6.44 -13.33
N ARG A 125 -0.18 -5.78 -13.28
CA ARG A 125 1.03 -6.41 -12.76
C ARG A 125 1.13 -6.25 -11.24
N THR A 126 0.10 -5.65 -10.65
CA THR A 126 0.07 -5.42 -9.21
C THR A 126 -0.42 -6.66 -8.47
N ALA A 127 -1.36 -7.38 -9.09
CA ALA A 127 -1.91 -8.59 -8.48
C ALA A 127 -1.73 -9.79 -9.40
N ARG A 128 -1.63 -9.52 -10.71
CA ARG A 128 -1.46 -10.58 -11.69
C ARG A 128 -2.69 -11.50 -11.72
N ALA A 129 -3.87 -10.89 -11.68
CA ALA A 129 -5.12 -11.64 -11.71
C ALA A 129 -5.28 -12.47 -10.44
N GLY A 130 -4.63 -12.03 -9.36
CA GLY A 130 -4.73 -12.75 -8.10
C GLY A 130 -6.02 -12.47 -7.37
N ASN A 131 -7.15 -12.73 -8.04
CA ASN A 131 -8.46 -12.50 -7.44
C ASN A 131 -8.63 -11.03 -7.07
N SER A 132 -8.00 -10.15 -7.82
CA SER A 132 -8.08 -8.72 -7.58
C SER A 132 -8.12 -7.94 -8.88
N GLY A 133 -6.99 -7.31 -9.23
CA GLY A 133 -6.92 -6.54 -10.46
C GLY A 133 -7.93 -5.41 -10.50
N LEU A 134 -8.21 -4.84 -9.33
CA LEU A 134 -9.17 -3.74 -9.24
C LEU A 134 -8.49 -2.40 -9.46
N ALA A 135 -8.93 -1.67 -10.48
CA ALA A 135 -8.36 -0.36 -10.79
C ALA A 135 -9.45 0.71 -10.85
N ILE A 136 -9.42 1.61 -9.87
CA ILE A 136 -10.40 2.69 -9.81
C ILE A 136 -9.76 4.03 -10.16
N SER A 137 -10.30 4.69 -11.18
CA SER A 137 -9.78 5.98 -11.61
C SER A 137 -10.56 7.13 -10.96
N PHE A 138 -9.82 8.08 -10.40
CA PHE A 138 -10.44 9.22 -9.74
C PHE A 138 -10.16 10.52 -10.51
N CYS A 139 -11.17 11.01 -11.22
CA CYS A 139 -11.04 12.23 -12.00
C CYS A 139 -12.33 12.54 -12.75
N ALA A 140 -12.59 13.82 -12.96
CA ALA A 140 -13.78 14.25 -13.67
C ALA A 140 -13.88 13.60 -15.04
N PRO A 141 -15.07 13.69 -15.66
CA PRO A 141 -15.31 13.10 -16.98
C PRO A 141 -14.58 13.85 -18.09
N GLU A 142 -13.96 14.97 -17.73
CA GLU A 142 -13.22 15.78 -18.69
C GLU A 142 -12.10 14.96 -19.34
N GLU A 143 -11.52 14.05 -18.56
CA GLU A 143 -10.44 13.21 -19.06
C GLU A 143 -10.98 11.92 -19.66
N ALA A 144 -12.28 11.90 -19.93
CA ALA A 144 -12.93 10.72 -20.50
C ALA A 144 -12.16 10.21 -21.71
N GLN A 145 -11.53 11.12 -22.44
CA GLN A 145 -10.75 10.76 -23.62
C GLN A 145 -9.78 9.63 -23.30
N ARG A 146 -9.23 9.66 -22.09
CA ARG A 146 -8.27 8.64 -21.67
C ARG A 146 -8.99 7.36 -21.26
N ALA A 147 -9.97 7.48 -20.37
CA ALA A 147 -10.73 6.33 -19.91
C ALA A 147 -11.28 5.52 -21.08
N ASN A 148 -11.80 6.23 -22.09
CA ASN A 148 -12.35 5.58 -23.27
C ASN A 148 -11.32 4.65 -23.91
N ILE A 149 -10.06 5.04 -23.87
CA ILE A 149 -8.99 4.25 -24.44
C ILE A 149 -8.68 3.03 -23.58
N ILE A 150 -8.67 3.23 -22.27
CA ILE A 150 -8.40 2.15 -21.33
C ILE A 150 -9.32 0.96 -21.56
N SER A 151 -10.61 1.26 -21.77
CA SER A 151 -11.60 0.22 -22.01
C SER A 151 -11.67 -0.15 -23.49
N ASP A 152 -11.35 0.81 -24.35
CA ASP A 152 -11.37 0.59 -25.78
C ASP A 152 -10.45 -0.57 -26.16
N MET A 153 -9.18 -0.48 -25.78
CA MET A 153 -8.21 -1.53 -26.08
C MET A 153 -8.52 -2.80 -25.28
N LEU A 154 -9.12 -2.62 -24.11
CA LEU A 154 -9.46 -3.75 -23.26
C LEU A 154 -10.70 -4.47 -23.78
N GLN A 155 -11.46 -3.79 -24.64
CA GLN A 155 -12.67 -4.36 -25.21
C GLN A 155 -13.73 -4.58 -24.14
N ILE A 156 -13.76 -3.68 -23.15
CA ILE A 156 -14.72 -3.77 -22.07
C ILE A 156 -15.32 -2.41 -21.74
N LYS A 157 -16.42 -2.40 -20.99
CA LYS A 157 -17.07 -1.15 -20.60
C LYS A 157 -16.64 -0.73 -19.20
N LEU A 158 -16.68 0.58 -18.95
CA LEU A 158 -16.30 1.11 -17.65
C LEU A 158 -17.53 1.47 -16.83
N ASN A 159 -17.66 0.83 -15.66
CA ASN A 159 -18.79 1.09 -14.78
C ASN A 159 -18.66 2.44 -14.09
N TRP A 160 -18.95 3.50 -14.84
CA TRP A 160 -18.87 4.85 -14.30
C TRP A 160 -19.85 5.05 -13.16
N GLN A 161 -19.32 5.24 -11.95
CA GLN A 161 -20.16 5.45 -10.78
C GLN A 161 -20.05 6.87 -10.27
N THR A 162 -21.17 7.41 -9.78
CA THR A 162 -21.19 8.78 -9.26
C THR A 162 -20.81 8.81 -7.79
N PRO A 163 -20.39 9.98 -7.32
CA PRO A 163 -19.98 10.17 -5.91
C PRO A 163 -21.17 10.11 -4.97
N PRO A 164 -20.88 10.03 -3.65
CA PRO A 164 -21.90 9.96 -2.61
C PRO A 164 -22.67 11.27 -2.46
N ALA A 165 -23.50 11.34 -1.42
CA ALA A 165 -24.28 12.55 -1.16
C ALA A 165 -23.80 13.24 0.11
N ASN A 166 -23.41 12.45 1.10
CA ASN A 166 -22.94 12.99 2.38
C ASN A 166 -21.45 12.69 2.57
N SER A 167 -20.93 13.09 3.72
CA SER A 167 -19.51 12.87 4.03
C SER A 167 -19.36 11.94 5.24
N SER A 168 -19.51 10.65 4.99
CA SER A 168 -19.40 9.66 6.06
C SER A 168 -18.50 8.50 5.62
N ILE A 169 -17.21 8.59 5.97
CA ILE A 169 -16.25 7.55 5.61
C ILE A 169 -15.75 6.82 6.86
N ALA A 170 -15.47 5.53 6.70
CA ALA A 170 -14.98 4.72 7.80
C ALA A 170 -13.48 4.87 7.97
N THR A 171 -12.94 4.24 9.02
CA THR A 171 -11.51 4.31 9.29
C THR A 171 -10.85 2.94 9.14
N LEU A 172 -9.66 2.92 8.56
CA LEU A 172 -8.93 1.67 8.36
C LEU A 172 -7.69 1.61 9.24
N GLU A 173 -7.68 0.66 10.16
CA GLU A 173 -6.55 0.48 11.08
C GLU A 173 -5.57 -0.56 10.54
N ALA A 174 -4.34 -0.52 11.05
CA ALA A 174 -3.32 -1.46 10.64
C ALA A 174 -3.41 -2.77 11.42
N GLU A 175 -3.10 -3.87 10.76
CA GLU A 175 -3.15 -5.18 11.39
C GLU A 175 -1.76 -5.61 11.89
N MET A 176 -0.73 -5.03 11.30
CA MET A 176 0.64 -5.33 11.68
C MET A 176 1.47 -4.07 11.81
N ALA A 177 2.76 -4.23 12.11
CA ALA A 177 3.66 -3.09 12.26
C ALA A 177 5.09 -3.49 11.94
N THR A 178 5.74 -2.72 11.07
CA THR A 178 7.12 -2.99 10.68
C THR A 178 8.10 -2.33 11.63
N LEU A 179 9.24 -2.98 11.84
CA LEU A 179 10.27 -2.45 12.74
C LEU A 179 11.56 -2.18 11.97
N CYS A 180 11.95 -0.91 11.91
CA CYS A 180 13.17 -0.52 11.21
C CYS A 180 14.40 -0.81 12.06
N ILE A 181 15.05 -1.95 11.79
CA ILE A 181 16.23 -2.34 12.53
C ILE A 181 17.51 -1.86 11.83
N ASP A 182 18.50 -1.47 12.62
CA ASP A 182 19.76 -1.00 12.08
C ASP A 182 20.78 -2.13 12.01
N GLY A 183 20.29 -3.35 11.80
CA GLY A 183 21.17 -4.50 11.71
C GLY A 183 21.78 -4.67 10.33
N GLY A 184 20.92 -4.80 9.33
CA GLY A 184 21.39 -4.98 7.96
C GLY A 184 22.31 -6.17 7.82
N LYS A 185 22.78 -6.40 6.60
CA LYS A 185 23.68 -7.53 6.32
C LYS A 185 24.89 -7.49 7.24
N LYS A 186 25.32 -6.29 7.59
CA LYS A 186 26.47 -6.11 8.47
C LYS A 186 26.26 -6.81 9.80
N ALA A 187 25.02 -6.85 10.25
CA ALA A 187 24.67 -7.50 11.51
C ALA A 187 24.45 -8.99 11.32
N LYS A 188 24.71 -9.47 10.11
CA LYS A 188 24.54 -10.89 9.80
C LYS A 188 23.06 -11.28 9.84
N MET A 189 22.26 -10.63 9.00
CA MET A 189 20.83 -10.92 8.94
C MET A 189 20.54 -12.01 7.91
N ARG A 190 20.25 -13.21 8.39
CA ARG A 190 19.95 -14.33 7.51
C ARG A 190 18.46 -14.63 7.49
N PRO A 191 18.01 -15.39 6.48
CA PRO A 191 16.60 -15.76 6.32
C PRO A 191 16.13 -16.74 7.40
N GLY A 192 15.91 -16.21 8.61
CA GLY A 192 15.47 -17.06 9.70
C GLY A 192 16.01 -16.59 11.04
N ASP A 193 17.17 -15.96 11.02
CA ASP A 193 17.79 -15.47 12.24
C ASP A 193 16.93 -14.39 12.90
N VAL A 194 16.52 -13.41 12.11
CA VAL A 194 15.69 -12.32 12.61
C VAL A 194 14.43 -12.86 13.29
N LEU A 195 13.92 -13.97 12.77
CA LEU A 195 12.71 -14.58 13.34
C LEU A 195 12.99 -15.15 14.73
N GLY A 196 14.21 -15.64 14.93
CA GLY A 196 14.58 -16.19 16.22
C GLY A 196 14.77 -15.13 17.28
N ALA A 197 15.25 -13.95 16.87
CA ALA A 197 15.47 -12.85 17.79
C ALA A 197 14.16 -12.36 18.39
N LEU A 198 13.12 -12.32 17.57
CA LEU A 198 11.80 -11.88 18.01
C LEU A 198 11.06 -13.00 18.73
N THR A 199 11.16 -14.20 18.20
CA THR A 199 10.50 -15.37 18.79
C THR A 199 11.40 -16.04 19.82
N GLY A 200 12.42 -15.32 20.27
CA GLY A 200 13.33 -15.88 21.25
C GLY A 200 13.75 -14.86 22.30
N ASP A 201 14.23 -13.71 21.85
CA ASP A 201 14.66 -12.65 22.75
C ASP A 201 13.46 -11.84 23.25
N ILE A 202 12.51 -11.60 22.36
CA ILE A 202 11.31 -10.85 22.72
C ILE A 202 10.20 -11.77 23.21
N GLY A 203 10.01 -12.89 22.52
CA GLY A 203 8.99 -13.84 22.91
C GLY A 203 7.74 -13.72 22.05
N LEU A 204 7.91 -13.36 20.79
CA LEU A 204 6.80 -13.22 19.87
C LEU A 204 6.49 -14.54 19.17
N ASP A 205 5.24 -14.70 18.76
CA ASP A 205 4.81 -15.91 18.07
C ASP A 205 4.71 -15.69 16.57
N GLY A 206 5.08 -16.70 15.79
CA GLY A 206 5.02 -16.59 14.35
C GLY A 206 3.67 -16.11 13.86
N ALA A 207 2.63 -16.41 14.62
CA ALA A 207 1.27 -16.02 14.26
C ALA A 207 1.16 -14.50 14.13
N ASP A 208 1.96 -13.78 14.92
CA ASP A 208 1.95 -12.33 14.89
C ASP A 208 3.09 -11.79 14.02
N ILE A 209 4.16 -12.57 13.91
CA ILE A 209 5.31 -12.17 13.11
C ILE A 209 4.95 -12.11 11.62
N GLY A 210 5.46 -11.09 10.94
CA GLY A 210 5.18 -10.94 9.53
C GLY A 210 6.44 -11.06 8.67
N LYS A 211 6.38 -10.51 7.46
CA LYS A 211 7.51 -10.56 6.55
C LYS A 211 8.69 -9.75 7.10
N ILE A 212 9.87 -10.02 6.58
CA ILE A 212 11.08 -9.31 7.01
C ILE A 212 11.92 -8.87 5.82
N ALA A 213 12.02 -7.57 5.62
CA ALA A 213 12.80 -7.02 4.51
C ALA A 213 14.25 -6.79 4.93
N VAL A 214 15.13 -7.69 4.51
CA VAL A 214 16.55 -7.58 4.84
C VAL A 214 17.31 -6.84 3.75
N HIS A 215 18.20 -5.95 4.15
CA HIS A 215 19.01 -5.18 3.21
C HIS A 215 20.47 -5.14 3.65
N PRO A 216 21.35 -4.78 2.70
CA PRO A 216 22.80 -4.69 2.96
C PRO A 216 23.15 -3.52 3.87
N ALA A 217 22.16 -2.69 4.16
CA ALA A 217 22.36 -1.53 5.02
C ALA A 217 21.55 -1.65 6.31
N HIS A 218 20.32 -2.12 6.19
CA HIS A 218 19.44 -2.29 7.34
C HIS A 218 18.46 -3.42 7.12
N VAL A 219 17.69 -3.75 8.15
CA VAL A 219 16.71 -4.82 8.08
C VAL A 219 15.40 -4.42 8.74
N TYR A 220 14.28 -4.83 8.15
CA TYR A 220 12.96 -4.52 8.69
C TYR A 220 12.18 -5.79 9.01
N VAL A 221 11.59 -5.83 10.19
CA VAL A 221 10.81 -6.99 10.61
C VAL A 221 9.39 -6.58 10.98
N ALA A 222 8.41 -7.30 10.43
CA ALA A 222 7.00 -7.02 10.71
C ALA A 222 6.53 -7.77 11.95
N VAL A 223 5.56 -7.18 12.66
CA VAL A 223 5.02 -7.80 13.86
C VAL A 223 3.60 -7.32 14.12
N ARG A 224 2.74 -8.25 14.52
CA ARG A 224 1.34 -7.92 14.80
C ARG A 224 1.24 -6.92 15.95
N GLN A 225 0.26 -6.04 15.87
CA GLN A 225 0.06 -5.03 16.91
C GLN A 225 0.03 -5.66 18.29
N ALA A 226 -0.41 -6.91 18.36
CA ALA A 226 -0.48 -7.64 19.63
C ALA A 226 0.87 -7.65 20.32
N VAL A 227 1.94 -7.69 19.53
CA VAL A 227 3.29 -7.71 20.08
C VAL A 227 4.17 -6.63 19.43
N ALA A 228 3.51 -5.68 18.77
CA ALA A 228 4.22 -4.59 18.11
C ALA A 228 4.86 -3.65 19.13
N HIS A 229 4.04 -3.12 20.03
CA HIS A 229 4.52 -2.21 21.06
C HIS A 229 5.54 -2.89 21.95
N LYS A 230 5.34 -4.19 22.19
CA LYS A 230 6.25 -4.95 23.04
C LYS A 230 7.54 -5.27 22.31
N ALA A 231 7.43 -5.63 21.03
CA ALA A 231 8.59 -5.95 20.21
C ALA A 231 9.57 -4.80 20.18
N TRP A 232 9.08 -3.61 19.86
CA TRP A 232 9.92 -2.42 19.80
C TRP A 232 10.43 -2.04 21.18
N LYS A 233 9.50 -1.86 22.12
CA LYS A 233 9.86 -1.49 23.48
C LYS A 233 10.90 -2.46 24.05
N GLN A 234 10.81 -3.72 23.66
CA GLN A 234 11.74 -4.74 24.13
C GLN A 234 13.07 -4.64 23.39
N LEU A 235 13.01 -4.33 22.11
CA LEU A 235 14.20 -4.19 21.28
C LEU A 235 14.96 -2.91 21.62
N GLN A 236 14.24 -1.95 22.19
CA GLN A 236 14.85 -0.67 22.55
C GLN A 236 16.01 -0.87 23.51
N GLY A 237 15.88 -1.85 24.41
CA GLY A 237 16.92 -2.13 25.37
C GLY A 237 17.54 -3.50 25.17
N GLY A 238 17.38 -4.05 23.97
CA GLY A 238 17.94 -5.36 23.67
C GLY A 238 18.83 -5.34 22.44
N LYS A 239 18.94 -6.49 21.79
CA LYS A 239 19.78 -6.61 20.60
C LYS A 239 19.51 -7.94 19.88
N ILE A 240 19.83 -7.98 18.60
CA ILE A 240 19.63 -9.18 17.80
C ILE A 240 20.96 -9.85 17.46
N LYS A 241 21.10 -11.11 17.85
CA LYS A 241 22.32 -11.86 17.59
C LYS A 241 23.51 -11.22 18.30
N GLY A 242 23.27 -10.71 19.50
CA GLY A 242 24.33 -10.08 20.28
C GLY A 242 24.85 -8.81 19.63
N LYS A 243 24.01 -8.19 18.81
CA LYS A 243 24.38 -6.96 18.12
C LYS A 243 23.37 -5.85 18.40
N THR A 244 23.83 -4.78 19.06
CA THR A 244 22.97 -3.66 19.39
C THR A 244 22.56 -2.90 18.14
N CYS A 245 21.26 -2.78 17.92
CA CYS A 245 20.73 -2.07 16.76
C CYS A 245 19.60 -1.13 17.16
N ARG A 246 19.17 -0.29 16.22
CA ARG A 246 18.10 0.67 16.48
C ARG A 246 16.80 0.21 15.83
N VAL A 247 15.78 0.00 16.65
CA VAL A 247 14.48 -0.44 16.16
C VAL A 247 13.45 0.66 16.26
N ARG A 248 12.55 0.73 15.29
CA ARG A 248 11.51 1.75 15.27
C ARG A 248 10.24 1.22 14.60
N LEU A 249 9.17 1.13 15.38
CA LEU A 249 7.89 0.64 14.86
C LEU A 249 7.25 1.66 13.94
N LEU A 250 6.79 1.19 12.78
CA LEU A 250 6.16 2.06 11.79
C LEU A 250 4.68 2.26 12.13
N LYS A 251 4.36 3.44 12.64
CA LYS A 251 2.98 3.77 13.00
C LYS A 251 2.05 3.53 11.82
N GLY A 1 -32.36 -19.89 -4.19
CA GLY A 1 -31.15 -19.08 -4.18
C GLY A 1 -29.89 -19.92 -4.22
N GLY A 2 -28.86 -19.40 -4.87
CA GLY A 2 -27.60 -20.13 -4.98
C GLY A 2 -26.61 -19.44 -5.88
N SER A 3 -25.41 -19.19 -5.37
CA SER A 3 -24.37 -18.53 -6.14
C SER A 3 -23.05 -18.48 -5.36
N THR A 4 -21.95 -18.67 -6.07
CA THR A 4 -20.63 -18.64 -5.44
C THR A 4 -19.53 -18.86 -6.47
N ASP A 5 -18.49 -18.04 -6.40
CA ASP A 5 -17.36 -18.15 -7.31
C ASP A 5 -16.29 -17.12 -6.99
N ALA A 6 -15.08 -17.35 -7.49
CA ALA A 6 -13.97 -16.42 -7.25
C ALA A 6 -14.29 -15.03 -7.76
N LEU A 7 -13.33 -14.13 -7.65
CA LEU A 7 -13.51 -12.75 -8.11
C LEU A 7 -13.14 -12.61 -9.58
N PRO A 8 -13.66 -11.55 -10.22
CA PRO A 8 -13.38 -11.28 -11.64
C PRO A 8 -11.95 -10.85 -11.88
N PRO A 9 -11.53 -10.89 -13.15
CA PRO A 9 -10.17 -10.50 -13.55
C PRO A 9 -9.93 -9.00 -13.42
N ILE A 10 -8.89 -8.51 -14.09
CA ILE A 10 -8.56 -7.09 -14.04
C ILE A 10 -9.78 -6.23 -14.37
N GLU A 11 -10.36 -5.62 -13.34
CA GLU A 11 -11.53 -4.76 -13.51
C GLU A 11 -11.13 -3.29 -13.50
N GLN A 12 -11.76 -2.51 -14.37
CA GLN A 12 -11.48 -1.08 -14.47
C GLN A 12 -12.70 -0.26 -14.10
N GLN A 13 -12.54 0.64 -13.12
CA GLN A 13 -13.65 1.48 -12.68
C GLN A 13 -13.29 2.96 -12.84
N PHE A 14 -14.31 3.78 -13.06
CA PHE A 14 -14.11 5.22 -13.23
C PHE A 14 -15.20 6.01 -12.51
N TYR A 15 -14.77 6.92 -11.63
CA TYR A 15 -15.71 7.74 -10.88
C TYR A 15 -15.50 9.22 -11.18
N GLU A 16 -16.59 9.97 -11.23
CA GLU A 16 -16.52 11.40 -11.50
C GLU A 16 -16.43 12.21 -10.20
N THR A 17 -15.23 12.71 -9.92
CA THR A 17 -15.00 13.49 -8.71
C THR A 17 -14.14 14.72 -9.00
N SER A 18 -14.12 15.66 -8.07
CA SER A 18 -13.34 16.89 -8.23
C SER A 18 -12.01 16.77 -7.48
N SER A 19 -11.11 17.70 -7.77
CA SER A 19 -9.79 17.71 -7.13
C SER A 19 -9.93 17.60 -5.61
N LYS A 20 -11.00 18.18 -5.08
CA LYS A 20 -11.25 18.16 -3.64
C LYS A 20 -12.15 16.98 -3.26
N GLY A 21 -13.07 16.64 -4.16
CA GLY A 21 -13.98 15.54 -3.90
C GLY A 21 -13.28 14.20 -3.91
N LYS A 22 -12.02 14.19 -4.34
CA LYS A 22 -11.22 12.96 -4.40
C LYS A 22 -10.87 12.48 -3.00
N ILE A 23 -10.61 13.43 -2.10
CA ILE A 23 -10.26 13.09 -0.73
C ILE A 23 -11.36 12.28 -0.06
N PRO A 24 -12.58 12.84 -0.04
CA PRO A 24 -13.75 12.18 0.56
C PRO A 24 -14.20 10.97 -0.24
N LEU A 25 -14.05 11.04 -1.56
CA LEU A 25 -14.44 9.94 -2.44
C LEU A 25 -13.59 8.71 -2.19
N LEU A 26 -12.27 8.89 -2.27
CA LEU A 26 -11.34 7.79 -2.06
C LEU A 26 -11.51 7.19 -0.66
N GLN A 27 -11.61 8.06 0.34
CA GLN A 27 -11.78 7.62 1.71
C GLN A 27 -13.06 6.79 1.87
N ARG A 28 -14.14 7.28 1.29
CA ARG A 28 -15.43 6.59 1.36
C ARG A 28 -15.33 5.20 0.75
N LEU A 29 -14.66 5.11 -0.40
CA LEU A 29 -14.49 3.84 -1.09
C LEU A 29 -13.65 2.88 -0.26
N LEU A 30 -12.68 3.42 0.47
CA LEU A 30 -11.80 2.61 1.30
C LEU A 30 -12.52 2.17 2.58
N SER A 31 -13.47 2.98 3.03
CA SER A 31 -14.22 2.69 4.24
C SER A 31 -15.31 1.65 3.96
N LEU A 32 -15.87 1.70 2.76
CA LEU A 32 -16.92 0.76 2.36
C LEU A 32 -16.32 -0.54 1.84
N HIS A 33 -15.15 -0.44 1.23
CA HIS A 33 -14.46 -1.61 0.69
C HIS A 33 -13.57 -2.26 1.74
N GLN A 34 -12.85 -1.42 2.50
CA GLN A 34 -11.96 -1.91 3.54
C GLN A 34 -11.03 -2.98 3.00
N PRO A 35 -10.27 -2.64 1.95
CA PRO A 35 -9.32 -3.57 1.31
C PRO A 35 -8.12 -3.87 2.20
N SER A 36 -7.50 -5.03 1.97
CA SER A 36 -6.35 -5.44 2.76
C SER A 36 -5.11 -4.62 2.37
N SER A 37 -5.07 -4.18 1.12
CA SER A 37 -3.94 -3.40 0.63
C SER A 37 -4.35 -2.57 -0.59
N CYS A 38 -4.31 -1.25 -0.43
CA CYS A 38 -4.68 -0.34 -1.51
C CYS A 38 -3.52 0.59 -1.86
N VAL A 39 -3.27 0.75 -3.16
CA VAL A 39 -2.20 1.60 -3.63
C VAL A 39 -2.74 2.77 -4.44
N VAL A 40 -2.49 3.99 -3.95
CA VAL A 40 -2.95 5.20 -4.64
C VAL A 40 -1.85 5.78 -5.52
N PHE A 41 -2.14 5.89 -6.82
CA PHE A 41 -1.18 6.43 -7.77
C PHE A 41 -1.31 7.95 -7.88
N CYS A 42 -0.22 8.65 -7.58
CA CYS A 42 -0.21 10.11 -7.63
C CYS A 42 0.74 10.60 -8.72
N ASN A 43 0.65 11.89 -9.03
CA ASN A 43 1.49 12.49 -10.06
C ASN A 43 2.68 13.22 -9.43
N THR A 44 2.44 13.83 -8.27
CA THR A 44 3.49 14.56 -7.56
C THR A 44 3.28 14.49 -6.06
N LYS A 45 4.28 14.97 -5.31
CA LYS A 45 4.21 14.95 -3.86
C LYS A 45 2.96 15.69 -3.36
N LYS A 46 2.59 16.74 -4.07
CA LYS A 46 1.41 17.53 -3.72
C LYS A 46 0.18 16.63 -3.58
N ASP A 47 -0.05 15.80 -4.58
CA ASP A 47 -1.20 14.90 -4.58
C ASP A 47 -1.07 13.88 -3.46
N CYS A 48 0.10 13.24 -3.37
CA CYS A 48 0.34 12.23 -2.35
C CYS A 48 0.20 12.83 -0.95
N GLN A 49 0.53 14.11 -0.83
CA GLN A 49 0.44 14.80 0.45
C GLN A 49 -1.01 15.03 0.85
N ALA A 50 -1.81 15.51 -0.11
CA ALA A 50 -3.23 15.77 0.14
C ALA A 50 -3.95 14.51 0.57
N VAL A 51 -3.74 13.42 -0.16
CA VAL A 51 -4.37 12.14 0.14
C VAL A 51 -3.95 11.65 1.51
N CYS A 52 -2.64 11.54 1.73
CA CYS A 52 -2.10 11.07 3.00
C CYS A 52 -2.55 11.97 4.15
N ASP A 53 -2.65 13.27 3.87
CA ASP A 53 -3.08 14.23 4.88
C ASP A 53 -4.50 13.95 5.34
N ALA A 54 -5.41 13.84 4.38
CA ALA A 54 -6.82 13.57 4.68
C ALA A 54 -6.97 12.28 5.49
N LEU A 55 -6.32 11.23 5.02
CA LEU A 55 -6.38 9.93 5.70
C LEU A 55 -5.94 10.06 7.16
N ASN A 56 -4.75 10.62 7.36
CA ASN A 56 -4.21 10.81 8.70
C ASN A 56 -5.13 11.67 9.54
N GLU A 57 -5.90 12.54 8.88
CA GLU A 57 -6.82 13.43 9.58
C GLU A 57 -8.00 12.64 10.16
N VAL A 58 -8.43 11.61 9.44
CA VAL A 58 -9.54 10.78 9.89
C VAL A 58 -9.04 9.61 10.72
N GLY A 59 -7.73 9.41 10.72
CA GLY A 59 -7.15 8.31 11.48
C GLY A 59 -6.89 7.09 10.62
N GLN A 60 -6.88 7.28 9.31
CA GLN A 60 -6.65 6.19 8.38
C GLN A 60 -5.14 5.97 8.17
N SER A 61 -4.71 4.72 8.27
CA SER A 61 -3.31 4.38 8.08
C SER A 61 -2.91 4.46 6.61
N ALA A 62 -1.96 5.35 6.31
CA ALA A 62 -1.48 5.52 4.94
C ALA A 62 0.02 5.82 4.91
N LEU A 63 0.61 5.70 3.73
CA LEU A 63 2.04 5.96 3.57
C LEU A 63 2.34 6.47 2.17
N SER A 64 3.36 7.32 2.06
CA SER A 64 3.75 7.89 0.78
C SER A 64 5.02 7.22 0.25
N LEU A 65 5.09 7.05 -1.07
CA LEU A 65 6.24 6.42 -1.69
C LEU A 65 6.60 7.12 -3.00
N HIS A 66 7.78 7.73 -3.05
CA HIS A 66 8.24 8.43 -4.23
C HIS A 66 9.53 7.81 -4.77
N GLY A 67 9.88 8.15 -6.01
CA GLY A 67 11.08 7.62 -6.62
C GLY A 67 12.32 8.40 -6.24
N ASP A 68 12.15 9.70 -5.98
CA ASP A 68 13.26 10.56 -5.60
C ASP A 68 13.38 10.65 -4.08
N LEU A 69 12.87 9.64 -3.39
CA LEU A 69 12.92 9.60 -1.94
C LEU A 69 14.17 8.86 -1.46
N GLU A 70 14.46 8.99 -0.17
CA GLU A 70 15.64 8.33 0.42
C GLU A 70 15.45 6.82 0.44
N GLN A 71 16.52 6.10 0.13
CA GLN A 71 16.48 4.64 0.11
C GLN A 71 15.84 4.09 1.38
N ARG A 72 16.30 4.59 2.53
CA ARG A 72 15.76 4.15 3.82
C ARG A 72 14.26 4.38 3.89
N ASP A 73 13.82 5.56 3.46
CA ASP A 73 12.41 5.91 3.47
C ASP A 73 11.61 4.97 2.57
N ARG A 74 12.18 4.64 1.41
CA ARG A 74 11.51 3.76 0.46
C ARG A 74 11.40 2.35 1.03
N ASP A 75 12.39 1.94 1.81
CA ASP A 75 12.40 0.61 2.41
C ASP A 75 11.32 0.49 3.49
N GLN A 76 11.31 1.44 4.41
CA GLN A 76 10.34 1.44 5.50
C GLN A 76 8.92 1.56 4.95
N THR A 77 8.77 2.30 3.85
CA THR A 77 7.47 2.50 3.23
C THR A 77 6.98 1.21 2.58
N LEU A 78 7.81 0.64 1.71
CA LEU A 78 7.46 -0.60 1.02
C LEU A 78 7.12 -1.71 2.00
N VAL A 79 7.94 -1.84 3.05
CA VAL A 79 7.72 -2.86 4.06
C VAL A 79 6.46 -2.57 4.87
N ARG A 80 6.16 -1.28 5.05
CA ARG A 80 4.98 -0.87 5.79
C ARG A 80 3.71 -1.37 5.13
N PHE A 81 3.62 -1.16 3.81
CA PHE A 81 2.45 -1.57 3.05
C PHE A 81 2.52 -3.07 2.71
N ALA A 82 3.74 -3.55 2.50
CA ALA A 82 3.95 -4.96 2.16
C ALA A 82 3.66 -5.85 3.36
N ASN A 83 4.08 -5.41 4.53
CA ASN A 83 3.87 -6.17 5.76
C ASN A 83 2.42 -6.02 6.25
N GLY A 84 1.65 -5.20 5.54
CA GLY A 84 0.27 -4.99 5.92
C GLY A 84 0.13 -4.01 7.06
N SER A 85 1.21 -3.29 7.37
CA SER A 85 1.20 -2.32 8.45
C SER A 85 0.33 -1.12 8.10
N ALA A 86 -0.08 -1.04 6.84
CA ALA A 86 -0.92 0.05 6.36
C ALA A 86 -2.08 -0.47 5.52
N ARG A 87 -2.95 0.44 5.11
CA ARG A 87 -4.11 0.07 4.30
C ARG A 87 -4.09 0.79 2.95
N VAL A 88 -3.52 1.99 2.94
CA VAL A 88 -3.43 2.78 1.72
C VAL A 88 -2.01 3.32 1.51
N LEU A 89 -1.43 3.00 0.37
CA LEU A 89 -0.07 3.45 0.06
C LEU A 89 -0.07 4.35 -1.17
N VAL A 90 0.08 5.66 -0.94
CA VAL A 90 0.09 6.63 -2.02
C VAL A 90 1.50 6.77 -2.62
N ALA A 91 1.72 6.12 -3.76
CA ALA A 91 3.01 6.17 -4.42
C ALA A 91 2.87 6.70 -5.85
N THR A 92 4.01 7.03 -6.47
CA THR A 92 4.01 7.54 -7.83
C THR A 92 4.41 6.45 -8.83
N ASP A 93 3.98 6.62 -10.07
CA ASP A 93 4.30 5.65 -11.12
C ASP A 93 5.80 5.38 -11.18
N VAL A 94 6.58 6.42 -10.92
CA VAL A 94 8.04 6.31 -10.95
C VAL A 94 8.56 5.59 -9.70
N ALA A 95 7.83 5.75 -8.60
CA ALA A 95 8.21 5.13 -7.34
C ALA A 95 7.80 3.66 -7.31
N ALA A 96 6.67 3.35 -7.95
CA ALA A 96 6.17 1.98 -8.00
C ALA A 96 6.68 1.25 -9.23
N ARG A 97 7.83 1.69 -9.75
CA ARG A 97 8.42 1.09 -10.93
C ARG A 97 9.06 -0.26 -10.59
N GLY A 98 8.48 -1.34 -11.08
CA GLY A 98 9.00 -2.66 -10.82
C GLY A 98 9.20 -2.92 -9.34
N LEU A 99 8.15 -2.74 -8.56
CA LEU A 99 8.21 -2.95 -7.12
C LEU A 99 7.44 -4.20 -6.71
N ASP A 100 7.78 -4.76 -5.56
CA ASP A 100 7.11 -5.96 -5.07
C ASP A 100 5.71 -5.63 -4.57
N ILE A 101 4.79 -5.45 -5.51
CA ILE A 101 3.41 -5.14 -5.17
C ILE A 101 2.44 -6.07 -5.89
N LYS A 102 2.94 -7.24 -6.29
CA LYS A 102 2.11 -8.23 -6.99
C LYS A 102 0.98 -8.72 -6.09
N SER A 103 1.04 -8.37 -4.81
CA SER A 103 0.03 -8.79 -3.85
C SER A 103 -0.89 -7.63 -3.51
N LEU A 104 -1.16 -6.77 -4.49
CA LEU A 104 -2.03 -5.62 -4.29
C LEU A 104 -3.50 -6.03 -4.36
N GLU A 105 -4.31 -5.47 -3.47
CA GLU A 105 -5.74 -5.77 -3.43
C GLU A 105 -6.52 -4.81 -4.31
N LEU A 106 -6.21 -3.52 -4.21
CA LEU A 106 -6.89 -2.50 -5.00
C LEU A 106 -5.92 -1.38 -5.39
N VAL A 107 -6.14 -0.80 -6.56
CA VAL A 107 -5.30 0.28 -7.04
C VAL A 107 -6.13 1.51 -7.40
N VAL A 108 -5.91 2.60 -6.67
CA VAL A 108 -6.64 3.84 -6.91
C VAL A 108 -5.79 4.84 -7.67
N ASN A 109 -6.17 5.13 -8.91
CA ASN A 109 -5.45 6.07 -9.75
C ASN A 109 -5.96 7.49 -9.55
N PHE A 110 -5.18 8.30 -8.83
CA PHE A 110 -5.56 9.68 -8.57
C PHE A 110 -5.71 10.47 -9.86
N GLU A 111 -5.04 9.99 -10.91
CA GLU A 111 -5.08 10.65 -12.22
C GLU A 111 -4.71 9.68 -13.33
N LEU A 112 -5.55 9.61 -14.35
CA LEU A 112 -5.31 8.72 -15.48
C LEU A 112 -3.86 8.83 -15.96
N ALA A 113 -3.19 7.69 -16.05
CA ALA A 113 -1.80 7.65 -16.49
C ALA A 113 -1.63 8.37 -17.82
N TRP A 114 -0.39 8.52 -18.25
CA TRP A 114 -0.10 9.19 -19.51
C TRP A 114 -0.61 8.39 -20.70
N ASP A 115 -0.27 7.10 -20.73
CA ASP A 115 -0.70 6.23 -21.80
C ASP A 115 -1.68 5.17 -21.28
N PRO A 116 -2.49 4.61 -22.19
CA PRO A 116 -3.49 3.59 -21.85
C PRO A 116 -2.84 2.26 -21.48
N GLU A 117 -1.60 2.06 -21.92
CA GLU A 117 -0.87 0.83 -21.63
C GLU A 117 -0.33 0.84 -20.21
N VAL A 118 0.28 1.95 -19.82
CA VAL A 118 0.85 2.09 -18.48
C VAL A 118 -0.25 2.02 -17.42
N HIS A 119 -1.41 2.56 -17.74
CA HIS A 119 -2.54 2.57 -16.82
C HIS A 119 -2.95 1.14 -16.46
N VAL A 120 -3.19 0.33 -17.49
CA VAL A 120 -3.59 -1.06 -17.29
C VAL A 120 -2.40 -1.91 -16.85
N HIS A 121 -1.21 -1.53 -17.27
CA HIS A 121 0.00 -2.25 -16.92
C HIS A 121 0.30 -2.14 -15.42
N ARG A 122 -0.04 -0.99 -14.85
CA ARG A 122 0.18 -0.76 -13.43
C ARG A 122 -0.62 -1.75 -12.58
N ILE A 123 -1.92 -1.83 -12.83
CA ILE A 123 -2.79 -2.73 -12.10
C ILE A 123 -2.65 -4.17 -12.61
N GLY A 124 -2.35 -4.30 -13.89
CA GLY A 124 -2.19 -5.62 -14.48
C GLY A 124 -1.05 -6.40 -13.87
N ARG A 125 0.01 -5.70 -13.49
CA ARG A 125 1.17 -6.32 -12.89
C ARG A 125 1.01 -6.44 -11.37
N THR A 126 0.26 -5.52 -10.79
CA THR A 126 0.02 -5.51 -9.36
C THR A 126 -0.75 -6.75 -8.93
N ALA A 127 -1.62 -7.24 -9.82
CA ALA A 127 -2.42 -8.42 -9.52
C ALA A 127 -3.19 -8.87 -10.75
N ARG A 128 -2.66 -9.89 -11.44
CA ARG A 128 -3.30 -10.41 -12.64
C ARG A 128 -4.18 -11.61 -12.31
N ALA A 129 -4.81 -11.58 -11.15
CA ALA A 129 -5.68 -12.66 -10.71
C ALA A 129 -7.12 -12.19 -10.56
N GLY A 130 -7.95 -13.02 -9.93
CA GLY A 130 -9.34 -12.67 -9.73
C GLY A 130 -9.58 -11.92 -8.44
N ASN A 131 -9.10 -12.50 -7.34
CA ASN A 131 -9.25 -11.88 -6.02
C ASN A 131 -8.81 -10.42 -6.06
N SER A 132 -7.79 -10.12 -6.86
CA SER A 132 -7.27 -8.77 -6.97
C SER A 132 -7.35 -8.29 -8.42
N GLY A 133 -6.71 -7.15 -8.68
CA GLY A 133 -6.71 -6.59 -10.03
C GLY A 133 -7.76 -5.52 -10.21
N LEU A 134 -8.03 -4.77 -9.15
CA LEU A 134 -9.02 -3.70 -9.19
C LEU A 134 -8.35 -2.34 -9.42
N ALA A 135 -8.80 -1.64 -10.45
CA ALA A 135 -8.25 -0.33 -10.77
C ALA A 135 -9.35 0.73 -10.85
N ILE A 136 -9.30 1.69 -9.93
CA ILE A 136 -10.29 2.76 -9.89
C ILE A 136 -9.66 4.10 -10.23
N SER A 137 -10.17 4.73 -11.29
CA SER A 137 -9.66 6.03 -11.73
C SER A 137 -10.59 7.15 -11.30
N PHE A 138 -10.08 8.07 -10.50
CA PHE A 138 -10.88 9.19 -10.02
C PHE A 138 -10.54 10.46 -10.80
N CYS A 139 -11.57 11.05 -11.43
CA CYS A 139 -11.39 12.26 -12.21
C CYS A 139 -12.69 12.68 -12.87
N ALA A 140 -12.79 13.96 -13.22
CA ALA A 140 -14.00 14.49 -13.85
C ALA A 140 -14.26 13.80 -15.19
N PRO A 141 -15.51 13.91 -15.68
CA PRO A 141 -15.91 13.30 -16.96
C PRO A 141 -15.27 13.97 -18.16
N GLU A 142 -14.58 15.10 -17.90
CA GLU A 142 -13.92 15.84 -18.97
C GLU A 142 -12.87 14.97 -19.66
N GLU A 143 -12.23 14.09 -18.89
CA GLU A 143 -11.21 13.20 -19.43
C GLU A 143 -11.79 11.81 -19.71
N ALA A 144 -13.11 11.74 -19.80
CA ALA A 144 -13.78 10.47 -20.06
C ALA A 144 -13.31 9.86 -21.38
N GLN A 145 -12.98 10.71 -22.35
CA GLN A 145 -12.52 10.26 -23.64
C GLN A 145 -11.34 9.29 -23.49
N ARG A 146 -10.50 9.53 -22.50
CA ARG A 146 -9.34 8.70 -22.24
C ARG A 146 -9.77 7.32 -21.75
N ALA A 147 -10.85 7.28 -20.97
CA ALA A 147 -11.37 6.03 -20.44
C ALA A 147 -12.06 5.20 -21.53
N ASN A 148 -12.67 5.90 -22.48
CA ASN A 148 -13.37 5.24 -23.57
C ASN A 148 -12.40 4.40 -24.41
N ILE A 149 -11.30 5.02 -24.83
CA ILE A 149 -10.30 4.34 -25.64
C ILE A 149 -9.53 3.31 -24.81
N ILE A 150 -9.27 3.66 -23.55
CA ILE A 150 -8.56 2.76 -22.65
C ILE A 150 -9.33 1.46 -22.43
N SER A 151 -10.65 1.57 -22.33
CA SER A 151 -11.50 0.41 -22.12
C SER A 151 -11.72 -0.35 -23.42
N ASP A 152 -11.81 0.41 -24.52
CA ASP A 152 -12.02 -0.19 -25.83
C ASP A 152 -10.87 -1.11 -26.21
N MET A 153 -9.64 -0.61 -26.06
CA MET A 153 -8.45 -1.39 -26.39
C MET A 153 -8.42 -2.69 -25.60
N LEU A 154 -9.02 -2.68 -24.41
CA LEU A 154 -9.07 -3.86 -23.56
C LEU A 154 -10.25 -4.75 -23.92
N GLN A 155 -11.09 -4.27 -24.83
CA GLN A 155 -12.27 -5.02 -25.26
C GLN A 155 -13.25 -5.20 -24.11
N ILE A 156 -13.35 -4.19 -23.26
CA ILE A 156 -14.26 -4.24 -22.12
C ILE A 156 -14.96 -2.90 -21.92
N LYS A 157 -15.99 -2.90 -21.09
CA LYS A 157 -16.75 -1.68 -20.81
C LYS A 157 -16.45 -1.17 -19.40
N LEU A 158 -16.58 0.14 -19.22
CA LEU A 158 -16.32 0.75 -17.92
C LEU A 158 -17.60 0.86 -17.11
N ASN A 159 -17.46 0.87 -15.79
CA ASN A 159 -18.60 0.98 -14.89
C ASN A 159 -18.67 2.36 -14.25
N TRP A 160 -18.93 3.37 -15.06
CA TRP A 160 -19.03 4.74 -14.59
C TRP A 160 -20.09 4.86 -13.49
N GLN A 161 -19.65 5.11 -12.27
CA GLN A 161 -20.55 5.25 -11.14
C GLN A 161 -20.59 6.69 -10.64
N THR A 162 -21.42 6.94 -9.63
CA THR A 162 -21.54 8.27 -9.05
C THR A 162 -20.96 8.33 -7.65
N PRO A 163 -20.38 9.49 -7.28
CA PRO A 163 -19.78 9.69 -5.97
C PRO A 163 -20.82 9.76 -4.86
N PRO A 164 -20.36 9.69 -3.61
CA PRO A 164 -21.23 9.74 -2.43
C PRO A 164 -21.85 11.13 -2.23
N ALA A 165 -22.93 11.18 -1.45
CA ALA A 165 -23.61 12.44 -1.18
C ALA A 165 -23.87 12.61 0.31
N ASN A 166 -22.88 12.26 1.13
CA ASN A 166 -23.00 12.37 2.57
C ASN A 166 -21.64 12.22 3.25
N SER A 167 -21.64 12.25 4.58
CA SER A 167 -20.40 12.12 5.34
C SER A 167 -20.40 10.82 6.16
N SER A 168 -19.99 9.73 5.52
CA SER A 168 -19.94 8.44 6.17
C SER A 168 -18.55 7.80 6.04
N ILE A 169 -17.52 8.60 6.32
CA ILE A 169 -16.15 8.12 6.23
C ILE A 169 -15.78 7.28 7.44
N ALA A 170 -14.92 6.28 7.22
CA ALA A 170 -14.49 5.40 8.30
C ALA A 170 -12.97 5.40 8.42
N THR A 171 -12.47 4.83 9.52
CA THR A 171 -11.03 4.76 9.77
C THR A 171 -10.52 3.34 9.65
N LEU A 172 -9.41 3.17 8.96
CA LEU A 172 -8.81 1.84 8.77
C LEU A 172 -7.62 1.66 9.70
N GLU A 173 -7.72 0.67 10.58
CA GLU A 173 -6.64 0.38 11.53
C GLU A 173 -5.73 -0.71 10.99
N ALA A 174 -4.42 -0.53 11.20
CA ALA A 174 -3.43 -1.50 10.73
C ALA A 174 -3.50 -2.78 11.54
N GLU A 175 -3.23 -3.91 10.89
CA GLU A 175 -3.27 -5.21 11.55
C GLU A 175 -1.87 -5.61 12.01
N MET A 176 -0.85 -5.05 11.38
CA MET A 176 0.54 -5.35 11.73
C MET A 176 1.37 -4.08 11.79
N ALA A 177 2.65 -4.23 12.12
CA ALA A 177 3.56 -3.09 12.21
C ALA A 177 4.99 -3.51 11.91
N THR A 178 5.63 -2.81 10.97
CA THR A 178 7.00 -3.11 10.60
C THR A 178 7.98 -2.43 11.53
N LEU A 179 9.14 -3.06 11.74
CA LEU A 179 10.17 -2.50 12.60
C LEU A 179 11.46 -2.24 11.83
N CYS A 180 11.80 -0.96 11.68
CA CYS A 180 13.00 -0.57 10.96
C CYS A 180 14.24 -0.75 11.84
N ILE A 181 14.99 -1.82 11.60
CA ILE A 181 16.19 -2.10 12.37
C ILE A 181 17.44 -1.60 11.64
N ASP A 182 18.42 -1.14 12.41
CA ASP A 182 19.66 -0.64 11.84
C ASP A 182 20.73 -1.73 11.79
N GLY A 183 20.27 -2.98 11.77
CA GLY A 183 21.20 -4.11 11.73
C GLY A 183 21.70 -4.39 10.33
N GLY A 184 20.78 -4.64 9.42
CA GLY A 184 21.15 -4.92 8.04
C GLY A 184 22.18 -6.04 7.94
N LYS A 185 22.75 -6.20 6.76
CA LYS A 185 23.75 -7.24 6.54
C LYS A 185 24.91 -7.09 7.51
N LYS A 186 25.22 -5.85 7.88
CA LYS A 186 26.31 -5.58 8.80
C LYS A 186 26.09 -6.30 10.13
N ALA A 187 24.82 -6.46 10.49
CA ALA A 187 24.47 -7.14 11.74
C ALA A 187 24.38 -8.66 11.54
N LYS A 188 24.80 -9.11 10.37
CA LYS A 188 24.77 -10.54 10.05
C LYS A 188 23.33 -11.02 9.87
N MET A 189 22.42 -10.08 9.69
CA MET A 189 21.01 -10.42 9.50
C MET A 189 20.84 -11.41 8.36
N ARG A 190 20.41 -12.62 8.70
CA ARG A 190 20.20 -13.68 7.71
C ARG A 190 18.72 -13.97 7.53
N PRO A 191 18.38 -14.64 6.42
CA PRO A 191 16.98 -15.00 6.11
C PRO A 191 16.44 -16.07 7.05
N GLY A 192 16.09 -15.66 8.26
CA GLY A 192 15.55 -16.59 9.23
C GLY A 192 16.06 -16.33 10.63
N ASP A 193 17.25 -15.74 10.73
CA ASP A 193 17.85 -15.43 12.02
C ASP A 193 17.03 -14.37 12.76
N VAL A 194 16.58 -13.36 12.02
CA VAL A 194 15.79 -12.28 12.61
C VAL A 194 14.58 -12.83 13.35
N LEU A 195 13.99 -13.91 12.82
CA LEU A 195 12.83 -14.54 13.44
C LEU A 195 13.16 -15.03 14.84
N GLY A 196 14.35 -15.58 15.01
CA GLY A 196 14.77 -16.09 16.31
C GLY A 196 14.89 -14.98 17.34
N ALA A 197 15.28 -13.79 16.89
CA ALA A 197 15.43 -12.65 17.78
C ALA A 197 14.09 -12.23 18.38
N LEU A 198 13.07 -12.17 17.53
CA LEU A 198 11.74 -11.78 17.97
C LEU A 198 11.03 -12.94 18.67
N THR A 199 11.22 -14.14 18.14
CA THR A 199 10.61 -15.34 18.71
C THR A 199 11.52 -15.98 19.75
N GLY A 200 12.49 -15.22 20.24
CA GLY A 200 13.42 -15.73 21.23
C GLY A 200 13.78 -14.71 22.28
N ASP A 201 14.21 -13.52 21.83
CA ASP A 201 14.58 -12.45 22.75
C ASP A 201 13.35 -11.72 23.26
N ILE A 202 12.39 -11.49 22.36
CA ILE A 202 11.16 -10.80 22.72
C ILE A 202 10.09 -11.78 23.19
N GLY A 203 9.96 -12.90 22.49
CA GLY A 203 8.99 -13.90 22.86
C GLY A 203 7.73 -13.82 22.01
N LEU A 204 7.89 -13.42 20.76
CA LEU A 204 6.75 -13.30 19.84
C LEU A 204 6.50 -14.62 19.11
N ASP A 205 5.25 -14.84 18.72
CA ASP A 205 4.87 -16.06 18.01
C ASP A 205 4.74 -15.79 16.51
N GLY A 206 4.96 -16.83 15.71
CA GLY A 206 4.86 -16.68 14.27
C GLY A 206 3.51 -16.16 13.82
N ALA A 207 2.50 -16.33 14.69
CA ALA A 207 1.15 -15.87 14.38
C ALA A 207 1.10 -14.34 14.29
N ASP A 208 1.95 -13.69 15.08
CA ASP A 208 2.01 -12.23 15.10
C ASP A 208 3.13 -11.71 14.20
N ILE A 209 4.16 -12.54 14.02
CA ILE A 209 5.29 -12.17 13.18
C ILE A 209 4.90 -12.14 11.71
N GLY A 210 5.38 -11.13 11.00
CA GLY A 210 5.07 -11.00 9.58
C GLY A 210 6.31 -11.14 8.71
N LYS A 211 6.24 -10.58 7.50
CA LYS A 211 7.36 -10.65 6.57
C LYS A 211 8.54 -9.85 7.08
N ILE A 212 9.73 -10.13 6.53
CA ILE A 212 10.94 -9.43 6.94
C ILE A 212 11.78 -9.04 5.72
N ALA A 213 12.10 -7.74 5.63
CA ALA A 213 12.88 -7.23 4.51
C ALA A 213 14.31 -6.93 4.96
N VAL A 214 15.24 -7.81 4.59
CA VAL A 214 16.64 -7.64 4.95
C VAL A 214 17.40 -6.86 3.87
N HIS A 215 18.34 -6.04 4.31
CA HIS A 215 19.14 -5.25 3.37
C HIS A 215 20.51 -4.93 3.96
N PRO A 216 21.46 -4.57 3.08
CA PRO A 216 22.82 -4.24 3.50
C PRO A 216 22.90 -2.92 4.27
N ALA A 217 21.78 -2.21 4.31
CA ALA A 217 21.72 -0.94 5.02
C ALA A 217 20.92 -1.05 6.30
N HIS A 218 19.82 -1.81 6.24
CA HIS A 218 18.97 -2.01 7.41
C HIS A 218 17.91 -3.07 7.13
N VAL A 219 17.56 -3.83 8.17
CA VAL A 219 16.56 -4.89 8.03
C VAL A 219 15.24 -4.47 8.66
N TYR A 220 14.14 -4.97 8.10
CA TYR A 220 12.81 -4.65 8.61
C TYR A 220 12.05 -5.91 8.97
N VAL A 221 11.48 -5.94 10.17
CA VAL A 221 10.70 -7.08 10.64
C VAL A 221 9.30 -6.67 11.03
N ALA A 222 8.31 -7.35 10.47
CA ALA A 222 6.91 -7.06 10.77
C ALA A 222 6.46 -7.75 12.06
N VAL A 223 5.51 -7.15 12.74
CA VAL A 223 4.99 -7.69 13.99
C VAL A 223 3.57 -7.22 14.26
N ARG A 224 2.72 -8.13 14.71
CA ARG A 224 1.33 -7.80 15.01
C ARG A 224 1.25 -6.73 16.09
N GLN A 225 0.24 -5.87 15.99
CA GLN A 225 0.04 -4.80 16.95
C GLN A 225 0.10 -5.33 18.38
N ALA A 226 -0.33 -6.57 18.56
CA ALA A 226 -0.33 -7.20 19.88
C ALA A 226 1.07 -7.15 20.50
N VAL A 227 2.09 -7.26 19.66
CA VAL A 227 3.47 -7.22 20.14
C VAL A 227 4.30 -6.23 19.33
N ALA A 228 3.62 -5.30 18.66
CA ALA A 228 4.30 -4.29 17.86
C ALA A 228 5.04 -3.29 18.74
N HIS A 229 4.31 -2.67 19.66
CA HIS A 229 4.91 -1.69 20.57
C HIS A 229 5.85 -2.37 21.55
N LYS A 230 5.50 -3.58 21.96
CA LYS A 230 6.32 -4.34 22.91
C LYS A 230 7.63 -4.78 22.26
N ALA A 231 7.55 -5.21 21.00
CA ALA A 231 8.73 -5.66 20.27
C ALA A 231 9.80 -4.58 20.24
N TRP A 232 9.42 -3.38 19.82
CA TRP A 232 10.35 -2.27 19.74
C TRP A 232 10.70 -1.76 21.14
N LYS A 233 9.68 -1.41 21.91
CA LYS A 233 9.88 -0.91 23.27
C LYS A 233 10.84 -1.81 24.04
N GLN A 234 10.79 -3.11 23.76
CA GLN A 234 11.66 -4.07 24.43
C GLN A 234 12.98 -4.22 23.68
N LEU A 235 12.93 -4.09 22.36
CA LEU A 235 14.11 -4.21 21.52
C LEU A 235 15.22 -3.27 22.01
N GLN A 236 14.85 -2.03 22.29
CA GLN A 236 15.81 -1.03 22.76
C GLN A 236 16.53 -1.53 24.00
N GLY A 237 15.89 -2.44 24.73
CA GLY A 237 16.50 -2.97 25.94
C GLY A 237 17.09 -4.35 25.73
N GLY A 238 17.01 -4.85 24.50
CA GLY A 238 17.55 -6.15 24.18
C GLY A 238 18.51 -6.12 23.01
N LYS A 239 18.50 -7.19 22.21
CA LYS A 239 19.38 -7.27 21.06
C LYS A 239 19.00 -8.46 20.17
N ILE A 240 19.46 -8.45 18.93
CA ILE A 240 19.17 -9.52 17.99
C ILE A 240 20.40 -10.40 17.78
N LYS A 241 20.35 -11.61 18.32
CA LYS A 241 21.45 -12.56 18.18
C LYS A 241 22.70 -12.04 18.87
N GLY A 242 22.51 -11.33 19.99
CA GLY A 242 23.63 -10.78 20.72
C GLY A 242 24.19 -9.52 20.09
N LYS A 243 23.37 -8.85 19.29
CA LYS A 243 23.79 -7.63 18.62
C LYS A 243 22.78 -6.51 18.86
N THR A 244 23.24 -5.42 19.48
CA THR A 244 22.37 -4.28 19.76
C THR A 244 22.12 -3.46 18.49
N CYS A 245 20.85 -3.27 18.17
CA CYS A 245 20.46 -2.51 16.99
C CYS A 245 19.23 -1.65 17.27
N ARG A 246 19.22 -0.44 16.73
CA ARG A 246 18.10 0.47 16.92
C ARG A 246 16.91 0.06 16.08
N VAL A 247 15.71 0.14 16.66
CA VAL A 247 14.49 -0.24 15.96
C VAL A 247 13.48 0.90 15.97
N ARG A 248 12.57 0.90 15.00
CA ARG A 248 11.55 1.93 14.90
C ARG A 248 10.26 1.37 14.31
N LEU A 249 9.21 1.31 15.13
CA LEU A 249 7.92 0.79 14.68
C LEU A 249 7.26 1.76 13.70
N LEU A 250 7.01 1.27 12.49
CA LEU A 250 6.38 2.08 11.46
C LEU A 250 4.88 2.22 11.70
N LYS A 251 4.47 3.39 12.17
CA LYS A 251 3.07 3.66 12.46
C LYS A 251 2.19 3.30 11.26
N GLY A 1 -34.06 -7.63 -24.57
CA GLY A 1 -32.71 -7.67 -25.11
C GLY A 1 -31.66 -7.63 -24.03
N GLY A 2 -30.39 -7.72 -24.43
CA GLY A 2 -29.30 -7.70 -23.48
C GLY A 2 -28.08 -8.44 -23.98
N SER A 3 -27.03 -8.50 -23.14
CA SER A 3 -25.79 -9.17 -23.51
C SER A 3 -25.13 -9.77 -22.29
N THR A 4 -24.39 -10.86 -22.49
CA THR A 4 -23.69 -11.54 -21.40
C THR A 4 -22.57 -12.43 -21.93
N ASP A 5 -21.43 -12.40 -21.25
CA ASP A 5 -20.29 -13.20 -21.65
C ASP A 5 -19.25 -13.26 -20.53
N ALA A 6 -18.20 -14.05 -20.74
CA ALA A 6 -17.14 -14.20 -19.75
C ALA A 6 -16.18 -13.02 -19.79
N LEU A 7 -16.12 -12.27 -18.70
CA LEU A 7 -15.24 -11.11 -18.60
C LEU A 7 -13.91 -11.49 -17.98
N PRO A 8 -12.88 -10.65 -18.23
CA PRO A 8 -11.53 -10.87 -17.69
C PRO A 8 -11.47 -10.66 -16.19
N PRO A 9 -10.36 -11.12 -15.57
CA PRO A 9 -10.15 -10.99 -14.13
C PRO A 9 -9.91 -9.54 -13.70
N ILE A 10 -9.00 -8.87 -14.39
CA ILE A 10 -8.69 -7.48 -14.08
C ILE A 10 -9.93 -6.61 -14.16
N GLU A 11 -10.20 -5.88 -13.07
CA GLU A 11 -11.37 -5.00 -13.02
C GLU A 11 -10.95 -3.54 -13.23
N GLN A 12 -11.71 -2.82 -14.05
CA GLN A 12 -11.43 -1.42 -14.32
C GLN A 12 -12.62 -0.54 -13.95
N GLN A 13 -12.41 0.34 -12.97
CA GLN A 13 -13.46 1.24 -12.51
C GLN A 13 -13.01 2.69 -12.60
N PHE A 14 -13.95 3.57 -12.90
CA PHE A 14 -13.65 5.00 -13.01
C PHE A 14 -14.75 5.85 -12.37
N TYR A 15 -14.35 6.81 -11.56
CA TYR A 15 -15.30 7.69 -10.88
C TYR A 15 -15.10 9.15 -11.30
N GLU A 16 -16.18 9.91 -11.33
CA GLU A 16 -16.11 11.31 -11.71
C GLU A 16 -16.18 12.20 -10.47
N THR A 17 -15.05 12.79 -10.11
CA THR A 17 -14.97 13.66 -8.96
C THR A 17 -13.93 14.76 -9.16
N SER A 18 -13.94 15.76 -8.28
CA SER A 18 -13.00 16.87 -8.37
C SER A 18 -11.83 16.66 -7.41
N SER A 19 -10.93 17.65 -7.38
CA SER A 19 -9.76 17.57 -6.51
C SER A 19 -10.17 17.55 -5.04
N LYS A 20 -11.34 18.10 -4.76
CA LYS A 20 -11.85 18.16 -3.39
C LYS A 20 -12.77 16.97 -3.12
N GLY A 21 -13.30 16.37 -4.18
CA GLY A 21 -14.19 15.24 -4.03
C GLY A 21 -13.44 13.92 -4.05
N LYS A 22 -12.19 13.95 -4.51
CA LYS A 22 -11.37 12.74 -4.58
C LYS A 22 -10.99 12.26 -3.19
N ILE A 23 -10.69 13.21 -2.30
CA ILE A 23 -10.30 12.88 -0.94
C ILE A 23 -11.37 12.02 -0.26
N PRO A 24 -12.61 12.55 -0.22
CA PRO A 24 -13.75 11.84 0.39
C PRO A 24 -14.17 10.62 -0.40
N LEU A 25 -13.99 10.69 -1.72
CA LEU A 25 -14.36 9.59 -2.60
C LEU A 25 -13.48 8.36 -2.34
N LEU A 26 -12.18 8.55 -2.39
CA LEU A 26 -11.23 7.47 -2.15
C LEU A 26 -11.38 6.91 -0.74
N GLN A 27 -11.45 7.81 0.24
CA GLN A 27 -11.59 7.40 1.64
C GLN A 27 -12.87 6.58 1.83
N ARG A 28 -13.97 7.08 1.29
CA ARG A 28 -15.26 6.39 1.41
C ARG A 28 -15.19 5.01 0.77
N LEU A 29 -14.52 4.92 -0.37
CA LEU A 29 -14.38 3.66 -1.08
C LEU A 29 -13.54 2.67 -0.29
N LEU A 30 -12.56 3.18 0.45
CA LEU A 30 -11.69 2.34 1.26
C LEU A 30 -12.38 1.92 2.55
N SER A 31 -13.31 2.75 3.02
CA SER A 31 -14.04 2.46 4.24
C SER A 31 -15.13 1.41 3.99
N LEU A 32 -15.81 1.54 2.85
CA LEU A 32 -16.87 0.60 2.50
C LEU A 32 -16.28 -0.71 2.00
N HIS A 33 -15.19 -0.63 1.26
CA HIS A 33 -14.53 -1.81 0.72
C HIS A 33 -13.61 -2.45 1.77
N GLN A 34 -12.90 -1.60 2.50
CA GLN A 34 -11.99 -2.07 3.54
C GLN A 34 -11.04 -3.13 2.98
N PRO A 35 -10.27 -2.76 1.95
CA PRO A 35 -9.31 -3.67 1.30
C PRO A 35 -8.12 -3.99 2.20
N SER A 36 -7.41 -5.06 1.87
CA SER A 36 -6.25 -5.47 2.66
C SER A 36 -5.02 -4.65 2.28
N SER A 37 -4.95 -4.24 1.02
CA SER A 37 -3.83 -3.45 0.54
C SER A 37 -4.24 -2.59 -0.65
N CYS A 38 -4.20 -1.27 -0.46
CA CYS A 38 -4.57 -0.34 -1.52
C CYS A 38 -3.41 0.60 -1.85
N VAL A 39 -3.06 0.67 -3.14
CA VAL A 39 -1.97 1.53 -3.58
C VAL A 39 -2.48 2.66 -4.47
N VAL A 40 -2.30 3.89 -4.01
CA VAL A 40 -2.74 5.06 -4.76
C VAL A 40 -1.59 5.69 -5.54
N PHE A 41 -1.77 5.81 -6.85
CA PHE A 41 -0.74 6.38 -7.70
C PHE A 41 -1.04 7.85 -7.99
N CYS A 42 -0.07 8.71 -7.71
CA CYS A 42 -0.23 10.15 -7.93
C CYS A 42 0.71 10.63 -9.03
N ASN A 43 0.61 11.91 -9.38
CA ASN A 43 1.45 12.49 -10.42
C ASN A 43 2.59 13.29 -9.81
N THR A 44 2.34 13.89 -8.66
CA THR A 44 3.36 14.69 -7.97
C THR A 44 3.21 14.57 -6.46
N LYS A 45 4.26 14.92 -5.74
CA LYS A 45 4.26 14.86 -4.28
C LYS A 45 3.04 15.59 -3.71
N LYS A 46 2.66 16.69 -4.35
CA LYS A 46 1.52 17.47 -3.92
C LYS A 46 0.27 16.60 -3.81
N ASP A 47 -0.03 15.85 -4.86
CA ASP A 47 -1.19 14.98 -4.88
C ASP A 47 -1.10 13.94 -3.77
N CYS A 48 0.04 13.25 -3.71
CA CYS A 48 0.26 12.22 -2.70
C CYS A 48 0.08 12.80 -1.30
N GLN A 49 0.67 13.96 -1.05
CA GLN A 49 0.58 14.61 0.24
C GLN A 49 -0.88 14.85 0.62
N ALA A 50 -1.66 15.36 -0.32
CA ALA A 50 -3.07 15.65 -0.09
C ALA A 50 -3.81 14.39 0.33
N VAL A 51 -3.63 13.31 -0.43
CA VAL A 51 -4.29 12.05 -0.14
C VAL A 51 -3.96 11.57 1.27
N CYS A 52 -2.68 11.47 1.59
CA CYS A 52 -2.24 11.03 2.91
C CYS A 52 -2.72 12.00 3.99
N ASP A 53 -2.72 13.29 3.66
CA ASP A 53 -3.15 14.31 4.60
C ASP A 53 -4.58 14.05 5.08
N ALA A 54 -5.49 13.84 4.13
CA ALA A 54 -6.89 13.58 4.46
C ALA A 54 -7.03 12.28 5.24
N LEU A 55 -6.35 11.23 4.78
CA LEU A 55 -6.39 9.93 5.44
C LEU A 55 -6.01 10.06 6.90
N ASN A 56 -4.85 10.66 7.16
CA ASN A 56 -4.37 10.83 8.52
C ASN A 56 -5.34 11.67 9.35
N GLU A 57 -6.10 12.52 8.66
CA GLU A 57 -7.08 13.38 9.33
C GLU A 57 -8.25 12.56 9.87
N VAL A 58 -8.63 11.53 9.13
CA VAL A 58 -9.73 10.66 9.52
C VAL A 58 -9.25 9.50 10.37
N GLY A 59 -7.92 9.35 10.45
CA GLY A 59 -7.35 8.27 11.24
C GLY A 59 -6.98 7.07 10.39
N GLN A 60 -6.95 7.26 9.08
CA GLN A 60 -6.62 6.18 8.15
C GLN A 60 -5.10 6.03 8.01
N SER A 61 -4.61 4.81 8.15
CA SER A 61 -3.18 4.54 8.03
C SER A 61 -2.75 4.54 6.58
N ALA A 62 -1.83 5.44 6.24
CA ALA A 62 -1.33 5.55 4.88
C ALA A 62 0.16 5.91 4.86
N LEU A 63 0.79 5.75 3.71
CA LEU A 63 2.21 6.06 3.56
C LEU A 63 2.49 6.70 2.22
N SER A 64 3.65 7.35 2.10
CA SER A 64 4.04 8.01 0.86
C SER A 64 5.33 7.41 0.31
N LEU A 65 5.38 7.20 -1.00
CA LEU A 65 6.54 6.63 -1.65
C LEU A 65 6.80 7.30 -3.00
N HIS A 66 7.93 7.98 -3.11
CA HIS A 66 8.29 8.66 -4.36
C HIS A 66 9.58 8.08 -4.94
N GLY A 67 9.95 8.55 -6.13
CA GLY A 67 11.15 8.07 -6.77
C GLY A 67 12.40 8.78 -6.29
N ASP A 68 12.26 10.05 -5.95
CA ASP A 68 13.38 10.85 -5.46
C ASP A 68 13.47 10.80 -3.94
N LEU A 69 12.90 9.77 -3.35
CA LEU A 69 12.90 9.61 -1.90
C LEU A 69 14.19 8.96 -1.43
N GLU A 70 14.43 8.99 -0.12
CA GLU A 70 15.63 8.41 0.47
C GLU A 70 15.51 6.89 0.55
N GLN A 71 16.62 6.19 0.34
CA GLN A 71 16.63 4.73 0.39
C GLN A 71 15.99 4.24 1.68
N ARG A 72 16.43 4.79 2.81
CA ARG A 72 15.90 4.38 4.11
C ARG A 72 14.38 4.48 4.12
N ASP A 73 13.86 5.61 3.67
CA ASP A 73 12.42 5.84 3.63
C ASP A 73 11.75 4.85 2.69
N ARG A 74 12.32 4.71 1.50
CA ARG A 74 11.76 3.79 0.49
C ARG A 74 11.58 2.39 1.08
N ASP A 75 12.52 1.97 1.89
CA ASP A 75 12.45 0.65 2.51
C ASP A 75 11.36 0.60 3.58
N GLN A 76 11.42 1.55 4.52
CA GLN A 76 10.44 1.61 5.59
C GLN A 76 9.03 1.73 5.03
N THR A 77 8.90 2.42 3.90
CA THR A 77 7.60 2.62 3.26
C THR A 77 7.11 1.32 2.63
N LEU A 78 7.95 0.73 1.78
CA LEU A 78 7.60 -0.51 1.10
C LEU A 78 7.26 -1.61 2.11
N VAL A 79 8.07 -1.73 3.15
CA VAL A 79 7.85 -2.72 4.18
C VAL A 79 6.58 -2.43 4.97
N ARG A 80 6.27 -1.15 5.13
CA ARG A 80 5.09 -0.73 5.86
C ARG A 80 3.82 -1.24 5.18
N PHE A 81 3.75 -1.06 3.87
CA PHE A 81 2.58 -1.50 3.11
C PHE A 81 2.68 -3.00 2.79
N ALA A 82 3.89 -3.47 2.53
CA ALA A 82 4.12 -4.88 2.22
C ALA A 82 3.82 -5.76 3.43
N ASN A 83 4.22 -5.29 4.61
CA ASN A 83 3.99 -6.05 5.84
C ASN A 83 2.58 -5.81 6.36
N GLY A 84 1.77 -5.12 5.58
CA GLY A 84 0.40 -4.85 5.98
C GLY A 84 0.32 -3.84 7.11
N SER A 85 1.45 -3.21 7.44
CA SER A 85 1.50 -2.23 8.51
C SER A 85 0.61 -1.03 8.19
N ALA A 86 0.23 -0.91 6.93
CA ALA A 86 -0.63 0.19 6.50
C ALA A 86 -1.84 -0.32 5.71
N ARG A 87 -2.64 0.60 5.19
CA ARG A 87 -3.82 0.24 4.43
C ARG A 87 -3.79 0.89 3.05
N VAL A 88 -3.35 2.14 2.99
CA VAL A 88 -3.26 2.87 1.74
C VAL A 88 -1.87 3.41 1.50
N LEU A 89 -1.24 2.98 0.41
CA LEU A 89 0.11 3.42 0.07
C LEU A 89 0.09 4.36 -1.12
N VAL A 90 0.27 5.65 -0.87
CA VAL A 90 0.28 6.65 -1.92
C VAL A 90 1.68 6.85 -2.48
N ALA A 91 1.94 6.25 -3.64
CA ALA A 91 3.24 6.36 -4.29
C ALA A 91 3.10 6.81 -5.74
N THR A 92 4.22 6.89 -6.44
CA THR A 92 4.22 7.32 -7.84
C THR A 92 4.59 6.16 -8.76
N ASP A 93 4.10 6.22 -10.00
CA ASP A 93 4.39 5.18 -10.98
C ASP A 93 5.88 4.93 -11.09
N VAL A 94 6.68 5.98 -10.91
CA VAL A 94 8.13 5.86 -10.99
C VAL A 94 8.69 5.23 -9.72
N ALA A 95 8.00 5.44 -8.60
CA ALA A 95 8.43 4.89 -7.32
C ALA A 95 8.02 3.43 -7.18
N ALA A 96 6.81 3.11 -7.64
CA ALA A 96 6.30 1.75 -7.57
C ALA A 96 6.62 0.97 -8.85
N ARG A 97 7.67 1.40 -9.54
CA ARG A 97 8.09 0.75 -10.77
C ARG A 97 8.62 -0.66 -10.49
N GLY A 98 7.87 -1.67 -10.92
CA GLY A 98 8.27 -3.04 -10.70
C GLY A 98 8.64 -3.32 -9.26
N LEU A 99 7.99 -2.62 -8.33
CA LEU A 99 8.25 -2.79 -6.91
C LEU A 99 7.82 -4.18 -6.45
N ASP A 100 8.00 -4.44 -5.16
CA ASP A 100 7.64 -5.74 -4.59
C ASP A 100 6.14 -5.82 -4.35
N ILE A 101 5.38 -6.04 -5.43
CA ILE A 101 3.94 -6.15 -5.33
C ILE A 101 3.38 -7.02 -6.46
N LYS A 102 3.04 -8.26 -6.12
CA LYS A 102 2.49 -9.20 -7.09
C LYS A 102 1.19 -9.80 -6.58
N SER A 103 0.41 -9.00 -5.86
CA SER A 103 -0.87 -9.46 -5.33
C SER A 103 -1.62 -8.31 -4.67
N LEU A 104 -1.50 -7.13 -5.24
CA LEU A 104 -2.17 -5.94 -4.72
C LEU A 104 -3.68 -6.17 -4.61
N GLU A 105 -4.28 -5.63 -3.57
CA GLU A 105 -5.71 -5.78 -3.35
C GLU A 105 -6.50 -4.82 -4.26
N LEU A 106 -6.08 -3.57 -4.28
CA LEU A 106 -6.74 -2.55 -5.11
C LEU A 106 -5.76 -1.44 -5.48
N VAL A 107 -5.89 -0.95 -6.71
CA VAL A 107 -5.02 0.12 -7.20
C VAL A 107 -5.83 1.37 -7.54
N VAL A 108 -5.53 2.46 -6.84
CA VAL A 108 -6.23 3.72 -7.06
C VAL A 108 -5.39 4.68 -7.89
N ASN A 109 -5.96 5.21 -8.96
CA ASN A 109 -5.26 6.14 -9.84
C ASN A 109 -5.81 7.56 -9.68
N PHE A 110 -5.00 8.44 -9.13
CA PHE A 110 -5.41 9.83 -8.93
C PHE A 110 -5.72 10.50 -10.27
N GLU A 111 -5.11 9.99 -11.33
CA GLU A 111 -5.33 10.55 -12.67
C GLU A 111 -4.82 9.59 -13.74
N LEU A 112 -5.63 9.38 -14.77
CA LEU A 112 -5.26 8.49 -15.86
C LEU A 112 -3.81 8.70 -16.28
N ALA A 113 -3.06 7.61 -16.39
CA ALA A 113 -1.66 7.68 -16.78
C ALA A 113 -1.50 8.41 -18.12
N TRP A 114 -0.26 8.54 -18.58
CA TRP A 114 0.02 9.22 -19.83
C TRP A 114 -0.55 8.44 -21.02
N ASP A 115 -0.17 7.18 -21.12
CA ASP A 115 -0.64 6.32 -22.20
C ASP A 115 -1.65 5.31 -21.69
N PRO A 116 -2.49 4.78 -22.61
CA PRO A 116 -3.52 3.79 -22.27
C PRO A 116 -2.93 2.44 -21.88
N GLU A 117 -1.69 2.21 -22.30
CA GLU A 117 -1.01 0.95 -22.00
C GLU A 117 -0.50 0.94 -20.55
N VAL A 118 0.22 1.99 -20.18
CA VAL A 118 0.76 2.11 -18.83
C VAL A 118 -0.35 2.04 -17.79
N HIS A 119 -1.50 2.61 -18.13
CA HIS A 119 -2.65 2.63 -17.21
C HIS A 119 -3.06 1.21 -16.84
N VAL A 120 -3.28 0.38 -17.85
CA VAL A 120 -3.68 -1.01 -17.62
C VAL A 120 -2.50 -1.84 -17.14
N HIS A 121 -1.31 -1.49 -17.59
CA HIS A 121 -0.10 -2.20 -17.21
C HIS A 121 0.22 -1.97 -15.73
N ARG A 122 -0.15 -0.81 -15.22
CA ARG A 122 0.10 -0.46 -13.83
C ARG A 122 -0.74 -1.34 -12.89
N ILE A 123 -2.03 -1.43 -13.18
CA ILE A 123 -2.94 -2.23 -12.36
C ILE A 123 -2.83 -3.72 -12.72
N GLY A 124 -2.50 -3.99 -13.98
CA GLY A 124 -2.38 -5.37 -14.42
C GLY A 124 -1.12 -6.03 -13.88
N ARG A 125 0.00 -5.32 -13.94
CA ARG A 125 1.27 -5.85 -13.46
C ARG A 125 1.19 -6.19 -11.98
N THR A 126 0.37 -5.44 -11.25
CA THR A 126 0.20 -5.66 -9.82
C THR A 126 -0.63 -6.91 -9.55
N ALA A 127 -1.53 -7.24 -10.47
CA ALA A 127 -2.38 -8.41 -10.33
C ALA A 127 -3.22 -8.63 -11.58
N ARG A 128 -3.67 -9.87 -11.78
CA ARG A 128 -4.48 -10.20 -12.94
C ARG A 128 -5.43 -11.36 -12.62
N ALA A 129 -6.11 -11.26 -11.48
CA ALA A 129 -7.05 -12.30 -11.06
C ALA A 129 -8.39 -11.70 -10.64
N GLY A 130 -9.23 -12.51 -10.02
CA GLY A 130 -10.53 -12.04 -9.57
C GLY A 130 -10.43 -11.11 -8.38
N ASN A 131 -10.06 -11.68 -7.23
CA ASN A 131 -9.93 -10.90 -6.00
C ASN A 131 -9.07 -9.67 -6.23
N SER A 132 -7.83 -9.88 -6.67
CA SER A 132 -6.91 -8.78 -6.92
C SER A 132 -7.05 -8.28 -8.35
N GLY A 133 -6.25 -7.28 -8.71
CA GLY A 133 -6.30 -6.71 -10.04
C GLY A 133 -7.40 -5.68 -10.19
N LEU A 134 -7.70 -4.97 -9.11
CA LEU A 134 -8.74 -3.95 -9.13
C LEU A 134 -8.15 -2.58 -9.43
N ALA A 135 -8.73 -1.88 -10.40
CA ALA A 135 -8.27 -0.55 -10.79
C ALA A 135 -9.37 0.48 -10.62
N ILE A 136 -9.06 1.56 -9.92
CA ILE A 136 -10.03 2.63 -9.69
C ILE A 136 -9.39 4.00 -9.88
N SER A 137 -9.79 4.68 -10.96
CA SER A 137 -9.25 6.01 -11.25
C SER A 137 -10.34 7.08 -11.14
N PHE A 138 -10.08 8.07 -10.29
CA PHE A 138 -11.04 9.15 -10.08
C PHE A 138 -10.55 10.44 -10.71
N CYS A 139 -11.45 11.16 -11.37
CA CYS A 139 -11.10 12.42 -12.02
C CYS A 139 -12.31 13.00 -12.74
N ALA A 140 -12.32 14.33 -12.90
CA ALA A 140 -13.42 15.02 -13.57
C ALA A 140 -13.72 14.37 -14.91
N PRO A 141 -14.91 14.66 -15.45
CA PRO A 141 -15.35 14.12 -16.74
C PRO A 141 -14.58 14.72 -17.91
N GLU A 142 -13.79 15.75 -17.62
CA GLU A 142 -13.00 16.41 -18.66
C GLU A 142 -12.03 15.43 -19.32
N GLU A 143 -11.55 14.47 -18.54
CA GLU A 143 -10.62 13.47 -19.05
C GLU A 143 -11.30 12.10 -19.17
N ALA A 144 -12.62 12.11 -19.20
CA ALA A 144 -13.40 10.88 -19.31
C ALA A 144 -13.16 10.22 -20.66
N GLN A 145 -12.97 11.02 -21.70
CA GLN A 145 -12.73 10.50 -23.04
C GLN A 145 -11.57 9.51 -23.03
N ARG A 146 -10.56 9.79 -22.21
CA ARG A 146 -9.40 8.93 -22.12
C ARG A 146 -9.77 7.54 -21.61
N ALA A 147 -10.75 7.50 -20.71
CA ALA A 147 -11.22 6.23 -20.16
C ALA A 147 -12.02 5.44 -21.17
N ASN A 148 -12.71 6.15 -22.06
CA ASN A 148 -13.54 5.52 -23.08
C ASN A 148 -12.66 4.73 -24.06
N ILE A 149 -11.63 5.37 -24.58
CA ILE A 149 -10.72 4.72 -25.52
C ILE A 149 -9.87 3.66 -24.83
N ILE A 150 -9.47 3.95 -23.60
CA ILE A 150 -8.66 3.01 -22.81
C ILE A 150 -9.39 1.69 -22.61
N SER A 151 -10.70 1.77 -22.38
CA SER A 151 -11.51 0.58 -22.16
C SER A 151 -11.84 -0.10 -23.48
N ASP A 152 -12.08 0.69 -24.51
CA ASP A 152 -12.40 0.17 -25.83
C ASP A 152 -11.28 -0.74 -26.34
N MET A 153 -10.05 -0.24 -26.29
CA MET A 153 -8.89 -1.00 -26.74
C MET A 153 -8.79 -2.32 -25.99
N LEU A 154 -9.27 -2.34 -24.76
CA LEU A 154 -9.22 -3.54 -23.93
C LEU A 154 -10.43 -4.43 -24.21
N GLN A 155 -11.31 -3.97 -25.08
CA GLN A 155 -12.51 -4.72 -25.43
C GLN A 155 -13.43 -4.89 -24.22
N ILE A 156 -13.44 -3.88 -23.36
CA ILE A 156 -14.28 -3.91 -22.16
C ILE A 156 -14.86 -2.53 -21.86
N LYS A 157 -15.96 -2.50 -21.13
CA LYS A 157 -16.62 -1.26 -20.77
C LYS A 157 -16.38 -0.92 -19.29
N LEU A 158 -16.18 0.36 -19.01
CA LEU A 158 -15.95 0.81 -17.64
C LEU A 158 -17.26 0.94 -16.87
N ASN A 159 -17.18 0.86 -15.55
CA ASN A 159 -18.36 0.98 -14.71
C ASN A 159 -18.43 2.35 -14.04
N TRP A 160 -18.61 3.38 -14.85
CA TRP A 160 -18.69 4.75 -14.33
C TRP A 160 -19.70 4.84 -13.19
N GLN A 161 -19.20 5.02 -11.98
CA GLN A 161 -20.06 5.13 -10.80
C GLN A 161 -19.90 6.49 -10.14
N THR A 162 -20.98 6.96 -9.51
CA THR A 162 -20.96 8.25 -8.83
C THR A 162 -21.03 8.09 -7.32
N PRO A 163 -20.61 9.13 -6.59
CA PRO A 163 -20.61 9.12 -5.12
C PRO A 163 -22.02 9.17 -4.55
N PRO A 164 -22.18 8.63 -3.32
CA PRO A 164 -23.47 8.59 -2.64
C PRO A 164 -23.93 9.97 -2.19
N ALA A 165 -25.00 10.01 -1.39
CA ALA A 165 -25.52 11.27 -0.89
C ALA A 165 -25.37 11.37 0.61
N ASN A 166 -24.27 10.82 1.13
CA ASN A 166 -24.00 10.85 2.57
C ASN A 166 -22.50 10.86 2.84
N SER A 167 -22.14 10.69 4.10
CA SER A 167 -20.74 10.69 4.50
C SER A 167 -20.42 9.47 5.36
N SER A 168 -19.83 8.45 4.73
CA SER A 168 -19.48 7.22 5.44
C SER A 168 -17.97 7.11 5.61
N ILE A 169 -17.35 8.19 6.07
CA ILE A 169 -15.91 8.22 6.28
C ILE A 169 -15.52 7.38 7.50
N ALA A 170 -14.75 6.33 7.25
CA ALA A 170 -14.30 5.44 8.32
C ALA A 170 -12.78 5.51 8.48
N THR A 171 -12.27 4.84 9.52
CA THR A 171 -10.84 4.83 9.79
C THR A 171 -10.28 3.41 9.74
N LEU A 172 -9.35 3.18 8.82
CA LEU A 172 -8.74 1.86 8.67
C LEU A 172 -7.53 1.71 9.59
N GLU A 173 -7.61 0.77 10.52
CA GLU A 173 -6.53 0.53 11.46
C GLU A 173 -5.60 -0.57 10.96
N ALA A 174 -4.30 -0.36 11.13
CA ALA A 174 -3.31 -1.34 10.68
C ALA A 174 -3.41 -2.63 11.50
N GLU A 175 -3.13 -3.76 10.84
CA GLU A 175 -3.20 -5.05 11.50
C GLU A 175 -1.82 -5.47 12.01
N MET A 176 -0.77 -4.92 11.40
CA MET A 176 0.59 -5.23 11.79
C MET A 176 1.44 -3.97 11.86
N ALA A 177 2.71 -4.14 12.22
CA ALA A 177 3.63 -3.01 12.33
C ALA A 177 5.07 -3.44 12.01
N THR A 178 5.70 -2.73 11.08
CA THR A 178 7.08 -3.04 10.70
C THR A 178 8.07 -2.36 11.63
N LEU A 179 9.22 -3.00 11.83
CA LEU A 179 10.26 -2.46 12.69
C LEU A 179 11.53 -2.18 11.91
N CYS A 180 11.86 -0.90 11.79
CA CYS A 180 13.05 -0.49 11.05
C CYS A 180 14.31 -0.74 11.88
N ILE A 181 15.02 -1.83 11.56
CA ILE A 181 16.23 -2.19 12.27
C ILE A 181 17.47 -1.76 11.48
N ASP A 182 18.50 -1.33 12.20
CA ASP A 182 19.74 -0.90 11.57
C ASP A 182 20.75 -2.05 11.51
N GLY A 183 20.24 -3.28 11.43
CA GLY A 183 21.10 -4.44 11.39
C GLY A 183 21.63 -4.70 9.99
N GLY A 184 20.72 -4.93 9.04
CA GLY A 184 21.12 -5.19 7.68
C GLY A 184 22.21 -6.25 7.58
N LYS A 185 22.82 -6.36 6.41
CA LYS A 185 23.87 -7.34 6.19
C LYS A 185 25.02 -7.12 7.18
N LYS A 186 25.19 -5.89 7.62
CA LYS A 186 26.24 -5.55 8.57
C LYS A 186 26.07 -6.32 9.87
N ALA A 187 24.82 -6.47 10.30
CA ALA A 187 24.53 -7.19 11.53
C ALA A 187 24.74 -8.69 11.36
N LYS A 188 24.93 -9.11 10.12
CA LYS A 188 25.15 -10.52 9.81
C LYS A 188 23.91 -11.35 10.16
N MET A 189 22.74 -10.73 10.07
CA MET A 189 21.48 -11.40 10.37
C MET A 189 20.71 -11.70 9.09
N ARG A 190 20.12 -12.89 9.02
CA ARG A 190 19.36 -13.31 7.85
C ARG A 190 17.88 -12.98 8.03
N PRO A 191 17.13 -13.02 6.93
CA PRO A 191 15.69 -12.73 6.94
C PRO A 191 14.88 -13.82 7.64
N GLY A 192 15.57 -14.89 8.04
CA GLY A 192 14.90 -15.99 8.72
C GLY A 192 15.38 -16.16 10.15
N ASP A 193 16.54 -15.61 10.45
CA ASP A 193 17.12 -15.70 11.79
C ASP A 193 16.53 -14.64 12.71
N VAL A 194 16.17 -13.50 12.13
CA VAL A 194 15.59 -12.40 12.90
C VAL A 194 14.43 -12.89 13.76
N LEU A 195 13.77 -13.95 13.31
CA LEU A 195 12.63 -14.52 14.04
C LEU A 195 13.06 -14.95 15.44
N GLY A 196 14.29 -15.42 15.56
CA GLY A 196 14.79 -15.86 16.86
C GLY A 196 14.94 -14.72 17.84
N ALA A 197 15.27 -13.54 17.33
CA ALA A 197 15.44 -12.37 18.17
C ALA A 197 14.10 -11.86 18.69
N LEU A 198 13.06 -12.02 17.90
CA LEU A 198 11.72 -11.58 18.28
C LEU A 198 11.01 -12.65 19.10
N THR A 199 11.15 -13.90 18.67
CA THR A 199 10.53 -15.02 19.37
C THR A 199 11.45 -15.58 20.44
N GLY A 200 12.46 -14.82 20.81
CA GLY A 200 13.41 -15.26 21.82
C GLY A 200 13.75 -14.15 22.80
N ASP A 201 14.17 -13.01 22.29
CA ASP A 201 14.54 -11.88 23.13
C ASP A 201 13.30 -11.11 23.58
N ILE A 202 12.32 -10.99 22.70
CA ILE A 202 11.09 -10.29 23.00
C ILE A 202 10.01 -11.26 23.49
N GLY A 203 9.87 -12.38 22.80
CA GLY A 203 8.88 -13.37 23.17
C GLY A 203 7.64 -13.31 22.30
N LEU A 204 7.83 -12.97 21.03
CA LEU A 204 6.72 -12.87 20.09
C LEU A 204 6.44 -14.22 19.43
N ASP A 205 5.19 -14.43 19.03
CA ASP A 205 4.80 -15.68 18.39
C ASP A 205 4.67 -15.49 16.88
N GLY A 206 5.06 -16.52 16.12
CA GLY A 206 4.97 -16.44 14.67
C GLY A 206 3.61 -16.00 14.19
N ALA A 207 2.59 -16.28 14.99
CA ALA A 207 1.22 -15.90 14.63
C ALA A 207 1.09 -14.39 14.48
N ASP A 208 1.88 -13.66 15.25
CA ASP A 208 1.85 -12.20 15.20
C ASP A 208 2.97 -11.66 14.31
N ILE A 209 4.06 -12.42 14.21
CA ILE A 209 5.19 -12.03 13.40
C ILE A 209 4.82 -11.98 11.91
N GLY A 210 5.36 -10.99 11.21
CA GLY A 210 5.08 -10.86 9.79
C GLY A 210 6.30 -11.07 8.93
N LYS A 211 6.27 -10.53 7.71
CA LYS A 211 7.39 -10.66 6.79
C LYS A 211 8.60 -9.85 7.27
N ILE A 212 9.76 -10.17 6.74
CA ILE A 212 10.99 -9.48 7.11
C ILE A 212 11.80 -9.07 5.88
N ALA A 213 12.02 -7.78 5.73
CA ALA A 213 12.78 -7.26 4.59
C ALA A 213 14.22 -6.97 4.98
N VAL A 214 15.14 -7.84 4.55
CA VAL A 214 16.56 -7.67 4.85
C VAL A 214 17.28 -6.93 3.74
N HIS A 215 18.25 -6.09 4.10
CA HIS A 215 19.01 -5.33 3.13
C HIS A 215 20.44 -5.09 3.63
N PRO A 216 21.34 -4.75 2.70
CA PRO A 216 22.74 -4.48 3.01
C PRO A 216 22.93 -3.20 3.81
N ALA A 217 21.84 -2.44 3.97
CA ALA A 217 21.89 -1.20 4.71
C ALA A 217 21.14 -1.32 6.04
N HIS A 218 20.06 -2.09 6.04
CA HIS A 218 19.25 -2.29 7.23
C HIS A 218 18.24 -3.41 7.02
N VAL A 219 17.65 -3.89 8.12
CA VAL A 219 16.65 -4.95 8.06
C VAL A 219 15.34 -4.51 8.71
N TYR A 220 14.24 -5.01 8.17
CA TYR A 220 12.92 -4.67 8.70
C TYR A 220 12.14 -5.92 9.08
N VAL A 221 11.54 -5.91 10.27
CA VAL A 221 10.77 -7.05 10.74
C VAL A 221 9.35 -6.63 11.13
N ALA A 222 8.37 -7.30 10.56
CA ALA A 222 6.96 -7.00 10.84
C ALA A 222 6.50 -7.69 12.11
N VAL A 223 5.52 -7.09 12.79
CA VAL A 223 4.99 -7.65 14.03
C VAL A 223 3.57 -7.19 14.27
N ARG A 224 2.71 -8.11 14.68
CA ARG A 224 1.31 -7.79 14.96
C ARG A 224 1.19 -6.73 16.05
N GLN A 225 0.19 -5.86 15.92
CA GLN A 225 -0.02 -4.80 16.90
C GLN A 225 -0.03 -5.36 18.32
N ALA A 226 -0.47 -6.60 18.45
CA ALA A 226 -0.52 -7.25 19.76
C ALA A 226 0.84 -7.24 20.43
N VAL A 227 1.90 -7.31 19.63
CA VAL A 227 3.26 -7.32 20.15
C VAL A 227 4.12 -6.28 19.43
N ALA A 228 3.47 -5.35 18.75
CA ALA A 228 4.17 -4.29 18.02
C ALA A 228 4.84 -3.32 18.98
N HIS A 229 4.05 -2.73 19.87
CA HIS A 229 4.56 -1.79 20.84
C HIS A 229 5.54 -2.46 21.81
N LYS A 230 5.28 -3.73 22.11
CA LYS A 230 6.12 -4.49 23.01
C LYS A 230 7.41 -4.93 22.31
N ALA A 231 7.31 -5.19 21.01
CA ALA A 231 8.47 -5.60 20.24
C ALA A 231 9.62 -4.62 20.38
N TRP A 232 9.34 -3.35 20.09
CA TRP A 232 10.36 -2.30 20.18
C TRP A 232 10.63 -1.94 21.63
N LYS A 233 9.58 -1.65 22.38
CA LYS A 233 9.71 -1.29 23.79
C LYS A 233 10.61 -2.27 24.52
N GLN A 234 10.53 -3.55 24.14
CA GLN A 234 11.34 -4.58 24.76
C GLN A 234 12.72 -4.66 24.11
N LEU A 235 12.75 -4.57 22.78
CA LEU A 235 14.00 -4.63 22.04
C LEU A 235 14.93 -3.49 22.45
N GLN A 236 14.35 -2.39 22.88
CA GLN A 236 15.12 -1.23 23.30
C GLN A 236 16.18 -1.63 24.33
N GLY A 237 15.88 -2.66 25.11
CA GLY A 237 16.81 -3.11 26.13
C GLY A 237 17.41 -4.47 25.78
N GLY A 238 17.33 -4.84 24.52
CA GLY A 238 17.87 -6.12 24.08
C GLY A 238 18.82 -5.98 22.90
N LYS A 239 18.75 -6.94 21.98
CA LYS A 239 19.60 -6.92 20.80
C LYS A 239 19.16 -7.97 19.80
N ILE A 240 19.77 -7.94 18.61
CA ILE A 240 19.44 -8.90 17.56
C ILE A 240 20.49 -9.99 17.45
N LYS A 241 20.16 -11.18 17.94
CA LYS A 241 21.08 -12.31 17.90
C LYS A 241 22.35 -11.99 18.66
N GLY A 242 22.26 -11.10 19.65
CA GLY A 242 23.42 -10.73 20.43
C GLY A 242 24.11 -9.49 19.89
N LYS A 243 23.42 -8.77 19.01
CA LYS A 243 23.98 -7.55 18.43
C LYS A 243 22.99 -6.39 18.54
N THR A 244 23.38 -5.38 19.30
CA THR A 244 22.53 -4.20 19.50
C THR A 244 22.23 -3.52 18.17
N CYS A 245 20.99 -3.11 17.99
CA CYS A 245 20.57 -2.43 16.77
C CYS A 245 19.41 -1.48 17.04
N ARG A 246 19.38 -0.37 16.30
CA ARG A 246 18.33 0.63 16.47
C ARG A 246 17.05 0.18 15.78
N VAL A 247 15.96 0.12 16.54
CA VAL A 247 14.67 -0.28 16.01
C VAL A 247 13.70 0.88 15.95
N ARG A 248 12.69 0.77 15.09
CA ARG A 248 11.69 1.82 14.95
C ARG A 248 10.38 1.26 14.41
N LEU A 249 9.35 1.24 15.26
CA LEU A 249 8.04 0.72 14.86
C LEU A 249 7.32 1.71 13.96
N LEU A 250 7.04 1.29 12.73
CA LEU A 250 6.35 2.14 11.77
C LEU A 250 4.88 2.29 12.14
N LYS A 251 4.52 3.46 12.67
CA LYS A 251 3.14 3.73 13.07
C LYS A 251 2.19 3.43 11.92
N GLY A 1 -15.42 -2.66 -26.91
CA GLY A 1 -15.20 -4.02 -27.37
C GLY A 1 -15.74 -5.06 -26.41
N GLY A 2 -15.74 -6.32 -26.84
CA GLY A 2 -16.23 -7.39 -25.99
C GLY A 2 -16.87 -8.51 -26.79
N SER A 3 -18.19 -8.46 -26.94
CA SER A 3 -18.91 -9.48 -27.68
C SER A 3 -18.56 -10.88 -27.18
N THR A 4 -18.35 -10.99 -25.86
CA THR A 4 -18.00 -12.26 -25.25
C THR A 4 -18.46 -12.32 -23.80
N ASP A 5 -18.71 -13.54 -23.31
CA ASP A 5 -19.15 -13.72 -21.93
C ASP A 5 -18.02 -14.30 -21.08
N ALA A 6 -16.81 -13.84 -21.32
CA ALA A 6 -15.65 -14.31 -20.58
C ALA A 6 -14.61 -13.21 -20.42
N LEU A 7 -14.73 -12.43 -19.35
CA LEU A 7 -13.80 -11.34 -19.09
C LEU A 7 -12.71 -11.77 -18.12
N PRO A 8 -11.58 -11.04 -18.13
CA PRO A 8 -10.44 -11.33 -17.25
C PRO A 8 -10.73 -11.03 -15.79
N PRO A 9 -9.86 -11.50 -14.90
CA PRO A 9 -10.01 -11.28 -13.45
C PRO A 9 -9.79 -9.83 -13.06
N ILE A 10 -8.79 -9.19 -13.67
CA ILE A 10 -8.49 -7.80 -13.38
C ILE A 10 -9.71 -6.91 -13.60
N GLU A 11 -10.11 -6.19 -12.54
CA GLU A 11 -11.26 -5.31 -12.61
C GLU A 11 -10.82 -3.85 -12.74
N GLN A 12 -11.62 -3.06 -13.44
CA GLN A 12 -11.31 -1.64 -13.63
C GLN A 12 -12.58 -0.80 -13.61
N GLN A 13 -12.59 0.22 -12.76
CA GLN A 13 -13.75 1.11 -12.64
C GLN A 13 -13.32 2.56 -12.71
N PHE A 14 -14.29 3.45 -12.90
CA PHE A 14 -14.03 4.88 -12.99
C PHE A 14 -15.12 5.68 -12.29
N TYR A 15 -14.71 6.70 -11.55
CA TYR A 15 -15.65 7.55 -10.83
C TYR A 15 -15.54 9.00 -11.28
N GLU A 16 -16.65 9.73 -11.20
CA GLU A 16 -16.68 11.13 -11.59
C GLU A 16 -16.54 12.05 -10.38
N THR A 17 -15.37 12.66 -10.23
CA THR A 17 -15.12 13.55 -9.11
C THR A 17 -14.14 14.66 -9.50
N SER A 18 -13.97 15.64 -8.63
CA SER A 18 -13.07 16.75 -8.89
C SER A 18 -11.71 16.52 -8.21
N SER A 19 -10.77 17.42 -8.47
CA SER A 19 -9.43 17.31 -7.88
C SER A 19 -9.52 17.17 -6.38
N LYS A 20 -10.49 17.84 -5.77
CA LYS A 20 -10.67 17.79 -4.33
C LYS A 20 -11.68 16.71 -3.94
N GLY A 21 -12.66 16.49 -4.82
CA GLY A 21 -13.66 15.48 -4.55
C GLY A 21 -13.07 14.10 -4.38
N LYS A 22 -11.84 13.92 -4.86
CA LYS A 22 -11.16 12.63 -4.75
C LYS A 22 -10.81 12.31 -3.31
N ILE A 23 -10.57 13.35 -2.52
CA ILE A 23 -10.23 13.17 -1.11
C ILE A 23 -11.32 12.40 -0.37
N PRO A 24 -12.55 12.95 -0.39
CA PRO A 24 -13.70 12.33 0.27
C PRO A 24 -14.15 11.06 -0.44
N LEU A 25 -14.07 11.05 -1.76
CA LEU A 25 -14.46 9.90 -2.55
C LEU A 25 -13.56 8.70 -2.27
N LEU A 26 -12.26 8.94 -2.27
CA LEU A 26 -11.28 7.89 -2.01
C LEU A 26 -11.46 7.32 -0.60
N GLN A 27 -11.49 8.21 0.39
CA GLN A 27 -11.65 7.80 1.77
C GLN A 27 -12.91 6.96 1.96
N ARG A 28 -14.02 7.45 1.41
CA ARG A 28 -15.29 6.74 1.50
C ARG A 28 -15.19 5.35 0.88
N LEU A 29 -14.53 5.27 -0.27
CA LEU A 29 -14.37 4.00 -0.97
C LEU A 29 -13.49 3.04 -0.16
N LEU A 30 -12.54 3.60 0.58
CA LEU A 30 -11.63 2.81 1.39
C LEU A 30 -12.32 2.33 2.66
N SER A 31 -13.29 3.12 3.13
CA SER A 31 -14.03 2.78 4.35
C SER A 31 -15.08 1.71 4.06
N LEU A 32 -15.83 1.90 2.98
CA LEU A 32 -16.87 0.96 2.59
C LEU A 32 -16.26 -0.36 2.13
N HIS A 33 -15.07 -0.28 1.55
CA HIS A 33 -14.38 -1.47 1.06
C HIS A 33 -13.49 -2.07 2.14
N GLN A 34 -12.90 -1.20 2.96
CA GLN A 34 -12.01 -1.64 4.03
C GLN A 34 -10.98 -2.64 3.51
N PRO A 35 -10.22 -2.22 2.50
CA PRO A 35 -9.18 -3.07 1.89
C PRO A 35 -7.99 -3.28 2.82
N SER A 36 -7.26 -4.36 2.60
CA SER A 36 -6.09 -4.68 3.42
C SER A 36 -4.87 -3.89 2.98
N SER A 37 -4.82 -3.58 1.68
CA SER A 37 -3.71 -2.83 1.11
C SER A 37 -4.13 -2.11 -0.16
N CYS A 38 -4.08 -0.79 -0.14
CA CYS A 38 -4.45 0.02 -1.30
C CYS A 38 -3.33 0.98 -1.68
N VAL A 39 -3.08 1.10 -2.98
CA VAL A 39 -2.03 1.99 -3.47
C VAL A 39 -2.62 3.12 -4.31
N VAL A 40 -2.40 4.35 -3.86
CA VAL A 40 -2.91 5.52 -4.57
C VAL A 40 -1.84 6.11 -5.50
N PHE A 41 -2.16 6.19 -6.78
CA PHE A 41 -1.23 6.73 -7.77
C PHE A 41 -1.34 8.24 -7.85
N CYS A 42 -0.25 8.94 -7.57
CA CYS A 42 -0.23 10.40 -7.62
C CYS A 42 0.71 10.89 -8.72
N ASN A 43 0.65 12.20 -8.99
CA ASN A 43 1.48 12.80 -10.02
C ASN A 43 2.69 13.49 -9.40
N THR A 44 2.47 14.16 -8.28
CA THR A 44 3.54 14.87 -7.58
C THR A 44 3.33 14.83 -6.07
N LYS A 45 4.33 15.30 -5.33
CA LYS A 45 4.26 15.34 -3.87
C LYS A 45 2.99 16.06 -3.41
N LYS A 46 2.61 17.10 -4.13
CA LYS A 46 1.42 17.88 -3.81
C LYS A 46 0.20 16.98 -3.70
N ASP A 47 0.02 16.11 -4.69
CA ASP A 47 -1.12 15.19 -4.70
C ASP A 47 -1.02 14.20 -3.55
N CYS A 48 0.13 13.54 -3.43
CA CYS A 48 0.35 12.56 -2.37
C CYS A 48 0.18 13.20 -1.00
N GLN A 49 0.50 14.48 -0.91
CA GLN A 49 0.39 15.21 0.35
C GLN A 49 -1.06 15.44 0.72
N ALA A 50 -1.85 15.92 -0.24
CA ALA A 50 -3.27 16.18 -0.02
C ALA A 50 -3.99 14.91 0.41
N VAL A 51 -3.70 13.80 -0.27
CA VAL A 51 -4.33 12.53 0.04
C VAL A 51 -3.97 12.06 1.45
N CYS A 52 -2.67 12.00 1.72
CA CYS A 52 -2.19 11.56 3.02
C CYS A 52 -2.69 12.49 4.12
N ASP A 53 -2.81 13.78 3.80
CA ASP A 53 -3.28 14.77 4.76
C ASP A 53 -4.73 14.49 5.17
N ALA A 54 -5.60 14.33 4.18
CA ALA A 54 -7.00 14.06 4.43
C ALA A 54 -7.18 12.78 5.25
N LEU A 55 -6.51 11.72 4.82
CA LEU A 55 -6.58 10.44 5.51
C LEU A 55 -6.19 10.59 6.98
N ASN A 56 -5.01 11.14 7.22
CA ASN A 56 -4.53 11.35 8.58
C ASN A 56 -5.51 12.17 9.40
N GLU A 57 -6.31 12.99 8.71
CA GLU A 57 -7.29 13.83 9.38
C GLU A 57 -8.46 13.00 9.91
N VAL A 58 -8.82 11.97 9.15
CA VAL A 58 -9.92 11.08 9.54
C VAL A 58 -9.40 9.89 10.34
N GLY A 59 -8.09 9.74 10.39
CA GLY A 59 -7.49 8.63 11.13
C GLY A 59 -7.14 7.46 10.23
N GLN A 60 -7.05 7.72 8.93
CA GLN A 60 -6.71 6.67 7.97
C GLN A 60 -5.20 6.55 7.80
N SER A 61 -4.67 5.38 8.15
CA SER A 61 -3.24 5.13 8.04
C SER A 61 -2.80 5.11 6.58
N ALA A 62 -1.92 6.04 6.21
CA ALA A 62 -1.42 6.11 4.84
C ALA A 62 0.05 6.53 4.82
N LEU A 63 0.69 6.38 3.67
CA LEU A 63 2.09 6.73 3.51
C LEU A 63 2.38 7.24 2.09
N SER A 64 3.37 8.10 1.97
CA SER A 64 3.73 8.66 0.67
C SER A 64 5.01 8.01 0.14
N LEU A 65 5.08 7.85 -1.17
CA LEU A 65 6.25 7.24 -1.80
C LEU A 65 6.56 7.91 -3.14
N HIS A 66 7.75 8.52 -3.22
CA HIS A 66 8.17 9.21 -4.44
C HIS A 66 9.63 8.91 -4.75
N GLY A 67 9.94 8.81 -6.03
CA GLY A 67 11.31 8.52 -6.44
C GLY A 67 12.29 9.58 -5.97
N ASP A 68 11.76 10.74 -5.59
CA ASP A 68 12.61 11.83 -5.12
C ASP A 68 12.76 11.79 -3.60
N LEU A 69 12.59 10.59 -3.04
CA LEU A 69 12.72 10.42 -1.59
C LEU A 69 14.04 9.75 -1.25
N GLU A 70 14.39 9.76 0.05
CA GLU A 70 15.62 9.15 0.51
C GLU A 70 15.51 7.64 0.56
N GLN A 71 16.61 6.95 0.28
CA GLN A 71 16.63 5.49 0.30
C GLN A 71 15.98 4.95 1.58
N ARG A 72 16.42 5.46 2.71
CA ARG A 72 15.89 5.03 4.01
C ARG A 72 14.36 5.12 4.01
N ASP A 73 13.85 6.27 3.60
CA ASP A 73 12.40 6.50 3.57
C ASP A 73 11.73 5.49 2.66
N ARG A 74 12.29 5.31 1.47
CA ARG A 74 11.74 4.38 0.49
C ARG A 74 11.54 3.00 1.11
N ASP A 75 12.55 2.52 1.84
CA ASP A 75 12.49 1.22 2.48
C ASP A 75 11.38 1.19 3.53
N GLN A 76 11.39 2.16 4.44
CA GLN A 76 10.39 2.24 5.49
C GLN A 76 8.98 2.32 4.90
N THR A 77 8.86 3.03 3.78
CA THR A 77 7.57 3.18 3.12
C THR A 77 7.12 1.87 2.49
N LEU A 78 7.98 1.30 1.66
CA LEU A 78 7.66 0.04 0.99
C LEU A 78 7.30 -1.04 2.00
N VAL A 79 8.11 -1.17 3.04
CA VAL A 79 7.87 -2.17 4.08
C VAL A 79 6.58 -1.85 4.85
N ARG A 80 6.30 -0.57 5.01
CA ARG A 80 5.10 -0.13 5.72
C ARG A 80 3.84 -0.69 5.06
N PHE A 81 3.74 -0.51 3.75
CA PHE A 81 2.59 -0.99 3.00
C PHE A 81 2.71 -2.48 2.71
N ALA A 82 3.90 -2.91 2.32
CA ALA A 82 4.15 -4.31 2.02
C ALA A 82 3.83 -5.20 3.22
N ASN A 83 4.24 -4.75 4.40
CA ASN A 83 4.01 -5.50 5.63
C ASN A 83 2.57 -5.31 6.11
N GLY A 84 1.80 -4.53 5.37
CA GLY A 84 0.42 -4.28 5.74
C GLY A 84 0.29 -3.32 6.90
N SER A 85 1.41 -2.69 7.28
CA SER A 85 1.42 -1.75 8.38
C SER A 85 0.52 -0.56 8.08
N ALA A 86 0.19 -0.38 6.81
CA ALA A 86 -0.68 0.72 6.39
C ALA A 86 -1.89 0.21 5.63
N ARG A 87 -2.76 1.13 5.22
CA ARG A 87 -3.96 0.77 4.47
C ARG A 87 -3.97 1.43 3.10
N VAL A 88 -3.39 2.63 3.02
CA VAL A 88 -3.33 3.37 1.77
C VAL A 88 -1.94 3.95 1.53
N LEU A 89 -1.27 3.48 0.49
CA LEU A 89 0.07 3.94 0.17
C LEU A 89 0.05 4.80 -1.10
N VAL A 90 0.16 6.11 -0.92
CA VAL A 90 0.16 7.03 -2.06
C VAL A 90 1.55 7.14 -2.68
N ALA A 91 1.73 6.45 -3.80
CA ALA A 91 3.01 6.47 -4.51
C ALA A 91 2.84 6.96 -5.94
N THR A 92 3.96 7.36 -6.56
CA THR A 92 3.93 7.85 -7.93
C THR A 92 4.30 6.76 -8.92
N ASP A 93 4.27 7.09 -10.20
CA ASP A 93 4.61 6.14 -11.25
C ASP A 93 6.04 5.67 -11.11
N VAL A 94 6.95 6.60 -10.84
CA VAL A 94 8.37 6.27 -10.68
C VAL A 94 8.63 5.65 -9.32
N ALA A 95 7.84 6.04 -8.33
CA ALA A 95 7.99 5.51 -6.97
C ALA A 95 7.52 4.06 -6.89
N ALA A 96 6.36 3.78 -7.49
CA ALA A 96 5.80 2.44 -7.50
C ALA A 96 6.04 1.75 -8.83
N ARG A 97 7.09 2.15 -9.52
CA ARG A 97 7.42 1.57 -10.82
C ARG A 97 8.04 0.18 -10.65
N GLY A 98 7.27 -0.85 -11.00
CA GLY A 98 7.75 -2.21 -10.87
C GLY A 98 8.42 -2.47 -9.54
N LEU A 99 7.91 -1.83 -8.49
CA LEU A 99 8.46 -2.00 -7.15
C LEU A 99 8.42 -3.46 -6.72
N ASP A 100 8.65 -3.71 -5.44
CA ASP A 100 8.64 -5.07 -4.91
C ASP A 100 7.33 -5.36 -4.20
N ILE A 101 6.26 -5.52 -4.99
CA ILE A 101 4.94 -5.80 -4.43
C ILE A 101 4.06 -6.51 -5.45
N LYS A 102 3.30 -7.51 -4.99
CA LYS A 102 2.42 -8.26 -5.86
C LYS A 102 1.23 -8.82 -5.08
N SER A 103 0.82 -8.09 -4.04
CA SER A 103 -0.29 -8.51 -3.20
C SER A 103 -1.22 -7.33 -2.90
N LEU A 104 -1.30 -6.39 -3.84
CA LEU A 104 -2.14 -5.22 -3.67
C LEU A 104 -3.62 -5.61 -3.61
N GLU A 105 -4.34 -5.00 -2.68
CA GLU A 105 -5.77 -5.28 -2.51
C GLU A 105 -6.60 -4.40 -3.44
N LEU A 106 -6.16 -3.17 -3.65
CA LEU A 106 -6.87 -2.23 -4.50
C LEU A 106 -5.94 -1.13 -4.99
N VAL A 107 -6.07 -0.76 -6.27
CA VAL A 107 -5.24 0.28 -6.86
C VAL A 107 -6.08 1.49 -7.25
N VAL A 108 -5.86 2.61 -6.56
CA VAL A 108 -6.59 3.83 -6.83
C VAL A 108 -5.73 4.82 -7.62
N ASN A 109 -6.27 5.29 -8.74
CA ASN A 109 -5.55 6.25 -9.59
C ASN A 109 -6.13 7.65 -9.43
N PHE A 110 -5.37 8.53 -8.79
CA PHE A 110 -5.81 9.90 -8.58
C PHE A 110 -6.10 10.59 -9.91
N GLU A 111 -5.42 10.14 -10.97
CA GLU A 111 -5.59 10.72 -12.29
C GLU A 111 -5.12 9.76 -13.37
N LEU A 112 -5.77 9.79 -14.53
CA LEU A 112 -5.41 8.92 -15.64
C LEU A 112 -3.90 8.92 -15.86
N ALA A 113 -3.32 7.73 -15.87
CA ALA A 113 -1.88 7.59 -16.07
C ALA A 113 -1.44 8.29 -17.36
N TRP A 114 -0.13 8.27 -17.62
CA TRP A 114 0.42 8.90 -18.81
C TRP A 114 0.01 8.14 -20.07
N ASP A 115 -0.05 6.82 -19.95
CA ASP A 115 -0.44 5.97 -21.09
C ASP A 115 -1.35 4.84 -20.64
N PRO A 116 -2.09 4.26 -21.60
CA PRO A 116 -3.01 3.16 -21.32
C PRO A 116 -2.29 1.87 -20.94
N GLU A 117 -0.99 1.81 -21.21
CA GLU A 117 -0.19 0.64 -20.89
C GLU A 117 0.17 0.61 -19.41
N VAL A 118 0.68 1.72 -18.91
CA VAL A 118 1.06 1.82 -17.50
C VAL A 118 -0.15 1.61 -16.59
N HIS A 119 -1.30 2.10 -17.03
CA HIS A 119 -2.53 1.96 -16.26
C HIS A 119 -2.84 0.49 -15.97
N VAL A 120 -2.91 -0.31 -17.03
CA VAL A 120 -3.19 -1.73 -16.89
C VAL A 120 -1.95 -2.49 -16.40
N HIS A 121 -0.77 -1.99 -16.73
CA HIS A 121 0.47 -2.61 -16.31
C HIS A 121 0.66 -2.49 -14.80
N ARG A 122 0.23 -1.36 -14.24
CA ARG A 122 0.36 -1.12 -12.81
C ARG A 122 -0.46 -2.14 -12.01
N ILE A 123 -1.75 -2.23 -12.33
CA ILE A 123 -2.64 -3.16 -11.64
C ILE A 123 -2.38 -4.59 -12.08
N GLY A 124 -2.00 -4.75 -13.34
CA GLY A 124 -1.72 -6.07 -13.87
C GLY A 124 -0.54 -6.73 -13.20
N ARG A 125 0.44 -5.93 -12.79
CA ARG A 125 1.63 -6.45 -12.12
C ARG A 125 1.41 -6.53 -10.62
N THR A 126 0.59 -5.65 -10.09
CA THR A 126 0.29 -5.62 -8.66
C THR A 126 -0.51 -6.85 -8.24
N ALA A 127 -1.34 -7.34 -9.14
CA ALA A 127 -2.16 -8.52 -8.87
C ALA A 127 -2.60 -9.19 -10.17
N ARG A 128 -3.52 -10.14 -10.04
CA ARG A 128 -4.02 -10.88 -11.20
C ARG A 128 -5.13 -11.85 -10.80
N ALA A 129 -6.17 -11.31 -10.16
CA ALA A 129 -7.30 -12.13 -9.73
C ALA A 129 -8.53 -11.27 -9.49
N GLY A 130 -9.56 -11.86 -8.88
CA GLY A 130 -10.78 -11.13 -8.60
C GLY A 130 -10.65 -10.20 -7.41
N ASN A 131 -10.38 -10.77 -6.25
CA ASN A 131 -10.23 -9.97 -5.03
C ASN A 131 -9.23 -8.83 -5.24
N SER A 132 -8.16 -9.12 -5.98
CA SER A 132 -7.14 -8.13 -6.26
C SER A 132 -7.21 -7.65 -7.71
N GLY A 133 -6.20 -6.91 -8.13
CA GLY A 133 -6.16 -6.40 -9.49
C GLY A 133 -7.26 -5.39 -9.76
N LEU A 134 -7.64 -4.64 -8.73
CA LEU A 134 -8.70 -3.64 -8.86
C LEU A 134 -8.10 -2.27 -9.17
N ALA A 135 -8.58 -1.64 -10.25
CA ALA A 135 -8.10 -0.33 -10.66
C ALA A 135 -9.25 0.65 -10.79
N ILE A 136 -9.30 1.64 -9.90
CA ILE A 136 -10.35 2.65 -9.92
C ILE A 136 -9.77 4.04 -10.08
N SER A 137 -10.11 4.70 -11.18
CA SER A 137 -9.62 6.05 -11.45
C SER A 137 -10.66 7.09 -11.06
N PHE A 138 -10.22 8.09 -10.30
CA PHE A 138 -11.11 9.15 -9.85
C PHE A 138 -10.84 10.45 -10.62
N CYS A 139 -11.83 10.91 -11.36
CA CYS A 139 -11.69 12.14 -12.15
C CYS A 139 -12.96 12.43 -12.93
N ALA A 140 -13.14 13.70 -13.31
CA ALA A 140 -14.33 14.10 -14.07
C ALA A 140 -14.46 13.30 -15.36
N PRO A 141 -15.66 13.31 -15.95
CA PRO A 141 -15.94 12.59 -17.19
C PRO A 141 -15.23 13.21 -18.39
N GLU A 142 -14.60 14.35 -18.17
CA GLU A 142 -13.88 15.06 -19.25
C GLU A 142 -12.75 14.18 -19.80
N GLU A 143 -12.16 13.36 -18.93
CA GLU A 143 -11.08 12.49 -19.34
C GLU A 143 -11.60 11.10 -19.72
N ALA A 144 -12.91 11.03 -19.96
CA ALA A 144 -13.54 9.76 -20.33
C ALA A 144 -12.88 9.16 -21.57
N GLN A 145 -12.43 10.02 -22.47
CA GLN A 145 -11.78 9.57 -23.70
C GLN A 145 -10.63 8.61 -23.39
N ARG A 146 -9.95 8.86 -22.27
CA ARG A 146 -8.83 8.03 -21.87
C ARG A 146 -9.31 6.64 -21.44
N ALA A 147 -10.43 6.60 -20.74
CA ALA A 147 -11.00 5.34 -20.28
C ALA A 147 -11.62 4.56 -21.44
N ASN A 148 -12.13 5.27 -22.43
CA ASN A 148 -12.74 4.65 -23.60
C ASN A 148 -11.73 3.81 -24.36
N ILE A 149 -10.59 4.41 -24.69
CA ILE A 149 -9.53 3.72 -25.42
C ILE A 149 -8.85 2.68 -24.54
N ILE A 150 -8.66 3.02 -23.27
CA ILE A 150 -8.02 2.11 -22.33
C ILE A 150 -8.84 0.83 -22.16
N SER A 151 -10.16 0.97 -22.16
CA SER A 151 -11.05 -0.16 -22.01
C SER A 151 -11.14 -0.97 -23.30
N ASP A 152 -11.15 -0.26 -24.43
CA ASP A 152 -11.24 -0.90 -25.73
C ASP A 152 -10.04 -1.83 -25.95
N MET A 153 -8.84 -1.30 -25.77
CA MET A 153 -7.62 -2.08 -25.95
C MET A 153 -7.61 -3.30 -25.03
N LEU A 154 -8.25 -3.15 -23.86
CA LEU A 154 -8.32 -4.23 -22.89
C LEU A 154 -9.39 -5.24 -23.25
N GLN A 155 -10.28 -4.84 -24.17
CA GLN A 155 -11.36 -5.72 -24.61
C GLN A 155 -12.35 -5.98 -23.48
N ILE A 156 -12.63 -4.94 -22.70
CA ILE A 156 -13.56 -5.05 -21.58
C ILE A 156 -14.42 -3.80 -21.45
N LYS A 157 -15.45 -3.88 -20.63
CA LYS A 157 -16.35 -2.75 -20.41
C LYS A 157 -16.12 -2.13 -19.03
N LEU A 158 -16.07 -0.80 -18.98
CA LEU A 158 -15.86 -0.08 -17.74
C LEU A 158 -17.16 0.07 -16.96
N ASN A 159 -17.08 -0.12 -15.64
CA ASN A 159 -18.26 0.00 -14.79
C ASN A 159 -18.25 1.32 -14.02
N TRP A 160 -18.68 2.38 -14.70
CA TRP A 160 -18.72 3.71 -14.09
C TRP A 160 -19.70 3.73 -12.93
N GLN A 161 -19.32 4.45 -11.87
CA GLN A 161 -20.17 4.55 -10.68
C GLN A 161 -20.49 6.01 -10.37
N THR A 162 -21.63 6.23 -9.71
CA THR A 162 -22.05 7.58 -9.36
C THR A 162 -21.89 7.84 -7.86
N PRO A 163 -21.31 8.99 -7.52
CA PRO A 163 -21.09 9.38 -6.13
C PRO A 163 -22.39 9.70 -5.40
N PRO A 164 -22.75 8.85 -4.43
CA PRO A 164 -23.97 9.02 -3.63
C PRO A 164 -23.88 10.21 -2.69
N ALA A 165 -25.00 10.52 -2.02
CA ALA A 165 -25.05 11.64 -1.09
C ALA A 165 -23.91 11.55 -0.07
N ASN A 166 -23.74 12.61 0.71
CA ASN A 166 -22.70 12.66 1.72
C ASN A 166 -22.74 11.42 2.61
N SER A 167 -21.82 10.50 2.37
CA SER A 167 -21.75 9.26 3.14
C SER A 167 -20.97 9.47 4.44
N SER A 168 -20.73 8.37 5.16
CA SER A 168 -19.98 8.44 6.41
C SER A 168 -18.59 7.84 6.25
N ILE A 169 -17.58 8.69 6.34
CA ILE A 169 -16.19 8.24 6.21
C ILE A 169 -15.75 7.46 7.44
N ALA A 170 -15.01 6.38 7.21
CA ALA A 170 -14.53 5.54 8.29
C ALA A 170 -13.00 5.61 8.40
N THR A 171 -12.47 5.14 9.52
CA THR A 171 -11.03 5.15 9.74
C THR A 171 -10.45 3.75 9.64
N LEU A 172 -9.54 3.55 8.69
CA LEU A 172 -8.91 2.25 8.48
C LEU A 172 -7.70 2.10 9.38
N GLU A 173 -7.75 1.11 10.28
CA GLU A 173 -6.65 0.86 11.20
C GLU A 173 -5.70 -0.20 10.64
N ALA A 174 -4.43 -0.08 10.99
CA ALA A 174 -3.42 -1.02 10.51
C ALA A 174 -3.55 -2.37 11.22
N GLU A 175 -3.25 -3.45 10.51
CA GLU A 175 -3.34 -4.79 11.07
C GLU A 175 -1.99 -5.25 11.57
N MET A 176 -0.92 -4.68 11.02
CA MET A 176 0.43 -5.03 11.41
C MET A 176 1.30 -3.79 11.58
N ALA A 177 2.56 -3.99 11.95
CA ALA A 177 3.49 -2.89 12.13
C ALA A 177 4.92 -3.31 11.82
N THR A 178 5.57 -2.58 10.93
CA THR A 178 6.94 -2.87 10.54
C THR A 178 7.93 -2.34 11.56
N LEU A 179 9.07 -3.02 11.70
CA LEU A 179 10.09 -2.61 12.65
C LEU A 179 11.40 -2.30 11.93
N CYS A 180 11.76 -1.03 11.87
CA CYS A 180 12.99 -0.60 11.22
C CYS A 180 14.21 -0.90 12.08
N ILE A 181 14.86 -2.03 11.80
CA ILE A 181 16.04 -2.43 12.57
C ILE A 181 17.32 -1.97 11.88
N ASP A 182 18.33 -1.63 12.69
CA ASP A 182 19.60 -1.17 12.16
C ASP A 182 20.60 -2.33 12.05
N GLY A 183 20.08 -3.52 11.80
CA GLY A 183 20.93 -4.69 11.68
C GLY A 183 21.54 -4.82 10.30
N GLY A 184 20.68 -4.90 9.28
CA GLY A 184 21.17 -5.03 7.91
C GLY A 184 22.07 -6.23 7.72
N LYS A 185 22.57 -6.40 6.51
CA LYS A 185 23.45 -7.52 6.21
C LYS A 185 24.66 -7.54 7.13
N LYS A 186 25.10 -6.35 7.53
CA LYS A 186 26.24 -6.22 8.43
C LYS A 186 26.02 -7.00 9.71
N ALA A 187 24.78 -7.06 10.16
CA ALA A 187 24.43 -7.78 11.37
C ALA A 187 24.11 -9.24 11.08
N LYS A 188 24.41 -9.68 9.86
CA LYS A 188 24.15 -11.05 9.45
C LYS A 188 22.66 -11.34 9.43
N MET A 189 21.92 -10.59 8.61
CA MET A 189 20.49 -10.76 8.50
C MET A 189 20.14 -11.74 7.38
N ARG A 190 19.80 -12.97 7.75
CA ARG A 190 19.45 -13.99 6.77
C ARG A 190 17.95 -14.27 6.78
N PRO A 191 17.46 -14.90 5.70
CA PRO A 191 16.04 -15.24 5.56
C PRO A 191 15.61 -16.34 6.53
N GLY A 192 15.44 -15.98 7.80
CA GLY A 192 15.04 -16.94 8.80
C GLY A 192 15.64 -16.67 10.16
N ASP A 193 16.76 -15.95 10.18
CA ASP A 193 17.43 -15.60 11.42
C ASP A 193 16.64 -14.55 12.20
N VAL A 194 16.20 -13.51 11.49
CA VAL A 194 15.43 -12.45 12.12
C VAL A 194 14.21 -13.00 12.85
N LEU A 195 13.63 -14.06 12.30
CA LEU A 195 12.46 -14.68 12.92
C LEU A 195 12.79 -15.24 14.30
N GLY A 196 14.00 -15.76 14.44
CA GLY A 196 14.43 -16.31 15.72
C GLY A 196 14.58 -15.25 16.79
N ALA A 197 15.02 -14.06 16.39
CA ALA A 197 15.19 -12.96 17.33
C ALA A 197 13.86 -12.48 17.88
N LEU A 198 12.83 -12.48 17.03
CA LEU A 198 11.51 -12.04 17.43
C LEU A 198 10.75 -13.18 18.12
N THR A 199 10.90 -14.39 17.60
CA THR A 199 10.23 -15.56 18.16
C THR A 199 11.12 -16.24 19.19
N GLY A 200 12.13 -15.53 19.67
CA GLY A 200 13.02 -16.10 20.66
C GLY A 200 13.40 -15.10 21.74
N ASP A 201 13.89 -13.93 21.32
CA ASP A 201 14.28 -12.89 22.25
C ASP A 201 13.07 -12.11 22.76
N ILE A 202 12.16 -11.79 21.85
CA ILE A 202 10.94 -11.06 22.20
C ILE A 202 9.85 -12.00 22.70
N GLY A 203 9.67 -13.11 22.00
CA GLY A 203 8.66 -14.08 22.39
C GLY A 203 7.41 -13.97 21.54
N LEU A 204 7.58 -13.61 20.27
CA LEU A 204 6.45 -13.48 19.36
C LEU A 204 6.20 -14.78 18.60
N ASP A 205 4.97 -14.94 18.10
CA ASP A 205 4.61 -16.15 17.35
C ASP A 205 4.61 -15.88 15.85
N GLY A 206 4.88 -16.92 15.08
CA GLY A 206 4.90 -16.78 13.63
C GLY A 206 3.66 -16.10 13.09
N ALA A 207 2.53 -16.33 13.75
CA ALA A 207 1.27 -15.73 13.34
C ALA A 207 1.32 -14.22 13.39
N ASP A 208 2.11 -13.69 14.33
CA ASP A 208 2.25 -12.25 14.50
C ASP A 208 3.40 -11.71 13.65
N ILE A 209 4.37 -12.58 13.36
CA ILE A 209 5.51 -12.20 12.55
C ILE A 209 5.15 -12.14 11.07
N GLY A 210 5.27 -10.95 10.49
CA GLY A 210 4.95 -10.78 9.08
C GLY A 210 6.18 -10.83 8.20
N LYS A 211 6.08 -10.23 7.02
CA LYS A 211 7.19 -10.20 6.08
C LYS A 211 8.39 -9.46 6.66
N ILE A 212 9.58 -9.77 6.16
CA ILE A 212 10.80 -9.13 6.62
C ILE A 212 11.67 -8.68 5.46
N ALA A 213 11.83 -7.38 5.32
CA ALA A 213 12.64 -6.81 4.25
C ALA A 213 14.09 -6.61 4.70
N VAL A 214 14.96 -7.52 4.26
CA VAL A 214 16.38 -7.44 4.62
C VAL A 214 17.17 -6.67 3.57
N HIS A 215 18.04 -5.79 4.03
CA HIS A 215 18.87 -4.99 3.11
C HIS A 215 20.33 -5.01 3.55
N PRO A 216 21.23 -4.63 2.63
CA PRO A 216 22.67 -4.60 2.89
C PRO A 216 23.06 -3.50 3.87
N ALA A 217 22.08 -2.67 4.24
CA ALA A 217 22.32 -1.57 5.16
C ALA A 217 21.50 -1.74 6.43
N HIS A 218 20.26 -2.16 6.28
CA HIS A 218 19.36 -2.36 7.41
C HIS A 218 18.35 -3.46 7.13
N VAL A 219 17.57 -3.84 8.14
CA VAL A 219 16.56 -4.88 7.99
C VAL A 219 15.26 -4.48 8.66
N TYR A 220 14.14 -4.82 8.02
CA TYR A 220 12.83 -4.49 8.55
C TYR A 220 12.02 -5.75 8.80
N VAL A 221 11.43 -5.85 9.99
CA VAL A 221 10.61 -7.01 10.35
C VAL A 221 9.21 -6.59 10.75
N ALA A 222 8.21 -7.18 10.11
CA ALA A 222 6.82 -6.87 10.41
C ALA A 222 6.33 -7.63 11.64
N VAL A 223 5.36 -7.06 12.34
CA VAL A 223 4.81 -7.67 13.54
C VAL A 223 3.39 -7.21 13.79
N ARG A 224 2.52 -8.15 14.16
CA ARG A 224 1.12 -7.83 14.44
C ARG A 224 1.01 -6.84 15.59
N GLN A 225 0.02 -5.96 15.51
CA GLN A 225 -0.21 -4.96 16.55
C GLN A 225 -0.23 -5.60 17.93
N ALA A 226 -0.69 -6.85 17.98
CA ALA A 226 -0.77 -7.58 19.24
C ALA A 226 0.58 -7.62 19.94
N VAL A 227 1.65 -7.67 19.14
CA VAL A 227 3.01 -7.71 19.68
C VAL A 227 3.89 -6.67 19.03
N ALA A 228 3.27 -5.68 18.40
CA ALA A 228 4.00 -4.62 17.72
C ALA A 228 4.67 -3.69 18.73
N HIS A 229 3.89 -3.16 19.65
CA HIS A 229 4.41 -2.25 20.68
C HIS A 229 5.35 -2.99 21.62
N LYS A 230 5.05 -4.26 21.88
CA LYS A 230 5.87 -5.08 22.76
C LYS A 230 7.14 -5.54 22.06
N ALA A 231 7.06 -5.72 20.74
CA ALA A 231 8.20 -6.14 19.95
C ALA A 231 9.39 -5.19 20.15
N TRP A 232 9.15 -3.90 19.93
CA TRP A 232 10.20 -2.91 20.08
C TRP A 232 10.48 -2.63 21.56
N LYS A 233 9.42 -2.39 22.32
CA LYS A 233 9.55 -2.11 23.75
C LYS A 233 10.46 -3.14 24.41
N GLN A 234 10.36 -4.39 23.97
CA GLN A 234 11.17 -5.46 24.52
C GLN A 234 12.55 -5.51 23.87
N LEU A 235 12.57 -5.35 22.55
CA LEU A 235 13.82 -5.37 21.80
C LEU A 235 14.76 -4.27 22.27
N GLN A 236 14.19 -3.21 22.82
CA GLN A 236 14.98 -2.09 23.33
C GLN A 236 16.09 -2.57 24.26
N GLY A 237 15.82 -3.69 24.96
CA GLY A 237 16.80 -4.23 25.88
C GLY A 237 17.38 -5.54 25.38
N GLY A 238 17.24 -5.80 24.09
CA GLY A 238 17.76 -7.03 23.53
C GLY A 238 18.61 -6.79 22.29
N LYS A 239 19.12 -7.86 21.71
CA LYS A 239 19.95 -7.76 20.52
C LYS A 239 19.71 -8.94 19.58
N ILE A 240 20.00 -8.74 18.30
CA ILE A 240 19.81 -9.78 17.29
C ILE A 240 21.14 -10.38 16.86
N LYS A 241 21.23 -11.70 16.91
CA LYS A 241 22.46 -12.40 16.53
C LYS A 241 23.64 -11.93 17.37
N GLY A 242 23.36 -11.55 18.61
CA GLY A 242 24.41 -11.09 19.51
C GLY A 242 24.95 -9.74 19.12
N LYS A 243 24.15 -8.98 18.37
CA LYS A 243 24.56 -7.64 17.93
C LYS A 243 23.47 -6.62 18.23
N THR A 244 23.79 -5.66 19.09
CA THR A 244 22.84 -4.62 19.47
C THR A 244 22.54 -3.70 18.28
N CYS A 245 21.26 -3.45 18.05
CA CYS A 245 20.83 -2.59 16.94
C CYS A 245 19.68 -1.68 17.37
N ARG A 246 19.32 -0.75 16.50
CA ARG A 246 18.24 0.18 16.79
C ARG A 246 16.97 -0.20 16.04
N VAL A 247 15.85 -0.25 16.76
CA VAL A 247 14.57 -0.61 16.17
C VAL A 247 13.60 0.56 16.21
N ARG A 248 12.61 0.53 15.32
CA ARG A 248 11.61 1.60 15.26
C ARG A 248 10.30 1.08 14.66
N LEU A 249 9.27 0.99 15.48
CA LEU A 249 7.97 0.52 15.03
C LEU A 249 7.27 1.57 14.15
N LEU A 250 7.11 1.25 12.88
CA LEU A 250 6.46 2.17 11.95
C LEU A 250 4.96 2.27 12.24
N LYS A 251 4.56 3.39 12.83
CA LYS A 251 3.15 3.62 13.15
C LYS A 251 2.51 4.56 12.14
N GLY A 1 -25.37 -17.11 1.48
CA GLY A 1 -25.50 -17.20 0.04
C GLY A 1 -24.26 -16.69 -0.69
N GLY A 2 -24.38 -16.48 -2.00
CA GLY A 2 -23.26 -16.00 -2.77
C GLY A 2 -23.69 -15.42 -4.11
N SER A 3 -22.75 -15.34 -5.05
CA SER A 3 -23.04 -14.81 -6.38
C SER A 3 -22.22 -15.52 -7.45
N THR A 4 -22.34 -15.07 -8.69
CA THR A 4 -21.62 -15.67 -9.80
C THR A 4 -21.56 -14.71 -10.99
N ASP A 5 -20.59 -14.94 -11.87
CA ASP A 5 -20.43 -14.11 -13.05
C ASP A 5 -19.33 -14.64 -13.96
N ALA A 6 -19.31 -14.19 -15.20
CA ALA A 6 -18.30 -14.62 -16.16
C ALA A 6 -17.47 -13.45 -16.65
N LEU A 7 -17.08 -12.57 -15.72
CA LEU A 7 -16.27 -11.41 -16.06
C LEU A 7 -14.80 -11.67 -15.79
N PRO A 8 -13.93 -10.88 -16.43
CA PRO A 8 -12.48 -10.99 -16.27
C PRO A 8 -12.00 -10.55 -14.89
N PRO A 9 -10.74 -10.86 -14.57
CA PRO A 9 -10.14 -10.51 -13.28
C PRO A 9 -9.91 -9.01 -13.15
N ILE A 10 -9.27 -8.43 -14.15
CA ILE A 10 -8.99 -6.99 -14.14
C ILE A 10 -10.27 -6.18 -14.23
N GLU A 11 -10.68 -5.58 -13.12
CA GLU A 11 -11.88 -4.77 -13.08
C GLU A 11 -11.56 -3.29 -13.26
N GLN A 12 -12.18 -2.67 -14.26
CA GLN A 12 -11.95 -1.25 -14.52
C GLN A 12 -13.05 -0.39 -13.91
N GLN A 13 -12.68 0.37 -12.88
CA GLN A 13 -13.64 1.23 -12.20
C GLN A 13 -13.20 2.69 -12.27
N PHE A 14 -14.15 3.58 -12.46
CA PHE A 14 -13.86 5.01 -12.55
C PHE A 14 -14.91 5.83 -11.78
N TYR A 15 -14.45 6.85 -11.08
CA TYR A 15 -15.34 7.70 -10.30
C TYR A 15 -15.25 9.16 -10.77
N GLU A 16 -16.39 9.84 -10.76
CA GLU A 16 -16.45 11.23 -11.20
C GLU A 16 -16.48 12.18 -10.00
N THR A 17 -15.35 12.82 -9.74
CA THR A 17 -15.24 13.75 -8.62
C THR A 17 -14.21 14.84 -8.90
N SER A 18 -14.14 15.83 -8.02
CA SER A 18 -13.19 16.93 -8.16
C SER A 18 -11.97 16.71 -7.29
N SER A 19 -11.05 17.66 -7.32
CA SER A 19 -9.83 17.58 -6.53
C SER A 19 -10.15 17.57 -5.03
N LYS A 20 -11.32 18.10 -4.68
CA LYS A 20 -11.74 18.15 -3.29
C LYS A 20 -12.62 16.95 -2.94
N GLY A 21 -13.40 16.50 -3.91
CA GLY A 21 -14.28 15.36 -3.69
C GLY A 21 -13.55 14.04 -3.77
N LYS A 22 -12.32 14.07 -4.28
CA LYS A 22 -11.51 12.86 -4.42
C LYS A 22 -11.04 12.38 -3.06
N ILE A 23 -10.62 13.32 -2.21
CA ILE A 23 -10.14 12.98 -0.88
C ILE A 23 -11.14 12.10 -0.14
N PRO A 24 -12.39 12.59 -0.01
CA PRO A 24 -13.47 11.86 0.67
C PRO A 24 -13.92 10.64 -0.11
N LEU A 25 -13.89 10.74 -1.44
CA LEU A 25 -14.31 9.65 -2.31
C LEU A 25 -13.37 8.45 -2.15
N LEU A 26 -12.07 8.72 -2.14
CA LEU A 26 -11.07 7.67 -2.00
C LEU A 26 -11.16 7.02 -0.62
N GLN A 27 -11.14 7.84 0.42
CA GLN A 27 -11.23 7.34 1.79
C GLN A 27 -12.46 6.45 1.97
N ARG A 28 -13.61 6.95 1.55
CA ARG A 28 -14.86 6.21 1.67
C ARG A 28 -14.76 4.87 0.93
N LEU A 29 -14.38 4.94 -0.34
CA LEU A 29 -14.25 3.73 -1.16
C LEU A 29 -13.37 2.70 -0.47
N LEU A 30 -12.37 3.19 0.27
CA LEU A 30 -11.45 2.30 0.98
C LEU A 30 -12.15 1.62 2.16
N SER A 31 -13.04 2.35 2.81
CA SER A 31 -13.78 1.82 3.95
C SER A 31 -14.92 0.92 3.50
N LEU A 32 -15.36 1.12 2.25
CA LEU A 32 -16.45 0.32 1.70
C LEU A 32 -16.01 -1.12 1.48
N HIS A 33 -14.88 -1.29 0.80
CA HIS A 33 -14.36 -2.63 0.53
C HIS A 33 -13.36 -3.05 1.61
N GLN A 34 -12.76 -2.07 2.27
CA GLN A 34 -11.79 -2.34 3.32
C GLN A 34 -10.72 -3.31 2.83
N PRO A 35 -9.97 -2.91 1.80
CA PRO A 35 -8.91 -3.73 1.23
C PRO A 35 -7.71 -3.87 2.15
N SER A 36 -7.04 -5.02 2.08
CA SER A 36 -5.88 -5.27 2.92
C SER A 36 -4.67 -4.46 2.46
N SER A 37 -4.63 -4.17 1.16
CA SER A 37 -3.53 -3.39 0.59
C SER A 37 -4.00 -2.61 -0.64
N CYS A 38 -3.99 -1.29 -0.54
CA CYS A 38 -4.41 -0.43 -1.64
C CYS A 38 -3.30 0.54 -2.03
N VAL A 39 -2.96 0.54 -3.31
CA VAL A 39 -1.90 1.43 -3.81
C VAL A 39 -2.50 2.56 -4.64
N VAL A 40 -2.27 3.79 -4.19
CA VAL A 40 -2.78 4.97 -4.89
C VAL A 40 -1.70 5.60 -5.75
N PHE A 41 -1.97 5.68 -7.06
CA PHE A 41 -1.02 6.27 -7.99
C PHE A 41 -1.16 7.79 -8.04
N CYS A 42 -0.06 8.49 -7.78
CA CYS A 42 -0.07 9.95 -7.79
C CYS A 42 0.81 10.49 -8.91
N ASN A 43 0.73 11.80 -9.14
CA ASN A 43 1.52 12.44 -10.19
C ASN A 43 2.76 13.11 -9.60
N THR A 44 2.62 13.63 -8.38
CA THR A 44 3.72 14.31 -7.72
C THR A 44 3.54 14.29 -6.20
N LYS A 45 4.56 14.74 -5.48
CA LYS A 45 4.51 14.78 -4.03
C LYS A 45 3.25 15.51 -3.55
N LYS A 46 2.84 16.53 -4.30
CA LYS A 46 1.66 17.31 -3.95
C LYS A 46 0.43 16.41 -3.83
N ASP A 47 0.21 15.59 -4.85
CA ASP A 47 -0.93 14.66 -4.86
C ASP A 47 -0.84 13.68 -3.70
N CYS A 48 0.30 13.02 -3.58
CA CYS A 48 0.52 12.04 -2.51
C CYS A 48 0.39 12.70 -1.14
N GLN A 49 0.74 13.98 -1.07
CA GLN A 49 0.67 14.73 0.19
C GLN A 49 -0.78 14.95 0.60
N ALA A 50 -1.60 15.35 -0.36
CA ALA A 50 -3.02 15.60 -0.10
C ALA A 50 -3.73 14.32 0.33
N VAL A 51 -3.48 13.23 -0.39
CA VAL A 51 -4.09 11.94 -0.08
C VAL A 51 -3.72 11.48 1.33
N CYS A 52 -2.42 11.42 1.60
CA CYS A 52 -1.94 10.99 2.91
C CYS A 52 -2.37 11.97 4.00
N ASP A 53 -2.52 13.23 3.61
CA ASP A 53 -2.93 14.27 4.55
C ASP A 53 -4.35 14.02 5.06
N ALA A 54 -5.26 13.74 4.13
CA ALA A 54 -6.66 13.48 4.49
C ALA A 54 -6.78 12.18 5.28
N LEU A 55 -6.15 11.12 4.80
CA LEU A 55 -6.19 9.83 5.46
C LEU A 55 -5.73 9.95 6.91
N ASN A 56 -4.57 10.56 7.11
CA ASN A 56 -4.02 10.73 8.44
C ASN A 56 -4.94 11.59 9.31
N GLU A 57 -5.73 12.45 8.66
CA GLU A 57 -6.65 13.32 9.36
C GLU A 57 -7.82 12.53 9.94
N VAL A 58 -8.26 11.52 9.20
CA VAL A 58 -9.37 10.68 9.63
C VAL A 58 -8.88 9.51 10.50
N GLY A 59 -7.56 9.34 10.54
CA GLY A 59 -6.98 8.26 11.33
C GLY A 59 -6.68 7.03 10.50
N GLN A 60 -6.70 7.19 9.18
CA GLN A 60 -6.44 6.08 8.27
C GLN A 60 -4.94 5.90 8.07
N SER A 61 -4.47 4.66 8.17
CA SER A 61 -3.05 4.36 8.01
C SER A 61 -2.66 4.39 6.53
N ALA A 62 -1.73 5.29 6.19
CA ALA A 62 -1.28 5.42 4.81
C ALA A 62 0.19 5.82 4.77
N LEU A 63 0.79 5.70 3.58
CA LEU A 63 2.20 6.04 3.40
C LEU A 63 2.46 6.55 1.99
N SER A 64 3.44 7.43 1.85
CA SER A 64 3.79 7.99 0.55
C SER A 64 5.12 7.42 0.05
N LEU A 65 5.21 7.21 -1.26
CA LEU A 65 6.42 6.67 -1.87
C LEU A 65 6.67 7.28 -3.24
N HIS A 66 7.77 8.01 -3.37
CA HIS A 66 8.12 8.65 -4.63
C HIS A 66 9.52 8.23 -5.08
N GLY A 67 9.92 8.70 -6.26
CA GLY A 67 11.24 8.36 -6.78
C GLY A 67 12.32 9.26 -6.23
N ASP A 68 11.94 10.46 -5.80
CA ASP A 68 12.89 11.43 -5.25
C ASP A 68 13.01 11.27 -3.73
N LEU A 69 12.68 10.07 -3.25
CA LEU A 69 12.74 9.79 -1.81
C LEU A 69 14.08 9.16 -1.44
N GLU A 70 14.37 9.11 -0.14
CA GLU A 70 15.62 8.53 0.34
C GLU A 70 15.54 7.01 0.37
N GLN A 71 16.66 6.35 0.09
CA GLN A 71 16.70 4.89 0.08
C GLN A 71 16.09 4.32 1.36
N ARG A 72 16.56 4.81 2.50
CA ARG A 72 16.05 4.35 3.79
C ARG A 72 14.53 4.44 3.85
N ASP A 73 14.00 5.60 3.46
CA ASP A 73 12.56 5.82 3.47
C ASP A 73 11.86 4.83 2.54
N ARG A 74 12.37 4.69 1.32
CA ARG A 74 11.79 3.79 0.35
C ARG A 74 11.65 2.39 0.93
N ASP A 75 12.68 1.94 1.65
CA ASP A 75 12.67 0.61 2.25
C ASP A 75 11.59 0.51 3.32
N GLN A 76 11.55 1.50 4.21
CA GLN A 76 10.57 1.52 5.28
C GLN A 76 9.15 1.61 4.73
N THR A 77 8.99 2.36 3.64
CA THR A 77 7.69 2.53 3.00
C THR A 77 7.23 1.23 2.36
N LEU A 78 8.10 0.63 1.56
CA LEU A 78 7.78 -0.62 0.88
C LEU A 78 7.42 -1.71 1.87
N VAL A 79 8.25 -1.86 2.91
CA VAL A 79 8.01 -2.86 3.94
C VAL A 79 6.72 -2.58 4.69
N ARG A 80 6.40 -1.30 4.85
CA ARG A 80 5.19 -0.88 5.56
C ARG A 80 3.95 -1.40 4.86
N PHE A 81 3.88 -1.17 3.55
CA PHE A 81 2.73 -1.61 2.76
C PHE A 81 2.85 -3.09 2.42
N ALA A 82 4.08 -3.58 2.30
CA ALA A 82 4.33 -4.98 1.98
C ALA A 82 3.98 -5.88 3.15
N ASN A 83 4.35 -5.45 4.36
CA ASN A 83 4.07 -6.22 5.57
C ASN A 83 2.64 -5.99 6.05
N GLY A 84 1.88 -5.22 5.28
CA GLY A 84 0.51 -4.94 5.64
C GLY A 84 0.40 -3.95 6.79
N SER A 85 1.52 -3.32 7.13
CA SER A 85 1.56 -2.36 8.23
C SER A 85 0.65 -1.16 7.92
N ALA A 86 0.29 -1.01 6.65
CA ALA A 86 -0.57 0.08 6.22
C ALA A 86 -1.77 -0.44 5.44
N ARG A 87 -2.64 0.48 5.03
CA ARG A 87 -3.83 0.12 4.28
C ARG A 87 -3.83 0.79 2.90
N VAL A 88 -3.27 2.00 2.84
CA VAL A 88 -3.21 2.74 1.59
C VAL A 88 -1.80 3.32 1.36
N LEU A 89 -1.20 2.95 0.24
CA LEU A 89 0.15 3.43 -0.09
C LEU A 89 0.11 4.32 -1.32
N VAL A 90 0.20 5.63 -1.12
CA VAL A 90 0.18 6.59 -2.21
C VAL A 90 1.58 6.77 -2.80
N ALA A 91 1.83 6.11 -3.92
CA ALA A 91 3.12 6.21 -4.59
C ALA A 91 2.95 6.59 -6.06
N THR A 92 4.07 6.90 -6.71
CA THR A 92 4.06 7.28 -8.12
C THR A 92 4.38 6.10 -9.01
N ASP A 93 3.97 6.18 -10.28
CA ASP A 93 4.22 5.12 -11.24
C ASP A 93 5.69 4.69 -11.22
N VAL A 94 6.59 5.68 -11.13
CA VAL A 94 8.02 5.41 -11.09
C VAL A 94 8.45 4.89 -9.73
N ALA A 95 7.72 5.30 -8.69
CA ALA A 95 8.02 4.87 -7.33
C ALA A 95 7.64 3.40 -7.12
N ALA A 96 6.46 3.02 -7.59
CA ALA A 96 5.99 1.66 -7.46
C ALA A 96 6.33 0.83 -8.69
N ARG A 97 7.35 1.25 -9.41
CA ARG A 97 7.78 0.54 -10.61
C ARG A 97 8.42 -0.80 -10.26
N GLY A 98 7.73 -1.88 -10.61
CA GLY A 98 8.23 -3.21 -10.33
C GLY A 98 8.62 -3.38 -8.87
N LEU A 99 7.96 -2.64 -7.99
CA LEU A 99 8.23 -2.71 -6.56
C LEU A 99 7.95 -4.11 -6.02
N ASP A 100 8.07 -4.27 -4.70
CA ASP A 100 7.83 -5.55 -4.07
C ASP A 100 6.35 -5.73 -3.75
N ILE A 101 5.57 -6.05 -4.78
CA ILE A 101 4.13 -6.25 -4.61
C ILE A 101 3.63 -7.36 -5.53
N LYS A 102 2.74 -8.20 -5.00
CA LYS A 102 2.18 -9.31 -5.76
C LYS A 102 0.72 -9.55 -5.37
N SER A 103 -0.17 -9.46 -6.35
CA SER A 103 -1.60 -9.67 -6.12
C SER A 103 -2.17 -8.56 -5.25
N LEU A 104 -1.98 -7.32 -5.68
CA LEU A 104 -2.47 -6.17 -4.94
C LEU A 104 -3.97 -6.29 -4.68
N GLU A 105 -4.40 -5.77 -3.52
CA GLU A 105 -5.81 -5.84 -3.15
C GLU A 105 -6.63 -4.87 -3.99
N LEU A 106 -6.15 -3.64 -4.13
CA LEU A 106 -6.84 -2.62 -4.91
C LEU A 106 -5.87 -1.54 -5.37
N VAL A 107 -6.12 -1.01 -6.57
CA VAL A 107 -5.27 0.03 -7.13
C VAL A 107 -6.08 1.28 -7.48
N VAL A 108 -5.80 2.37 -6.80
CA VAL A 108 -6.50 3.63 -7.04
C VAL A 108 -5.65 4.60 -7.86
N ASN A 109 -6.23 5.13 -8.93
CA ASN A 109 -5.51 6.06 -9.79
C ASN A 109 -5.99 7.49 -9.55
N PHE A 110 -5.09 8.34 -9.06
CA PHE A 110 -5.41 9.73 -8.78
C PHE A 110 -5.88 10.44 -10.05
N GLU A 111 -5.41 9.96 -11.19
CA GLU A 111 -5.79 10.55 -12.47
C GLU A 111 -5.36 9.65 -13.63
N LEU A 112 -6.18 9.62 -14.68
CA LEU A 112 -5.89 8.81 -15.85
C LEU A 112 -4.41 8.90 -16.23
N ALA A 113 -3.74 7.76 -16.23
CA ALA A 113 -2.33 7.70 -16.58
C ALA A 113 -2.06 8.38 -17.92
N TRP A 114 -0.79 8.52 -18.28
CA TRP A 114 -0.41 9.15 -19.54
C TRP A 114 -1.00 8.41 -20.72
N ASP A 115 -0.72 7.11 -20.80
CA ASP A 115 -1.23 6.28 -21.89
C ASP A 115 -2.16 5.21 -21.36
N PRO A 116 -3.01 4.66 -22.26
CA PRO A 116 -3.97 3.61 -21.90
C PRO A 116 -3.29 2.29 -21.58
N GLU A 117 -2.04 2.14 -22.01
CA GLU A 117 -1.28 0.91 -21.77
C GLU A 117 -0.78 0.86 -20.33
N VAL A 118 -0.15 1.94 -19.89
CA VAL A 118 0.37 2.01 -18.52
C VAL A 118 -0.75 1.90 -17.50
N HIS A 119 -1.90 2.49 -17.81
CA HIS A 119 -3.04 2.45 -16.91
C HIS A 119 -3.44 1.01 -16.60
N VAL A 120 -3.67 0.23 -17.65
CA VAL A 120 -4.06 -1.18 -17.49
C VAL A 120 -2.87 -2.03 -17.09
N HIS A 121 -1.67 -1.62 -17.51
CA HIS A 121 -0.45 -2.35 -17.18
C HIS A 121 -0.17 -2.30 -15.69
N ARG A 122 -0.54 -1.18 -15.06
CA ARG A 122 -0.32 -1.00 -13.64
C ARG A 122 -1.10 -2.05 -12.83
N ILE A 123 -2.40 -2.12 -13.07
CA ILE A 123 -3.25 -3.07 -12.38
C ILE A 123 -3.08 -4.49 -12.93
N GLY A 124 -2.81 -4.57 -14.24
CA GLY A 124 -2.62 -5.86 -14.87
C GLY A 124 -1.38 -6.58 -14.37
N ARG A 125 -0.35 -5.82 -14.03
CA ARG A 125 0.90 -6.39 -13.52
C ARG A 125 0.82 -6.62 -12.02
N THR A 126 0.08 -5.77 -11.33
CA THR A 126 -0.07 -5.88 -9.89
C THR A 126 -0.91 -7.10 -9.51
N ALA A 127 -1.85 -7.46 -10.39
CA ALA A 127 -2.71 -8.61 -10.14
C ALA A 127 -3.51 -8.96 -11.39
N ARG A 128 -4.07 -10.17 -11.42
CA ARG A 128 -4.86 -10.62 -12.55
C ARG A 128 -5.89 -11.65 -12.12
N ALA A 129 -6.57 -11.37 -11.01
CA ALA A 129 -7.58 -12.27 -10.48
C ALA A 129 -8.90 -11.52 -10.21
N GLY A 130 -9.88 -12.25 -9.70
CA GLY A 130 -11.16 -11.64 -9.40
C GLY A 130 -11.08 -10.59 -8.30
N ASN A 131 -10.84 -11.06 -7.08
CA ASN A 131 -10.73 -10.16 -5.93
C ASN A 131 -9.74 -9.04 -6.21
N SER A 132 -8.61 -9.38 -6.82
CA SER A 132 -7.57 -8.41 -7.14
C SER A 132 -7.78 -7.85 -8.54
N GLY A 133 -6.79 -7.11 -9.02
CA GLY A 133 -6.87 -6.53 -10.35
C GLY A 133 -7.92 -5.44 -10.44
N LEU A 134 -8.15 -4.74 -9.33
CA LEU A 134 -9.14 -3.67 -9.29
C LEU A 134 -8.48 -2.31 -9.47
N ALA A 135 -8.96 -1.57 -10.47
CA ALA A 135 -8.42 -0.24 -10.75
C ALA A 135 -9.49 0.83 -10.62
N ILE A 136 -9.34 1.69 -9.62
CA ILE A 136 -10.30 2.76 -9.38
C ILE A 136 -9.68 4.13 -9.63
N SER A 137 -10.08 4.78 -10.71
CA SER A 137 -9.55 6.09 -11.07
C SER A 137 -10.61 7.17 -10.88
N PHE A 138 -10.30 8.15 -10.03
CA PHE A 138 -11.22 9.24 -9.75
C PHE A 138 -10.74 10.54 -10.39
N CYS A 139 -11.65 11.26 -11.03
CA CYS A 139 -11.32 12.52 -11.68
C CYS A 139 -12.53 13.10 -12.38
N ALA A 140 -12.37 14.30 -12.94
CA ALA A 140 -13.45 14.97 -13.65
C ALA A 140 -13.60 14.43 -15.07
N PRO A 141 -14.76 14.70 -15.68
CA PRO A 141 -15.06 14.26 -17.06
C PRO A 141 -14.22 14.99 -18.09
N GLU A 142 -13.35 15.89 -17.62
CA GLU A 142 -12.50 16.66 -18.52
C GLU A 142 -11.63 15.74 -19.37
N GLU A 143 -11.23 14.60 -18.79
CA GLU A 143 -10.39 13.64 -19.49
C GLU A 143 -11.10 12.30 -19.61
N ALA A 144 -12.42 12.31 -19.42
CA ALA A 144 -13.22 11.09 -19.51
C ALA A 144 -12.92 10.34 -20.79
N GLN A 145 -12.60 11.07 -21.86
CA GLN A 145 -12.29 10.47 -23.14
C GLN A 145 -11.23 9.37 -23.00
N ARG A 146 -10.28 9.60 -22.08
CA ARG A 146 -9.21 8.63 -21.85
C ARG A 146 -9.78 7.26 -21.52
N ALA A 147 -10.93 7.25 -20.84
CA ALA A 147 -11.58 6.00 -20.46
C ALA A 147 -12.22 5.32 -21.68
N ASN A 148 -12.73 6.13 -22.59
CA ASN A 148 -13.37 5.61 -23.80
C ASN A 148 -12.40 4.76 -24.60
N ILE A 149 -11.22 5.32 -24.89
CA ILE A 149 -10.21 4.62 -25.65
C ILE A 149 -9.60 3.47 -24.84
N ILE A 150 -9.39 3.73 -23.56
CA ILE A 150 -8.82 2.72 -22.67
C ILE A 150 -9.68 1.47 -22.64
N SER A 151 -10.99 1.66 -22.66
CA SER A 151 -11.93 0.53 -22.63
C SER A 151 -12.03 -0.12 -24.00
N ASP A 152 -12.02 0.70 -25.05
CA ASP A 152 -12.11 0.19 -26.41
C ASP A 152 -10.97 -0.77 -26.72
N MET A 153 -9.74 -0.32 -26.46
CA MET A 153 -8.56 -1.15 -26.71
C MET A 153 -8.65 -2.47 -25.96
N LEU A 154 -9.36 -2.46 -24.83
CA LEU A 154 -9.53 -3.67 -24.03
C LEU A 154 -10.77 -4.43 -24.46
N GLN A 155 -11.60 -3.80 -25.28
CA GLN A 155 -12.82 -4.43 -25.76
C GLN A 155 -13.78 -4.70 -24.61
N ILE A 156 -13.89 -3.75 -23.69
CA ILE A 156 -14.77 -3.88 -22.55
C ILE A 156 -15.46 -2.56 -22.21
N LYS A 157 -16.43 -2.61 -21.30
CA LYS A 157 -17.16 -1.42 -20.89
C LYS A 157 -16.71 -0.96 -19.50
N LEU A 158 -16.83 0.33 -19.24
CA LEU A 158 -16.45 0.89 -17.95
C LEU A 158 -17.68 1.19 -17.11
N ASN A 159 -17.58 0.91 -15.81
CA ASN A 159 -18.68 1.15 -14.89
C ASN A 159 -18.40 2.36 -14.01
N TRP A 160 -18.81 3.53 -14.49
CA TRP A 160 -18.61 4.77 -13.75
C TRP A 160 -19.64 4.93 -12.64
N GLN A 161 -19.20 5.36 -11.47
CA GLN A 161 -20.09 5.55 -10.34
C GLN A 161 -20.61 6.99 -10.28
N THR A 162 -21.46 7.26 -9.30
CA THR A 162 -22.03 8.60 -9.14
C THR A 162 -21.48 9.27 -7.88
N PRO A 163 -21.56 10.61 -7.84
CA PRO A 163 -21.09 11.40 -6.70
C PRO A 163 -21.97 11.21 -5.47
N PRO A 164 -21.40 10.57 -4.43
CA PRO A 164 -22.11 10.32 -3.17
C PRO A 164 -22.37 11.60 -2.38
N ALA A 165 -21.32 12.40 -2.20
CA ALA A 165 -21.43 13.65 -1.47
C ALA A 165 -22.07 13.44 -0.11
N ASN A 166 -21.78 12.29 0.50
CA ASN A 166 -22.33 11.96 1.82
C ASN A 166 -21.22 11.82 2.85
N SER A 167 -21.62 11.54 4.09
CA SER A 167 -20.65 11.39 5.18
C SER A 167 -20.44 9.91 5.51
N SER A 168 -19.54 9.28 4.77
CA SER A 168 -19.24 7.86 4.98
C SER A 168 -17.75 7.65 5.20
N ILE A 169 -17.10 8.62 5.85
CA ILE A 169 -15.68 8.54 6.12
C ILE A 169 -15.39 7.60 7.30
N ALA A 170 -14.65 6.54 7.03
CA ALA A 170 -14.30 5.58 8.06
C ALA A 170 -12.80 5.56 8.32
N THR A 171 -12.38 4.80 9.33
CA THR A 171 -10.96 4.70 9.68
C THR A 171 -10.44 3.28 9.45
N LEU A 172 -9.27 3.19 8.84
CA LEU A 172 -8.66 1.89 8.56
C LEU A 172 -7.45 1.65 9.46
N GLU A 173 -7.53 0.63 10.31
CA GLU A 173 -6.45 0.30 11.23
C GLU A 173 -5.53 -0.75 10.62
N ALA A 174 -4.24 -0.64 10.92
CA ALA A 174 -3.26 -1.60 10.42
C ALA A 174 -3.34 -2.93 11.15
N GLU A 175 -3.01 -4.01 10.45
CA GLU A 175 -3.06 -5.34 11.05
C GLU A 175 -1.68 -5.75 11.56
N MET A 176 -0.64 -5.15 10.99
CA MET A 176 0.73 -5.46 11.39
C MET A 176 1.55 -4.18 11.52
N ALA A 177 2.82 -4.32 11.88
CA ALA A 177 3.71 -3.19 12.04
C ALA A 177 5.17 -3.60 11.82
N THR A 178 5.85 -2.88 10.93
CA THR A 178 7.25 -3.17 10.63
C THR A 178 8.18 -2.47 11.61
N LEU A 179 9.36 -3.04 11.82
CA LEU A 179 10.34 -2.46 12.73
C LEU A 179 11.66 -2.18 12.01
N CYS A 180 11.98 -0.90 11.88
CA CYS A 180 13.21 -0.50 11.21
C CYS A 180 14.42 -0.72 12.11
N ILE A 181 15.18 -1.77 11.82
CA ILE A 181 16.36 -2.10 12.61
C ILE A 181 17.64 -1.61 11.92
N ASP A 182 18.57 -1.10 12.71
CA ASP A 182 19.83 -0.60 12.18
C ASP A 182 20.90 -1.70 12.19
N GLY A 183 20.46 -2.95 12.16
CA GLY A 183 21.38 -4.06 12.18
C GLY A 183 21.97 -4.35 10.80
N GLY A 184 21.10 -4.54 9.82
CA GLY A 184 21.56 -4.81 8.47
C GLY A 184 22.56 -5.95 8.42
N LYS A 185 23.17 -6.16 7.26
CA LYS A 185 24.14 -7.22 7.08
C LYS A 185 25.27 -7.10 8.10
N LYS A 186 25.61 -5.86 8.46
CA LYS A 186 26.66 -5.61 9.44
C LYS A 186 26.36 -6.31 10.76
N ALA A 187 25.07 -6.43 11.08
CA ALA A 187 24.65 -7.07 12.32
C ALA A 187 24.48 -8.58 12.12
N LYS A 188 24.94 -9.07 10.98
CA LYS A 188 24.84 -10.49 10.66
C LYS A 188 23.38 -10.92 10.59
N MET A 189 22.58 -10.18 9.84
CA MET A 189 21.16 -10.49 9.68
C MET A 189 20.95 -11.46 8.52
N ARG A 190 20.65 -12.71 8.84
CA ARG A 190 20.42 -13.73 7.83
C ARG A 190 18.93 -13.95 7.61
N PRO A 191 18.58 -14.61 6.49
CA PRO A 191 17.19 -14.89 6.14
C PRO A 191 16.56 -15.94 7.05
N GLY A 192 16.26 -15.53 8.29
CA GLY A 192 15.66 -16.45 9.23
C GLY A 192 16.16 -16.22 10.65
N ASP A 193 17.36 -15.68 10.77
CA ASP A 193 17.94 -15.41 12.08
C ASP A 193 17.18 -14.31 12.80
N VAL A 194 16.75 -13.29 12.06
CA VAL A 194 16.00 -12.18 12.63
C VAL A 194 14.78 -12.68 13.39
N LEU A 195 14.21 -13.79 12.93
CA LEU A 195 13.04 -14.37 13.57
C LEU A 195 13.33 -14.78 15.00
N GLY A 196 14.53 -15.31 15.21
CA GLY A 196 14.93 -15.74 16.55
C GLY A 196 15.05 -14.58 17.51
N ALA A 197 15.43 -13.41 16.99
CA ALA A 197 15.58 -12.22 17.82
C ALA A 197 14.25 -11.79 18.41
N LEU A 198 13.19 -11.89 17.60
CA LEU A 198 11.86 -11.50 18.06
C LEU A 198 11.16 -12.66 18.78
N THR A 199 11.35 -13.86 18.26
CA THR A 199 10.75 -15.05 18.84
C THR A 199 11.67 -15.66 19.90
N GLY A 200 12.63 -14.87 20.37
CA GLY A 200 13.56 -15.35 21.38
C GLY A 200 13.91 -14.29 22.40
N ASP A 201 14.35 -13.13 21.92
CA ASP A 201 14.72 -12.03 22.79
C ASP A 201 13.48 -11.27 23.26
N ILE A 202 12.50 -11.15 22.37
CA ILE A 202 11.27 -10.44 22.69
C ILE A 202 10.20 -11.41 23.19
N GLY A 203 10.06 -12.54 22.51
CA GLY A 203 9.07 -13.53 22.89
C GLY A 203 7.83 -13.48 22.03
N LEU A 204 8.02 -13.27 20.74
CA LEU A 204 6.91 -13.20 19.80
C LEU A 204 6.70 -14.54 19.10
N ASP A 205 5.47 -14.78 18.65
CA ASP A 205 5.15 -16.02 17.96
C ASP A 205 5.06 -15.81 16.45
N GLY A 206 5.45 -16.82 15.68
CA GLY A 206 5.41 -16.72 14.24
C GLY A 206 4.06 -16.26 13.73
N ALA A 207 3.00 -16.57 14.47
CA ALA A 207 1.65 -16.19 14.09
C ALA A 207 1.51 -14.69 14.01
N ASP A 208 2.27 -13.98 14.85
CA ASP A 208 2.23 -12.52 14.87
C ASP A 208 3.34 -11.93 14.02
N ILE A 209 4.43 -12.68 13.85
CA ILE A 209 5.55 -12.23 13.05
C ILE A 209 5.22 -12.27 11.56
N GLY A 210 5.64 -11.24 10.84
CA GLY A 210 5.38 -11.17 9.40
C GLY A 210 6.64 -11.25 8.58
N LYS A 211 6.58 -10.73 7.36
CA LYS A 211 7.74 -10.72 6.47
C LYS A 211 8.89 -9.91 7.06
N ILE A 212 10.09 -10.14 6.55
CA ILE A 212 11.27 -9.43 7.02
C ILE A 212 12.16 -9.01 5.86
N ALA A 213 12.41 -7.70 5.76
CA ALA A 213 13.24 -7.16 4.70
C ALA A 213 14.65 -6.85 5.21
N VAL A 214 15.59 -7.73 4.89
CA VAL A 214 16.98 -7.54 5.31
C VAL A 214 17.81 -6.85 4.24
N HIS A 215 18.72 -6.00 4.67
CA HIS A 215 19.57 -5.27 3.74
C HIS A 215 20.93 -4.95 4.37
N PRO A 216 21.92 -4.61 3.53
CA PRO A 216 23.27 -4.27 3.98
C PRO A 216 23.31 -2.94 4.73
N ALA A 217 22.20 -2.22 4.72
CA ALA A 217 22.12 -0.94 5.40
C ALA A 217 21.23 -1.04 6.64
N HIS A 218 20.17 -1.81 6.55
CA HIS A 218 19.25 -1.99 7.66
C HIS A 218 18.29 -3.14 7.40
N VAL A 219 17.48 -3.47 8.41
CA VAL A 219 16.51 -4.56 8.29
C VAL A 219 15.13 -4.11 8.76
N TYR A 220 14.10 -4.80 8.29
CA TYR A 220 12.73 -4.48 8.67
C TYR A 220 11.95 -5.75 8.99
N VAL A 221 11.52 -5.87 10.25
CA VAL A 221 10.76 -7.03 10.68
C VAL A 221 9.32 -6.65 11.02
N ALA A 222 8.37 -7.36 10.41
CA ALA A 222 6.95 -7.10 10.65
C ALA A 222 6.46 -7.83 11.91
N VAL A 223 5.44 -7.26 12.54
CA VAL A 223 4.88 -7.84 13.75
C VAL A 223 3.43 -7.40 13.96
N ARG A 224 2.57 -8.34 14.31
CA ARG A 224 1.17 -8.05 14.54
C ARG A 224 1.00 -7.07 15.70
N GLN A 225 -0.07 -6.26 15.63
CA GLN A 225 -0.34 -5.27 16.67
C GLN A 225 -0.26 -5.90 18.06
N ALA A 226 -0.63 -7.19 18.13
CA ALA A 226 -0.59 -7.91 19.40
C ALA A 226 0.77 -7.80 20.06
N VAL A 227 1.83 -7.80 19.25
CA VAL A 227 3.19 -7.69 19.77
C VAL A 227 3.97 -6.61 19.05
N ALA A 228 3.24 -5.70 18.40
CA ALA A 228 3.87 -4.60 17.67
C ALA A 228 4.52 -3.61 18.63
N HIS A 229 3.73 -3.08 19.56
CA HIS A 229 4.23 -2.12 20.53
C HIS A 229 5.17 -2.79 21.53
N LYS A 230 4.91 -4.06 21.81
CA LYS A 230 5.73 -4.83 22.74
C LYS A 230 7.07 -5.21 22.11
N ALA A 231 7.05 -5.46 20.81
CA ALA A 231 8.26 -5.83 20.08
C ALA A 231 9.36 -4.81 20.28
N TRP A 232 9.06 -3.55 20.00
CA TRP A 232 10.02 -2.47 20.15
C TRP A 232 10.23 -2.12 21.62
N LYS A 233 9.13 -1.87 22.33
CA LYS A 233 9.19 -1.53 23.74
C LYS A 233 10.09 -2.51 24.49
N GLN A 234 10.11 -3.75 24.05
CA GLN A 234 10.94 -4.78 24.68
C GLN A 234 12.36 -4.74 24.16
N LEU A 235 12.49 -4.72 22.83
CA LEU A 235 13.81 -4.68 22.19
C LEU A 235 14.61 -3.47 22.68
N GLN A 236 13.90 -2.42 23.08
CA GLN A 236 14.55 -1.20 23.56
C GLN A 236 15.57 -1.52 24.64
N GLY A 237 15.29 -2.57 25.41
CA GLY A 237 16.20 -2.96 26.48
C GLY A 237 16.91 -4.28 26.18
N GLY A 238 16.89 -4.69 24.92
CA GLY A 238 17.53 -5.93 24.53
C GLY A 238 18.48 -5.75 23.37
N LYS A 239 18.65 -6.79 22.57
CA LYS A 239 19.54 -6.74 21.42
C LYS A 239 19.35 -7.97 20.53
N ILE A 240 19.78 -7.86 19.27
CA ILE A 240 19.65 -8.96 18.32
C ILE A 240 21.00 -9.62 18.06
N LYS A 241 21.09 -10.90 18.40
CA LYS A 241 22.32 -11.65 18.20
C LYS A 241 23.44 -11.11 19.10
N GLY A 242 23.06 -10.61 20.27
CA GLY A 242 24.04 -10.07 21.19
C GLY A 242 24.56 -8.71 20.76
N LYS A 243 23.86 -8.09 19.81
CA LYS A 243 24.25 -6.78 19.31
C LYS A 243 23.06 -5.82 19.32
N THR A 244 23.17 -4.75 20.11
CA THR A 244 22.11 -3.77 20.20
C THR A 244 21.89 -3.07 18.87
N CYS A 245 20.63 -2.77 18.56
CA CYS A 245 20.28 -2.11 17.32
C CYS A 245 19.09 -1.16 17.52
N ARG A 246 19.09 -0.06 16.78
CA ARG A 246 18.01 0.92 16.88
C ARG A 246 16.78 0.45 16.12
N VAL A 247 15.68 0.23 16.85
CA VAL A 247 14.44 -0.23 16.25
C VAL A 247 13.43 0.91 16.16
N ARG A 248 12.47 0.78 15.25
CA ARG A 248 11.44 1.79 15.07
C ARG A 248 10.18 1.19 14.47
N LEU A 249 9.12 1.11 15.26
CA LEU A 249 7.86 0.55 14.80
C LEU A 249 7.13 1.53 13.88
N LEU A 250 6.84 1.08 12.66
CA LEU A 250 6.15 1.91 11.68
C LEU A 250 4.72 2.19 12.11
N LYS A 251 4.46 3.40 12.58
CA LYS A 251 3.13 3.79 13.02
C LYS A 251 2.08 3.48 11.95
#